data_7L56
#
_entry.id   7L56
#
_cell.length_a   1.00
_cell.length_b   1.00
_cell.length_c   1.00
_cell.angle_alpha   90.00
_cell.angle_beta   90.00
_cell.angle_gamma   90.00
#
_symmetry.space_group_name_H-M   'P 1'
#
loop_
_entity.id
_entity.type
_entity.pdbx_description
1 polymer 'Spike glycoprotein'
2 polymer 'Fab 2-43 variable domain heavy chain'
3 polymer 'Fab 2-43 variable domain light chain'
4 branched 2-acetamido-2-deoxy-beta-D-glucopyranose-(1-4)-2-acetamido-2-deoxy-beta-D-glucopyranose
5 branched beta-D-galactopyranose-(1-4)-2-acetamido-2-deoxy-beta-D-glucopyranose-(1-2)-alpha-D-mannopyranose-(1-3)-[alpha-D-mannopyranose-(1-3)-alpha-D-mannopyranose-(1-6)]beta-D-mannopyranose-(1-4)-2-acetamido-2-deoxy-beta-D-glucopyranose-(1-4)-2-acetamido-2-deoxy-beta-D-glucopyranose
6 branched beta-D-galactopyranose-(1-4)-2-acetamido-2-deoxy-beta-D-glucopyranose-(1-2)-alpha-D-mannopyranose-(1-3)-[alpha-D-mannopyranose-(1-6)-alpha-D-mannopyranose-(1-6)]beta-D-mannopyranose-(1-4)-2-acetamido-2-deoxy-beta-D-glucopyranose-(1-4)-2-acetamido-2-deoxy-beta-D-glucopyranose
7 branched beta-D-galactopyranose-(1-4)-2-acetamido-2-deoxy-beta-D-glucopyranose-(1-2)-alpha-D-mannopyranose-(1-6)-[alpha-D-mannopyranose-(1-6)-alpha-D-mannopyranose-(1-3)]beta-D-mannopyranose-(1-4)-2-acetamido-2-deoxy-beta-D-glucopyranose-(1-4)-2-acetamido-2-deoxy-beta-D-glucopyranose
8 non-polymer 2-acetamido-2-deoxy-beta-D-glucopyranose
#
loop_
_entity_poly.entity_id
_entity_poly.type
_entity_poly.pdbx_seq_one_letter_code
_entity_poly.pdbx_strand_id
1 'polypeptide(L)'
;MFVFLVLLPLVSSQCVNLTTRTQLPPAYTNSFTRGVYYPDKVFRSSVLHSTQDLFLPFFSNVTWFHAIHVSGTNGTKRFD
NPVLPFNDGVYFASTEKSNIIRGWIFGTTLDSKTQSLLIVNNATNVVIKVCEFQFCNDPFLGVYYHKNNKSWMESEFRVY
SSANNCTFEYVSQPFLMDLEGKQGNFKNLREFVFKNIDGYFKIYSKHTPINLVRDLPQGFSALEPLVDLPIGINITRFQT
LLALHRSYLTPGDSSSGWTAGAAAYYVGYLQPRTFLLKYNENGTITDAVDCALDPLSETKCTLKSFTVEKGIYQTSNFRV
QPTESIVRFPNITNLCPFGEVFNATRFASVYAWNRKRISNCVADYSVLYNSASFSTFKCYGVSPTKLNDLCFTNVYADSF
VIRGDEVRQIAPGQTGKIADYNYKLPDDFTGCVIAWNSNNLDSKVGGNYNYLYRLFRKSNLKPFERDISTEIYQAGSTPC
NGVEGFNCYFPLQSYGFQPTNGVGYQPYRVVVLSFELLHAPATVCGPKKSTNLVKNKCVNFNFNGLTGTGVLTESNKKFL
PFQQFGRDIADTTDAVRDPQTLEILDITPCSFGGVSVITPGTNTSNQVAVLYQDVNCTEVPVAIHADQLTPTWRVYSTGS
NVFQTRAGCLIGAEHVNNSYECDIPIGAGICASYQTQTNSPGSASSVASQSIIAYTMSLGAENSVAYSNNSIAIPTNFTI
SVTTEILPVSMTKTSVDCTMYICGDSTECSNLLLQYGSFCTQLNRALTGIAVEQDKNTQEVFAQVKQIYKTPPIKDFGGF
NFSQILPDPSKPSKRSFIEDLLFNKVTLADAGFIKQYGDCLGDIAARDLICAQKFNGLTVLPPLLTDEMIAQYTSALLAG
TITSGWTFGAGAALQIPFAMQMAYRFNGIGVTQNVLYENQKLIANQFNSAIGKIQDSLSSTASALGKLQDVVNQNAQALN
TLVKQLSSNFGAISSVLNDILSRLDPPEAEVQIDRLITGRLQSLQTYVTQQLIRAAEIRASANLAATKMSECVLGQSKRV
DFCGKGYHLMSFPQSAPHGVVFLHVTYVPAQEKNFTTAPAICHDGKAHFPREGVFVSNGTHWFVTQRNFYEPQIITTDNT
FVSGNCDVVIGIVNNTVYDPLQPELDSFKEELDKYFKNHTSPDVDLGDISGINASVVNIQKEIDRLNEVAKNLNESLIDL
QELGKYEQGSGYIPEAPRDGQAYVRKDGEWVLLSTFLGRSLEVLFQGPGHHHHHHHHSAWSHPQFEKGGGSGGGGSGGSA
WSHPQFEK
;
A,B,C
2 'polypeptide(L)'
;QVQLVQSGAEVKKPGASVKVSCKASGYTFTGYYMHWVRQAPGQGLEWMGWINPNSGGTNYAQKFQGRVTMTRDTSITTAY
MELRRLRSDDTAVYYCARGLGVGCSGGNCYLDYYYMDVWGKGTTVTVSS
;
F,H,J
3 'polypeptide(L)'
;QSALTQPASVSGSPGQSITISCTGTSSDVGGYNYVSWYQQHPGKAPKLMIYDVSKRPSGVSNRFSGSKSGNTASLTISGL
QAEDEGDYYCSSYTSSSTWVFGGGTKLTVL
;
G,K,L
#
# COMPACT_ATOMS: atom_id res chain seq x y z
N ALA A 27 -31.74 31.87 -37.69
CA ALA A 27 -30.60 32.82 -37.59
C ALA A 27 -29.69 32.42 -36.44
N TYR A 28 -28.47 32.97 -36.40
CA TYR A 28 -27.48 32.60 -35.41
C TYR A 28 -26.67 33.82 -35.00
N THR A 29 -26.07 33.75 -33.81
CA THR A 29 -25.07 34.73 -33.41
C THR A 29 -24.02 34.07 -32.54
N ASN A 30 -22.79 34.57 -32.61
CA ASN A 30 -21.70 33.99 -31.85
C ASN A 30 -21.85 34.36 -30.38
N SER A 31 -21.69 33.37 -29.51
CA SER A 31 -21.86 33.58 -28.08
C SER A 31 -20.75 34.41 -27.44
N PHE A 32 -19.63 34.58 -28.10
CA PHE A 32 -18.42 35.14 -27.49
C PHE A 32 -18.15 34.43 -26.16
N THR A 33 -17.82 35.15 -25.08
CA THR A 33 -17.57 34.55 -23.78
C THR A 33 -18.82 34.35 -22.91
N ARG A 34 -20.02 34.68 -23.38
CA ARG A 34 -21.19 34.71 -22.50
C ARG A 34 -21.51 33.34 -21.93
N GLY A 35 -22.01 33.34 -20.70
CA GLY A 35 -22.61 32.17 -20.08
C GLY A 35 -21.86 31.50 -18.94
N VAL A 36 -20.81 32.12 -18.40
CA VAL A 36 -20.23 31.63 -17.16
C VAL A 36 -21.22 31.77 -16.01
N TYR A 37 -21.08 30.90 -15.02
CA TYR A 37 -21.92 30.98 -13.82
C TYR A 37 -21.16 30.34 -12.67
N TYR A 38 -21.55 30.72 -11.45
CA TYR A 38 -20.88 30.20 -10.27
C TYR A 38 -21.20 28.72 -10.06
N PRO A 39 -20.23 27.81 -10.14
CA PRO A 39 -20.59 26.40 -10.32
C PRO A 39 -21.00 25.66 -9.05
N ASP A 40 -20.60 26.10 -7.84
CA ASP A 40 -20.64 25.18 -6.71
C ASP A 40 -20.86 25.79 -5.32
N LYS A 41 -21.22 27.06 -5.19
CA LYS A 41 -21.56 27.66 -3.90
C LYS A 41 -20.48 27.44 -2.84
N VAL A 42 -19.24 27.78 -3.19
CA VAL A 42 -18.12 27.68 -2.28
C VAL A 42 -17.18 28.81 -2.66
N PHE A 43 -17.15 29.85 -1.81
CA PHE A 43 -16.39 31.06 -2.08
C PHE A 43 -14.91 30.75 -2.28
N ARG A 44 -14.36 31.28 -3.36
CA ARG A 44 -12.93 31.21 -3.69
C ARG A 44 -12.50 32.59 -4.13
N SER A 45 -11.27 32.97 -3.80
CA SER A 45 -10.79 34.29 -4.18
C SER A 45 -9.31 34.27 -4.49
N SER A 46 -8.91 35.16 -5.40
CA SER A 46 -7.55 35.23 -5.91
C SER A 46 -7.02 33.85 -6.32
N VAL A 47 -7.83 33.08 -7.05
CA VAL A 47 -7.51 31.68 -7.29
C VAL A 47 -8.02 31.28 -8.66
N LEU A 48 -7.55 30.13 -9.14
CA LEU A 48 -8.00 29.57 -10.41
C LEU A 48 -8.38 28.11 -10.17
N HIS A 49 -9.48 27.67 -10.77
CA HIS A 49 -10.05 26.38 -10.42
C HIS A 49 -10.69 25.71 -11.63
N SER A 50 -10.62 24.37 -11.64
CA SER A 50 -11.09 23.55 -12.76
C SER A 50 -12.42 22.92 -12.41
N THR A 51 -13.45 23.16 -13.23
CA THR A 51 -14.79 22.64 -13.00
C THR A 51 -15.26 21.85 -14.21
N GLN A 52 -16.13 20.87 -13.96
CA GLN A 52 -16.63 19.94 -14.97
C GLN A 52 -18.15 19.91 -15.06
N ASP A 53 -18.83 20.95 -14.56
CA ASP A 53 -20.27 21.08 -14.72
C ASP A 53 -20.63 21.37 -16.18
N LEU A 54 -21.93 21.46 -16.43
CA LEU A 54 -22.42 21.89 -17.74
C LEU A 54 -22.28 23.40 -17.91
N PHE A 55 -21.80 23.81 -19.08
CA PHE A 55 -21.64 25.21 -19.44
C PHE A 55 -22.01 25.42 -20.89
N LEU A 56 -22.24 26.68 -21.26
CA LEU A 56 -22.33 27.03 -22.66
C LEU A 56 -20.94 27.17 -23.26
N PRO A 57 -20.50 26.32 -24.18
CA PRO A 57 -19.13 26.43 -24.68
C PRO A 57 -18.93 27.75 -25.41
N PHE A 58 -17.77 28.37 -25.19
CA PHE A 58 -17.48 29.63 -25.83
C PHE A 58 -17.55 29.52 -27.34
N PHE A 59 -18.02 30.59 -27.97
CA PHE A 59 -18.22 30.67 -29.41
C PHE A 59 -19.17 29.60 -29.97
N SER A 60 -19.97 28.94 -29.14
CA SER A 60 -21.11 28.26 -29.70
C SER A 60 -22.05 29.28 -30.32
N ASN A 61 -22.82 28.85 -31.32
CA ASN A 61 -23.84 29.69 -31.91
C ASN A 61 -25.10 29.65 -31.06
N VAL A 62 -25.45 30.78 -30.46
CA VAL A 62 -26.80 30.94 -29.93
C VAL A 62 -27.77 31.14 -31.08
N THR A 63 -28.81 30.32 -31.11
CA THR A 63 -29.94 30.58 -31.99
C THR A 63 -30.61 31.89 -31.58
N TRP A 64 -31.34 32.46 -32.53
CA TRP A 64 -31.97 33.76 -32.37
C TRP A 64 -33.37 33.71 -32.94
N PHE A 65 -34.39 34.13 -32.17
CA PHE A 65 -35.79 33.82 -32.49
C PHE A 65 -36.66 35.06 -32.45
N HIS A 66 -37.82 34.93 -33.12
CA HIS A 66 -38.77 36.02 -33.29
C HIS A 66 -39.38 36.45 -31.96
N ALA A 67 -40.02 37.61 -31.98
CA ALA A 67 -40.64 38.19 -30.80
C ALA A 67 -41.86 39.02 -31.21
N ILE A 68 -42.74 38.44 -32.01
CA ILE A 68 -43.90 39.14 -32.54
C ILE A 68 -44.98 38.14 -32.89
N HIS A 69 -46.17 38.64 -33.26
CA HIS A 69 -47.30 37.80 -33.67
C HIS A 69 -46.89 36.77 -34.71
N ASP A 80 -43.36 34.47 -36.59
CA ASP A 80 -43.83 34.40 -35.21
C ASP A 80 -42.97 33.45 -34.38
N ASN A 81 -42.99 33.66 -33.06
CA ASN A 81 -42.19 32.91 -32.12
C ASN A 81 -42.38 31.40 -32.28
N PRO A 82 -41.31 30.63 -32.50
CA PRO A 82 -41.41 29.17 -32.41
C PRO A 82 -41.05 28.70 -31.01
N VAL A 83 -41.61 27.55 -30.63
CA VAL A 83 -41.08 26.87 -29.46
C VAL A 83 -39.67 26.35 -29.78
N LEU A 84 -38.92 26.03 -28.73
CA LEU A 84 -37.55 25.55 -28.86
C LEU A 84 -37.28 24.37 -27.91
N PRO A 85 -36.52 23.36 -28.33
CA PRO A 85 -36.19 22.28 -27.41
C PRO A 85 -35.24 22.75 -26.31
N PHE A 86 -35.31 22.07 -25.17
CA PHE A 86 -34.55 22.40 -23.97
C PHE A 86 -33.28 21.57 -23.79
N ASN A 87 -33.04 20.59 -24.66
CA ASN A 87 -32.17 19.43 -24.44
C ASN A 87 -30.86 19.75 -23.73
N ASP A 88 -30.68 19.15 -22.55
CA ASP A 88 -29.50 19.33 -21.68
C ASP A 88 -29.32 20.73 -21.13
N GLY A 89 -30.33 21.58 -21.13
CA GLY A 89 -30.24 22.85 -20.44
C GLY A 89 -29.98 24.01 -21.38
N VAL A 90 -30.47 25.18 -21.00
CA VAL A 90 -30.60 26.32 -21.89
C VAL A 90 -29.89 27.51 -21.29
N TYR A 91 -28.98 28.11 -22.04
CA TYR A 91 -28.65 29.51 -21.88
C TYR A 91 -29.72 30.31 -22.60
N PHE A 92 -30.16 31.40 -21.99
CA PHE A 92 -31.17 32.27 -22.57
C PHE A 92 -30.72 33.70 -22.36
N ALA A 93 -31.03 34.56 -23.32
CA ALA A 93 -30.85 35.98 -23.09
C ALA A 93 -31.88 36.77 -23.89
N SER A 94 -32.15 37.98 -23.44
CA SER A 94 -32.97 38.88 -24.24
C SER A 94 -32.58 40.32 -23.97
N THR A 95 -32.66 41.13 -25.03
CA THR A 95 -32.37 42.56 -24.97
C THR A 95 -33.70 43.28 -25.12
N GLU A 96 -34.04 44.09 -24.12
CA GLU A 96 -35.39 44.61 -24.02
C GLU A 96 -35.40 45.84 -23.13
N LYS A 97 -36.50 46.58 -23.22
CA LYS A 97 -36.73 47.75 -22.36
C LYS A 97 -38.15 47.78 -21.82
N SER A 98 -38.90 46.67 -21.92
CA SER A 98 -40.32 46.67 -21.55
C SER A 98 -40.77 45.35 -20.93
N ASN A 99 -39.85 44.46 -20.56
CA ASN A 99 -40.19 43.16 -19.95
C ASN A 99 -41.14 42.35 -20.82
N ILE A 100 -41.03 42.48 -22.15
CA ILE A 100 -41.93 41.79 -23.06
C ILE A 100 -41.76 40.28 -23.01
N ILE A 101 -40.64 39.80 -22.49
CA ILE A 101 -40.39 38.38 -22.28
C ILE A 101 -41.04 38.00 -20.97
N ARG A 102 -42.37 37.85 -20.98
CA ARG A 102 -43.13 37.81 -19.74
C ARG A 102 -42.90 36.55 -18.91
N GLY A 103 -42.33 35.50 -19.48
CA GLY A 103 -42.24 34.26 -18.72
C GLY A 103 -41.79 33.10 -19.58
N TRP A 104 -42.05 31.89 -19.08
CA TRP A 104 -41.61 30.67 -19.71
C TRP A 104 -42.62 29.57 -19.47
N ILE A 105 -42.37 28.43 -20.11
CA ILE A 105 -43.02 27.15 -19.79
C ILE A 105 -42.04 26.07 -20.21
N PHE A 106 -42.15 24.89 -19.64
CA PHE A 106 -41.13 23.85 -19.81
C PHE A 106 -41.79 22.48 -19.86
N GLY A 107 -40.97 21.45 -19.67
CA GLY A 107 -41.40 20.10 -19.38
C GLY A 107 -41.79 19.30 -20.61
N THR A 108 -41.70 17.97 -20.44
CA THR A 108 -42.03 17.03 -21.49
C THR A 108 -43.47 17.18 -21.98
N THR A 109 -43.65 17.11 -23.29
CA THR A 109 -44.95 17.34 -23.94
C THR A 109 -45.63 18.67 -23.62
N LEU A 110 -44.93 19.61 -22.99
CA LEU A 110 -45.43 20.96 -22.70
C LEU A 110 -46.88 20.99 -22.19
N GLN A 115 -45.49 16.80 -16.16
CA GLN A 115 -45.27 17.93 -15.27
C GLN A 115 -44.46 19.00 -15.98
N SER A 116 -44.69 20.25 -15.61
CA SER A 116 -44.08 21.37 -16.31
C SER A 116 -44.02 22.57 -15.38
N LEU A 117 -42.90 23.26 -15.39
CA LEU A 117 -42.82 24.57 -14.77
C LEU A 117 -43.63 25.56 -15.59
N LEU A 118 -43.96 26.68 -14.97
CA LEU A 118 -44.79 27.68 -15.62
C LEU A 118 -44.38 29.06 -15.16
N ILE A 119 -43.07 29.25 -14.97
CA ILE A 119 -42.51 30.50 -14.47
C ILE A 119 -43.05 31.66 -15.27
N VAL A 120 -43.59 32.66 -14.56
CA VAL A 120 -44.17 33.83 -15.19
C VAL A 120 -43.95 35.00 -14.23
N ASN A 121 -43.91 36.20 -14.78
CA ASN A 121 -43.78 37.42 -13.98
C ASN A 121 -45.07 38.21 -14.09
N ASN A 122 -45.67 38.49 -12.95
CA ASN A 122 -46.81 39.40 -12.89
C ASN A 122 -46.30 40.84 -12.85
N ALA A 123 -47.20 41.77 -12.59
CA ALA A 123 -46.82 43.17 -12.42
C ALA A 123 -45.93 43.42 -11.22
N THR A 124 -45.84 42.47 -10.26
CA THR A 124 -45.05 42.72 -9.06
C THR A 124 -44.37 41.49 -8.46
N ASN A 125 -44.61 40.28 -8.98
CA ASN A 125 -43.96 39.11 -8.41
C ASN A 125 -43.85 38.00 -9.44
N VAL A 126 -42.83 37.16 -9.23
CA VAL A 126 -42.76 35.86 -9.90
C VAL A 126 -43.78 34.91 -9.29
N VAL A 127 -44.39 34.09 -10.13
CA VAL A 127 -45.47 33.20 -9.72
C VAL A 127 -45.14 31.80 -10.20
N ILE A 128 -43.91 31.35 -9.95
CA ILE A 128 -43.48 30.03 -10.37
C ILE A 128 -44.42 28.97 -9.81
N LYS A 129 -44.78 28.00 -10.66
CA LYS A 129 -45.61 26.88 -10.26
C LYS A 129 -45.19 25.69 -11.09
N VAL A 130 -45.35 24.49 -10.54
CA VAL A 130 -45.01 23.24 -11.23
C VAL A 130 -46.25 22.38 -11.30
N CYS A 131 -46.73 22.12 -12.52
CA CYS A 131 -48.11 21.75 -12.75
C CYS A 131 -48.18 20.66 -13.80
N GLU A 132 -49.24 19.85 -13.72
CA GLU A 132 -49.57 18.89 -14.77
C GLU A 132 -49.94 19.58 -16.08
N PHE A 133 -50.03 18.77 -17.14
CA PHE A 133 -50.36 19.22 -18.48
C PHE A 133 -51.62 20.07 -18.49
N GLN A 134 -51.50 21.28 -19.03
CA GLN A 134 -52.60 22.24 -19.02
C GLN A 134 -52.60 23.19 -20.21
N PHE A 135 -51.51 23.22 -20.98
CA PHE A 135 -51.19 24.37 -21.83
C PHE A 135 -52.14 24.55 -22.99
N CYS A 136 -52.22 25.81 -23.43
CA CYS A 136 -53.00 26.21 -24.57
C CYS A 136 -52.50 25.54 -25.84
N ASN A 137 -53.32 25.65 -26.89
CA ASN A 137 -52.89 25.24 -28.22
C ASN A 137 -51.70 26.06 -28.72
N ASP A 138 -51.63 27.34 -28.34
CA ASP A 138 -50.51 28.21 -28.66
C ASP A 138 -50.31 29.22 -27.53
N PRO A 139 -49.23 29.12 -26.73
CA PRO A 139 -49.04 30.05 -25.62
C PRO A 139 -49.05 31.51 -26.07
N PHE A 140 -49.55 32.36 -25.19
CA PHE A 140 -49.80 33.76 -25.53
C PHE A 140 -49.65 34.60 -24.27
N LEU A 141 -49.34 35.88 -24.46
CA LEU A 141 -49.12 36.78 -23.34
C LEU A 141 -50.42 37.00 -22.59
N CYS A 166 -51.44 22.10 -8.21
CA CYS A 166 -50.06 22.00 -8.66
C CYS A 166 -49.16 21.55 -7.52
N THR A 167 -48.05 20.91 -7.87
CA THR A 167 -47.18 20.28 -6.87
C THR A 167 -46.31 21.28 -6.11
N PHE A 168 -46.10 22.48 -6.64
CA PHE A 168 -45.22 23.44 -6.00
C PHE A 168 -45.70 24.83 -6.37
N GLU A 169 -45.45 25.78 -5.47
CA GLU A 169 -45.64 27.18 -5.81
C GLU A 169 -44.63 27.99 -5.00
N TYR A 170 -44.29 29.16 -5.53
CA TYR A 170 -43.30 30.03 -4.93
C TYR A 170 -43.62 31.46 -5.34
N VAL A 171 -43.10 32.40 -4.57
CA VAL A 171 -43.20 33.82 -4.92
C VAL A 171 -41.86 34.47 -4.64
N SER A 172 -41.46 35.36 -5.53
CA SER A 172 -40.36 36.29 -5.26
C SER A 172 -40.57 37.51 -6.14
N GLN A 173 -39.92 38.61 -5.78
CA GLN A 173 -40.07 39.87 -6.50
C GLN A 173 -39.64 39.76 -7.97
N LYS A 187 -31.18 48.28 -24.76
CA LYS A 187 -30.40 49.10 -23.86
C LYS A 187 -30.08 48.38 -22.54
N ASN A 188 -30.76 47.26 -22.28
CA ASN A 188 -30.44 46.39 -21.15
C ASN A 188 -30.54 44.95 -21.60
N LEU A 189 -29.57 44.13 -21.20
CA LEU A 189 -29.49 42.73 -21.53
C LEU A 189 -29.77 41.93 -20.28
N ARG A 190 -30.77 41.06 -20.33
CA ARG A 190 -31.08 40.13 -19.25
C ARG A 190 -30.69 38.73 -19.70
N GLU A 191 -29.96 38.00 -18.87
CA GLU A 191 -29.48 36.68 -19.21
C GLU A 191 -29.84 35.69 -18.12
N PHE A 192 -30.01 34.45 -18.54
CA PHE A 192 -30.42 33.34 -17.69
C PHE A 192 -29.69 32.10 -18.17
N VAL A 193 -29.55 31.14 -17.28
CA VAL A 193 -29.32 29.76 -17.65
C VAL A 193 -30.16 28.87 -16.76
N PHE A 194 -30.78 27.87 -17.39
CA PHE A 194 -31.62 26.89 -16.72
C PHE A 194 -30.93 25.55 -16.83
N LYS A 195 -30.60 24.96 -15.70
CA LYS A 195 -30.04 23.62 -15.66
C LYS A 195 -30.76 22.84 -14.57
N ASN A 196 -31.04 21.57 -14.82
CA ASN A 196 -31.71 20.73 -13.84
C ASN A 196 -30.95 19.43 -13.72
N ILE A 197 -30.77 18.98 -12.48
CA ILE A 197 -30.06 17.73 -12.21
C ILE A 197 -30.41 17.26 -10.81
N ASP A 198 -30.20 15.96 -10.57
CA ASP A 198 -30.27 15.35 -9.25
C ASP A 198 -31.59 15.63 -8.53
N GLY A 199 -32.69 15.71 -9.28
CA GLY A 199 -33.96 16.01 -8.65
C GLY A 199 -34.17 17.45 -8.25
N TYR A 200 -33.40 18.37 -8.80
CA TYR A 200 -33.51 19.79 -8.52
C TYR A 200 -33.39 20.54 -9.83
N PHE A 201 -33.84 21.79 -9.81
CA PHE A 201 -33.81 22.67 -10.96
C PHE A 201 -33.21 24.00 -10.52
N LYS A 202 -32.36 24.59 -11.33
CA LYS A 202 -31.61 25.76 -10.93
C LYS A 202 -31.67 26.81 -12.02
N ILE A 203 -31.89 28.05 -11.59
CA ILE A 203 -31.84 29.23 -12.45
C ILE A 203 -30.69 30.08 -11.97
N TYR A 204 -29.81 30.44 -12.90
CA TYR A 204 -28.80 31.46 -12.66
C TYR A 204 -29.10 32.62 -13.58
N SER A 205 -28.93 33.86 -13.11
CA SER A 205 -29.27 35.01 -13.93
C SER A 205 -28.40 36.21 -13.59
N LYS A 206 -28.20 37.06 -14.58
CA LYS A 206 -27.64 38.39 -14.36
C LYS A 206 -28.12 39.32 -15.47
N HIS A 207 -28.12 40.61 -15.20
CA HIS A 207 -28.54 41.59 -16.18
C HIS A 207 -27.70 42.85 -16.07
N THR A 208 -27.47 43.48 -17.22
CA THR A 208 -26.44 44.51 -17.36
C THR A 208 -26.91 45.47 -18.44
N PRO A 209 -26.59 46.77 -18.34
CA PRO A 209 -26.92 47.67 -19.45
C PRO A 209 -26.12 47.36 -20.70
N ILE A 210 -26.75 47.59 -21.85
CA ILE A 210 -26.14 47.31 -23.14
C ILE A 210 -24.99 48.29 -23.40
N ASP A 215 -25.86 43.27 -31.49
CA ASP A 215 -25.37 41.94 -31.13
C ASP A 215 -25.08 41.87 -29.63
N LEU A 216 -24.92 40.65 -29.11
CA LEU A 216 -24.58 40.47 -27.71
C LEU A 216 -23.25 41.16 -27.41
N PRO A 217 -23.07 41.73 -26.23
CA PRO A 217 -21.75 42.23 -25.87
C PRO A 217 -20.78 41.09 -25.64
N GLN A 218 -19.51 41.35 -25.91
CA GLN A 218 -18.46 40.43 -25.54
C GLN A 218 -18.19 40.43 -24.03
N GLY A 219 -18.80 41.33 -23.28
CA GLY A 219 -18.49 41.53 -21.88
C GLY A 219 -18.78 40.31 -21.03
N PHE A 220 -17.82 39.93 -20.21
CA PHE A 220 -17.85 38.68 -19.46
C PHE A 220 -18.16 38.94 -18.01
N SER A 221 -19.20 38.30 -17.50
CA SER A 221 -19.57 38.38 -16.09
C SER A 221 -20.53 37.25 -15.78
N ALA A 222 -20.23 36.50 -14.73
CA ALA A 222 -20.97 35.29 -14.44
C ALA A 222 -22.38 35.59 -13.96
N LEU A 223 -23.33 34.74 -14.36
CA LEU A 223 -24.65 34.75 -13.73
C LEU A 223 -24.54 34.21 -12.31
N GLU A 224 -25.11 34.93 -11.34
CA GLU A 224 -25.27 34.42 -9.99
C GLU A 224 -26.51 33.53 -9.91
N PRO A 225 -26.52 32.54 -9.02
CA PRO A 225 -27.74 31.73 -8.85
C PRO A 225 -28.89 32.55 -8.31
N LEU A 226 -29.85 32.89 -9.17
CA LEU A 226 -31.04 33.56 -8.70
C LEU A 226 -32.00 32.64 -7.98
N VAL A 227 -31.97 31.33 -8.25
CA VAL A 227 -32.85 30.41 -7.54
C VAL A 227 -32.39 28.98 -7.74
N ASP A 228 -32.87 28.10 -6.87
CA ASP A 228 -32.87 26.65 -7.04
C ASP A 228 -34.15 26.13 -6.42
N LEU A 229 -34.60 24.96 -6.85
CA LEU A 229 -35.93 24.50 -6.48
C LEU A 229 -35.99 22.99 -6.59
N PRO A 230 -37.01 22.36 -6.00
CA PRO A 230 -37.19 20.91 -6.14
C PRO A 230 -37.76 20.47 -7.47
N ILE A 231 -37.43 19.24 -7.85
CA ILE A 231 -37.80 18.69 -9.14
C ILE A 231 -38.00 17.19 -9.03
N THR A 236 -38.74 18.93 -20.99
CA THR A 236 -38.04 18.44 -22.18
C THR A 236 -38.08 19.43 -23.33
N ARG A 237 -39.07 20.32 -23.32
CA ARG A 237 -39.18 21.37 -24.32
C ARG A 237 -39.79 22.58 -23.65
N PHE A 238 -39.47 23.78 -24.17
CA PHE A 238 -39.81 25.02 -23.49
C PHE A 238 -40.27 26.03 -24.52
N GLN A 239 -40.88 27.12 -24.04
CA GLN A 239 -41.33 28.19 -24.90
C GLN A 239 -41.50 29.45 -24.08
N THR A 240 -40.92 30.55 -24.55
CA THR A 240 -41.01 31.81 -23.82
C THR A 240 -42.39 32.42 -24.00
N LEU A 241 -42.80 33.18 -22.99
CA LEU A 241 -44.05 33.94 -23.01
C LEU A 241 -43.95 35.26 -23.76
N LEU A 242 -43.34 35.28 -24.93
CA LEU A 242 -43.10 36.52 -25.64
C LEU A 242 -44.40 37.16 -26.06
N ALA A 262 -40.28 43.95 -30.47
CA ALA A 262 -39.15 44.86 -30.39
C ALA A 262 -38.01 44.32 -29.52
N ALA A 263 -38.16 43.08 -29.01
CA ALA A 263 -37.17 42.49 -28.10
C ALA A 263 -37.04 40.99 -28.41
N ALA A 264 -36.25 40.68 -29.42
CA ALA A 264 -35.96 39.29 -29.77
C ALA A 264 -35.24 38.60 -28.61
N TYR A 265 -35.17 37.27 -28.68
CA TYR A 265 -34.48 36.49 -27.66
C TYR A 265 -33.60 35.41 -28.25
N TYR A 266 -32.55 35.07 -27.49
CA TYR A 266 -31.47 34.18 -27.88
C TYR A 266 -31.49 32.95 -26.99
N VAL A 267 -31.07 31.82 -27.56
CA VAL A 267 -31.10 30.54 -26.89
C VAL A 267 -29.84 29.77 -27.24
N GLY A 268 -29.32 29.01 -26.29
CA GLY A 268 -28.21 28.11 -26.60
C GLY A 268 -28.10 26.91 -25.69
N TYR A 269 -28.03 25.71 -26.24
CA TYR A 269 -27.98 24.53 -25.40
C TYR A 269 -26.59 24.38 -24.78
N LEU A 270 -26.55 24.10 -23.48
CA LEU A 270 -25.28 23.87 -22.80
C LEU A 270 -24.63 22.56 -23.27
N GLN A 271 -23.37 22.39 -22.89
CA GLN A 271 -22.67 21.12 -23.02
C GLN A 271 -21.71 20.98 -21.84
N PRO A 272 -21.27 19.73 -21.52
CA PRO A 272 -20.42 19.48 -20.35
C PRO A 272 -18.93 19.82 -20.53
N ARG A 273 -18.65 21.00 -21.06
CA ARG A 273 -17.27 21.42 -21.24
C ARG A 273 -16.59 21.71 -19.90
N THR A 274 -15.33 21.30 -19.79
CA THR A 274 -14.50 21.70 -18.66
C THR A 274 -14.18 23.18 -18.76
N PHE A 275 -14.07 23.84 -17.61
CA PHE A 275 -13.68 25.25 -17.53
C PHE A 275 -12.58 25.45 -16.52
N LEU A 276 -11.63 26.33 -16.83
CA LEU A 276 -10.67 26.83 -15.84
C LEU A 276 -11.03 28.28 -15.50
N LEU A 277 -11.89 28.43 -14.50
CA LEU A 277 -12.38 29.75 -14.11
C LEU A 277 -11.38 30.45 -13.21
N LYS A 278 -11.22 31.77 -13.40
CA LYS A 278 -10.37 32.60 -12.55
C LYS A 278 -11.22 33.48 -11.65
N TYR A 279 -10.97 33.41 -10.34
CA TYR A 279 -11.69 34.19 -9.35
C TYR A 279 -10.80 35.33 -8.88
N ASN A 280 -11.33 36.55 -8.95
CA ASN A 280 -10.64 37.75 -8.53
C ASN A 280 -10.48 37.78 -7.00
N GLU A 281 -9.74 38.78 -6.53
CA GLU A 281 -9.62 38.99 -5.09
C GLU A 281 -10.94 39.26 -4.40
N ASN A 282 -11.94 39.79 -5.12
CA ASN A 282 -13.24 40.05 -4.53
C ASN A 282 -14.18 38.85 -4.60
N GLY A 283 -13.67 37.68 -4.95
CA GLY A 283 -14.46 36.48 -5.05
C GLY A 283 -15.33 36.37 -6.27
N THR A 284 -15.52 37.44 -7.03
CA THR A 284 -16.20 37.34 -8.31
C THR A 284 -15.37 36.53 -9.30
N ILE A 285 -16.06 35.76 -10.15
CA ILE A 285 -15.45 35.28 -11.38
C ILE A 285 -15.21 36.44 -12.32
N THR A 286 -14.10 36.41 -13.04
CA THR A 286 -13.66 37.55 -13.86
C THR A 286 -13.10 37.15 -15.21
N ASP A 287 -12.68 35.91 -15.41
CA ASP A 287 -12.39 35.37 -16.73
C ASP A 287 -12.49 33.86 -16.64
N ALA A 288 -12.61 33.21 -17.78
CA ALA A 288 -12.56 31.75 -17.79
C ALA A 288 -11.97 31.25 -19.07
N VAL A 289 -11.28 30.11 -18.98
CA VAL A 289 -10.79 29.39 -20.15
C VAL A 289 -11.78 28.28 -20.44
N ASP A 290 -12.42 28.37 -21.61
CA ASP A 290 -13.31 27.35 -22.12
C ASP A 290 -12.48 26.18 -22.62
N CYS A 291 -12.00 25.39 -21.66
CA CYS A 291 -11.12 24.27 -21.92
C CYS A 291 -11.69 23.35 -22.99
N ALA A 292 -10.81 22.72 -23.75
CA ALA A 292 -11.11 21.98 -24.97
C ALA A 292 -11.70 22.82 -26.11
N LEU A 293 -11.77 24.15 -25.98
CA LEU A 293 -12.12 24.96 -27.14
C LEU A 293 -11.14 24.77 -28.29
N ASP A 294 -9.85 24.93 -28.01
CA ASP A 294 -8.82 24.93 -29.02
C ASP A 294 -7.52 24.50 -28.36
N PRO A 295 -6.51 24.11 -29.14
CA PRO A 295 -5.29 23.60 -28.52
C PRO A 295 -4.64 24.60 -27.59
N LEU A 296 -4.82 25.89 -27.84
CA LEU A 296 -4.29 26.87 -26.89
C LEU A 296 -5.10 26.84 -25.60
N SER A 297 -6.42 26.77 -25.71
CA SER A 297 -7.25 26.58 -24.53
C SER A 297 -6.93 25.30 -23.79
N GLU A 298 -6.66 24.21 -24.51
CA GLU A 298 -6.20 22.99 -23.84
C GLU A 298 -4.84 23.15 -23.17
N THR A 299 -3.93 23.92 -23.76
CA THR A 299 -2.66 24.18 -23.09
C THR A 299 -2.84 25.00 -21.82
N LYS A 300 -3.58 26.11 -21.92
CA LYS A 300 -3.92 26.93 -20.77
C LYS A 300 -4.53 26.09 -19.66
N CYS A 301 -5.48 25.24 -20.03
CA CYS A 301 -6.16 24.37 -19.08
C CYS A 301 -5.21 23.33 -18.48
N THR A 302 -4.24 22.83 -19.24
CA THR A 302 -3.28 21.87 -18.70
C THR A 302 -2.26 22.52 -17.74
N LEU A 303 -1.84 23.75 -18.02
CA LEU A 303 -1.01 24.45 -17.05
C LEU A 303 -1.78 25.00 -15.86
N LYS A 304 -3.08 25.19 -15.99
CA LYS A 304 -3.83 26.00 -15.03
C LYS A 304 -3.27 27.41 -14.94
N SER A 305 -3.06 28.04 -16.11
CA SER A 305 -2.68 29.44 -16.14
C SER A 305 -3.19 30.07 -17.42
N PHE A 306 -3.45 31.38 -17.35
CA PHE A 306 -4.02 32.10 -18.49
C PHE A 306 -2.97 32.56 -19.49
N THR A 307 -1.75 32.79 -19.06
CA THR A 307 -0.67 33.17 -19.95
C THR A 307 0.30 32.01 -20.05
N VAL A 308 0.55 31.58 -21.28
CA VAL A 308 1.48 30.49 -21.58
C VAL A 308 2.72 31.13 -22.18
N GLU A 309 3.86 30.92 -21.54
CA GLU A 309 5.09 31.45 -22.11
C GLU A 309 5.48 30.64 -23.34
N LYS A 310 6.17 31.30 -24.26
CA LYS A 310 6.54 30.69 -25.53
C LYS A 310 7.34 29.41 -25.34
N GLY A 311 6.87 28.33 -25.94
CA GLY A 311 7.49 27.03 -25.71
C GLY A 311 6.65 25.91 -26.29
N ILE A 312 7.08 24.69 -26.00
CA ILE A 312 6.37 23.46 -26.33
C ILE A 312 5.83 22.84 -25.04
N TYR A 313 4.57 22.39 -25.07
CA TYR A 313 3.91 21.80 -23.92
C TYR A 313 3.19 20.53 -24.36
N GLN A 314 3.32 19.47 -23.58
CA GLN A 314 2.44 18.32 -23.77
C GLN A 314 1.04 18.64 -23.27
N THR A 315 0.05 18.47 -24.13
CA THR A 315 -1.33 18.79 -23.77
C THR A 315 -2.08 17.58 -23.25
N SER A 316 -2.07 16.46 -23.97
CA SER A 316 -2.75 15.28 -23.46
C SER A 316 -2.26 14.06 -24.21
N ASN A 317 -2.67 12.88 -23.77
CA ASN A 317 -2.69 11.73 -24.65
C ASN A 317 -3.75 11.89 -25.73
N PHE A 318 -3.62 11.09 -26.80
CA PHE A 318 -4.70 10.81 -27.71
C PHE A 318 -4.61 9.33 -28.06
N ARG A 319 -5.76 8.69 -28.29
CA ARG A 319 -5.80 7.27 -28.59
C ARG A 319 -7.03 6.97 -29.42
N VAL A 320 -6.82 6.36 -30.59
CA VAL A 320 -7.91 6.09 -31.53
C VAL A 320 -8.83 5.05 -30.93
N GLN A 321 -10.10 5.40 -30.79
CA GLN A 321 -11.04 4.51 -30.11
C GLN A 321 -11.45 3.35 -31.03
N PRO A 322 -11.91 2.23 -30.45
CA PRO A 322 -12.37 1.10 -31.28
C PRO A 322 -13.47 1.46 -32.25
N THR A 323 -13.36 0.95 -33.48
CA THR A 323 -14.46 1.05 -34.43
C THR A 323 -15.61 0.08 -34.15
N GLU A 324 -15.32 -1.20 -33.84
CA GLU A 324 -16.39 -2.14 -33.48
C GLU A 324 -15.86 -3.20 -32.52
N SER A 325 -16.80 -3.89 -31.87
CA SER A 325 -16.51 -5.03 -31.00
C SER A 325 -16.83 -6.38 -31.67
N ILE A 326 -15.81 -7.02 -32.25
CA ILE A 326 -15.99 -8.36 -32.80
C ILE A 326 -16.24 -9.35 -31.66
N VAL A 327 -16.96 -10.44 -31.93
CA VAL A 327 -17.22 -11.42 -30.87
C VAL A 327 -17.09 -12.82 -31.43
N ARG A 328 -16.28 -13.66 -30.79
CA ARG A 328 -16.06 -14.98 -31.39
C ARG A 328 -15.64 -15.99 -30.31
N PHE A 329 -16.64 -16.46 -29.58
CA PHE A 329 -16.61 -17.76 -28.94
C PHE A 329 -16.56 -18.86 -30.01
N PRO A 330 -16.35 -20.10 -29.62
CA PRO A 330 -16.22 -21.13 -30.64
C PRO A 330 -17.51 -21.51 -31.29
N ASN A 331 -17.41 -22.47 -32.21
CA ASN A 331 -18.52 -23.01 -32.99
C ASN A 331 -19.15 -24.21 -32.28
N ILE A 332 -19.68 -23.98 -31.09
CA ILE A 332 -20.00 -25.06 -30.16
C ILE A 332 -21.45 -25.03 -29.74
N THR A 333 -22.00 -26.21 -29.37
CA THR A 333 -23.44 -26.39 -29.37
C THR A 333 -24.01 -27.31 -28.30
N ASN A 334 -23.48 -28.51 -28.10
CA ASN A 334 -24.12 -29.45 -27.18
C ASN A 334 -24.11 -28.95 -25.74
N LEU A 335 -25.27 -29.03 -25.08
CA LEU A 335 -25.39 -28.45 -23.75
C LEU A 335 -24.62 -29.30 -22.74
N CYS A 336 -23.95 -28.64 -21.82
CA CYS A 336 -23.29 -29.38 -20.75
C CYS A 336 -24.32 -30.13 -19.91
N PRO A 337 -24.07 -31.37 -19.51
CA PRO A 337 -25.13 -32.22 -18.96
C PRO A 337 -25.39 -31.99 -17.48
N PHE A 338 -25.36 -30.74 -16.99
CA PHE A 338 -25.67 -30.46 -15.58
C PHE A 338 -26.98 -31.08 -15.15
N GLY A 339 -27.93 -31.21 -16.06
CA GLY A 339 -29.19 -31.88 -15.78
C GLY A 339 -29.13 -33.33 -15.34
N GLU A 340 -27.94 -33.92 -15.21
CA GLU A 340 -27.76 -35.15 -14.46
C GLU A 340 -27.06 -34.98 -13.13
N VAL A 341 -25.97 -34.22 -13.07
CA VAL A 341 -25.14 -34.22 -11.88
C VAL A 341 -25.88 -33.65 -10.66
N PHE A 342 -26.74 -32.66 -10.85
CA PHE A 342 -27.59 -32.18 -9.76
C PHE A 342 -28.83 -33.03 -9.54
N ASN A 343 -28.98 -34.11 -10.27
CA ASN A 343 -30.29 -34.69 -10.52
C ASN A 343 -30.34 -36.20 -10.41
N ALA A 344 -29.20 -36.89 -10.31
CA ALA A 344 -29.18 -38.34 -10.38
C ALA A 344 -30.00 -38.95 -9.26
N THR A 345 -30.53 -40.15 -9.51
CA THR A 345 -31.31 -40.86 -8.52
C THR A 345 -30.52 -41.26 -7.28
N ARG A 346 -29.20 -41.35 -7.35
CA ARG A 346 -28.39 -41.41 -6.14
C ARG A 346 -27.15 -40.55 -6.28
N PHE A 347 -26.80 -39.86 -5.19
CA PHE A 347 -25.47 -39.29 -5.06
C PHE A 347 -24.50 -40.34 -4.53
N ALA A 348 -23.21 -40.11 -4.78
CA ALA A 348 -22.17 -40.93 -4.17
C ALA A 348 -21.96 -40.54 -2.71
N SER A 349 -21.39 -41.47 -1.96
CA SER A 349 -20.82 -41.19 -0.65
C SER A 349 -19.66 -40.22 -0.76
N VAL A 350 -19.33 -39.57 0.37
CA VAL A 350 -18.20 -38.64 0.37
C VAL A 350 -16.87 -39.36 0.38
N TYR A 351 -16.77 -40.45 1.11
CA TYR A 351 -15.86 -41.51 0.73
C TYR A 351 -16.07 -41.85 -0.73
N ALA A 352 -15.00 -41.80 -1.51
CA ALA A 352 -15.06 -42.03 -2.95
C ALA A 352 -16.09 -41.13 -3.64
N TRP A 353 -16.04 -39.85 -3.29
CA TRP A 353 -16.84 -38.83 -3.97
C TRP A 353 -16.67 -38.91 -5.48
N ASN A 354 -17.77 -38.65 -6.20
CA ASN A 354 -17.85 -38.87 -7.64
C ASN A 354 -17.45 -37.63 -8.42
N ARG A 355 -16.26 -37.66 -9.03
CA ARG A 355 -15.94 -36.70 -10.09
C ARG A 355 -16.65 -37.07 -11.37
N LYS A 356 -17.30 -36.08 -12.00
CA LYS A 356 -17.79 -36.16 -13.36
C LYS A 356 -17.16 -35.01 -14.15
N ARG A 357 -16.45 -35.33 -15.23
CA ARG A 357 -15.92 -34.28 -16.09
C ARG A 357 -17.02 -33.70 -16.97
N ILE A 358 -16.95 -32.39 -17.19
CA ILE A 358 -17.86 -31.66 -18.07
C ILE A 358 -16.99 -31.06 -19.16
N SER A 359 -17.28 -31.39 -20.42
CA SER A 359 -16.36 -31.06 -21.49
C SER A 359 -17.10 -30.90 -22.81
N ASN A 360 -16.45 -30.16 -23.71
CA ASN A 360 -16.89 -29.95 -25.08
C ASN A 360 -18.37 -29.56 -25.22
N CYS A 361 -18.75 -28.48 -24.53
CA CYS A 361 -20.17 -28.19 -24.34
C CYS A 361 -20.36 -26.71 -24.03
N VAL A 362 -21.62 -26.30 -24.00
CA VAL A 362 -22.05 -24.94 -23.64
C VAL A 362 -23.05 -25.05 -22.49
N ALA A 363 -23.04 -24.10 -21.56
CA ALA A 363 -24.12 -24.06 -20.58
C ALA A 363 -24.32 -22.68 -19.99
N ASP A 364 -25.58 -22.26 -19.91
CA ASP A 364 -25.98 -21.13 -19.10
C ASP A 364 -25.98 -21.60 -17.64
N TYR A 365 -25.00 -21.17 -16.87
CA TYR A 365 -24.93 -21.56 -15.48
C TYR A 365 -26.14 -21.11 -14.67
N SER A 366 -26.69 -19.94 -14.98
CA SER A 366 -27.74 -19.36 -14.14
C SER A 366 -29.01 -20.18 -14.07
N VAL A 367 -29.21 -21.09 -15.04
CA VAL A 367 -30.33 -22.02 -15.02
C VAL A 367 -30.34 -22.83 -13.73
N LEU A 368 -29.18 -23.01 -13.12
CA LEU A 368 -29.06 -23.60 -11.79
C LEU A 368 -29.62 -22.69 -10.70
N TYR A 369 -28.92 -21.60 -10.41
CA TYR A 369 -29.15 -20.89 -9.15
C TYR A 369 -30.40 -20.02 -9.14
N ASN A 370 -30.98 -19.71 -10.27
CA ASN A 370 -32.25 -19.01 -10.22
C ASN A 370 -33.39 -19.89 -9.69
N SER A 371 -33.22 -21.21 -9.60
CA SER A 371 -34.22 -22.06 -8.97
C SER A 371 -34.11 -22.04 -7.45
N ALA A 372 -35.26 -22.17 -6.78
CA ALA A 372 -35.35 -21.94 -5.34
C ALA A 372 -34.69 -23.02 -4.50
N SER A 373 -34.36 -24.15 -5.09
CA SER A 373 -34.03 -25.34 -4.30
C SER A 373 -32.65 -25.29 -3.68
N PHE A 374 -31.72 -24.54 -4.26
CA PHE A 374 -30.31 -24.62 -3.93
C PHE A 374 -30.00 -23.77 -2.70
N SER A 375 -30.20 -24.39 -1.53
CA SER A 375 -30.09 -23.72 -0.24
C SER A 375 -28.75 -23.08 0.08
N THR A 376 -27.64 -23.60 -0.42
CA THR A 376 -26.34 -22.96 -0.22
C THR A 376 -25.57 -22.88 -1.52
N PHE A 377 -24.88 -21.76 -1.73
CA PHE A 377 -24.22 -21.50 -2.99
C PHE A 377 -23.18 -20.43 -2.74
N LYS A 378 -21.95 -20.69 -3.13
CA LYS A 378 -20.89 -19.71 -2.98
C LYS A 378 -19.80 -20.00 -3.98
N CYS A 379 -19.43 -19.00 -4.77
CA CYS A 379 -18.31 -19.12 -5.70
C CYS A 379 -17.08 -18.40 -5.20
N TYR A 380 -15.94 -18.78 -5.76
CA TYR A 380 -14.64 -18.24 -5.39
C TYR A 380 -13.82 -17.95 -6.63
N GLY A 381 -13.18 -16.78 -6.64
CA GLY A 381 -12.41 -16.30 -7.76
C GLY A 381 -13.20 -15.97 -9.00
N VAL A 382 -14.53 -15.95 -8.91
CA VAL A 382 -15.39 -15.58 -10.03
C VAL A 382 -16.73 -15.22 -9.42
N SER A 383 -17.50 -14.39 -10.12
CA SER A 383 -18.76 -13.92 -9.57
C SER A 383 -19.91 -14.62 -10.29
N PRO A 384 -20.88 -15.20 -9.56
CA PRO A 384 -21.82 -16.14 -10.20
C PRO A 384 -22.57 -15.56 -11.37
N THR A 385 -23.09 -14.34 -11.19
CA THR A 385 -23.92 -13.70 -12.20
C THR A 385 -23.18 -13.45 -13.49
N LYS A 386 -21.85 -13.47 -13.47
CA LYS A 386 -21.06 -13.20 -14.65
C LYS A 386 -20.38 -14.44 -15.20
N LEU A 387 -20.60 -15.61 -14.59
CA LEU A 387 -20.02 -16.86 -15.07
C LEU A 387 -20.27 -17.07 -16.56
N ASN A 388 -21.47 -16.73 -17.02
CA ASN A 388 -21.87 -16.96 -18.39
C ASN A 388 -20.97 -16.26 -19.41
N ASP A 389 -20.16 -15.31 -19.00
CA ASP A 389 -19.31 -14.62 -19.95
C ASP A 389 -17.98 -15.33 -20.20
N LEU A 390 -17.63 -16.32 -19.39
CA LEU A 390 -16.30 -16.91 -19.39
C LEU A 390 -16.25 -18.27 -20.09
N CYS A 391 -15.03 -18.69 -20.39
CA CYS A 391 -14.75 -20.01 -20.95
C CYS A 391 -13.59 -20.62 -20.19
N PHE A 392 -13.53 -21.95 -20.21
CA PHE A 392 -12.76 -22.71 -19.24
C PHE A 392 -11.95 -23.81 -19.90
N THR A 393 -10.72 -23.99 -19.42
CA THR A 393 -9.88 -25.07 -19.94
C THR A 393 -10.56 -26.42 -19.78
N ASN A 394 -11.03 -26.70 -18.58
CA ASN A 394 -11.66 -27.98 -18.29
C ASN A 394 -12.50 -27.80 -17.03
N VAL A 395 -13.51 -28.64 -16.89
CA VAL A 395 -14.48 -28.52 -15.80
C VAL A 395 -14.72 -29.88 -15.16
N TYR A 396 -14.83 -29.88 -13.84
CA TYR A 396 -15.19 -31.06 -13.08
C TYR A 396 -16.33 -30.72 -12.14
N ALA A 397 -17.31 -31.61 -12.05
CA ALA A 397 -18.34 -31.56 -11.04
C ALA A 397 -18.11 -32.69 -10.06
N ASP A 398 -17.75 -32.34 -8.84
CA ASP A 398 -17.43 -33.29 -7.78
C ASP A 398 -18.65 -33.37 -6.86
N SER A 399 -19.21 -34.57 -6.71
CA SER A 399 -20.55 -34.73 -6.16
C SER A 399 -20.54 -35.77 -5.05
N PHE A 400 -21.20 -35.45 -3.93
CA PHE A 400 -21.24 -36.33 -2.76
C PHE A 400 -22.30 -35.83 -1.78
N VAL A 401 -22.64 -36.67 -0.80
CA VAL A 401 -23.53 -36.31 0.31
C VAL A 401 -22.76 -36.21 1.61
N ILE A 402 -23.05 -35.17 2.40
CA ILE A 402 -22.44 -35.02 3.72
C ILE A 402 -23.44 -34.44 4.72
N ARG A 403 -23.19 -34.70 5.99
CA ARG A 403 -24.05 -34.21 7.05
C ARG A 403 -24.07 -32.68 7.08
N GLY A 404 -25.24 -32.15 7.42
CA GLY A 404 -25.52 -30.72 7.23
C GLY A 404 -24.47 -29.79 7.79
N ASP A 405 -24.12 -29.98 9.06
CA ASP A 405 -23.17 -29.08 9.69
C ASP A 405 -21.75 -29.26 9.19
N GLU A 406 -21.50 -30.26 8.34
CA GLU A 406 -20.20 -30.42 7.72
C GLU A 406 -20.00 -29.52 6.51
N VAL A 407 -21.08 -29.01 5.90
CA VAL A 407 -20.92 -28.26 4.66
C VAL A 407 -20.05 -27.02 4.81
N ARG A 408 -19.95 -26.47 6.02
CA ARG A 408 -19.04 -25.36 6.25
C ARG A 408 -17.62 -25.68 5.82
N GLN A 409 -17.20 -26.94 5.93
CA GLN A 409 -15.84 -27.38 5.60
C GLN A 409 -15.55 -27.50 4.11
N ILE A 410 -16.53 -27.39 3.23
CA ILE A 410 -16.26 -27.48 1.78
C ILE A 410 -16.00 -26.06 1.30
N ALA A 411 -14.81 -25.57 1.60
CA ALA A 411 -14.43 -24.21 1.28
C ALA A 411 -12.92 -24.13 1.24
N PRO A 412 -12.35 -23.08 0.67
CA PRO A 412 -10.90 -22.90 0.75
C PRO A 412 -10.44 -22.76 2.19
N GLY A 413 -9.25 -23.28 2.47
CA GLY A 413 -8.63 -23.10 3.76
C GLY A 413 -9.22 -23.86 4.93
N GLN A 414 -10.53 -23.75 5.16
CA GLN A 414 -11.13 -24.31 6.35
C GLN A 414 -10.94 -25.82 6.36
N THR A 415 -10.76 -26.38 7.56
CA THR A 415 -10.44 -27.79 7.71
C THR A 415 -11.14 -28.39 8.93
N GLY A 416 -11.19 -29.72 8.94
CA GLY A 416 -11.90 -30.45 9.97
C GLY A 416 -12.09 -31.89 9.55
N LYS A 417 -12.73 -32.65 10.45
CA LYS A 417 -12.79 -34.10 10.34
C LYS A 417 -13.29 -34.61 9.00
N ILE A 418 -14.13 -33.85 8.29
CA ILE A 418 -14.45 -34.18 6.91
C ILE A 418 -13.33 -33.75 5.99
N ALA A 419 -13.03 -32.45 6.01
CA ALA A 419 -12.06 -31.91 5.07
C ALA A 419 -10.67 -32.47 5.27
N ASP A 420 -10.36 -33.00 6.45
CA ASP A 420 -9.07 -33.63 6.65
C ASP A 420 -8.92 -34.92 5.85
N TYR A 421 -10.00 -35.66 5.67
CA TYR A 421 -9.92 -37.08 5.36
C TYR A 421 -10.73 -37.54 4.16
N ASN A 422 -11.70 -36.78 3.71
CA ASN A 422 -12.64 -37.25 2.69
C ASN A 422 -12.52 -36.49 1.38
N TYR A 423 -12.63 -35.16 1.43
CA TYR A 423 -12.40 -34.31 0.26
C TYR A 423 -11.88 -32.98 0.75
N LYS A 424 -10.96 -32.38 0.02
CA LYS A 424 -10.40 -31.09 0.40
C LYS A 424 -10.12 -30.27 -0.85
N LEU A 425 -10.19 -28.95 -0.70
CA LEU A 425 -10.04 -27.99 -1.77
C LEU A 425 -8.77 -27.16 -1.60
N PRO A 426 -8.08 -26.82 -2.68
CA PRO A 426 -6.81 -26.09 -2.55
C PRO A 426 -7.01 -24.70 -1.98
N ASP A 427 -5.90 -24.10 -1.56
CA ASP A 427 -5.90 -22.70 -1.15
C ASP A 427 -6.07 -21.77 -2.34
N ASP A 428 -5.40 -22.06 -3.44
CA ASP A 428 -5.55 -21.30 -4.68
C ASP A 428 -6.80 -21.68 -5.47
N PHE A 429 -7.88 -22.01 -4.78
CA PHE A 429 -9.09 -22.51 -5.42
C PHE A 429 -9.76 -21.43 -6.24
N THR A 430 -10.39 -21.87 -7.32
CA THR A 430 -11.38 -21.07 -8.03
C THR A 430 -12.44 -22.02 -8.57
N GLY A 431 -13.68 -21.55 -8.60
CA GLY A 431 -14.78 -22.47 -8.82
C GLY A 431 -15.98 -22.12 -7.96
N CYS A 432 -16.79 -23.11 -7.60
CA CYS A 432 -17.96 -22.81 -6.80
C CYS A 432 -18.33 -24.04 -6.00
N VAL A 433 -18.98 -23.82 -4.86
CA VAL A 433 -19.49 -24.89 -4.00
C VAL A 433 -20.99 -24.66 -3.80
N ILE A 434 -21.73 -25.74 -3.94
CA ILE A 434 -23.19 -25.74 -3.92
C ILE A 434 -23.67 -26.88 -3.04
N ALA A 435 -24.66 -26.63 -2.19
CA ALA A 435 -25.27 -27.76 -1.49
C ALA A 435 -26.71 -27.48 -1.10
N TRP A 436 -27.53 -28.54 -1.07
CA TRP A 436 -28.94 -28.37 -0.71
C TRP A 436 -29.42 -29.57 0.09
N ASN A 437 -30.48 -29.32 0.87
CA ASN A 437 -31.08 -30.35 1.70
C ASN A 437 -31.54 -31.55 0.87
N SER A 438 -31.28 -32.74 1.38
CA SER A 438 -31.68 -33.99 0.73
C SER A 438 -32.34 -34.97 1.69
N ASN A 439 -32.79 -34.52 2.86
CA ASN A 439 -33.58 -35.37 3.75
C ASN A 439 -34.93 -35.78 3.17
N ASN A 440 -35.36 -35.19 2.07
CA ASN A 440 -36.49 -35.74 1.32
C ASN A 440 -36.11 -36.93 0.47
N LEU A 441 -34.82 -37.13 0.20
CA LEU A 441 -34.35 -38.09 -0.80
C LEU A 441 -33.58 -39.22 -0.14
N ASP A 442 -32.35 -38.97 0.29
CA ASP A 442 -31.44 -39.98 0.82
C ASP A 442 -31.69 -40.32 2.27
N SER A 443 -32.95 -40.47 2.67
CA SER A 443 -33.32 -40.67 4.06
C SER A 443 -34.69 -41.32 4.12
N LYS A 444 -34.83 -42.29 5.02
CA LYS A 444 -36.07 -43.03 5.17
C LYS A 444 -36.11 -43.62 6.58
N VAL A 445 -37.32 -44.04 6.97
CA VAL A 445 -37.72 -44.11 8.37
C VAL A 445 -36.71 -44.85 9.22
N GLY A 446 -36.20 -45.96 8.73
CA GLY A 446 -35.26 -46.72 9.53
C GLY A 446 -33.86 -46.19 9.52
N GLY A 447 -33.60 -45.09 8.82
CA GLY A 447 -32.26 -44.72 8.43
C GLY A 447 -31.81 -45.50 7.21
N ASN A 448 -30.98 -44.88 6.38
CA ASN A 448 -30.54 -45.48 5.12
C ASN A 448 -29.03 -45.40 5.05
N TYR A 449 -28.38 -46.43 5.56
CA TYR A 449 -26.97 -46.50 5.91
C TYR A 449 -26.05 -46.62 4.71
N ASN A 450 -26.57 -46.61 3.49
CA ASN A 450 -25.73 -46.71 2.30
C ASN A 450 -24.64 -45.66 2.24
N TYR A 451 -24.89 -44.48 2.80
CA TYR A 451 -23.91 -43.41 2.85
C TYR A 451 -22.88 -43.59 3.97
N LEU A 452 -21.59 -43.57 3.60
CA LEU A 452 -20.46 -43.83 4.47
C LEU A 452 -19.45 -42.69 4.34
N TYR A 453 -18.59 -42.55 5.34
CA TYR A 453 -17.48 -41.60 5.25
C TYR A 453 -16.28 -42.12 6.01
N ARG A 454 -15.09 -41.75 5.51
CA ARG A 454 -13.84 -42.08 6.20
C ARG A 454 -13.63 -41.17 7.39
N LEU A 455 -13.35 -41.79 8.54
CA LEU A 455 -13.15 -41.14 9.82
C LEU A 455 -11.76 -41.30 10.41
N PHE A 456 -10.92 -42.18 9.87
CA PHE A 456 -9.53 -42.31 10.27
C PHE A 456 -8.62 -42.33 9.07
N ARG A 457 -7.51 -41.60 9.15
CA ARG A 457 -6.47 -41.71 8.14
C ARG A 457 -5.13 -41.38 8.77
N LYS A 458 -4.07 -41.95 8.21
CA LYS A 458 -2.73 -41.72 8.72
C LYS A 458 -2.26 -40.28 8.51
N SER A 459 -2.78 -39.59 7.51
CA SER A 459 -2.40 -38.20 7.24
C SER A 459 -3.54 -37.50 6.54
N ASN A 460 -3.58 -36.19 6.68
CA ASN A 460 -4.60 -35.44 5.98
C ASN A 460 -4.38 -35.54 4.48
N LEU A 461 -5.48 -35.44 3.73
CA LEU A 461 -5.42 -35.53 2.28
C LEU A 461 -4.64 -34.38 1.67
N LYS A 462 -4.03 -34.66 0.52
CA LYS A 462 -3.72 -33.60 -0.40
C LYS A 462 -5.02 -33.10 -1.02
N PRO A 463 -5.02 -31.88 -1.58
CA PRO A 463 -6.23 -31.40 -2.25
C PRO A 463 -6.63 -32.29 -3.41
N PHE A 464 -7.95 -32.44 -3.59
CA PHE A 464 -8.57 -33.29 -4.58
C PHE A 464 -8.16 -34.76 -4.51
N GLU A 465 -7.51 -35.20 -3.45
CA GLU A 465 -7.19 -36.62 -3.37
C GLU A 465 -8.46 -37.42 -3.15
N ARG A 466 -8.63 -38.48 -3.93
CA ARG A 466 -9.65 -39.49 -3.71
C ARG A 466 -8.94 -40.75 -3.29
N ASP A 467 -9.31 -41.30 -2.14
CA ASP A 467 -8.66 -42.49 -1.60
C ASP A 467 -9.74 -43.49 -1.24
N ILE A 468 -9.89 -44.51 -2.09
CA ILE A 468 -10.95 -45.49 -1.93
C ILE A 468 -10.53 -46.60 -0.97
N SER A 469 -9.32 -46.54 -0.42
CA SER A 469 -8.76 -47.64 0.35
C SER A 469 -9.58 -47.91 1.61
N THR A 470 -10.07 -49.13 1.71
CA THR A 470 -10.78 -49.64 2.88
C THR A 470 -9.85 -50.23 3.93
N GLU A 471 -8.54 -50.13 3.76
CA GLU A 471 -7.60 -50.86 4.61
C GLU A 471 -7.68 -50.39 6.06
N ILE A 472 -7.54 -51.34 6.98
CA ILE A 472 -7.70 -51.12 8.41
C ILE A 472 -6.59 -50.22 8.95
N TYR A 473 -6.96 -49.32 9.86
CA TYR A 473 -6.09 -48.27 10.40
C TYR A 473 -5.54 -48.65 11.77
N GLN A 474 -4.25 -48.93 11.84
CA GLN A 474 -3.59 -49.38 13.08
C GLN A 474 -2.95 -48.21 13.79
N ALA A 475 -3.48 -47.86 14.96
CA ALA A 475 -2.97 -46.73 15.74
C ALA A 475 -1.82 -47.17 16.66
N GLY A 476 -0.70 -47.54 16.04
CA GLY A 476 0.49 -47.87 16.79
C GLY A 476 0.60 -49.30 17.23
N SER A 477 -0.18 -50.21 16.64
CA SER A 477 -0.11 -51.63 16.94
C SER A 477 1.01 -52.33 16.18
N THR A 478 1.42 -53.46 16.72
CA THR A 478 2.03 -54.49 15.95
C THR A 478 1.09 -54.89 14.81
N PRO A 479 1.63 -55.59 13.74
CA PRO A 479 0.81 -55.88 12.55
C PRO A 479 -0.53 -56.53 12.82
N CYS A 480 -1.59 -55.83 12.46
CA CYS A 480 -2.92 -56.12 12.97
C CYS A 480 -3.57 -57.31 12.28
N ASN A 481 -2.86 -58.04 11.42
CA ASN A 481 -3.42 -59.20 10.74
C ASN A 481 -4.70 -58.99 9.93
N GLY A 482 -5.24 -57.78 9.89
CA GLY A 482 -6.54 -57.54 9.30
C GLY A 482 -7.75 -57.83 10.17
N VAL A 483 -7.57 -58.20 11.43
CA VAL A 483 -8.69 -58.17 12.36
C VAL A 483 -8.86 -56.74 12.82
N GLU A 484 -9.98 -56.43 13.46
CA GLU A 484 -10.26 -55.11 14.01
C GLU A 484 -10.56 -55.25 15.49
N GLY A 485 -10.17 -54.25 16.29
CA GLY A 485 -10.09 -54.49 17.72
C GLY A 485 -9.39 -53.39 18.48
N PHE A 486 -8.66 -53.81 19.52
CA PHE A 486 -8.36 -52.97 20.68
C PHE A 486 -7.87 -51.56 20.37
N ASN A 487 -6.97 -51.40 19.42
CA ASN A 487 -6.57 -50.05 18.99
C ASN A 487 -6.34 -50.02 17.51
N CYS A 488 -7.12 -50.81 16.78
CA CYS A 488 -6.92 -51.08 15.37
C CYS A 488 -8.33 -51.09 14.78
N TYR A 489 -8.63 -50.12 13.92
CA TYR A 489 -10.00 -49.75 13.64
C TYR A 489 -10.28 -49.91 12.16
N PHE A 490 -11.52 -50.20 11.83
CA PHE A 490 -11.99 -49.92 10.49
C PHE A 490 -12.15 -48.41 10.29
N PRO A 491 -11.75 -47.86 9.14
CA PRO A 491 -11.65 -46.41 9.05
C PRO A 491 -12.95 -45.68 8.73
N LEU A 492 -13.96 -46.33 8.15
CA LEU A 492 -15.22 -45.67 7.79
C LEU A 492 -16.27 -45.81 8.88
N GLN A 493 -17.26 -44.93 8.82
CA GLN A 493 -18.50 -45.06 9.59
C GLN A 493 -19.67 -44.61 8.71
N SER A 494 -20.88 -45.04 9.05
CA SER A 494 -22.07 -44.54 8.38
C SER A 494 -22.71 -43.36 9.10
N TYR A 495 -23.56 -42.63 8.35
CA TYR A 495 -24.36 -41.53 8.88
C TYR A 495 -25.76 -41.89 9.36
N GLY A 496 -26.36 -42.94 8.82
CA GLY A 496 -27.75 -43.25 9.13
C GLY A 496 -28.84 -42.36 8.55
N PHE A 497 -28.81 -41.05 8.82
CA PHE A 497 -29.77 -40.09 8.24
C PHE A 497 -31.23 -40.53 8.38
N GLN A 498 -31.66 -40.86 9.58
CA GLN A 498 -33.09 -41.12 9.75
C GLN A 498 -33.91 -39.82 9.65
N PRO A 499 -35.09 -39.84 9.01
CA PRO A 499 -35.84 -38.59 8.80
C PRO A 499 -36.21 -37.82 10.06
N THR A 500 -36.35 -38.48 11.20
CA THR A 500 -36.61 -37.72 12.41
C THR A 500 -35.37 -36.98 12.90
N ASN A 501 -34.20 -37.30 12.38
CA ASN A 501 -32.94 -36.80 12.89
C ASN A 501 -32.91 -35.28 12.81
N GLY A 502 -32.26 -34.66 13.79
CA GLY A 502 -32.19 -33.21 13.82
C GLY A 502 -31.57 -32.63 12.56
N VAL A 503 -32.17 -31.53 12.09
CA VAL A 503 -31.91 -31.00 10.74
C VAL A 503 -30.44 -30.72 10.51
N GLY A 504 -29.72 -30.31 11.56
CA GLY A 504 -28.28 -30.10 11.42
C GLY A 504 -27.54 -31.35 10.98
N TYR A 505 -28.08 -32.52 11.28
CA TYR A 505 -27.48 -33.78 10.86
C TYR A 505 -28.17 -34.40 9.66
N GLN A 506 -29.28 -33.85 9.19
CA GLN A 506 -29.89 -34.38 7.98
C GLN A 506 -28.93 -34.24 6.81
N PRO A 507 -29.02 -35.11 5.81
CA PRO A 507 -28.04 -35.10 4.73
C PRO A 507 -28.22 -33.91 3.82
N TYR A 508 -27.13 -33.25 3.47
CA TYR A 508 -27.13 -32.25 2.42
C TYR A 508 -26.29 -32.78 1.27
N ARG A 509 -26.91 -32.87 0.09
CA ARG A 509 -26.18 -33.17 -1.12
C ARG A 509 -25.34 -31.99 -1.54
N VAL A 510 -24.08 -32.25 -1.90
CA VAL A 510 -23.13 -31.23 -2.29
C VAL A 510 -22.67 -31.52 -3.71
N VAL A 511 -22.49 -30.45 -4.48
CA VAL A 511 -21.72 -30.45 -5.72
C VAL A 511 -20.75 -29.28 -5.66
N VAL A 512 -19.50 -29.55 -5.98
CA VAL A 512 -18.52 -28.51 -6.31
C VAL A 512 -18.29 -28.50 -7.80
N LEU A 513 -18.29 -27.31 -8.41
CA LEU A 513 -17.73 -27.15 -9.75
C LEU A 513 -16.32 -26.60 -9.60
N SER A 514 -15.36 -27.26 -10.22
CA SER A 514 -14.01 -26.75 -10.34
C SER A 514 -13.67 -26.50 -11.80
N PHE A 515 -13.10 -25.33 -12.08
CA PHE A 515 -12.70 -25.01 -13.45
C PHE A 515 -11.63 -23.94 -13.42
N GLU A 516 -10.74 -24.00 -14.40
CA GLU A 516 -9.59 -23.11 -14.53
C GLU A 516 -9.85 -22.14 -15.68
N LEU A 517 -9.62 -20.85 -15.44
CA LEU A 517 -9.90 -19.80 -16.39
C LEU A 517 -8.70 -19.39 -17.23
N LEU A 518 -7.63 -20.19 -17.23
CA LEU A 518 -6.56 -19.98 -18.19
C LEU A 518 -7.09 -20.05 -19.62
N HIS A 519 -6.46 -19.29 -20.49
CA HIS A 519 -6.89 -19.09 -21.87
C HIS A 519 -6.51 -20.29 -22.74
N ALA A 520 -6.89 -20.20 -24.02
CA ALA A 520 -7.23 -21.31 -24.90
C ALA A 520 -6.24 -22.47 -24.91
N PRO A 521 -6.68 -23.71 -25.22
CA PRO A 521 -8.04 -24.13 -25.60
C PRO A 521 -9.07 -24.02 -24.48
N ALA A 522 -10.35 -24.11 -24.83
CA ALA A 522 -11.40 -24.09 -23.83
C ALA A 522 -12.53 -25.00 -24.29
N THR A 523 -12.69 -26.13 -23.63
CA THR A 523 -13.70 -27.10 -24.03
C THR A 523 -15.10 -26.64 -23.68
N VAL A 524 -15.24 -25.70 -22.75
CA VAL A 524 -16.54 -25.28 -22.27
C VAL A 524 -16.59 -23.77 -22.25
N CYS A 525 -17.74 -23.23 -22.67
CA CYS A 525 -18.02 -21.80 -22.63
C CYS A 525 -19.42 -21.59 -22.10
N GLY A 526 -19.61 -20.42 -21.51
CA GLY A 526 -20.92 -19.82 -21.40
C GLY A 526 -21.43 -19.32 -22.74
N PRO A 527 -22.74 -19.24 -22.89
CA PRO A 527 -23.30 -18.92 -24.21
C PRO A 527 -23.15 -17.45 -24.54
N LYS A 528 -22.75 -17.18 -25.78
CA LYS A 528 -23.08 -15.92 -26.41
C LYS A 528 -23.02 -16.13 -27.91
N LYS A 529 -23.88 -15.43 -28.64
CA LYS A 529 -23.72 -15.44 -30.07
C LYS A 529 -22.46 -14.66 -30.47
N SER A 530 -22.13 -14.69 -31.76
CA SER A 530 -20.83 -14.26 -32.24
C SER A 530 -20.91 -13.62 -33.63
N THR A 531 -19.83 -12.89 -33.99
CA THR A 531 -19.76 -11.95 -35.12
C THR A 531 -18.99 -12.48 -36.33
N ASN A 532 -19.23 -11.85 -37.47
CA ASN A 532 -18.22 -11.83 -38.50
C ASN A 532 -16.95 -11.17 -37.99
N LEU A 533 -15.83 -11.58 -38.56
CA LEU A 533 -14.52 -11.00 -38.27
C LEU A 533 -14.29 -9.76 -39.12
N VAL A 534 -13.44 -8.88 -38.62
CA VAL A 534 -12.89 -7.79 -39.42
C VAL A 534 -11.43 -7.61 -39.05
N LYS A 535 -10.66 -7.10 -40.00
CA LYS A 535 -9.21 -7.03 -39.88
C LYS A 535 -8.73 -5.66 -40.34
N ASN A 536 -7.48 -5.36 -39.99
CA ASN A 536 -6.80 -4.11 -40.34
C ASN A 536 -7.34 -2.86 -39.65
N LYS A 537 -8.64 -2.70 -39.52
CA LYS A 537 -9.17 -1.55 -38.79
C LYS A 537 -9.02 -1.76 -37.28
N CYS A 538 -9.10 -0.66 -36.55
CA CYS A 538 -9.03 -0.70 -35.09
C CYS A 538 -10.33 -1.24 -34.53
N VAL A 539 -10.23 -2.23 -33.65
CA VAL A 539 -11.38 -2.92 -33.10
C VAL A 539 -11.16 -3.26 -31.63
N ASN A 540 -12.28 -3.42 -30.93
CA ASN A 540 -12.31 -4.17 -29.69
C ASN A 540 -12.58 -5.63 -30.03
N PHE A 541 -11.96 -6.55 -29.29
CA PHE A 541 -12.08 -7.97 -29.56
C PHE A 541 -12.23 -8.78 -28.28
N ASN A 542 -12.75 -9.99 -28.43
CA ASN A 542 -12.55 -11.06 -27.46
C ASN A 542 -12.34 -12.35 -28.23
N PHE A 543 -11.81 -13.34 -27.53
CA PHE A 543 -11.69 -14.68 -28.09
C PHE A 543 -11.87 -15.66 -26.92
N ASN A 544 -13.10 -16.13 -26.74
CA ASN A 544 -13.48 -17.06 -25.67
C ASN A 544 -12.90 -16.65 -24.33
N GLY A 545 -13.01 -15.36 -24.03
CA GLY A 545 -12.15 -14.63 -23.12
C GLY A 545 -11.19 -13.72 -23.87
N LEU A 546 -9.95 -13.58 -23.37
CA LEU A 546 -8.85 -12.95 -24.11
C LEU A 546 -9.21 -11.55 -24.59
N THR A 547 -10.03 -10.86 -23.83
CA THR A 547 -10.53 -9.53 -24.18
C THR A 547 -9.40 -8.54 -24.41
N GLY A 548 -9.60 -7.64 -25.36
CA GLY A 548 -8.65 -6.54 -25.55
C GLY A 548 -9.07 -5.65 -26.68
N THR A 549 -8.14 -4.77 -27.10
CA THR A 549 -8.33 -3.95 -28.29
C THR A 549 -7.06 -3.89 -29.13
N GLY A 550 -7.24 -3.65 -30.42
CA GLY A 550 -6.11 -3.51 -31.32
C GLY A 550 -6.58 -3.54 -32.76
N VAL A 551 -5.62 -3.53 -33.67
CA VAL A 551 -5.84 -3.94 -35.06
C VAL A 551 -5.40 -5.38 -35.21
N LEU A 552 -6.25 -6.18 -35.85
CA LEU A 552 -5.98 -7.57 -36.15
C LEU A 552 -5.54 -7.70 -37.59
N THR A 553 -4.42 -8.38 -37.82
CA THR A 553 -3.80 -8.46 -39.14
C THR A 553 -3.50 -9.92 -39.45
N GLU A 554 -3.62 -10.29 -40.71
CA GLU A 554 -3.03 -11.55 -41.14
C GLU A 554 -1.53 -11.48 -40.97
N SER A 555 -0.91 -12.62 -40.68
CA SER A 555 0.50 -12.62 -40.31
C SER A 555 1.17 -13.91 -40.75
N ASN A 556 2.47 -13.77 -41.03
CA ASN A 556 3.37 -14.89 -41.25
C ASN A 556 3.76 -15.60 -39.96
N LYS A 557 3.32 -15.11 -38.79
CA LYS A 557 3.67 -15.72 -37.52
C LYS A 557 3.35 -17.20 -37.53
N LYS A 558 4.39 -18.02 -37.50
CA LYS A 558 4.30 -19.46 -37.76
C LYS A 558 3.95 -20.22 -36.48
N PHE A 559 2.70 -20.04 -36.03
CA PHE A 559 2.20 -20.86 -34.94
C PHE A 559 2.30 -22.32 -35.31
N LEU A 560 2.82 -23.13 -34.38
CA LEU A 560 2.75 -24.56 -34.53
C LEU A 560 1.32 -25.04 -34.27
N PRO A 561 0.93 -26.20 -34.83
CA PRO A 561 -0.50 -26.55 -34.88
C PRO A 561 -1.19 -26.61 -33.53
N PHE A 562 -0.47 -26.86 -32.46
CA PHE A 562 -1.07 -26.97 -31.14
C PHE A 562 -1.22 -25.64 -30.41
N GLN A 563 -0.53 -24.60 -30.84
CA GLN A 563 -0.50 -23.35 -30.09
C GLN A 563 -1.78 -22.56 -30.31
N GLN A 564 -2.43 -22.13 -29.22
CA GLN A 564 -3.79 -21.60 -29.31
C GLN A 564 -3.96 -20.17 -28.80
N PHE A 565 -2.98 -19.59 -28.12
CA PHE A 565 -2.83 -18.15 -28.10
C PHE A 565 -1.34 -17.89 -27.98
N GLY A 566 -0.91 -16.65 -28.23
CA GLY A 566 0.50 -16.34 -28.29
C GLY A 566 0.83 -14.97 -27.73
N ARG A 567 2.01 -14.87 -27.11
CA ARG A 567 2.39 -13.74 -26.27
C ARG A 567 3.73 -13.18 -26.74
N ASP A 568 3.93 -11.88 -26.48
CA ASP A 568 5.12 -11.17 -26.88
C ASP A 568 6.17 -11.14 -25.76
N ILE A 569 7.34 -10.57 -26.07
CA ILE A 569 8.38 -10.35 -25.07
C ILE A 569 7.96 -9.40 -23.96
N ALA A 570 6.89 -8.63 -24.15
CA ALA A 570 6.28 -7.87 -23.08
C ALA A 570 5.25 -8.65 -22.29
N ASP A 571 5.05 -9.93 -22.60
CA ASP A 571 4.06 -10.81 -22.00
C ASP A 571 2.61 -10.44 -22.27
N THR A 572 2.32 -9.37 -23.02
CA THR A 572 0.96 -9.15 -23.49
C THR A 572 0.64 -10.18 -24.57
N THR A 573 -0.63 -10.57 -24.63
CA THR A 573 -1.10 -11.33 -25.78
C THR A 573 -0.83 -10.53 -27.05
N ASP A 574 -0.23 -11.18 -28.03
CA ASP A 574 0.31 -10.50 -29.20
C ASP A 574 -0.16 -11.16 -30.49
N ALA A 575 -0.49 -12.45 -30.43
CA ALA A 575 -1.14 -13.08 -31.56
C ALA A 575 -2.01 -14.21 -31.03
N VAL A 576 -3.05 -14.53 -31.80
CA VAL A 576 -4.09 -15.45 -31.38
C VAL A 576 -4.60 -16.17 -32.63
N ARG A 577 -5.32 -17.26 -32.42
CA ARG A 577 -6.02 -17.96 -33.50
C ARG A 577 -7.52 -17.79 -33.35
N ASP A 578 -8.18 -17.42 -34.43
CA ASP A 578 -9.63 -17.26 -34.47
C ASP A 578 -10.32 -18.57 -34.16
N PRO A 579 -11.11 -18.68 -33.08
CA PRO A 579 -11.66 -19.98 -32.75
C PRO A 579 -12.76 -20.40 -33.66
N GLN A 580 -13.27 -19.53 -34.53
CA GLN A 580 -14.20 -20.01 -35.52
C GLN A 580 -13.55 -20.57 -36.77
N THR A 581 -12.29 -20.20 -37.08
CA THR A 581 -11.67 -20.53 -38.37
C THR A 581 -10.21 -20.93 -38.31
N LEU A 582 -9.56 -20.91 -37.16
CA LEU A 582 -8.15 -21.26 -37.00
C LEU A 582 -7.18 -20.35 -37.75
N GLU A 583 -7.63 -19.23 -38.30
CA GLU A 583 -6.68 -18.29 -38.89
C GLU A 583 -5.81 -17.68 -37.80
N ILE A 584 -4.54 -17.42 -38.14
CA ILE A 584 -3.65 -16.65 -37.29
C ILE A 584 -3.97 -15.16 -37.43
N LEU A 585 -4.33 -14.53 -36.32
CA LEU A 585 -4.53 -13.09 -36.26
C LEU A 585 -3.48 -12.49 -35.35
N ASP A 586 -2.77 -11.48 -35.85
CA ASP A 586 -1.68 -10.83 -35.14
C ASP A 586 -2.19 -9.47 -34.66
N ILE A 587 -2.09 -9.23 -33.35
CA ILE A 587 -2.62 -8.04 -32.71
C ILE A 587 -1.53 -6.98 -32.72
N THR A 588 -1.92 -5.73 -32.89
CA THR A 588 -1.09 -4.65 -32.35
C THR A 588 -2.01 -3.53 -31.90
N PRO A 589 -1.67 -2.80 -30.82
CA PRO A 589 -2.60 -1.77 -30.33
C PRO A 589 -2.81 -0.66 -31.33
N CYS A 590 -3.97 -0.02 -31.21
CA CYS A 590 -4.30 1.10 -32.09
C CYS A 590 -3.39 2.29 -31.84
N SER A 591 -3.21 3.09 -32.89
CA SER A 591 -2.27 4.19 -32.86
C SER A 591 -2.61 5.20 -31.77
N PHE A 592 -1.57 5.67 -31.08
CA PHE A 592 -1.77 6.53 -29.93
C PHE A 592 -0.49 7.32 -29.69
N GLY A 593 -0.60 8.38 -28.90
CA GLY A 593 0.60 9.08 -28.47
C GLY A 593 0.28 10.32 -27.67
N GLY A 594 1.33 11.07 -27.34
CA GLY A 594 1.14 12.42 -26.85
C GLY A 594 0.74 13.39 -27.95
N VAL A 595 -0.24 14.23 -27.66
CA VAL A 595 -0.50 15.46 -28.41
C VAL A 595 0.03 16.62 -27.59
N SER A 596 0.74 17.52 -28.26
CA SER A 596 1.51 18.58 -27.63
C SER A 596 1.36 19.80 -28.52
N VAL A 597 1.53 20.99 -27.96
CA VAL A 597 1.27 22.22 -28.70
C VAL A 597 2.52 23.08 -28.72
N ILE A 598 2.72 23.74 -29.85
CA ILE A 598 3.75 24.74 -30.07
C ILE A 598 3.04 26.06 -30.03
N THR A 599 3.43 26.93 -29.10
CA THR A 599 2.77 28.20 -28.90
C THR A 599 3.81 29.30 -28.81
N PRO A 600 3.69 30.40 -29.56
CA PRO A 600 4.70 31.44 -29.54
C PRO A 600 4.63 32.37 -28.34
N GLY A 601 3.89 32.00 -27.31
CA GLY A 601 3.60 32.84 -26.17
C GLY A 601 2.32 33.63 -26.33
N THR A 602 1.51 33.61 -25.28
CA THR A 602 0.20 34.26 -25.32
C THR A 602 0.34 35.74 -25.62
N ASN A 603 1.37 36.39 -25.08
CA ASN A 603 1.59 37.80 -25.36
C ASN A 603 2.17 38.07 -26.74
N THR A 604 2.56 37.03 -27.49
CA THR A 604 2.85 37.23 -28.90
C THR A 604 1.60 37.10 -29.76
N SER A 605 0.99 35.91 -29.76
CA SER A 605 -0.13 35.64 -30.65
C SER A 605 -0.72 34.29 -30.27
N ASN A 606 -1.94 34.04 -30.75
CA ASN A 606 -2.66 32.83 -30.44
C ASN A 606 -2.47 31.75 -31.49
N GLN A 607 -1.48 31.88 -32.37
CA GLN A 607 -1.37 31.01 -33.54
C GLN A 607 -0.79 29.63 -33.22
N VAL A 608 -1.33 28.96 -32.22
CA VAL A 608 -0.85 27.64 -31.81
C VAL A 608 -0.83 26.67 -32.98
N ALA A 609 0.17 25.79 -32.98
CA ALA A 609 0.25 24.66 -33.89
C ALA A 609 0.44 23.39 -33.07
N VAL A 610 -0.03 22.26 -33.58
CA VAL A 610 -0.11 21.03 -32.80
C VAL A 610 0.82 19.97 -33.36
N LEU A 611 1.53 19.30 -32.48
CA LEU A 611 2.42 18.19 -32.81
C LEU A 611 1.86 16.92 -32.19
N TYR A 612 1.66 15.89 -33.01
CA TYR A 612 1.29 14.56 -32.54
C TYR A 612 2.53 13.69 -32.59
N GLN A 613 2.93 13.20 -31.42
CA GLN A 613 4.16 12.42 -31.31
C GLN A 613 4.02 11.10 -32.05
N ASP A 614 5.09 10.71 -32.74
CA ASP A 614 5.18 9.42 -33.42
C ASP A 614 4.17 9.13 -34.53
N VAL A 615 2.90 9.46 -34.35
CA VAL A 615 1.86 9.01 -35.25
C VAL A 615 2.07 9.56 -36.65
N ASN A 616 1.77 8.74 -37.64
CA ASN A 616 1.80 9.20 -39.02
C ASN A 616 0.77 10.31 -39.21
N CYS A 617 0.95 11.09 -40.25
CA CYS A 617 -0.09 11.98 -40.73
C CYS A 617 -1.13 11.17 -41.49
N THR A 618 -2.10 11.88 -42.05
CA THR A 618 -3.25 11.27 -42.71
C THR A 618 -4.08 10.42 -41.75
N GLU A 619 -3.97 10.66 -40.45
CA GLU A 619 -4.95 10.14 -39.50
C GLU A 619 -5.23 11.15 -38.41
N VAL A 620 -6.50 11.28 -38.07
CA VAL A 620 -6.99 12.29 -37.14
C VAL A 620 -8.28 11.77 -36.51
N SER A 640 -6.36 22.65 -44.01
CA SER A 640 -5.51 22.00 -43.02
C SER A 640 -4.11 21.87 -43.62
N ASN A 641 -3.12 22.41 -42.89
CA ASN A 641 -1.72 22.43 -43.30
C ASN A 641 -0.92 21.43 -42.48
N VAL A 642 -0.17 20.57 -43.15
CA VAL A 642 0.36 19.35 -42.57
C VAL A 642 1.82 19.22 -42.94
N PHE A 643 2.61 18.67 -42.01
CA PHE A 643 4.01 18.39 -42.25
C PHE A 643 4.41 17.16 -41.46
N GLN A 644 5.43 16.46 -41.95
CA GLN A 644 5.97 15.26 -41.31
C GLN A 644 7.32 15.53 -40.72
N THR A 645 7.56 14.98 -39.52
CA THR A 645 8.85 15.06 -38.88
C THR A 645 9.15 13.69 -38.31
N ARG A 646 10.43 13.42 -38.06
CA ARG A 646 10.76 12.22 -37.32
C ARG A 646 10.14 12.23 -35.93
N ALA A 647 9.84 13.42 -35.40
CA ALA A 647 9.12 13.50 -34.14
C ALA A 647 7.64 13.14 -34.26
N GLY A 648 7.07 13.22 -35.45
CA GLY A 648 5.67 12.91 -35.65
C GLY A 648 5.00 13.89 -36.59
N CYS A 649 3.66 13.84 -36.61
CA CYS A 649 2.89 14.73 -37.47
C CYS A 649 2.79 16.12 -36.86
N LEU A 650 2.88 17.15 -37.71
CA LEU A 650 2.83 18.54 -37.29
C LEU A 650 1.74 19.23 -38.09
N ILE A 651 0.87 19.97 -37.43
CA ILE A 651 -0.28 20.59 -38.09
C ILE A 651 -0.34 22.04 -37.66
N GLY A 652 -0.65 22.90 -38.60
CA GLY A 652 -0.74 24.32 -38.37
C GLY A 652 0.57 25.08 -38.51
N ALA A 653 1.68 24.41 -38.76
CA ALA A 653 2.95 25.06 -39.04
C ALA A 653 3.30 24.93 -40.50
N GLU A 654 3.65 26.05 -41.12
CA GLU A 654 4.13 26.07 -42.50
C GLU A 654 5.59 25.64 -42.54
N HIS A 655 5.89 24.61 -43.32
CA HIS A 655 7.28 24.18 -43.52
C HIS A 655 8.03 25.12 -44.44
N VAL A 656 9.27 25.44 -44.08
CA VAL A 656 10.07 26.45 -44.77
C VAL A 656 11.44 25.91 -45.13
N ASN A 657 11.93 26.24 -46.32
CA ASN A 657 13.23 25.76 -46.80
C ASN A 657 14.39 26.59 -46.28
N ASN A 658 14.19 27.86 -45.97
CA ASN A 658 15.23 28.60 -45.29
C ASN A 658 15.45 28.00 -43.90
N SER A 659 16.53 28.42 -43.25
CA SER A 659 16.95 27.83 -41.99
C SER A 659 17.38 28.90 -40.99
N TYR A 660 16.99 28.72 -39.72
CA TYR A 660 17.13 29.73 -38.69
C TYR A 660 17.58 29.07 -37.40
N GLU A 661 17.96 29.90 -36.43
CA GLU A 661 18.20 29.40 -35.08
C GLU A 661 16.93 28.85 -34.45
N CYS A 662 17.09 28.01 -33.44
CA CYS A 662 16.00 27.22 -32.87
C CYS A 662 15.23 28.04 -31.84
N ASP A 663 14.12 28.62 -32.25
CA ASP A 663 13.27 29.33 -31.30
C ASP A 663 12.58 28.37 -30.34
N ILE A 664 11.72 27.50 -30.86
CA ILE A 664 11.06 26.44 -30.09
C ILE A 664 11.50 25.09 -30.67
N PRO A 665 12.06 24.18 -29.90
CA PRO A 665 12.49 22.91 -30.47
C PRO A 665 11.31 21.97 -30.66
N ILE A 666 11.39 21.16 -31.71
CA ILE A 666 10.43 20.09 -31.93
C ILE A 666 11.16 18.77 -31.85
N GLY A 667 12.16 18.59 -32.68
CA GLY A 667 12.92 17.35 -32.66
C GLY A 667 13.56 17.06 -33.99
N ALA A 668 14.54 16.18 -33.96
CA ALA A 668 15.17 15.64 -35.15
C ALA A 668 15.60 16.75 -36.10
N GLY A 669 16.17 17.80 -35.53
CA GLY A 669 16.66 18.91 -36.31
C GLY A 669 15.63 19.87 -36.81
N ILE A 670 14.36 19.70 -36.43
CA ILE A 670 13.30 20.62 -36.80
C ILE A 670 12.97 21.45 -35.58
N CYS A 671 12.82 22.75 -35.81
CA CYS A 671 12.39 23.70 -34.81
C CYS A 671 11.27 24.53 -35.39
N ALA A 672 10.50 25.18 -34.52
CA ALA A 672 9.42 26.06 -34.94
C ALA A 672 9.57 27.42 -34.27
N SER A 673 9.12 28.45 -34.98
CA SER A 673 9.31 29.81 -34.52
C SER A 673 8.28 30.71 -35.19
N TYR A 674 8.15 31.91 -34.65
CA TYR A 674 7.12 32.85 -35.10
C TYR A 674 7.79 33.93 -35.95
N GLN A 675 7.37 34.02 -37.21
CA GLN A 675 7.93 35.00 -38.11
C GLN A 675 6.98 35.21 -39.29
N THR A 676 7.48 35.81 -40.35
CA THR A 676 6.67 36.06 -41.54
C THR A 676 6.89 34.99 -42.60
N GLN A 690 4.65 36.59 -39.90
CA GLN A 690 3.43 36.88 -39.15
C GLN A 690 2.61 35.61 -38.91
N SER A 691 3.30 34.49 -38.82
CA SER A 691 2.66 33.19 -38.59
C SER A 691 3.70 32.17 -38.17
N ILE A 692 3.26 31.08 -37.56
CA ILE A 692 4.16 30.00 -37.17
C ILE A 692 4.83 29.43 -38.41
N ILE A 693 6.13 29.15 -38.31
CA ILE A 693 6.86 28.39 -39.30
C ILE A 693 7.59 27.26 -38.60
N ALA A 694 7.92 26.22 -39.37
CA ALA A 694 8.83 25.17 -38.94
C ALA A 694 9.92 25.01 -39.97
N TYR A 695 11.11 24.68 -39.50
CA TYR A 695 12.30 24.72 -40.34
C TYR A 695 13.36 23.78 -39.79
N THR A 696 14.26 23.37 -40.68
CA THR A 696 15.46 22.66 -40.28
C THR A 696 16.41 23.60 -39.58
N MET A 697 16.88 23.20 -38.40
CA MET A 697 17.71 24.07 -37.59
C MET A 697 19.02 24.39 -38.31
N SER A 698 19.47 25.63 -38.16
CA SER A 698 20.78 26.06 -38.64
C SER A 698 21.78 26.00 -37.50
N LEU A 699 22.95 25.41 -37.75
CA LEU A 699 23.99 25.48 -36.74
C LEU A 699 24.76 26.79 -36.74
N GLY A 700 24.66 27.60 -37.78
CA GLY A 700 25.37 28.86 -37.84
C GLY A 700 25.96 29.09 -39.21
N ALA A 701 26.30 30.34 -39.48
CA ALA A 701 26.76 30.78 -40.80
C ALA A 701 28.10 30.15 -41.16
N GLU A 702 28.04 29.14 -42.01
CA GLU A 702 29.23 28.39 -42.38
C GLU A 702 30.26 29.29 -43.05
N ASN A 703 31.51 29.25 -42.60
CA ASN A 703 32.54 30.04 -43.27
C ASN A 703 33.85 29.29 -43.21
N SER A 704 34.65 29.47 -44.26
CA SER A 704 36.01 28.94 -44.30
C SER A 704 36.96 29.83 -43.52
N VAL A 705 37.75 29.20 -42.65
CA VAL A 705 38.97 29.84 -42.18
C VAL A 705 39.92 29.91 -43.35
N ALA A 706 40.48 31.09 -43.61
CA ALA A 706 41.30 31.30 -44.79
C ALA A 706 42.68 30.68 -44.62
N TYR A 707 42.72 29.42 -44.23
CA TYR A 707 43.97 28.77 -43.86
C TYR A 707 44.91 28.70 -45.05
N SER A 708 46.20 28.83 -44.76
CA SER A 708 47.21 28.46 -45.72
C SER A 708 48.47 28.15 -44.94
N ASN A 709 49.38 27.42 -45.57
CA ASN A 709 50.57 26.96 -44.86
C ASN A 709 51.52 28.05 -44.42
N ASN A 710 51.29 29.34 -44.73
CA ASN A 710 52.19 30.39 -44.28
C ASN A 710 51.51 31.68 -43.87
N SER A 711 50.19 31.71 -43.74
CA SER A 711 49.44 32.92 -43.46
C SER A 711 48.98 32.90 -42.00
N ILE A 712 49.13 34.03 -41.31
CA ILE A 712 48.61 34.22 -39.96
C ILE A 712 47.73 35.46 -39.96
N ALA A 713 46.69 35.44 -39.14
CA ALA A 713 45.92 36.63 -38.83
C ALA A 713 46.22 37.07 -37.41
N ILE A 714 46.60 38.33 -37.23
CA ILE A 714 46.87 38.90 -35.90
C ILE A 714 45.87 40.01 -35.61
N PRO A 715 45.19 40.00 -34.46
CA PRO A 715 44.28 41.09 -34.11
C PRO A 715 45.01 42.40 -33.92
N THR A 716 44.57 43.44 -34.61
CA THR A 716 45.14 44.76 -34.43
C THR A 716 44.48 45.53 -33.30
N ASN A 717 43.39 45.05 -32.71
CA ASN A 717 42.66 45.83 -31.72
C ASN A 717 41.95 44.88 -30.78
N PHE A 718 41.23 45.43 -29.80
CA PHE A 718 40.51 44.60 -28.85
C PHE A 718 39.21 45.24 -28.42
N THR A 719 38.34 44.42 -27.84
CA THR A 719 37.13 44.85 -27.15
C THR A 719 37.02 44.13 -25.82
N ILE A 720 37.39 44.81 -24.74
CA ILE A 720 37.09 44.31 -23.42
C ILE A 720 35.58 44.30 -23.24
N SER A 721 35.04 43.22 -22.68
CA SER A 721 33.59 43.09 -22.58
C SER A 721 33.21 42.40 -21.29
N VAL A 722 31.94 42.54 -20.92
CA VAL A 722 31.41 42.03 -19.66
C VAL A 722 30.27 41.06 -19.96
N THR A 723 30.38 39.84 -19.46
CA THR A 723 29.38 38.80 -19.64
C THR A 723 28.79 38.44 -18.29
N THR A 724 27.47 38.56 -18.14
CA THR A 724 26.81 37.99 -16.98
C THR A 724 26.81 36.46 -17.08
N GLU A 725 27.18 35.80 -15.99
CA GLU A 725 26.82 34.41 -15.74
C GLU A 725 26.02 34.31 -14.46
N ILE A 726 24.98 33.48 -14.45
CA ILE A 726 24.05 33.40 -13.33
C ILE A 726 24.01 31.96 -12.82
N LEU A 727 24.20 31.78 -11.52
CA LEU A 727 24.21 30.46 -10.90
C LEU A 727 23.29 30.44 -9.70
N PRO A 728 22.41 29.44 -9.54
CA PRO A 728 21.72 29.26 -8.27
C PRO A 728 22.64 28.70 -7.21
N VAL A 729 22.46 29.14 -5.96
CA VAL A 729 23.28 28.65 -4.85
C VAL A 729 22.47 28.17 -3.66
N SER A 730 21.16 28.39 -3.63
CA SER A 730 20.34 27.70 -2.64
C SER A 730 18.93 27.48 -3.16
N MET A 731 18.26 26.50 -2.56
CA MET A 731 16.81 26.45 -2.52
C MET A 731 16.29 27.36 -1.42
N THR A 732 14.98 27.33 -1.17
CA THR A 732 14.44 27.71 0.13
C THR A 732 14.55 26.55 1.11
N LYS A 733 14.68 26.91 2.38
CA LYS A 733 14.82 25.92 3.46
C LYS A 733 13.44 25.46 3.89
N THR A 734 12.85 24.57 3.11
CA THR A 734 11.54 24.03 3.46
C THR A 734 11.65 23.06 4.63
N SER A 735 10.64 23.05 5.49
CA SER A 735 10.46 22.00 6.48
C SER A 735 9.00 21.57 6.52
N VAL A 736 8.77 20.29 6.80
CA VAL A 736 7.42 19.72 6.89
C VAL A 736 7.26 19.04 8.24
N ASP A 737 6.31 19.51 9.03
CA ASP A 737 5.92 18.84 10.27
C ASP A 737 5.11 17.59 9.97
N CYS A 738 5.80 16.47 9.78
CA CYS A 738 5.22 15.29 9.15
C CYS A 738 3.91 14.83 9.76
N THR A 739 3.86 14.73 11.08
CA THR A 739 2.60 14.34 11.73
C THR A 739 1.49 15.36 11.50
N MET A 740 1.81 16.65 11.53
CA MET A 740 0.77 17.64 11.31
C MET A 740 0.31 17.65 9.86
N TYR A 741 1.17 17.31 8.92
CA TYR A 741 0.73 17.12 7.55
C TYR A 741 -0.19 15.91 7.40
N ILE A 742 0.27 14.74 7.81
CA ILE A 742 -0.51 13.53 7.56
C ILE A 742 -1.80 13.54 8.35
N CYS A 743 -1.72 13.87 9.64
CA CYS A 743 -2.83 13.67 10.55
C CYS A 743 -3.45 14.96 11.06
N GLY A 744 -2.84 16.10 10.82
CA GLY A 744 -3.39 17.34 11.29
C GLY A 744 -3.51 17.38 12.81
N ASP A 745 -4.74 17.45 13.29
CA ASP A 745 -5.03 17.49 14.72
C ASP A 745 -5.55 16.17 15.29
N SER A 746 -5.72 15.13 14.48
CA SER A 746 -6.34 13.90 14.97
C SER A 746 -5.33 13.12 15.80
N THR A 747 -5.66 12.86 17.07
CA THR A 747 -4.87 11.93 17.86
C THR A 747 -4.93 10.52 17.31
N GLU A 748 -6.11 10.07 16.92
CA GLU A 748 -6.28 8.69 16.46
C GLU A 748 -5.54 8.43 15.16
N CYS A 749 -5.51 9.42 14.27
CA CYS A 749 -4.66 9.26 13.09
C CYS A 749 -3.21 9.13 13.50
N SER A 750 -2.76 9.95 14.46
CA SER A 750 -1.39 9.85 14.92
C SER A 750 -1.11 8.47 15.53
N ASN A 751 -2.05 7.94 16.30
CA ASN A 751 -1.91 6.60 16.86
C ASN A 751 -1.88 5.51 15.81
N LEU A 752 -2.45 5.74 14.63
CA LEU A 752 -2.20 4.83 13.52
C LEU A 752 -0.84 5.06 12.89
N LEU A 753 -0.44 6.31 12.75
CA LEU A 753 0.82 6.66 12.12
C LEU A 753 2.01 6.12 12.89
N LEU A 754 1.94 6.10 14.22
CA LEU A 754 3.02 5.51 15.00
C LEU A 754 3.33 4.08 14.60
N GLN A 755 2.33 3.34 14.13
CA GLN A 755 2.58 1.97 13.72
C GLN A 755 3.37 1.87 12.43
N TYR A 756 3.55 2.97 11.70
CA TYR A 756 4.51 2.99 10.61
C TYR A 756 5.93 3.25 11.10
N GLY A 757 6.09 3.84 12.26
CA GLY A 757 7.39 3.93 12.88
C GLY A 757 8.14 5.19 12.49
N SER A 758 9.40 5.02 12.12
CA SER A 758 10.33 6.12 12.01
C SER A 758 10.13 7.04 10.82
N PHE A 759 9.13 6.80 9.95
CA PHE A 759 8.98 7.64 8.76
C PHE A 759 8.94 9.13 9.07
N CYS A 760 8.09 9.52 10.01
CA CYS A 760 8.05 10.94 10.33
C CYS A 760 9.27 11.44 11.09
N THR A 761 10.15 10.57 11.54
CA THR A 761 11.48 11.03 11.89
C THR A 761 12.32 11.23 10.63
N GLN A 762 12.40 10.20 9.79
CA GLN A 762 13.26 10.27 8.60
C GLN A 762 12.91 11.45 7.71
N LEU A 763 11.63 11.60 7.39
CA LEU A 763 11.23 12.66 6.49
C LEU A 763 11.53 14.00 7.11
N ASN A 764 11.36 14.11 8.42
CA ASN A 764 11.74 15.34 9.09
C ASN A 764 13.25 15.52 9.16
N ARG A 765 14.00 14.44 9.36
CA ARG A 765 15.46 14.54 9.33
C ARG A 765 16.00 14.92 7.97
N ALA A 766 15.56 14.23 6.92
CA ALA A 766 16.11 14.46 5.60
C ALA A 766 15.93 15.89 5.11
N LEU A 767 14.74 16.46 5.31
CA LEU A 767 14.57 17.87 4.96
C LEU A 767 15.47 18.78 5.79
N THR A 768 15.65 18.45 7.06
CA THR A 768 16.56 19.24 7.87
C THR A 768 17.97 19.17 7.32
N GLY A 769 18.37 18.00 6.82
CA GLY A 769 19.69 17.90 6.24
C GLY A 769 19.86 18.84 5.06
N ILE A 770 18.93 18.79 4.10
CA ILE A 770 19.05 19.73 2.98
C ILE A 770 18.90 21.16 3.44
N ALA A 771 18.12 21.38 4.50
CA ALA A 771 18.01 22.74 5.02
C ALA A 771 19.35 23.26 5.49
N VAL A 772 20.11 22.45 6.24
CA VAL A 772 21.44 22.87 6.63
C VAL A 772 22.32 23.14 5.41
N GLU A 773 22.21 22.29 4.39
CA GLU A 773 23.02 22.52 3.20
C GLU A 773 22.77 23.87 2.56
N GLN A 774 21.57 24.43 2.71
CA GLN A 774 21.33 25.73 2.10
C GLN A 774 22.14 26.82 2.78
N ASP A 775 22.35 26.73 4.08
CA ASP A 775 23.29 27.67 4.67
C ASP A 775 24.70 27.37 4.20
N LYS A 776 25.09 26.10 4.27
CA LYS A 776 26.45 25.69 3.91
C LYS A 776 26.83 26.13 2.52
N ASN A 777 25.97 25.86 1.53
CA ASN A 777 26.23 26.30 0.17
C ASN A 777 26.46 27.80 0.11
N THR A 778 25.55 28.58 0.66
CA THR A 778 25.70 30.03 0.58
C THR A 778 26.99 30.46 1.22
N GLN A 779 27.35 29.83 2.32
CA GLN A 779 28.57 30.23 2.99
C GLN A 779 29.79 29.86 2.17
N GLU A 780 29.80 28.67 1.60
CA GLU A 780 30.91 28.28 0.74
C GLU A 780 30.99 29.12 -0.51
N VAL A 781 29.90 29.71 -0.95
CA VAL A 781 30.03 30.64 -2.05
C VAL A 781 30.62 31.96 -1.59
N PHE A 782 30.02 32.57 -0.57
CA PHE A 782 30.37 33.94 -0.24
C PHE A 782 31.42 34.13 0.83
N ALA A 783 31.50 33.28 1.84
CA ALA A 783 32.41 33.55 2.95
C ALA A 783 33.85 33.17 2.69
N GLN A 784 34.36 33.44 1.50
CA GLN A 784 35.75 33.13 1.19
C GLN A 784 36.72 34.22 1.64
N VAL A 785 36.25 35.46 1.79
CA VAL A 785 37.08 36.48 2.42
C VAL A 785 37.19 36.23 3.90
N LYS A 786 38.37 36.48 4.44
CA LYS A 786 38.58 36.44 5.88
C LYS A 786 38.19 37.73 6.58
N GLN A 787 37.96 38.81 5.85
CA GLN A 787 37.70 40.10 6.45
C GLN A 787 36.72 40.83 5.55
N ILE A 788 36.02 41.82 6.11
CA ILE A 788 35.14 42.68 5.34
C ILE A 788 35.93 43.93 4.96
N TYR A 789 36.46 43.93 3.75
CA TYR A 789 37.10 45.11 3.18
C TYR A 789 36.07 46.19 2.89
N LYS A 790 36.41 47.43 3.23
CA LYS A 790 35.60 48.59 2.88
C LYS A 790 36.35 49.40 1.83
N THR A 791 35.65 49.77 0.76
CA THR A 791 36.27 50.51 -0.33
C THR A 791 36.68 51.92 0.10
N PRO A 792 37.78 52.45 -0.44
CA PRO A 792 38.19 53.83 -0.12
C PRO A 792 37.12 54.84 -0.46
N PRO A 793 37.20 56.05 0.11
CA PRO A 793 36.23 57.10 -0.22
C PRO A 793 36.42 57.79 -1.57
N ILE A 794 37.68 58.05 -1.95
CA ILE A 794 38.00 58.64 -3.25
C ILE A 794 38.18 57.53 -4.27
N LYS A 795 37.12 57.25 -5.01
CA LYS A 795 37.02 56.07 -5.86
C LYS A 795 37.73 56.27 -7.21
N ASP A 796 39.00 56.68 -7.16
CA ASP A 796 39.78 57.10 -8.33
C ASP A 796 40.46 55.94 -9.03
N PHE A 797 39.66 54.98 -9.50
CA PHE A 797 40.18 53.75 -10.11
C PHE A 797 40.56 53.95 -11.58
N GLY A 798 41.52 54.86 -11.79
CA GLY A 798 42.14 55.00 -13.10
C GLY A 798 41.19 55.29 -14.24
N GLY A 799 40.06 55.93 -13.96
CA GLY A 799 39.05 56.19 -14.97
C GLY A 799 38.04 55.08 -15.16
N PHE A 800 38.25 53.91 -14.58
CA PHE A 800 37.17 52.94 -14.49
C PHE A 800 36.11 53.48 -13.54
N ASN A 801 34.87 53.05 -13.73
CA ASN A 801 33.75 53.55 -12.94
C ASN A 801 32.89 52.40 -12.43
N PHE A 802 33.15 51.95 -11.22
CA PHE A 802 32.42 50.88 -10.57
C PHE A 802 31.13 51.33 -9.87
N SER A 803 30.66 52.55 -10.12
CA SER A 803 29.51 53.07 -9.38
C SER A 803 28.27 52.20 -9.50
N GLN A 804 28.10 51.47 -10.59
CA GLN A 804 26.95 50.57 -10.68
C GLN A 804 27.09 49.28 -9.88
N ILE A 805 28.28 48.95 -9.39
CA ILE A 805 28.50 47.63 -8.80
C ILE A 805 29.00 47.69 -7.37
N LEU A 806 29.59 48.79 -6.93
CA LEU A 806 29.76 49.01 -5.51
C LEU A 806 28.42 49.30 -4.85
N PRO A 807 28.33 49.17 -3.53
CA PRO A 807 27.11 49.57 -2.84
C PRO A 807 26.89 51.07 -2.90
N ASP A 808 25.62 51.44 -2.75
CA ASP A 808 25.19 52.83 -2.60
C ASP A 808 24.66 53.05 -1.19
N PRO A 809 25.20 54.00 -0.40
CA PRO A 809 24.66 54.20 0.95
C PRO A 809 23.19 54.60 0.98
N SER A 810 22.66 55.21 -0.08
CA SER A 810 21.24 55.55 -0.13
C SER A 810 20.34 54.35 -0.39
N LYS A 811 20.90 53.20 -0.75
CA LYS A 811 20.10 52.07 -1.15
C LYS A 811 19.37 51.49 0.07
N PRO A 812 18.45 50.54 -0.16
CA PRO A 812 17.67 50.01 0.96
C PRO A 812 18.48 49.29 2.02
N SER A 813 19.62 48.70 1.66
CA SER A 813 20.38 47.87 2.59
C SER A 813 21.83 47.80 2.15
N LYS A 814 22.37 48.94 1.72
CA LYS A 814 23.71 48.99 1.15
C LYS A 814 23.86 47.99 0.02
N ARG A 815 22.77 47.76 -0.70
CA ARG A 815 22.76 46.88 -1.84
C ARG A 815 23.31 47.63 -3.03
N SER A 816 23.88 46.91 -3.99
CA SER A 816 24.39 47.55 -5.18
C SER A 816 23.30 47.74 -6.23
N PHE A 817 23.52 48.76 -7.06
CA PHE A 817 22.58 49.13 -8.12
C PHE A 817 22.20 47.95 -9.00
N ILE A 818 23.20 47.29 -9.59
CA ILE A 818 22.89 46.11 -10.39
C ILE A 818 22.30 45.03 -9.51
N GLU A 819 22.80 44.90 -8.29
CA GLU A 819 22.21 43.95 -7.36
C GLU A 819 20.75 44.27 -7.12
N ASP A 820 20.39 45.55 -7.09
CA ASP A 820 18.99 45.89 -6.84
C ASP A 820 18.11 45.54 -8.04
N LEU A 821 18.64 45.71 -9.25
CA LEU A 821 17.88 45.22 -10.40
C LEU A 821 17.65 43.74 -10.28
N LEU A 822 18.68 42.98 -9.90
CA LEU A 822 18.48 41.54 -9.76
C LEU A 822 17.47 41.22 -8.67
N PHE A 823 17.44 41.99 -7.59
CA PHE A 823 16.46 41.74 -6.54
C PHE A 823 15.04 42.08 -6.96
N ASN A 824 14.85 42.81 -8.04
CA ASN A 824 13.50 43.12 -8.51
C ASN A 824 13.05 42.29 -9.72
N LYS A 825 13.96 41.97 -10.63
CA LYS A 825 13.61 41.22 -11.83
C LYS A 825 13.25 39.76 -11.58
N VAL A 826 13.41 39.24 -10.35
CA VAL A 826 12.84 37.94 -9.99
C VAL A 826 12.01 38.05 -8.72
N THR A 827 10.94 37.25 -8.68
CA THR A 827 9.97 37.28 -7.60
C THR A 827 9.49 35.86 -7.36
N LEU A 828 9.03 35.61 -6.13
CA LEU A 828 8.44 34.33 -5.79
C LEU A 828 7.13 34.14 -6.55
N LYS A 854 0.55 29.91 10.50
CA LYS A 854 1.21 29.08 9.51
C LYS A 854 0.21 28.44 8.56
N PHE A 855 0.72 27.80 7.51
CA PHE A 855 -0.08 26.89 6.71
C PHE A 855 -0.26 25.58 7.46
N ASN A 856 -0.70 24.54 6.76
CA ASN A 856 -0.81 23.21 7.35
C ASN A 856 0.54 22.51 7.26
N GLY A 857 1.24 22.43 8.38
CA GLY A 857 2.44 21.61 8.47
C GLY A 857 3.71 22.10 7.85
N LEU A 858 3.67 22.54 6.60
CA LEU A 858 4.85 23.08 5.97
C LEU A 858 5.21 24.45 6.55
N THR A 859 6.49 24.79 6.43
CA THR A 859 6.98 26.12 6.76
C THR A 859 8.28 26.33 6.01
N VAL A 860 8.71 27.59 5.94
CA VAL A 860 9.97 27.95 5.32
C VAL A 860 10.85 28.65 6.34
N LEU A 861 11.99 28.05 6.63
CA LEU A 861 12.91 28.63 7.59
C LEU A 861 13.65 29.79 6.92
N PRO A 862 14.07 30.80 7.68
CA PRO A 862 14.86 31.86 7.09
C PRO A 862 16.24 31.37 6.72
N PRO A 863 16.87 31.95 5.71
CA PRO A 863 18.29 31.68 5.49
C PRO A 863 19.12 32.27 6.62
N LEU A 864 20.20 31.58 6.94
CA LEU A 864 21.08 32.05 8.00
C LEU A 864 21.68 33.41 7.68
N LEU A 865 22.30 33.55 6.52
CA LEU A 865 22.80 34.83 6.02
C LEU A 865 21.66 35.56 5.32
N THR A 866 21.09 36.56 5.97
CA THR A 866 20.11 37.38 5.27
C THR A 866 20.74 38.13 4.10
N ASP A 867 19.85 38.66 3.26
CA ASP A 867 20.27 39.44 2.09
C ASP A 867 21.22 40.58 2.40
N GLU A 868 21.06 41.21 3.56
CA GLU A 868 22.00 42.26 3.95
C GLU A 868 23.41 41.72 4.09
N MET A 869 23.59 40.60 4.79
CA MET A 869 24.95 40.09 4.96
C MET A 869 25.53 39.53 3.67
N ILE A 870 24.71 38.94 2.81
CA ILE A 870 25.22 38.49 1.52
C ILE A 870 25.68 39.70 0.71
N ALA A 871 24.92 40.79 0.74
CA ALA A 871 25.38 42.02 0.11
C ALA A 871 26.66 42.54 0.75
N GLN A 872 26.79 42.40 2.07
CA GLN A 872 28.00 42.84 2.74
C GLN A 872 29.22 42.05 2.28
N TYR A 873 29.12 40.71 2.26
CA TYR A 873 30.22 39.91 1.70
C TYR A 873 30.53 40.28 0.27
N THR A 874 29.52 40.49 -0.55
CA THR A 874 29.81 40.82 -1.94
C THR A 874 30.47 42.18 -2.08
N SER A 875 30.07 43.15 -1.26
CA SER A 875 30.79 44.41 -1.25
C SER A 875 32.22 44.24 -0.78
N ALA A 876 32.47 43.31 0.13
CA ALA A 876 33.84 43.02 0.51
C ALA A 876 34.64 42.39 -0.62
N LEU A 877 34.06 41.44 -1.34
CA LEU A 877 34.75 40.86 -2.49
C LEU A 877 35.03 41.89 -3.58
N LEU A 878 34.10 42.81 -3.82
CA LEU A 878 34.40 43.93 -4.72
C LEU A 878 35.56 44.75 -4.22
N ALA A 879 35.48 45.27 -3.00
CA ALA A 879 36.54 46.14 -2.54
C ALA A 879 37.87 45.42 -2.49
N GLY A 880 37.85 44.12 -2.21
CA GLY A 880 39.04 43.31 -2.27
C GLY A 880 39.65 43.27 -3.65
N THR A 881 38.91 42.76 -4.64
CA THR A 881 39.43 42.70 -6.00
C THR A 881 39.87 44.07 -6.50
N ILE A 882 39.01 45.06 -6.38
CA ILE A 882 39.32 46.40 -6.86
C ILE A 882 40.59 46.95 -6.22
N THR A 883 40.77 46.76 -4.92
CA THR A 883 41.95 47.31 -4.28
C THR A 883 43.21 46.50 -4.52
N SER A 884 43.11 45.18 -4.60
CA SER A 884 44.25 44.34 -4.28
C SER A 884 44.42 43.13 -5.20
N GLY A 885 43.62 43.00 -6.24
CA GLY A 885 43.80 41.91 -7.19
C GLY A 885 43.63 40.54 -6.59
N TRP A 886 44.47 39.61 -7.04
CA TRP A 886 44.45 38.27 -6.48
C TRP A 886 44.99 38.21 -5.05
N THR A 887 45.73 39.21 -4.60
CA THR A 887 46.51 39.06 -3.38
C THR A 887 45.65 38.77 -2.17
N PHE A 888 44.48 39.41 -2.06
CA PHE A 888 43.64 39.21 -0.89
C PHE A 888 43.07 37.81 -0.81
N GLY A 889 43.13 37.05 -1.89
CA GLY A 889 42.76 35.65 -1.81
C GLY A 889 43.81 34.75 -1.22
N ALA A 890 45.04 35.24 -1.09
CA ALA A 890 46.20 34.41 -0.76
C ALA A 890 46.99 34.95 0.43
N GLY A 891 46.43 35.89 1.18
CA GLY A 891 47.17 36.48 2.28
C GLY A 891 46.48 37.73 2.76
N ALA A 892 47.26 38.64 3.32
CA ALA A 892 46.73 39.97 3.56
C ALA A 892 46.44 40.66 2.25
N ALA A 893 45.42 41.52 2.26
CA ALA A 893 45.16 42.36 1.10
C ALA A 893 46.27 43.37 0.93
N LEU A 894 46.88 43.39 -0.25
CA LEU A 894 47.93 44.34 -0.57
C LEU A 894 47.36 45.37 -1.53
N GLN A 895 47.35 46.64 -1.12
CA GLN A 895 46.87 47.65 -2.04
C GLN A 895 47.82 47.73 -3.23
N ILE A 896 47.25 48.00 -4.41
CA ILE A 896 48.04 48.17 -5.62
C ILE A 896 47.18 49.00 -6.55
N PRO A 897 47.64 50.11 -7.11
CA PRO A 897 46.73 50.98 -7.84
C PRO A 897 46.13 50.25 -9.02
N PHE A 898 44.85 50.48 -9.26
CA PHE A 898 44.06 49.58 -10.09
C PHE A 898 44.60 49.45 -11.51
N ALA A 899 45.11 50.54 -12.08
CA ALA A 899 45.69 50.44 -13.41
C ALA A 899 46.83 49.44 -13.47
N MET A 900 47.62 49.35 -12.40
CA MET A 900 48.67 48.34 -12.38
C MET A 900 48.13 46.93 -12.18
N GLN A 901 47.02 46.76 -11.47
CA GLN A 901 46.38 45.46 -11.47
C GLN A 901 45.95 45.06 -12.87
N MET A 902 45.38 46.00 -13.61
CA MET A 902 44.89 45.65 -14.92
C MET A 902 46.05 45.35 -15.86
N ALA A 903 47.17 46.07 -15.71
CA ALA A 903 48.36 45.73 -16.48
C ALA A 903 48.90 44.36 -16.12
N TYR A 904 48.91 43.99 -14.85
CA TYR A 904 49.24 42.61 -14.52
C TYR A 904 48.32 41.60 -15.19
N ARG A 905 47.04 41.88 -15.25
CA ARG A 905 46.15 40.88 -15.84
C ARG A 905 46.30 40.81 -17.35
N PHE A 906 46.53 41.93 -18.01
CA PHE A 906 46.91 41.89 -19.41
C PHE A 906 48.17 41.07 -19.61
N ASN A 907 49.15 41.26 -18.74
CA ASN A 907 50.33 40.41 -18.82
C ASN A 907 49.98 38.96 -18.59
N GLY A 908 48.96 38.70 -17.77
CA GLY A 908 48.49 37.35 -17.53
C GLY A 908 47.84 36.68 -18.72
N ILE A 909 47.36 37.45 -19.69
CA ILE A 909 46.86 36.88 -20.94
C ILE A 909 47.86 37.01 -22.09
N GLY A 910 49.13 37.23 -21.78
CA GLY A 910 50.17 37.29 -22.79
C GLY A 910 50.23 38.56 -23.60
N VAL A 911 49.55 39.60 -23.18
CA VAL A 911 49.57 40.90 -23.83
C VAL A 911 50.48 41.80 -23.01
N THR A 912 51.50 42.36 -23.63
CA THR A 912 52.52 43.08 -22.89
C THR A 912 51.93 44.31 -22.24
N GLN A 913 52.44 44.65 -21.06
CA GLN A 913 51.84 45.66 -20.20
C GLN A 913 51.62 46.99 -20.90
N ASN A 914 52.55 47.40 -21.75
CA ASN A 914 52.40 48.70 -22.41
C ASN A 914 51.16 48.78 -23.27
N VAL A 915 50.68 47.64 -23.76
CA VAL A 915 49.44 47.63 -24.53
C VAL A 915 48.26 48.05 -23.71
N LEU A 916 48.32 47.92 -22.39
CA LEU A 916 47.33 48.60 -21.58
C LEU A 916 47.60 50.10 -21.47
N TYR A 917 48.77 50.48 -20.95
CA TYR A 917 48.98 51.88 -20.61
C TYR A 917 48.83 52.80 -21.82
N GLU A 918 49.38 52.41 -22.96
CA GLU A 918 49.21 53.19 -24.17
C GLU A 918 47.76 53.32 -24.63
N ASN A 919 46.81 52.63 -24.00
CA ASN A 919 45.42 52.64 -24.39
C ASN A 919 44.49 52.86 -23.19
N GLN A 920 45.02 53.28 -22.04
CA GLN A 920 44.22 53.19 -20.81
C GLN A 920 42.94 53.99 -20.89
N LYS A 921 42.99 55.19 -21.47
CA LYS A 921 41.79 56.00 -21.62
C LYS A 921 40.74 55.28 -22.44
N LEU A 922 41.15 54.65 -23.51
CA LEU A 922 40.22 53.87 -24.31
C LEU A 922 39.65 52.70 -23.53
N ILE A 923 40.52 51.93 -22.86
CA ILE A 923 40.08 50.71 -22.18
C ILE A 923 39.01 50.99 -21.14
N ALA A 924 39.23 51.99 -20.30
CA ALA A 924 38.23 52.32 -19.29
C ALA A 924 36.91 52.72 -19.93
N ASN A 925 36.97 53.47 -21.02
CA ASN A 925 35.73 53.86 -21.67
C ASN A 925 34.99 52.66 -22.25
N GLN A 926 35.72 51.68 -22.78
CA GLN A 926 35.04 50.47 -23.19
C GLN A 926 34.44 49.72 -22.00
N PHE A 927 35.19 49.61 -20.90
CA PHE A 927 34.68 48.90 -19.74
C PHE A 927 33.43 49.55 -19.16
N ASN A 928 33.46 50.87 -18.95
CA ASN A 928 32.26 51.53 -18.46
C ASN A 928 31.08 51.34 -19.39
N SER A 929 31.32 51.46 -20.69
CA SER A 929 30.23 51.24 -21.63
C SER A 929 29.71 49.82 -21.55
N ALA A 930 30.58 48.85 -21.39
CA ALA A 930 30.09 47.48 -21.25
C ALA A 930 29.25 47.32 -19.99
N ILE A 931 29.67 47.92 -18.88
CA ILE A 931 28.83 47.91 -17.69
C ILE A 931 27.48 48.55 -17.96
N GLY A 932 27.48 49.69 -18.65
CA GLY A 932 26.21 50.29 -19.02
C GLY A 932 25.30 49.38 -19.81
N LYS A 933 25.86 48.66 -20.79
CA LYS A 933 25.06 47.70 -21.53
C LYS A 933 24.46 46.63 -20.64
N ILE A 934 25.20 46.17 -19.63
CA ILE A 934 24.61 45.21 -18.71
C ILE A 934 23.46 45.84 -17.96
N GLN A 935 23.67 47.05 -17.45
CA GLN A 935 22.61 47.75 -16.74
C GLN A 935 21.37 47.88 -17.61
N ASP A 936 21.57 48.16 -18.91
CA ASP A 936 20.44 48.17 -19.83
C ASP A 936 19.84 46.78 -20.03
N SER A 937 20.67 45.79 -20.30
CA SER A 937 20.18 44.43 -20.57
C SER A 937 19.37 43.85 -19.42
N LEU A 938 19.83 44.02 -18.19
CA LEU A 938 19.05 43.54 -17.06
C LEU A 938 17.73 44.28 -16.89
N SER A 939 17.65 45.50 -17.39
CA SER A 939 16.37 46.22 -17.38
C SER A 939 15.45 45.75 -18.50
N SER A 940 15.98 45.21 -19.59
CA SER A 940 15.13 45.00 -20.77
C SER A 940 14.17 43.82 -20.57
N THR A 941 14.67 42.68 -20.10
CA THR A 941 13.79 41.54 -19.85
C THR A 941 14.36 40.64 -18.78
N ALA A 942 13.46 39.95 -18.08
CA ALA A 942 13.83 39.02 -17.02
C ALA A 942 14.49 37.75 -17.55
N SER A 943 14.42 37.51 -18.87
CA SER A 943 14.80 36.23 -19.45
C SER A 943 16.22 35.79 -19.10
N ALA A 944 17.12 36.76 -18.89
CA ALA A 944 18.49 36.41 -18.49
C ALA A 944 18.51 35.65 -17.17
N LEU A 945 17.65 36.01 -16.23
CA LEU A 945 17.64 35.38 -14.93
C LEU A 945 16.81 34.11 -14.92
N GLY A 946 16.36 33.65 -16.08
CA GLY A 946 15.58 32.41 -16.13
C GLY A 946 16.23 31.26 -15.40
N LYS A 947 17.54 31.07 -15.60
CA LYS A 947 18.28 30.00 -14.96
C LYS A 947 18.17 30.04 -13.44
N LEU A 948 17.94 31.21 -12.89
CA LEU A 948 17.76 31.40 -11.46
C LEU A 948 16.30 31.39 -11.05
N GLN A 949 15.42 31.94 -11.88
CA GLN A 949 13.99 31.88 -11.59
C GLN A 949 13.45 30.46 -11.55
N ASP A 950 13.97 29.58 -12.40
CA ASP A 950 13.46 28.21 -12.49
C ASP A 950 13.49 27.47 -11.16
N VAL A 951 14.58 27.60 -10.40
CA VAL A 951 14.64 26.88 -9.14
C VAL A 951 13.58 27.39 -8.18
N VAL A 952 13.31 28.68 -8.19
CA VAL A 952 12.21 29.17 -7.36
C VAL A 952 10.89 28.61 -7.85
N ASN A 953 10.66 28.59 -9.16
CA ASN A 953 9.41 28.04 -9.67
C ASN A 953 9.26 26.55 -9.42
N GLN A 954 10.29 25.76 -9.75
CA GLN A 954 10.22 24.33 -9.53
C GLN A 954 9.93 23.99 -8.09
N ASN A 955 10.67 24.58 -7.17
CA ASN A 955 10.45 24.28 -5.77
C ASN A 955 9.05 24.67 -5.34
N ALA A 956 8.59 25.84 -5.78
CA ALA A 956 7.24 26.24 -5.47
C ALA A 956 6.24 25.28 -6.08
N GLN A 957 6.50 24.85 -7.31
CA GLN A 957 5.61 23.90 -7.94
C GLN A 957 5.57 22.60 -7.16
N ALA A 958 6.73 22.08 -6.79
CA ALA A 958 6.73 20.85 -6.01
C ALA A 958 6.01 21.05 -4.68
N LEU A 959 6.27 22.17 -4.03
CA LEU A 959 5.57 22.42 -2.78
C LEU A 959 4.09 22.59 -3.01
N ASN A 960 3.72 23.27 -4.08
CA ASN A 960 2.30 23.45 -4.35
C ASN A 960 1.60 22.12 -4.59
N THR A 961 2.20 21.21 -5.35
CA THR A 961 1.53 19.93 -5.50
C THR A 961 1.51 19.12 -4.22
N LEU A 962 2.52 19.27 -3.37
CA LEU A 962 2.45 18.63 -2.06
C LEU A 962 1.24 19.09 -1.27
N VAL A 963 0.83 20.35 -1.43
CA VAL A 963 -0.42 20.78 -0.82
C VAL A 963 -1.61 20.14 -1.53
N LYS A 964 -1.66 20.22 -2.85
CA LYS A 964 -2.80 19.69 -3.59
C LYS A 964 -3.06 18.21 -3.31
N GLN A 965 -2.01 17.43 -3.09
CA GLN A 965 -2.22 16.03 -2.77
C GLN A 965 -2.96 15.79 -1.47
N LEU A 966 -3.10 16.77 -0.60
CA LEU A 966 -4.00 16.57 0.54
C LEU A 966 -5.44 16.37 0.12
N SER A 967 -5.87 16.97 -0.98
CA SER A 967 -7.22 16.72 -1.46
C SER A 967 -7.36 15.43 -2.25
N SER A 968 -6.27 14.67 -2.41
CA SER A 968 -6.25 13.52 -3.32
C SER A 968 -7.37 12.53 -3.06
N ASN A 969 -7.70 12.29 -1.78
CA ASN A 969 -8.66 11.27 -1.34
C ASN A 969 -8.23 9.81 -1.44
N PHE A 970 -7.35 9.44 -2.36
CA PHE A 970 -6.73 8.10 -2.42
C PHE A 970 -7.70 6.94 -2.35
N GLY A 971 -8.97 7.15 -2.65
CA GLY A 971 -9.97 6.12 -2.50
C GLY A 971 -10.48 5.91 -1.10
N ALA A 972 -10.14 6.78 -0.15
CA ALA A 972 -10.99 6.92 1.01
C ALA A 972 -12.30 7.57 0.56
N ILE A 973 -13.26 7.68 1.48
CA ILE A 973 -14.53 8.31 1.10
C ILE A 973 -14.50 9.82 1.26
N SER A 974 -13.42 10.40 1.78
CA SER A 974 -13.25 11.85 1.73
C SER A 974 -11.86 12.20 2.21
N SER A 975 -11.23 13.16 1.54
CA SER A 975 -9.89 13.58 1.93
C SER A 975 -9.85 14.39 3.22
N VAL A 976 -10.96 15.04 3.60
CA VAL A 976 -11.05 15.72 4.89
C VAL A 976 -11.29 14.66 5.95
N LEU A 977 -10.22 14.33 6.67
CA LEU A 977 -10.22 13.21 7.59
C LEU A 977 -11.24 13.33 8.72
N ASN A 978 -11.45 14.54 9.25
CA ASN A 978 -12.47 14.73 10.28
C ASN A 978 -13.87 14.31 9.82
N ASP A 979 -14.12 14.34 8.51
CA ASP A 979 -15.41 13.90 8.01
C ASP A 979 -15.55 12.40 8.14
N ILE A 980 -14.61 11.63 7.57
CA ILE A 980 -14.69 10.18 7.70
C ILE A 980 -14.65 9.78 9.15
N LEU A 981 -13.97 10.56 9.99
CA LEU A 981 -13.98 10.29 11.41
C LEU A 981 -15.34 10.50 12.04
N SER A 982 -16.18 11.33 11.45
CA SER A 982 -17.55 11.46 11.95
C SER A 982 -18.53 10.48 11.31
N ARG A 983 -18.36 10.21 10.02
CA ARG A 983 -19.26 9.31 9.30
C ARG A 983 -19.20 7.86 9.76
N LEU A 984 -18.02 7.35 10.12
CA LEU A 984 -17.80 5.91 10.34
C LEU A 984 -17.31 5.61 11.74
N ASP A 985 -17.65 4.42 12.18
CA ASP A 985 -17.25 3.93 13.49
C ASP A 985 -15.81 3.43 13.45
N PRO A 986 -15.10 3.47 14.59
CA PRO A 986 -13.64 3.22 14.60
C PRO A 986 -13.20 1.95 13.89
N PRO A 987 -13.91 0.83 14.02
CA PRO A 987 -13.47 -0.37 13.30
C PRO A 987 -13.44 -0.24 11.79
N GLU A 988 -14.24 0.64 11.21
CA GLU A 988 -14.23 0.96 9.79
C GLU A 988 -13.27 2.12 9.53
N ALA A 989 -13.41 3.16 10.33
CA ALA A 989 -12.67 4.39 10.12
C ALA A 989 -11.19 4.11 10.13
N GLU A 990 -10.74 3.15 10.94
CA GLU A 990 -9.34 2.82 10.94
C GLU A 990 -8.89 2.27 9.59
N VAL A 991 -9.76 1.57 8.87
CA VAL A 991 -9.40 1.12 7.52
C VAL A 991 -9.34 2.28 6.56
N GLN A 992 -10.31 3.18 6.64
CA GLN A 992 -10.28 4.34 5.74
C GLN A 992 -9.08 5.25 6.02
N ILE A 993 -8.81 5.53 7.30
CA ILE A 993 -7.65 6.33 7.65
C ILE A 993 -6.36 5.63 7.29
N ASP A 994 -6.30 4.31 7.41
CA ASP A 994 -5.13 3.60 6.91
C ASP A 994 -4.91 3.84 5.42
N ARG A 995 -6.00 3.88 4.66
CA ARG A 995 -5.87 4.18 3.24
C ARG A 995 -5.34 5.60 3.00
N LEU A 996 -5.91 6.58 3.71
CA LEU A 996 -5.42 7.95 3.59
C LEU A 996 -3.97 8.09 4.02
N ILE A 997 -3.61 7.50 5.15
CA ILE A 997 -2.24 7.60 5.63
C ILE A 997 -1.28 7.02 4.60
N THR A 998 -1.63 5.87 4.03
CA THR A 998 -0.76 5.27 3.02
C THR A 998 -0.55 6.21 1.86
N GLY A 999 -1.62 6.79 1.35
CA GLY A 999 -1.48 7.72 0.24
C GLY A 999 -0.69 8.98 0.58
N ARG A 1000 -0.97 9.58 1.72
CA ARG A 1000 -0.27 10.80 2.08
C ARG A 1000 1.22 10.54 2.30
N LEU A 1001 1.56 9.44 2.96
CA LEU A 1001 2.96 9.04 3.04
C LEU A 1001 3.58 8.92 1.66
N GLN A 1002 2.92 8.21 0.76
CA GLN A 1002 3.50 8.03 -0.57
C GLN A 1002 3.80 9.38 -1.23
N SER A 1003 2.87 10.33 -1.10
CA SER A 1003 3.09 11.65 -1.68
C SER A 1003 4.23 12.40 -1.00
N LEU A 1004 4.28 12.34 0.32
CA LEU A 1004 5.34 13.05 1.03
C LEU A 1004 6.70 12.44 0.76
N GLN A 1005 6.77 11.11 0.73
CA GLN A 1005 7.99 10.42 0.34
C GLN A 1005 8.45 10.84 -1.04
N THR A 1006 7.51 11.08 -1.95
CA THR A 1006 7.88 11.57 -3.26
C THR A 1006 8.45 12.97 -3.19
N TYR A 1007 7.77 13.86 -2.47
CA TYR A 1007 8.30 15.21 -2.33
C TYR A 1007 9.70 15.23 -1.73
N VAL A 1008 9.90 14.58 -0.60
CA VAL A 1008 11.22 14.59 0.03
C VAL A 1008 12.28 13.97 -0.86
N THR A 1009 11.96 12.91 -1.59
CA THR A 1009 12.96 12.34 -2.48
C THR A 1009 13.32 13.30 -3.61
N GLN A 1010 12.32 13.90 -4.25
CA GLN A 1010 12.64 14.85 -5.29
C GLN A 1010 13.39 16.06 -4.76
N GLN A 1011 13.05 16.53 -3.57
CA GLN A 1011 13.84 17.61 -2.99
C GLN A 1011 15.27 17.18 -2.68
N LEU A 1012 15.50 15.93 -2.31
CA LEU A 1012 16.88 15.49 -2.20
C LEU A 1012 17.61 15.54 -3.54
N ILE A 1013 16.97 15.02 -4.59
CA ILE A 1013 17.58 15.08 -5.92
C ILE A 1013 17.87 16.51 -6.34
N ARG A 1014 16.90 17.40 -6.13
CA ARG A 1014 17.06 18.79 -6.51
C ARG A 1014 18.12 19.48 -5.67
N ALA A 1015 18.17 19.19 -4.38
CA ALA A 1015 19.22 19.73 -3.53
C ALA A 1015 20.59 19.25 -3.98
N ALA A 1016 20.70 17.99 -4.38
CA ALA A 1016 21.97 17.51 -4.91
C ALA A 1016 22.38 18.27 -6.15
N GLU A 1017 21.41 18.59 -7.01
CA GLU A 1017 21.71 19.43 -8.16
C GLU A 1017 22.19 20.80 -7.72
N ILE A 1018 21.42 21.47 -6.85
CA ILE A 1018 21.79 22.82 -6.46
C ILE A 1018 23.11 22.84 -5.71
N ARG A 1019 23.43 21.80 -4.94
CA ARG A 1019 24.76 21.71 -4.36
C ARG A 1019 25.85 21.60 -5.42
N ALA A 1020 25.65 20.79 -6.44
CA ALA A 1020 26.65 20.75 -7.50
C ALA A 1020 26.81 22.10 -8.18
N SER A 1021 25.72 22.82 -8.38
CA SER A 1021 25.80 24.20 -8.85
C SER A 1021 26.47 25.12 -7.86
N ALA A 1022 26.23 24.95 -6.58
CA ALA A 1022 26.89 25.77 -5.58
C ALA A 1022 28.39 25.52 -5.53
N ASN A 1023 28.82 24.28 -5.63
CA ASN A 1023 30.25 24.02 -5.71
C ASN A 1023 30.86 24.59 -6.98
N LEU A 1024 30.13 24.54 -8.09
CA LEU A 1024 30.57 25.27 -9.27
C LEU A 1024 30.69 26.76 -8.99
N ALA A 1025 29.69 27.34 -8.36
CA ALA A 1025 29.74 28.76 -8.03
C ALA A 1025 30.87 29.10 -7.07
N ALA A 1026 31.12 28.26 -6.09
CA ALA A 1026 32.23 28.50 -5.17
C ALA A 1026 33.57 28.38 -5.88
N THR A 1027 33.67 27.47 -6.83
CA THR A 1027 34.89 27.36 -7.60
C THR A 1027 35.09 28.59 -8.48
N LYS A 1028 34.04 29.04 -9.16
CA LYS A 1028 34.19 30.28 -9.92
C LYS A 1028 34.45 31.48 -9.05
N MET A 1029 33.86 31.56 -7.85
CA MET A 1029 34.22 32.64 -6.95
C MET A 1029 35.69 32.60 -6.57
N SER A 1030 36.20 31.42 -6.26
CA SER A 1030 37.61 31.31 -5.93
C SER A 1030 38.51 31.63 -7.11
N GLU A 1031 38.29 30.97 -8.23
CA GLU A 1031 39.21 31.00 -9.35
C GLU A 1031 39.06 32.22 -10.25
N CYS A 1032 37.84 32.71 -10.45
CA CYS A 1032 37.62 33.85 -11.33
C CYS A 1032 37.66 35.20 -10.62
N VAL A 1033 37.32 35.28 -9.35
CA VAL A 1033 37.31 36.56 -8.64
C VAL A 1033 38.64 36.74 -7.93
N LEU A 1034 39.03 35.80 -7.09
CA LEU A 1034 40.27 35.89 -6.36
C LEU A 1034 41.50 35.62 -7.20
N GLY A 1035 41.41 35.62 -8.52
CA GLY A 1035 42.46 35.08 -9.34
C GLY A 1035 42.33 35.56 -10.76
N GLN A 1036 42.90 34.79 -11.68
CA GLN A 1036 42.74 35.02 -13.11
C GLN A 1036 42.89 33.68 -13.82
N SER A 1037 41.95 32.79 -13.60
CA SER A 1037 42.11 31.42 -14.08
C SER A 1037 42.17 31.36 -15.60
N LYS A 1038 43.29 30.82 -16.10
CA LYS A 1038 43.64 30.87 -17.50
C LYS A 1038 42.98 29.77 -18.31
N ARG A 1039 42.15 28.94 -17.69
CA ARG A 1039 41.46 27.86 -18.39
C ARG A 1039 40.39 28.46 -19.29
N VAL A 1040 40.50 28.14 -20.58
CA VAL A 1040 40.06 29.02 -21.66
C VAL A 1040 38.61 29.49 -21.56
N ASP A 1041 37.68 28.61 -21.23
CA ASP A 1041 36.26 29.00 -21.32
C ASP A 1041 35.51 28.70 -20.03
N PHE A 1042 36.13 29.02 -18.90
CA PHE A 1042 35.52 28.83 -17.59
C PHE A 1042 35.00 30.16 -17.06
N CYS A 1043 35.86 31.15 -16.96
CA CYS A 1043 35.46 32.47 -16.48
C CYS A 1043 34.97 33.34 -17.66
N GLY A 1044 33.93 32.84 -18.31
CA GLY A 1044 33.34 33.49 -19.48
C GLY A 1044 34.12 33.40 -20.77
N LYS A 1045 33.46 33.69 -21.88
CA LYS A 1045 34.10 33.64 -23.19
C LYS A 1045 35.10 34.76 -23.37
N GLY A 1046 36.13 34.49 -24.15
CA GLY A 1046 37.26 35.39 -24.30
C GLY A 1046 38.38 35.04 -23.36
N TYR A 1047 39.46 35.80 -23.45
CA TYR A 1047 40.54 35.69 -22.50
C TYR A 1047 40.15 36.39 -21.22
N HIS A 1048 40.22 35.68 -20.11
CA HIS A 1048 39.67 36.20 -18.88
C HIS A 1048 40.58 37.22 -18.23
N LEU A 1049 40.04 38.39 -17.92
CA LEU A 1049 40.75 39.40 -17.14
C LEU A 1049 40.40 39.33 -15.66
N MET A 1050 39.13 39.50 -15.30
CA MET A 1050 38.76 39.59 -13.90
C MET A 1050 37.27 39.30 -13.78
N SER A 1051 36.82 39.11 -12.56
CA SER A 1051 35.39 38.95 -12.34
C SER A 1051 34.92 39.70 -11.12
N PHE A 1052 33.70 40.23 -11.20
CA PHE A 1052 33.03 40.83 -10.04
C PHE A 1052 31.83 40.02 -9.61
N PRO A 1053 31.72 39.56 -8.37
CA PRO A 1053 30.48 38.90 -7.95
C PRO A 1053 29.39 39.92 -7.69
N GLN A 1054 28.15 39.45 -7.80
CA GLN A 1054 26.99 40.19 -7.37
C GLN A 1054 26.01 39.22 -6.73
N SER A 1055 25.33 39.68 -5.68
CA SER A 1055 24.29 38.87 -5.07
C SER A 1055 23.03 38.85 -5.94
N ALA A 1056 22.35 37.72 -5.95
CA ALA A 1056 20.99 37.65 -6.45
C ALA A 1056 20.21 36.76 -5.49
N PRO A 1057 18.88 36.85 -5.49
CA PRO A 1057 18.10 36.43 -4.32
C PRO A 1057 18.37 35.04 -3.79
N HIS A 1058 18.66 34.05 -4.63
CA HIS A 1058 19.17 32.77 -4.16
C HIS A 1058 20.37 32.33 -4.98
N GLY A 1059 21.14 33.27 -5.48
CA GLY A 1059 22.14 32.94 -6.46
C GLY A 1059 23.23 33.97 -6.47
N VAL A 1060 24.13 33.80 -7.43
CA VAL A 1060 25.17 34.77 -7.68
C VAL A 1060 25.14 35.09 -9.17
N VAL A 1061 25.37 36.36 -9.49
CA VAL A 1061 25.65 36.79 -10.84
C VAL A 1061 27.10 37.23 -10.89
N PHE A 1062 27.86 36.69 -11.81
CA PHE A 1062 29.22 37.12 -12.05
C PHE A 1062 29.24 38.04 -13.25
N LEU A 1063 29.84 39.21 -13.10
CA LEU A 1063 30.25 40.01 -14.23
C LEU A 1063 31.66 39.56 -14.60
N HIS A 1064 31.76 38.62 -15.54
CA HIS A 1064 33.07 38.23 -16.04
C HIS A 1064 33.56 39.28 -17.01
N VAL A 1065 34.72 39.86 -16.76
CA VAL A 1065 35.31 40.88 -17.62
C VAL A 1065 36.42 40.21 -18.39
N THR A 1066 36.35 40.28 -19.72
CA THR A 1066 37.20 39.49 -20.59
C THR A 1066 37.71 40.34 -21.75
N TYR A 1067 38.96 40.12 -22.12
CA TYR A 1067 39.58 40.70 -23.29
C TYR A 1067 39.25 39.88 -24.53
N VAL A 1068 38.55 40.45 -25.50
CA VAL A 1068 38.26 39.75 -26.75
C VAL A 1068 38.99 40.47 -27.89
N PRO A 1069 39.87 39.82 -28.64
CA PRO A 1069 40.56 40.51 -29.74
C PRO A 1069 39.64 40.75 -30.92
N ALA A 1070 39.97 41.78 -31.72
CA ALA A 1070 39.15 42.15 -32.85
C ALA A 1070 39.99 42.85 -33.92
N GLN A 1071 39.38 43.00 -35.10
CA GLN A 1071 39.96 43.73 -36.23
C GLN A 1071 41.31 43.15 -36.65
N GLU A 1072 41.35 41.85 -36.88
CA GLU A 1072 42.56 41.22 -37.37
C GLU A 1072 42.91 41.58 -38.80
N LYS A 1073 44.19 41.40 -39.12
CA LYS A 1073 44.72 41.52 -40.47
C LYS A 1073 45.53 40.29 -40.84
N ASN A 1074 45.69 40.08 -42.16
CA ASN A 1074 46.39 38.92 -42.73
C ASN A 1074 47.85 39.24 -43.01
N PHE A 1075 48.76 38.48 -42.43
CA PHE A 1075 50.19 38.64 -42.61
C PHE A 1075 50.80 37.32 -43.07
N THR A 1076 51.79 37.39 -43.94
CA THR A 1076 52.61 36.23 -44.22
C THR A 1076 53.54 35.99 -43.04
N THR A 1077 53.99 34.74 -42.88
CA THR A 1077 54.82 34.37 -41.74
C THR A 1077 55.91 33.42 -42.17
N ALA A 1078 56.85 33.20 -41.26
CA ALA A 1078 57.76 32.09 -41.32
C ALA A 1078 58.00 31.65 -39.90
N PRO A 1079 58.31 30.37 -39.67
CA PRO A 1079 58.61 29.96 -38.29
C PRO A 1079 59.92 30.49 -37.78
N ALA A 1080 60.90 30.74 -38.65
CA ALA A 1080 62.22 31.13 -38.22
C ALA A 1080 62.84 32.03 -39.26
N ILE A 1081 63.87 32.77 -38.86
CA ILE A 1081 64.57 33.67 -39.75
C ILE A 1081 65.99 33.15 -39.92
N CYS A 1082 66.42 32.95 -41.15
CA CYS A 1082 67.77 32.49 -41.42
C CYS A 1082 68.73 33.65 -41.50
N HIS A 1083 69.88 33.51 -40.86
CA HIS A 1083 70.91 34.55 -41.00
C HIS A 1083 72.25 33.94 -40.62
N ASP A 1084 73.26 34.17 -41.45
CA ASP A 1084 74.54 33.48 -41.34
C ASP A 1084 74.40 31.97 -41.27
N GLY A 1085 73.31 31.42 -41.78
CA GLY A 1085 73.00 30.01 -41.68
C GLY A 1085 72.53 29.54 -40.33
N LYS A 1086 72.46 30.42 -39.33
CA LYS A 1086 71.79 30.12 -38.07
C LYS A 1086 70.31 30.36 -38.26
N ALA A 1087 69.49 29.74 -37.43
CA ALA A 1087 68.07 30.03 -37.43
C ALA A 1087 67.73 30.74 -36.14
N HIS A 1088 67.11 31.92 -36.28
CA HIS A 1088 66.67 32.69 -35.15
C HIS A 1088 65.17 32.50 -35.03
N PHE A 1089 64.75 32.05 -33.94
CA PHE A 1089 63.37 31.83 -33.60
C PHE A 1089 62.90 32.97 -32.73
N PRO A 1090 61.60 33.21 -32.65
CA PRO A 1090 61.12 34.36 -31.88
C PRO A 1090 61.07 34.02 -30.42
N ARG A 1091 61.52 34.95 -29.58
CA ARG A 1091 61.63 34.66 -28.15
C ARG A 1091 60.25 34.47 -27.54
N GLU A 1092 59.32 35.37 -27.80
CA GLU A 1092 57.95 35.26 -27.30
C GLU A 1092 56.87 35.56 -28.32
N GLY A 1093 57.15 36.38 -29.33
CA GLY A 1093 56.17 36.69 -30.36
C GLY A 1093 56.14 35.68 -31.47
N VAL A 1094 55.71 36.13 -32.64
CA VAL A 1094 55.87 35.43 -33.90
C VAL A 1094 56.41 36.40 -34.94
N PHE A 1095 57.00 35.85 -35.97
CA PHE A 1095 57.37 36.64 -37.12
C PHE A 1095 56.17 36.86 -38.03
N VAL A 1096 56.12 38.04 -38.62
CA VAL A 1096 55.13 38.38 -39.63
C VAL A 1096 55.83 39.22 -40.68
N SER A 1097 55.27 39.21 -41.89
CA SER A 1097 55.69 40.11 -42.94
C SER A 1097 54.64 41.15 -43.21
N ASN A 1098 55.10 42.40 -43.26
CA ASN A 1098 54.33 43.55 -43.71
C ASN A 1098 54.34 43.56 -45.23
N GLY A 1099 53.98 42.44 -45.84
CA GLY A 1099 54.23 42.20 -47.25
C GLY A 1099 55.68 42.00 -47.63
N THR A 1100 56.58 42.90 -47.19
CA THR A 1100 57.94 42.92 -47.73
C THR A 1100 58.99 43.38 -46.72
N HIS A 1101 58.67 43.38 -45.42
CA HIS A 1101 59.64 43.57 -44.36
C HIS A 1101 59.16 42.72 -43.20
N TRP A 1102 60.08 42.19 -42.42
CA TRP A 1102 59.76 41.18 -41.41
C TRP A 1102 59.87 41.79 -40.03
N PHE A 1103 58.88 41.53 -39.19
CA PHE A 1103 58.79 42.06 -37.85
C PHE A 1103 58.46 40.95 -36.88
N VAL A 1104 58.87 41.09 -35.63
CA VAL A 1104 58.28 40.31 -34.55
C VAL A 1104 57.07 41.05 -34.03
N THR A 1105 56.02 40.32 -33.72
CA THR A 1105 54.86 40.87 -33.03
C THR A 1105 54.47 39.94 -31.91
N GLN A 1106 54.04 40.51 -30.80
CA GLN A 1106 53.48 39.67 -29.76
C GLN A 1106 52.27 38.90 -30.29
N ARG A 1107 51.91 37.85 -29.58
CA ARG A 1107 50.99 36.85 -30.13
C ARG A 1107 49.61 37.42 -30.40
N ASN A 1108 49.06 38.21 -29.47
CA ASN A 1108 47.64 38.57 -29.47
C ASN A 1108 47.39 40.06 -29.62
N PHE A 1109 48.33 40.81 -30.16
CA PHE A 1109 48.07 42.21 -30.47
C PHE A 1109 49.17 42.64 -31.41
N TYR A 1110 48.82 43.09 -32.60
CA TYR A 1110 49.83 43.48 -33.57
C TYR A 1110 50.58 44.68 -33.06
N GLU A 1111 51.87 44.52 -32.85
CA GLU A 1111 52.75 45.62 -32.49
C GLU A 1111 54.13 45.25 -33.00
N PRO A 1112 54.56 45.81 -34.12
CA PRO A 1112 55.79 45.34 -34.73
C PRO A 1112 57.02 45.84 -34.00
N GLN A 1113 58.02 44.98 -33.97
CA GLN A 1113 59.36 45.35 -33.54
C GLN A 1113 60.32 44.89 -34.62
N ILE A 1114 61.38 45.66 -34.82
CA ILE A 1114 62.48 45.21 -35.64
C ILE A 1114 63.04 43.94 -35.05
N ILE A 1115 63.44 43.02 -35.92
CA ILE A 1115 64.03 41.78 -35.45
C ILE A 1115 65.40 42.07 -34.88
N THR A 1116 65.70 41.56 -33.69
CA THR A 1116 67.00 41.78 -33.07
C THR A 1116 67.45 40.51 -32.38
N THR A 1117 68.73 40.49 -32.00
CA THR A 1117 69.27 39.50 -31.07
C THR A 1117 68.52 39.36 -29.75
N ASP A 1118 67.68 40.33 -29.35
CA ASP A 1118 67.14 40.34 -28.00
C ASP A 1118 65.69 39.91 -27.93
N ASN A 1119 64.96 40.00 -29.02
CA ASN A 1119 63.64 39.40 -29.14
C ASN A 1119 63.68 38.10 -29.94
N THR A 1120 64.87 37.54 -30.18
CA THR A 1120 65.02 36.24 -30.83
C THR A 1120 66.04 35.43 -30.06
N PHE A 1121 66.07 34.13 -30.37
CA PHE A 1121 67.13 33.25 -29.88
C PHE A 1121 67.50 32.29 -30.99
N VAL A 1122 68.69 31.72 -30.89
CA VAL A 1122 69.36 31.12 -32.04
C VAL A 1122 69.62 29.65 -31.83
N SER A 1123 69.39 28.87 -32.86
CA SER A 1123 69.76 27.46 -32.87
C SER A 1123 69.76 26.93 -34.29
N GLY A 1124 70.28 25.72 -34.43
CA GLY A 1124 70.23 25.03 -35.69
C GLY A 1124 71.12 25.60 -36.76
N ASN A 1125 70.80 25.24 -38.00
CA ASN A 1125 71.68 25.46 -39.14
C ASN A 1125 70.90 25.82 -40.40
N CYS A 1126 69.71 26.38 -40.26
CA CYS A 1126 68.94 26.86 -41.41
C CYS A 1126 68.69 25.76 -42.43
N ASP A 1127 68.57 24.52 -41.95
CA ASP A 1127 68.33 23.37 -42.81
C ASP A 1127 67.15 22.55 -42.31
N VAL A 1128 67.14 22.24 -41.01
CA VAL A 1128 66.16 21.30 -40.50
C VAL A 1128 64.79 21.94 -40.44
N VAL A 1129 64.72 23.23 -40.12
CA VAL A 1129 63.44 23.91 -40.05
C VAL A 1129 62.95 24.27 -41.46
N ILE A 1130 61.76 23.81 -41.79
CA ILE A 1130 61.13 24.14 -43.05
C ILE A 1130 60.61 25.58 -43.03
N GLY A 1131 60.40 26.13 -44.22
CA GLY A 1131 59.79 27.43 -44.35
C GLY A 1131 60.59 28.58 -43.79
N ILE A 1132 61.83 28.33 -43.37
CA ILE A 1132 62.69 29.41 -42.94
C ILE A 1132 62.88 30.43 -44.05
N VAL A 1133 62.97 31.69 -43.67
CA VAL A 1133 63.05 32.82 -44.58
C VAL A 1133 64.18 33.74 -44.14
N ASN A 1134 64.68 34.56 -45.05
CA ASN A 1134 65.92 35.30 -44.83
C ASN A 1134 65.68 36.75 -44.47
N ASN A 1135 66.39 37.24 -43.45
CA ASN A 1135 66.45 38.67 -43.12
C ASN A 1135 67.77 39.02 -42.46
N THR A 1136 68.09 40.31 -42.52
CA THR A 1136 69.15 40.92 -41.72
C THR A 1136 68.72 41.17 -40.28
N VAL A 1137 68.72 40.11 -39.47
CA VAL A 1137 68.48 40.27 -38.04
C VAL A 1137 69.51 41.22 -37.45
N TYR A 1138 69.02 42.30 -36.86
CA TYR A 1138 69.79 43.43 -36.38
C TYR A 1138 70.43 43.05 -35.04
N ASP A 1139 71.46 43.83 -34.64
CA ASP A 1139 72.30 43.52 -33.47
C ASP A 1139 72.61 44.84 -32.77
N PRO A 1140 72.03 45.13 -31.61
CA PRO A 1140 72.23 46.45 -31.01
C PRO A 1140 73.63 46.71 -30.47
N LEU A 1141 74.49 45.69 -30.37
CA LEU A 1141 75.89 45.94 -30.06
C LEU A 1141 76.72 46.29 -31.29
N GLN A 1142 76.26 45.94 -32.48
CA GLN A 1142 77.05 46.21 -33.69
C GLN A 1142 77.35 47.68 -33.94
N PRO A 1143 76.44 48.62 -33.68
CA PRO A 1143 76.81 50.05 -33.84
C PRO A 1143 77.84 50.56 -32.85
N GLU A 1144 78.25 49.78 -31.85
CA GLU A 1144 79.04 50.28 -30.74
C GLU A 1144 80.18 49.33 -30.41
N TYR B 28 10.01 17.89 52.91
CA TYR B 28 10.23 17.43 51.51
C TYR B 28 11.71 17.28 51.21
N THR B 29 12.04 16.45 50.22
CA THR B 29 13.35 16.43 49.60
C THR B 29 13.19 16.21 48.11
N ASN B 30 14.14 16.69 47.33
CA ASN B 30 14.10 16.41 45.91
C ASN B 30 14.39 14.93 45.68
N SER B 31 13.71 14.35 44.70
CA SER B 31 13.76 12.91 44.48
C SER B 31 15.08 12.40 43.93
N PHE B 32 15.95 13.29 43.45
CA PHE B 32 17.31 12.97 43.00
C PHE B 32 17.40 11.73 42.11
N THR B 33 16.43 11.55 41.22
CA THR B 33 16.41 10.47 40.24
C THR B 33 16.31 9.05 40.80
N ARG B 34 15.98 8.85 42.07
CA ARG B 34 15.66 7.50 42.50
C ARG B 34 14.35 7.01 41.88
N GLY B 35 14.12 5.70 42.02
CA GLY B 35 12.85 5.07 41.68
C GLY B 35 12.68 4.53 40.28
N VAL B 36 13.74 4.43 39.49
CA VAL B 36 13.71 3.61 38.27
C VAL B 36 13.52 2.14 38.62
N TYR B 37 12.96 1.39 37.67
CA TYR B 37 12.75 -0.02 37.87
C TYR B 37 12.66 -0.70 36.50
N TYR B 38 12.92 -2.00 36.49
CA TYR B 38 12.91 -2.74 35.24
C TYR B 38 11.50 -2.85 34.67
N PRO B 39 11.21 -2.26 33.50
CA PRO B 39 9.82 -2.02 33.13
C PRO B 39 9.10 -3.19 32.48
N ASP B 40 9.80 -4.25 31.99
CA ASP B 40 9.12 -5.20 31.12
C ASP B 40 9.63 -6.63 31.14
N LYS B 41 10.62 -6.99 31.98
CA LYS B 41 11.10 -8.37 32.05
C LYS B 41 11.55 -8.93 30.70
N VAL B 42 12.08 -8.08 29.84
CA VAL B 42 12.79 -8.50 28.63
C VAL B 42 14.22 -8.02 28.77
N PHE B 43 15.16 -8.95 28.85
CA PHE B 43 16.55 -8.61 29.08
C PHE B 43 17.12 -7.82 27.90
N ARG B 44 17.85 -6.76 28.23
CA ARG B 44 18.58 -5.95 27.26
C ARG B 44 19.95 -5.65 27.86
N SER B 45 20.96 -5.53 27.00
CA SER B 45 22.28 -5.19 27.51
C SER B 45 23.07 -4.39 26.49
N SER B 46 23.95 -3.53 27.00
CA SER B 46 24.71 -2.58 26.19
C SER B 46 23.82 -1.81 25.21
N VAL B 47 22.70 -1.29 25.70
CA VAL B 47 21.69 -0.71 24.82
C VAL B 47 20.93 0.38 25.56
N LEU B 48 20.18 1.19 24.81
CA LEU B 48 19.33 2.22 25.37
C LEU B 48 17.94 2.08 24.80
N HIS B 49 16.91 2.27 25.64
CA HIS B 49 15.55 1.93 25.26
C HIS B 49 14.54 2.92 25.83
N SER B 50 13.44 3.09 25.09
CA SER B 50 12.49 4.18 25.34
C SER B 50 11.25 3.64 26.06
N THR B 51 11.39 3.39 27.35
CA THR B 51 10.24 2.96 28.13
C THR B 51 9.19 4.05 28.25
N GLN B 52 7.93 3.64 28.43
CA GLN B 52 6.79 4.55 28.49
C GLN B 52 5.80 4.20 29.61
N ASP B 53 6.21 3.42 30.61
CA ASP B 53 5.34 3.09 31.73
C ASP B 53 5.29 4.22 32.76
N LEU B 54 4.61 3.96 33.86
CA LEU B 54 4.65 4.84 35.02
C LEU B 54 6.03 4.81 35.67
N PHE B 55 6.52 6.01 36.05
CA PHE B 55 7.77 6.17 36.78
C PHE B 55 7.64 7.31 37.76
N LEU B 56 8.53 7.31 38.75
CA LEU B 56 8.70 8.49 39.59
C LEU B 56 9.45 9.55 38.83
N PRO B 57 8.90 10.75 38.62
CA PRO B 57 9.65 11.76 37.87
C PRO B 57 10.91 12.16 38.62
N PHE B 58 11.98 12.38 37.86
CA PHE B 58 13.19 12.94 38.44
C PHE B 58 12.92 14.31 39.04
N PHE B 59 13.49 14.55 40.22
CA PHE B 59 13.30 15.81 40.95
C PHE B 59 11.84 16.13 41.23
N SER B 60 10.97 15.13 41.29
CA SER B 60 9.72 15.32 42.00
C SER B 60 10.02 15.49 43.49
N ASN B 61 9.01 15.92 44.23
CA ASN B 61 9.10 16.05 45.68
C ASN B 61 8.35 14.89 46.31
N VAL B 62 9.02 14.21 47.23
CA VAL B 62 8.40 13.22 48.10
C VAL B 62 8.08 13.85 49.43
N THR B 63 6.90 13.55 49.97
CA THR B 63 6.63 13.87 51.35
C THR B 63 7.56 13.06 52.24
N TRP B 64 7.60 13.43 53.52
CA TRP B 64 8.50 12.84 54.50
C TRP B 64 7.83 12.86 55.86
N PHE B 65 7.21 11.74 56.25
CA PHE B 65 6.19 11.75 57.29
C PHE B 65 6.72 11.40 58.68
N HIS B 66 5.87 11.62 59.68
CA HIS B 66 6.31 11.74 61.06
C HIS B 66 6.78 10.43 61.69
N ALA B 67 6.40 9.27 61.12
CA ALA B 67 7.01 7.98 61.45
C ALA B 67 7.17 7.72 62.94
N ILE B 68 6.17 8.10 63.74
CA ILE B 68 6.24 7.87 65.18
C ILE B 68 4.86 7.81 65.80
N ASP B 80 2.37 12.14 65.13
CA ASP B 80 2.37 10.72 64.80
C ASP B 80 2.05 10.50 63.32
N ASN B 81 2.31 9.28 62.87
CA ASN B 81 2.14 8.92 61.47
C ASN B 81 0.75 9.23 60.94
N PRO B 82 0.62 9.87 59.76
CA PRO B 82 -0.69 9.97 59.10
C PRO B 82 -0.84 8.87 58.05
N VAL B 83 -2.06 8.66 57.56
CA VAL B 83 -2.22 7.94 56.29
C VAL B 83 -1.83 8.86 55.13
N LEU B 84 -1.60 8.25 53.96
CA LEU B 84 -1.26 8.97 52.75
C LEU B 84 -2.04 8.43 51.55
N PRO B 85 -2.56 9.29 50.66
CA PRO B 85 -3.27 8.78 49.48
C PRO B 85 -2.37 7.98 48.54
N PHE B 86 -2.99 6.99 47.89
CA PHE B 86 -2.35 6.16 46.86
C PHE B 86 -2.70 6.75 45.49
N ASN B 87 -2.03 7.85 45.15
CA ASN B 87 -2.38 8.64 43.97
C ASN B 87 -1.88 8.01 42.68
N ASP B 88 -2.51 6.90 42.28
CA ASP B 88 -2.14 6.22 41.04
C ASP B 88 -0.70 5.71 41.02
N GLY B 89 -0.25 5.08 42.11
CA GLY B 89 1.05 4.43 42.14
C GLY B 89 2.04 5.14 43.04
N VAL B 90 2.67 4.40 43.94
CA VAL B 90 3.49 4.95 45.00
C VAL B 90 4.94 4.54 44.85
N TYR B 91 5.83 5.48 45.11
CA TYR B 91 7.21 5.18 45.46
C TYR B 91 7.25 5.35 46.97
N PHE B 92 7.88 4.43 47.68
CA PHE B 92 8.04 4.49 49.12
C PHE B 92 9.50 4.23 49.43
N ALA B 93 10.03 4.91 50.44
CA ALA B 93 11.34 4.52 50.95
C ALA B 93 11.40 4.76 52.45
N SER B 94 12.24 4.00 53.12
CA SER B 94 12.44 4.18 54.55
C SER B 94 13.93 4.05 54.87
N THR B 95 14.42 4.95 55.71
CA THR B 95 15.79 4.89 56.21
C THR B 95 15.76 4.31 57.60
N GLU B 96 16.38 3.15 57.77
CA GLU B 96 16.16 2.37 58.98
C GLU B 96 17.36 1.46 59.25
N LYS B 97 17.38 0.95 60.48
CA LYS B 97 18.43 0.04 60.93
C LYS B 97 17.88 -1.02 61.89
N SER B 98 16.54 -1.19 61.94
CA SER B 98 15.93 -2.06 62.94
C SER B 98 14.63 -2.70 62.44
N ASN B 99 14.41 -2.77 61.13
CA ASN B 99 13.16 -3.28 60.54
C ASN B 99 11.94 -2.51 61.03
N ILE B 100 12.13 -1.25 61.44
CA ILE B 100 11.01 -0.40 61.80
C ILE B 100 10.16 -0.09 60.57
N ILE B 101 8.90 0.29 60.79
CA ILE B 101 7.95 0.45 59.71
C ILE B 101 7.83 -0.83 58.90
N ARG B 102 7.73 -1.96 59.58
CA ARG B 102 7.73 -3.28 58.97
C ARG B 102 6.37 -3.72 58.40
N GLY B 103 5.56 -2.84 57.82
CA GLY B 103 4.28 -3.29 57.31
C GLY B 103 3.50 -2.20 56.61
N TRP B 104 2.47 -2.63 55.88
CA TRP B 104 1.61 -1.77 55.08
C TRP B 104 0.19 -2.27 55.09
N ILE B 105 -0.72 -1.36 54.79
CA ILE B 105 -2.10 -1.70 54.39
C ILE B 105 -2.51 -0.71 53.32
N PHE B 106 -3.41 -1.15 52.44
CA PHE B 106 -3.76 -0.40 51.23
C PHE B 106 -5.27 -0.31 51.05
N GLY B 107 -5.74 -0.35 49.80
CA GLY B 107 -7.13 -0.53 49.47
C GLY B 107 -7.94 0.74 49.33
N THR B 108 -9.22 0.53 49.01
CA THR B 108 -10.15 1.65 48.85
C THR B 108 -10.50 2.28 50.19
N THR B 109 -10.62 1.49 51.24
CA THR B 109 -10.88 2.06 52.56
C THR B 109 -10.51 1.03 53.61
N LEU B 110 -10.29 1.53 54.83
CA LEU B 110 -9.92 0.70 55.95
C LEU B 110 -11.11 0.08 56.68
N ASP B 111 -12.34 0.48 56.35
CA ASP B 111 -13.53 0.02 57.08
C ASP B 111 -13.92 -1.43 56.76
N SER B 112 -13.17 -2.14 55.93
CA SER B 112 -13.53 -3.48 55.46
C SER B 112 -14.82 -3.48 54.66
N LYS B 113 -15.21 -2.33 54.10
CA LYS B 113 -16.36 -2.29 53.21
C LYS B 113 -16.05 -2.90 51.85
N THR B 114 -14.76 -3.04 51.52
CA THR B 114 -14.33 -3.70 50.30
C THR B 114 -12.94 -4.28 50.53
N GLN B 115 -12.58 -5.23 49.67
CA GLN B 115 -11.29 -5.92 49.78
C GLN B 115 -10.15 -4.92 49.65
N SER B 116 -9.01 -5.26 50.28
CA SER B 116 -7.89 -4.35 50.41
C SER B 116 -6.64 -5.13 50.79
N LEU B 117 -5.54 -4.84 50.11
CA LEU B 117 -4.27 -5.49 50.40
C LEU B 117 -3.81 -5.20 51.83
N LEU B 118 -3.15 -6.18 52.41
CA LEU B 118 -2.52 -6.10 53.71
C LEU B 118 -1.19 -6.79 53.57
N ILE B 119 -0.12 -6.16 54.06
CA ILE B 119 1.22 -6.72 54.01
C ILE B 119 1.84 -6.52 55.38
N VAL B 120 2.39 -7.59 55.95
CA VAL B 120 3.09 -7.50 57.22
C VAL B 120 4.31 -8.40 57.16
N ASN B 121 5.34 -8.04 57.91
CA ASN B 121 6.50 -8.91 58.14
C ASN B 121 6.42 -9.44 59.56
N ASN B 122 6.39 -10.76 59.68
CA ASN B 122 6.55 -11.41 60.98
C ASN B 122 8.02 -11.45 61.36
N ALA B 123 8.34 -12.22 62.40
CA ALA B 123 9.72 -12.39 62.84
C ALA B 123 10.60 -13.03 61.78
N THR B 124 10.02 -13.82 60.86
CA THR B 124 10.82 -14.52 59.86
C THR B 124 10.12 -14.75 58.53
N ASN B 125 8.91 -14.25 58.32
CA ASN B 125 8.21 -14.45 57.06
C ASN B 125 7.27 -13.29 56.82
N VAL B 126 7.07 -12.98 55.55
CA VAL B 126 6.03 -12.05 55.14
C VAL B 126 4.69 -12.77 55.14
N VAL B 127 3.66 -12.09 55.61
CA VAL B 127 2.28 -12.45 55.33
C VAL B 127 1.71 -11.40 54.39
N ILE B 128 1.14 -11.86 53.30
CA ILE B 128 0.30 -11.03 52.45
C ILE B 128 -1.11 -11.57 52.61
N LYS B 129 -2.09 -10.68 52.57
CA LYS B 129 -3.48 -11.08 52.46
C LYS B 129 -4.21 -9.96 51.75
N VAL B 130 -5.35 -10.29 51.17
CA VAL B 130 -6.21 -9.28 50.55
C VAL B 130 -7.52 -9.13 51.32
N CYS B 131 -7.53 -9.52 52.60
CA CYS B 131 -8.77 -9.63 53.36
C CYS B 131 -9.52 -8.30 53.40
N GLU B 132 -8.80 -7.21 53.67
CA GLU B 132 -9.39 -5.98 54.20
C GLU B 132 -10.29 -6.24 55.40
N PHE B 133 -9.65 -6.69 56.47
CA PHE B 133 -10.27 -6.66 57.78
C PHE B 133 -10.75 -5.25 58.12
N GLN B 134 -11.70 -5.12 59.03
CA GLN B 134 -12.17 -3.80 59.47
C GLN B 134 -11.11 -3.16 60.36
N PHE B 135 -10.34 -2.24 59.80
CA PHE B 135 -9.26 -1.61 60.55
C PHE B 135 -9.80 -0.78 61.69
N CYS B 136 -9.04 -0.75 62.79
CA CYS B 136 -9.36 0.10 63.92
C CYS B 136 -9.23 1.57 63.55
N ASN B 137 -9.44 2.43 64.55
CA ASN B 137 -9.13 3.86 64.41
C ASN B 137 -7.64 4.12 64.19
N ASP B 138 -6.76 3.29 64.75
CA ASP B 138 -5.32 3.41 64.52
C ASP B 138 -4.79 2.14 63.86
N PRO B 139 -4.26 2.19 62.64
CA PRO B 139 -3.73 0.95 62.04
C PRO B 139 -2.48 0.35 62.66
N PHE B 140 -2.08 0.73 63.88
CA PHE B 140 -1.11 -0.07 64.61
C PHE B 140 -1.24 0.25 66.09
N LEU B 141 -0.65 -0.60 66.92
CA LEU B 141 -0.76 -0.50 68.38
C LEU B 141 -0.42 0.88 68.92
N PHE B 157 -2.36 -6.52 70.31
CA PHE B 157 -2.12 -5.30 69.55
C PHE B 157 -1.35 -5.56 68.26
N ARG B 158 -0.92 -6.81 68.04
CA ARG B 158 -0.15 -7.15 66.85
C ARG B 158 -0.98 -7.17 65.56
N VAL B 159 -2.26 -6.80 65.59
CA VAL B 159 -3.11 -6.79 64.41
C VAL B 159 -3.84 -5.46 64.36
N TYR B 160 -3.88 -4.88 63.16
CA TYR B 160 -4.52 -3.60 62.92
C TYR B 160 -6.03 -3.70 62.71
N SER B 161 -6.56 -4.89 62.49
CA SER B 161 -7.94 -5.02 62.02
C SER B 161 -8.55 -6.36 62.43
N SER B 162 -9.88 -6.40 62.44
CA SER B 162 -10.67 -7.62 62.66
C SER B 162 -10.81 -8.43 61.37
N ALA B 163 -10.09 -9.55 61.29
CA ALA B 163 -9.93 -10.32 60.05
C ALA B 163 -11.21 -11.05 59.65
N ASN B 164 -11.36 -11.28 58.34
CA ASN B 164 -12.46 -12.07 57.80
C ASN B 164 -12.14 -12.48 56.37
N ASN B 165 -12.90 -13.46 55.87
CA ASN B 165 -13.14 -13.75 54.45
C ASN B 165 -12.01 -13.43 53.47
N CYS B 166 -10.80 -13.90 53.78
CA CYS B 166 -9.63 -13.56 52.98
C CYS B 166 -9.65 -14.27 51.63
N THR B 167 -9.69 -13.48 50.55
CA THR B 167 -9.77 -14.03 49.20
C THR B 167 -8.47 -14.70 48.76
N PHE B 168 -7.33 -14.13 49.10
CA PHE B 168 -6.02 -14.66 48.72
C PHE B 168 -5.04 -14.34 49.83
N GLU B 169 -4.09 -15.24 50.04
CA GLU B 169 -3.14 -15.06 51.12
C GLU B 169 -1.85 -15.83 50.89
N TYR B 170 -1.01 -15.33 50.00
CA TYR B 170 0.35 -15.85 49.97
C TYR B 170 1.03 -15.57 51.29
N VAL B 171 1.74 -16.56 51.79
CA VAL B 171 2.54 -16.44 53.01
C VAL B 171 3.89 -17.06 52.75
N SER B 172 4.94 -16.40 53.21
CA SER B 172 6.29 -16.92 53.07
C SER B 172 6.47 -18.21 53.86
N LYS B 187 20.51 2.80 59.15
CA LYS B 187 21.79 2.39 58.60
C LYS B 187 21.71 2.00 57.12
N ASN B 188 20.48 1.78 56.63
CA ASN B 188 20.29 1.41 55.24
C ASN B 188 19.01 2.04 54.71
N LEU B 189 18.99 2.27 53.40
CA LEU B 189 17.82 2.77 52.69
C LEU B 189 17.13 1.58 52.03
N ARG B 190 15.86 1.37 52.37
CA ARG B 190 14.99 0.41 51.72
C ARG B 190 14.00 1.15 50.85
N GLU B 191 13.86 0.74 49.59
CA GLU B 191 12.96 1.40 48.65
C GLU B 191 11.99 0.40 48.07
N PHE B 192 10.81 0.89 47.72
CA PHE B 192 9.71 0.11 47.17
C PHE B 192 8.98 0.94 46.15
N VAL B 193 8.39 0.28 45.15
CA VAL B 193 7.44 0.90 44.25
C VAL B 193 6.22 -0.01 44.16
N PHE B 194 5.03 0.57 44.23
CA PHE B 194 3.76 -0.16 44.17
C PHE B 194 2.96 0.34 42.98
N LYS B 195 2.83 -0.52 41.97
CA LYS B 195 2.00 -0.27 40.80
C LYS B 195 0.72 -1.09 40.90
N ASN B 196 -0.43 -0.44 40.78
CA ASN B 196 -1.67 -1.16 40.47
C ASN B 196 -1.76 -1.25 38.95
N ILE B 197 -1.38 -2.40 38.40
CA ILE B 197 -1.38 -2.59 36.95
C ILE B 197 -2.59 -3.42 36.56
N ASP B 198 -2.76 -3.62 35.26
CA ASP B 198 -3.85 -4.44 34.73
C ASP B 198 -3.85 -5.85 35.29
N GLY B 199 -4.88 -6.18 36.05
CA GLY B 199 -4.98 -7.48 36.68
C GLY B 199 -3.89 -7.78 37.68
N TYR B 200 -3.14 -6.79 38.14
CA TYR B 200 -1.98 -7.07 38.96
C TYR B 200 -1.77 -5.98 39.99
N PHE B 201 -1.17 -6.38 41.11
CA PHE B 201 -0.41 -5.51 41.98
C PHE B 201 1.06 -5.88 41.85
N LYS B 202 1.90 -4.91 41.49
CA LYS B 202 3.30 -5.16 41.20
C LYS B 202 4.17 -4.44 42.22
N ILE B 203 5.03 -5.18 42.89
CA ILE B 203 5.97 -4.64 43.87
C ILE B 203 7.35 -4.72 43.27
N TYR B 204 8.07 -3.61 43.35
CA TYR B 204 9.49 -3.56 43.04
C TYR B 204 10.19 -3.08 44.30
N SER B 205 11.40 -3.57 44.56
CA SER B 205 12.11 -3.14 45.76
C SER B 205 13.61 -3.26 45.59
N LYS B 206 14.34 -2.47 46.37
CA LYS B 206 15.78 -2.66 46.55
C LYS B 206 16.22 -2.13 47.90
N HIS B 207 17.34 -2.67 48.40
CA HIS B 207 17.89 -2.26 49.69
C HIS B 207 19.38 -2.01 49.54
N THR B 208 19.86 -0.88 50.07
CA THR B 208 21.22 -0.42 49.84
C THR B 208 21.73 0.26 51.11
N PRO B 209 23.00 0.07 51.50
CA PRO B 209 23.51 0.75 52.68
C PRO B 209 23.63 2.25 52.47
N ILE B 210 23.40 3.00 53.54
CA ILE B 210 23.42 4.46 53.49
C ILE B 210 24.81 4.96 53.15
N ASP B 215 19.37 13.10 53.95
CA ASP B 215 18.53 13.05 52.76
C ASP B 215 18.74 11.73 52.02
N LEU B 216 17.79 11.39 51.14
CA LEU B 216 17.91 10.18 50.33
C LEU B 216 19.17 10.22 49.49
N PRO B 217 20.03 9.18 49.52
CA PRO B 217 21.21 9.21 48.67
C PRO B 217 20.88 9.34 47.20
N GLN B 218 21.76 10.03 46.49
CA GLN B 218 21.63 10.26 45.06
C GLN B 218 22.11 9.09 44.23
N GLY B 219 22.49 7.97 44.85
CA GLY B 219 22.99 6.85 44.09
C GLY B 219 21.87 6.16 43.36
N PHE B 220 21.84 6.38 42.06
CA PHE B 220 20.84 5.76 41.20
C PHE B 220 20.99 4.25 41.18
N SER B 221 19.89 3.54 41.46
CA SER B 221 19.91 2.08 41.45
C SER B 221 18.48 1.58 41.33
N ALA B 222 18.20 0.83 40.28
CA ALA B 222 16.84 0.41 39.97
C ALA B 222 16.32 -0.62 40.98
N LEU B 223 15.05 -0.50 41.32
CA LEU B 223 14.36 -1.55 42.06
C LEU B 223 14.14 -2.76 41.16
N GLU B 224 14.41 -3.95 41.71
CA GLU B 224 14.11 -5.23 41.06
C GLU B 224 12.68 -5.66 41.34
N PRO B 225 12.03 -6.35 40.41
CA PRO B 225 10.64 -6.76 40.63
C PRO B 225 10.52 -7.88 41.65
N LEU B 226 10.61 -7.52 42.93
CA LEU B 226 10.48 -8.51 43.99
C LEU B 226 9.15 -9.23 43.99
N VAL B 227 8.09 -8.72 43.37
CA VAL B 227 6.84 -9.48 43.32
C VAL B 227 5.89 -8.93 42.28
N ASP B 228 4.93 -9.76 41.89
CA ASP B 228 3.69 -9.38 41.23
C ASP B 228 2.62 -10.33 41.76
N LEU B 229 1.38 -9.88 41.79
CA LEU B 229 0.35 -10.63 42.50
C LEU B 229 -1.01 -10.37 41.86
N PRO B 230 -1.99 -11.26 42.09
CA PRO B 230 -3.31 -11.12 41.46
C PRO B 230 -4.10 -9.90 41.89
N ILE B 231 -4.87 -9.37 40.95
CA ILE B 231 -5.63 -8.15 41.15
C ILE B 231 -6.85 -8.14 40.23
N ILE B 235 -6.68 -0.07 44.74
CA ILE B 235 -6.56 0.54 46.05
C ILE B 235 -6.81 2.03 45.92
N THR B 236 -6.85 2.75 47.04
CA THR B 236 -7.06 4.20 46.98
C THR B 236 -6.32 4.95 48.08
N ARG B 237 -6.10 4.33 49.23
CA ARG B 237 -5.35 4.94 50.32
C ARG B 237 -4.58 3.84 51.03
N PHE B 238 -3.50 4.23 51.70
CA PHE B 238 -2.64 3.25 52.36
C PHE B 238 -2.12 3.84 53.66
N GLN B 239 -1.56 2.98 54.49
CA GLN B 239 -0.96 3.38 55.75
C GLN B 239 0.04 2.31 56.09
N THR B 240 0.97 2.62 56.98
CA THR B 240 2.10 1.75 57.24
C THR B 240 2.29 1.53 58.73
N LEU B 241 3.02 0.47 59.04
CA LEU B 241 3.18 -0.05 60.37
C LEU B 241 4.13 0.77 61.25
N LEU B 242 4.50 1.97 60.85
CA LEU B 242 5.50 2.75 61.58
C LEU B 242 4.98 3.07 62.97
N ALA B 262 15.16 6.87 65.61
CA ALA B 262 14.12 6.07 64.97
C ALA B 262 14.14 6.27 63.46
N ALA B 263 13.57 5.31 62.74
CA ALA B 263 13.49 5.38 61.29
C ALA B 263 12.46 6.42 60.85
N ALA B 264 12.50 6.73 59.56
CA ALA B 264 11.52 7.61 58.94
C ALA B 264 11.27 7.15 57.51
N TYR B 265 10.16 7.61 56.94
CA TYR B 265 9.77 7.19 55.60
C TYR B 265 9.26 8.34 54.75
N TYR B 266 9.54 8.17 53.45
CA TYR B 266 9.29 9.11 52.37
C TYR B 266 8.31 8.48 51.41
N VAL B 267 7.49 9.31 50.77
CA VAL B 267 6.45 8.84 49.86
C VAL B 267 6.40 9.76 48.65
N GLY B 268 6.23 9.18 47.47
CA GLY B 268 5.96 9.95 46.27
C GLY B 268 4.97 9.23 45.39
N TYR B 269 4.36 9.97 44.47
CA TYR B 269 3.40 9.42 43.52
C TYR B 269 4.04 9.36 42.14
N LEU B 270 3.92 8.21 41.48
CA LEU B 270 4.43 8.07 40.13
C LEU B 270 3.61 8.91 39.15
N GLN B 271 4.15 9.10 37.95
CA GLN B 271 3.39 9.62 36.82
C GLN B 271 3.93 8.98 35.55
N PRO B 272 3.13 8.90 34.49
CA PRO B 272 3.60 8.30 33.23
C PRO B 272 4.64 9.19 32.53
N ARG B 273 5.83 8.63 32.28
CA ARG B 273 6.91 9.37 31.66
C ARG B 273 7.60 8.51 30.63
N THR B 274 7.98 9.11 29.50
CA THR B 274 8.94 8.51 28.57
C THR B 274 10.34 8.61 29.15
N PHE B 275 10.96 7.46 29.46
CA PHE B 275 12.33 7.41 29.95
C PHE B 275 13.23 6.77 28.90
N LEU B 276 14.31 7.46 28.54
CA LEU B 276 15.40 6.78 27.82
C LEU B 276 16.33 6.13 28.84
N LEU B 277 16.15 4.83 29.07
CA LEU B 277 16.89 4.08 30.08
C LEU B 277 18.03 3.32 29.44
N LYS B 278 19.23 3.45 30.01
CA LYS B 278 20.45 2.87 29.44
C LYS B 278 20.86 1.63 30.23
N TYR B 279 20.99 0.50 29.53
CA TYR B 279 21.35 -0.78 30.14
C TYR B 279 22.82 -1.03 29.88
N ASN B 280 23.55 -1.34 30.96
CA ASN B 280 24.95 -1.72 30.92
C ASN B 280 25.14 -3.04 30.18
N GLU B 281 26.41 -3.41 30.00
CA GLU B 281 26.72 -4.73 29.43
C GLU B 281 26.23 -5.88 30.29
N ASN B 282 25.88 -5.64 31.55
CA ASN B 282 25.35 -6.67 32.44
C ASN B 282 23.83 -6.61 32.57
N GLY B 283 23.16 -5.73 31.83
CA GLY B 283 21.74 -5.57 31.93
C GLY B 283 21.25 -4.90 33.18
N THR B 284 22.15 -4.38 34.01
CA THR B 284 21.75 -3.42 35.04
C THR B 284 21.47 -2.08 34.39
N ILE B 285 20.39 -1.42 34.82
CA ILE B 285 20.10 -0.06 34.36
C ILE B 285 21.05 0.90 35.05
N THR B 286 21.89 1.59 34.26
CA THR B 286 22.95 2.44 34.77
C THR B 286 22.58 3.91 34.84
N ASP B 287 21.69 4.40 33.98
CA ASP B 287 21.20 5.78 34.07
C ASP B 287 19.94 5.90 33.23
N ALA B 288 19.21 6.99 33.43
CA ALA B 288 18.08 7.31 32.58
C ALA B 288 18.03 8.79 32.28
N VAL B 289 17.62 9.13 31.07
CA VAL B 289 17.20 10.49 30.72
C VAL B 289 15.70 10.57 30.97
N ASP B 290 15.33 11.18 32.10
CA ASP B 290 13.93 11.26 32.53
C ASP B 290 13.24 12.39 31.76
N CYS B 291 12.82 12.09 30.55
CA CYS B 291 12.41 13.13 29.63
C CYS B 291 11.17 13.88 30.12
N ALA B 292 10.97 15.06 29.53
CA ALA B 292 10.20 16.18 30.04
C ALA B 292 10.78 16.85 31.29
N LEU B 293 11.87 16.34 31.87
CA LEU B 293 12.47 17.02 33.01
C LEU B 293 12.93 18.43 32.65
N ASP B 294 13.57 18.58 31.51
CA ASP B 294 13.84 19.88 30.92
C ASP B 294 14.07 19.68 29.43
N PRO B 295 14.21 20.75 28.65
CA PRO B 295 14.38 20.57 27.22
C PRO B 295 15.65 19.83 26.85
N LEU B 296 16.66 19.83 27.71
CA LEU B 296 17.84 19.04 27.40
C LEU B 296 17.55 17.56 27.55
N SER B 297 16.79 17.19 28.58
CA SER B 297 16.33 15.81 28.70
C SER B 297 15.47 15.39 27.52
N GLU B 298 14.57 16.26 27.07
CA GLU B 298 13.79 15.99 25.87
C GLU B 298 14.66 15.81 24.63
N THR B 299 15.77 16.55 24.55
CA THR B 299 16.70 16.33 23.45
C THR B 299 17.41 14.99 23.58
N LYS B 300 17.78 14.63 24.80
CA LYS B 300 18.40 13.33 25.05
C LYS B 300 17.50 12.18 24.62
N CYS B 301 16.20 12.25 24.91
CA CYS B 301 15.28 11.34 24.22
C CYS B 301 15.38 11.44 22.70
N THR B 302 15.27 12.65 22.14
CA THR B 302 15.12 12.75 20.68
C THR B 302 16.33 12.17 19.94
N LEU B 303 17.54 12.36 20.46
CA LEU B 303 18.71 11.74 19.84
C LEU B 303 18.95 10.32 20.30
N LYS B 304 18.21 9.83 21.29
CA LYS B 304 18.48 8.53 21.89
C LYS B 304 19.92 8.44 22.39
N SER B 305 20.43 9.52 22.98
CA SER B 305 21.78 9.52 23.52
C SER B 305 21.87 10.45 24.72
N PHE B 306 22.78 10.13 25.63
CA PHE B 306 23.03 10.96 26.81
C PHE B 306 24.06 12.04 26.60
N THR B 307 24.86 11.95 25.54
CA THR B 307 25.78 13.02 25.16
C THR B 307 25.17 13.76 23.98
N VAL B 308 24.92 15.06 24.15
CA VAL B 308 24.46 15.91 23.08
C VAL B 308 25.61 16.82 22.69
N GLU B 309 26.01 16.76 21.43
CA GLU B 309 27.08 17.62 20.96
C GLU B 309 26.57 19.04 20.79
N LYS B 310 27.49 19.98 20.87
CA LYS B 310 27.17 21.40 20.78
C LYS B 310 26.52 21.74 19.45
N GLY B 311 25.30 22.27 19.49
CA GLY B 311 24.57 22.49 18.26
C GLY B 311 23.12 22.85 18.52
N ILE B 312 22.28 22.59 17.51
CA ILE B 312 20.87 22.91 17.52
C ILE B 312 20.09 21.70 17.07
N TYR B 313 18.98 21.40 17.75
CA TYR B 313 18.19 20.21 17.45
C TYR B 313 16.71 20.56 17.46
N GLN B 314 15.96 19.98 16.53
CA GLN B 314 14.52 19.92 16.67
C GLN B 314 14.15 18.89 17.73
N THR B 315 12.94 19.00 18.28
CA THR B 315 12.49 18.07 19.30
C THR B 315 11.00 17.78 19.23
N SER B 316 10.18 18.77 18.93
CA SER B 316 8.75 18.51 18.91
C SER B 316 8.03 19.56 18.09
N ASN B 317 6.79 19.23 17.74
CA ASN B 317 5.80 20.25 17.47
C ASN B 317 5.40 20.93 18.78
N PHE B 318 5.20 22.23 18.70
CA PHE B 318 4.44 23.02 19.65
C PHE B 318 3.14 23.43 18.97
N ARG B 319 2.01 23.14 19.61
CA ARG B 319 0.70 23.40 18.99
C ARG B 319 -0.33 23.68 20.07
N VAL B 320 -0.78 24.94 20.13
CA VAL B 320 -1.70 25.37 21.18
C VAL B 320 -2.98 24.56 21.13
N GLN B 321 -3.39 24.05 22.29
CA GLN B 321 -4.60 23.26 22.37
C GLN B 321 -5.85 24.15 22.28
N PRO B 322 -6.96 23.64 21.74
CA PRO B 322 -8.19 24.43 21.71
C PRO B 322 -8.74 24.65 23.12
N THR B 323 -8.97 25.92 23.45
CA THR B 323 -9.50 26.28 24.76
C THR B 323 -11.01 26.07 24.91
N GLU B 324 -11.74 25.76 23.85
CA GLU B 324 -13.19 25.68 23.93
C GLU B 324 -13.72 24.83 22.78
N SER B 325 -15.02 24.49 22.86
CA SER B 325 -15.68 23.66 21.85
C SER B 325 -17.01 24.28 21.39
N ILE B 326 -16.92 25.29 20.52
CA ILE B 326 -18.11 25.98 20.04
C ILE B 326 -18.94 25.03 19.19
N VAL B 327 -20.25 25.23 19.20
CA VAL B 327 -21.12 24.49 18.29
C VAL B 327 -22.17 25.44 17.76
N ARG B 328 -22.42 25.37 16.45
CA ARG B 328 -23.36 26.28 15.80
C ARG B 328 -23.98 25.55 14.61
N PHE B 329 -25.06 24.91 14.87
CA PHE B 329 -25.97 24.39 13.88
C PHE B 329 -26.94 25.48 13.46
N PRO B 330 -27.58 25.35 12.31
CA PRO B 330 -28.63 26.30 11.97
C PRO B 330 -29.67 26.30 13.06
N ASN B 331 -30.42 27.38 13.12
CA ASN B 331 -31.49 27.52 14.10
C ASN B 331 -32.75 26.75 13.72
N ILE B 332 -32.59 25.51 13.24
CA ILE B 332 -33.69 24.63 12.89
C ILE B 332 -34.40 24.13 14.13
N THR B 333 -35.60 23.56 13.94
CA THR B 333 -36.46 23.32 15.08
C THR B 333 -37.39 22.11 14.98
N ASN B 334 -38.19 21.96 13.94
CA ASN B 334 -39.18 20.89 13.94
C ASN B 334 -38.54 19.54 13.65
N LEU B 335 -39.06 18.51 14.32
CA LEU B 335 -38.66 17.13 14.05
C LEU B 335 -39.13 16.69 12.67
N CYS B 336 -38.22 16.06 11.92
CA CYS B 336 -38.50 15.62 10.56
C CYS B 336 -39.69 14.65 10.50
N PRO B 337 -40.38 14.58 9.36
CA PRO B 337 -41.69 13.92 9.29
C PRO B 337 -41.62 12.42 9.08
N PHE B 338 -40.64 11.73 9.68
CA PHE B 338 -40.46 10.30 9.46
C PHE B 338 -41.73 9.51 9.74
N GLY B 339 -42.51 9.93 10.72
CA GLY B 339 -43.78 9.25 10.98
C GLY B 339 -44.77 9.31 9.84
N GLU B 340 -44.54 10.18 8.86
CA GLU B 340 -45.34 10.18 7.64
C GLU B 340 -44.89 9.15 6.61
N VAL B 341 -43.67 8.62 6.70
CA VAL B 341 -43.13 7.75 5.65
C VAL B 341 -42.84 6.32 6.09
N PHE B 342 -42.44 6.12 7.35
CA PHE B 342 -42.30 4.76 7.84
C PHE B 342 -43.63 4.09 8.13
N ASN B 343 -44.74 4.82 8.11
CA ASN B 343 -46.02 4.32 8.58
C ASN B 343 -47.17 4.75 7.68
N ALA B 344 -46.90 5.04 6.41
CA ALA B 344 -47.99 5.41 5.52
C ALA B 344 -49.03 4.31 5.43
N THR B 345 -50.29 4.73 5.28
CA THR B 345 -51.39 3.78 5.18
C THR B 345 -51.34 2.95 3.90
N ARG B 346 -50.51 3.32 2.93
CA ARG B 346 -50.26 2.45 1.78
C ARG B 346 -48.86 2.74 1.26
N PHE B 347 -48.01 1.72 1.25
CA PHE B 347 -46.73 1.84 0.59
C PHE B 347 -46.94 1.89 -0.92
N ALA B 348 -45.98 2.50 -1.62
CA ALA B 348 -46.03 2.54 -3.08
C ALA B 348 -45.50 1.25 -3.68
N SER B 349 -45.89 1.01 -4.93
CA SER B 349 -45.28 -0.05 -5.73
C SER B 349 -43.84 0.30 -6.07
N VAL B 350 -43.05 -0.71 -6.42
CA VAL B 350 -41.66 -0.47 -6.80
C VAL B 350 -41.53 -0.01 -8.24
N TYR B 351 -42.44 -0.42 -9.08
CA TYR B 351 -42.78 0.40 -10.22
C TYR B 351 -43.33 1.72 -9.70
N ALA B 352 -42.88 2.83 -10.27
CA ALA B 352 -43.32 4.15 -9.85
C ALA B 352 -43.09 4.39 -8.36
N TRP B 353 -41.96 3.91 -7.86
CA TRP B 353 -41.58 4.05 -6.46
C TRP B 353 -41.70 5.50 -5.99
N ASN B 354 -42.12 5.67 -4.74
CA ASN B 354 -42.54 6.97 -4.23
C ASN B 354 -41.41 7.67 -3.50
N ARG B 355 -41.01 8.82 -4.01
CA ARG B 355 -40.11 9.72 -3.31
C ARG B 355 -40.86 10.64 -2.35
N LYS B 356 -40.19 10.97 -1.24
CA LYS B 356 -40.56 12.08 -0.37
C LYS B 356 -39.32 12.88 -0.07
N ARG B 357 -39.45 14.20 0.02
CA ARG B 357 -38.33 15.09 0.29
C ARG B 357 -38.37 15.51 1.76
N ILE B 358 -37.25 15.31 2.45
CA ILE B 358 -37.10 15.61 3.87
C ILE B 358 -36.19 16.83 3.96
N SER B 359 -36.70 17.92 4.53
CA SER B 359 -35.93 19.17 4.54
C SER B 359 -36.45 20.12 5.62
N ASN B 360 -35.57 21.03 6.03
CA ASN B 360 -35.86 22.04 7.06
C ASN B 360 -36.41 21.42 8.36
N CYS B 361 -35.67 20.45 8.90
CA CYS B 361 -36.09 19.75 10.10
C CYS B 361 -34.87 19.14 10.77
N VAL B 362 -35.05 18.74 12.03
CA VAL B 362 -34.04 17.97 12.76
C VAL B 362 -34.42 16.50 12.82
N ALA B 363 -33.48 15.62 12.50
CA ALA B 363 -33.82 14.26 12.12
C ALA B 363 -34.04 13.34 13.31
N ASP B 364 -33.17 13.39 14.31
CA ASP B 364 -33.22 12.47 15.45
C ASP B 364 -33.32 11.00 15.01
N TYR B 365 -32.52 10.63 14.00
CA TYR B 365 -32.62 9.31 13.36
C TYR B 365 -32.64 8.12 14.30
N SER B 366 -32.06 8.25 15.49
CA SER B 366 -32.01 7.14 16.45
C SER B 366 -33.36 6.51 16.78
N VAL B 367 -34.47 7.25 16.66
CA VAL B 367 -35.81 6.68 16.84
C VAL B 367 -36.04 5.49 15.92
N LEU B 368 -35.41 5.50 14.76
CA LEU B 368 -35.46 4.39 13.84
C LEU B 368 -34.49 3.30 14.27
N TYR B 369 -33.22 3.68 14.42
CA TYR B 369 -32.14 2.69 14.53
C TYR B 369 -32.21 1.90 15.82
N ASN B 370 -32.88 2.39 16.85
CA ASN B 370 -33.09 1.61 18.06
C ASN B 370 -34.40 0.85 18.03
N SER B 371 -35.21 1.01 16.99
CA SER B 371 -36.51 0.36 16.94
C SER B 371 -36.40 -1.11 16.53
N ALA B 372 -37.32 -1.93 17.03
CA ALA B 372 -37.33 -3.36 16.79
C ALA B 372 -37.82 -3.75 15.41
N SER B 373 -38.43 -2.83 14.67
CA SER B 373 -39.14 -3.21 13.46
C SER B 373 -38.22 -3.74 12.36
N PHE B 374 -37.02 -3.18 12.21
CA PHE B 374 -36.30 -3.27 10.95
C PHE B 374 -35.45 -4.54 10.85
N SER B 375 -35.91 -5.46 10.00
CA SER B 375 -35.22 -6.70 9.71
C SER B 375 -34.00 -6.51 8.83
N THR B 376 -33.84 -5.35 8.20
CA THR B 376 -32.60 -5.00 7.53
C THR B 376 -32.36 -3.52 7.70
N PHE B 377 -31.09 -3.15 7.82
CA PHE B 377 -30.70 -1.77 8.08
C PHE B 377 -29.30 -1.54 7.56
N LYS B 378 -29.00 -2.09 6.39
CA LYS B 378 -27.64 -1.94 5.89
C LYS B 378 -27.37 -0.51 5.47
N CYS B 379 -26.30 0.08 6.01
CA CYS B 379 -25.95 1.47 5.71
C CYS B 379 -24.63 1.55 4.96
N TYR B 380 -24.51 2.62 4.17
CA TYR B 380 -23.45 2.81 3.21
C TYR B 380 -22.92 4.23 3.23
N GLY B 381 -21.59 4.36 3.36
CA GLY B 381 -20.95 5.64 3.49
C GLY B 381 -21.15 6.36 4.81
N VAL B 382 -21.86 5.76 5.76
CA VAL B 382 -22.03 6.33 7.09
C VAL B 382 -22.29 5.16 8.02
N SER B 383 -21.91 5.32 9.28
CA SER B 383 -22.23 4.29 10.26
C SER B 383 -23.47 4.69 11.05
N PRO B 384 -24.48 3.83 11.17
CA PRO B 384 -25.77 4.29 11.67
C PRO B 384 -25.72 4.87 13.07
N THR B 385 -24.84 4.33 13.92
CA THR B 385 -24.70 4.86 15.28
C THR B 385 -24.24 6.30 15.34
N LYS B 386 -23.82 6.90 14.23
CA LYS B 386 -23.42 8.29 14.18
C LYS B 386 -24.17 9.03 13.09
N LEU B 387 -25.36 8.58 12.75
CA LEU B 387 -26.24 9.41 11.91
C LEU B 387 -26.68 10.66 12.63
N ASN B 388 -27.08 10.54 13.89
CA ASN B 388 -27.24 11.72 14.73
C ASN B 388 -25.90 12.43 14.87
N ASP B 389 -25.98 13.75 15.06
CA ASP B 389 -24.79 14.61 14.99
C ASP B 389 -24.15 14.56 13.61
N LEU B 390 -24.98 14.62 12.57
CA LEU B 390 -24.52 14.96 11.23
C LEU B 390 -25.53 15.90 10.58
N CYS B 391 -25.12 16.50 9.46
CA CYS B 391 -26.01 17.34 8.67
C CYS B 391 -25.89 16.97 7.20
N PHE B 392 -26.94 17.30 6.46
CA PHE B 392 -27.13 16.81 5.10
C PHE B 392 -27.62 17.93 4.19
N THR B 393 -27.08 17.97 2.98
CA THR B 393 -27.49 19.00 2.03
C THR B 393 -28.95 18.84 1.62
N ASN B 394 -29.35 17.64 1.23
CA ASN B 394 -30.76 17.32 1.08
C ASN B 394 -30.97 15.84 1.30
N VAL B 395 -32.19 15.46 1.65
CA VAL B 395 -32.53 14.10 2.02
C VAL B 395 -33.76 13.67 1.23
N TYR B 396 -33.67 12.51 0.59
CA TYR B 396 -34.78 11.87 -0.08
C TYR B 396 -35.06 10.54 0.60
N ALA B 397 -36.31 10.32 0.96
CA ALA B 397 -36.78 9.00 1.33
C ALA B 397 -37.42 8.37 0.10
N ASP B 398 -36.88 7.25 -0.34
CA ASP B 398 -37.47 6.45 -1.40
C ASP B 398 -38.18 5.28 -0.76
N SER B 399 -39.44 5.06 -1.15
CA SER B 399 -40.31 4.09 -0.50
C SER B 399 -40.99 3.21 -1.54
N PHE B 400 -40.96 1.90 -1.29
CA PHE B 400 -41.58 0.91 -2.16
C PHE B 400 -41.66 -0.44 -1.46
N VAL B 401 -42.47 -1.34 -2.01
CA VAL B 401 -42.55 -2.75 -1.60
C VAL B 401 -41.85 -3.64 -2.60
N ILE B 402 -41.09 -4.63 -2.10
CA ILE B 402 -40.44 -5.63 -2.93
C ILE B 402 -40.54 -7.00 -2.29
N ARG B 403 -40.46 -8.03 -3.12
CA ARG B 403 -40.45 -9.40 -2.61
C ARG B 403 -39.23 -9.63 -1.72
N GLY B 404 -39.44 -10.44 -0.68
CA GLY B 404 -38.42 -10.62 0.35
C GLY B 404 -37.08 -11.09 -0.19
N ASP B 405 -37.11 -11.92 -1.24
CA ASP B 405 -35.89 -12.37 -1.87
C ASP B 405 -35.21 -11.29 -2.70
N GLU B 406 -35.85 -10.16 -2.94
CA GLU B 406 -35.28 -9.11 -3.77
C GLU B 406 -34.41 -8.11 -3.02
N VAL B 407 -34.39 -8.13 -1.69
CA VAL B 407 -33.62 -7.14 -0.96
C VAL B 407 -32.13 -7.22 -1.25
N ARG B 408 -31.64 -8.39 -1.65
CA ARG B 408 -30.25 -8.50 -2.09
C ARG B 408 -29.92 -7.70 -3.34
N GLN B 409 -30.92 -7.14 -4.03
CA GLN B 409 -30.70 -6.24 -5.15
C GLN B 409 -30.63 -4.77 -4.76
N ILE B 410 -31.08 -4.41 -3.56
CA ILE B 410 -31.15 -3.01 -3.15
C ILE B 410 -29.88 -2.67 -2.39
N ALA B 411 -28.77 -2.65 -3.11
CA ALA B 411 -27.47 -2.28 -2.57
C ALA B 411 -26.64 -1.75 -3.73
N PRO B 412 -25.63 -0.95 -3.46
CA PRO B 412 -24.73 -0.54 -4.54
C PRO B 412 -24.13 -1.74 -5.27
N GLY B 413 -24.22 -1.70 -6.60
CA GLY B 413 -23.68 -2.72 -7.47
C GLY B 413 -24.38 -4.06 -7.46
N GLN B 414 -25.44 -4.24 -6.70
CA GLN B 414 -26.21 -5.46 -6.85
C GLN B 414 -26.87 -5.45 -8.22
N THR B 415 -27.30 -6.63 -8.67
CA THR B 415 -27.83 -6.79 -10.02
C THR B 415 -28.94 -7.82 -10.04
N GLY B 416 -29.83 -7.68 -11.00
CA GLY B 416 -31.03 -8.48 -11.07
C GLY B 416 -32.17 -7.69 -11.68
N LYS B 417 -33.33 -8.35 -11.76
CA LYS B 417 -34.47 -7.74 -12.44
C LYS B 417 -34.90 -6.44 -11.77
N ILE B 418 -34.90 -6.37 -10.45
CA ILE B 418 -35.32 -5.16 -9.77
C ILE B 418 -34.30 -4.06 -9.98
N ALA B 419 -33.03 -4.37 -9.74
CA ALA B 419 -31.96 -3.43 -10.02
C ALA B 419 -31.87 -3.09 -11.49
N ASP B 420 -32.20 -4.03 -12.37
CA ASP B 420 -32.11 -3.75 -13.80
C ASP B 420 -33.21 -2.82 -14.27
N TYR B 421 -34.43 -2.98 -13.76
CA TYR B 421 -35.60 -2.37 -14.39
C TYR B 421 -36.49 -1.53 -13.51
N ASN B 422 -36.30 -1.50 -12.19
CA ASN B 422 -37.25 -0.87 -11.29
C ASN B 422 -36.63 0.24 -10.47
N TYR B 423 -35.50 -0.01 -9.82
CA TYR B 423 -34.87 1.04 -9.02
C TYR B 423 -33.41 0.66 -8.80
N LYS B 424 -32.49 1.39 -9.42
CA LYS B 424 -31.06 1.11 -9.33
C LYS B 424 -30.39 2.15 -8.46
N LEU B 425 -29.62 1.68 -7.47
CA LEU B 425 -28.79 2.54 -6.63
C LEU B 425 -27.42 2.77 -7.28
N PRO B 426 -26.86 3.98 -7.24
CA PRO B 426 -25.57 4.20 -7.87
C PRO B 426 -24.44 3.48 -7.17
N ASP B 427 -23.38 3.20 -7.94
CA ASP B 427 -22.20 2.53 -7.39
C ASP B 427 -21.48 3.36 -6.34
N ASP B 428 -21.67 4.68 -6.34
CA ASP B 428 -21.17 5.57 -5.29
C ASP B 428 -22.26 5.97 -4.30
N PHE B 429 -23.29 5.16 -4.15
CA PHE B 429 -24.40 5.47 -3.26
C PHE B 429 -23.93 5.74 -1.84
N THR B 430 -24.63 6.66 -1.17
CA THR B 430 -24.50 6.81 0.27
C THR B 430 -25.84 7.14 0.90
N GLY B 431 -26.11 6.54 2.03
CA GLY B 431 -27.44 6.48 2.63
C GLY B 431 -27.60 5.16 3.34
N CYS B 432 -28.83 4.75 3.65
CA CYS B 432 -29.00 3.38 4.15
C CYS B 432 -30.32 2.73 3.82
N VAL B 433 -30.23 1.49 3.35
CA VAL B 433 -31.35 0.70 2.89
C VAL B 433 -31.94 -0.06 4.07
N ILE B 434 -33.09 0.44 4.52
CA ILE B 434 -33.82 -0.02 5.69
C ILE B 434 -35.03 -0.77 5.16
N ALA B 435 -35.26 -2.00 5.62
CA ALA B 435 -36.40 -2.77 5.14
C ALA B 435 -36.95 -3.68 6.22
N TRP B 436 -38.26 -3.95 6.14
CA TRP B 436 -38.87 -4.87 7.10
C TRP B 436 -40.07 -5.59 6.50
N ASN B 437 -40.32 -6.79 7.04
CA ASN B 437 -41.43 -7.63 6.60
C ASN B 437 -42.78 -6.96 6.77
N SER B 438 -43.66 -7.19 5.80
CA SER B 438 -44.91 -6.48 5.69
C SER B 438 -46.06 -7.40 5.32
N ASN B 439 -45.89 -8.71 5.40
CA ASN B 439 -47.01 -9.64 5.25
C ASN B 439 -48.05 -9.47 6.34
N ASN B 440 -47.69 -8.81 7.45
CA ASN B 440 -48.65 -8.43 8.46
C ASN B 440 -49.59 -7.32 8.02
N LEU B 441 -49.35 -6.67 6.88
CA LEU B 441 -50.16 -5.52 6.50
C LEU B 441 -50.42 -5.42 5.00
N ASP B 442 -49.36 -5.36 4.19
CA ASP B 442 -49.55 -5.20 2.76
C ASP B 442 -50.17 -6.42 2.10
N SER B 443 -49.99 -7.62 2.65
CA SER B 443 -50.72 -8.78 2.17
C SER B 443 -52.15 -8.77 2.71
N LYS B 444 -53.12 -8.86 1.79
CA LYS B 444 -54.48 -9.27 2.11
C LYS B 444 -54.51 -10.76 2.41
N VAL B 445 -55.71 -11.28 2.70
CA VAL B 445 -55.96 -12.72 2.76
C VAL B 445 -56.25 -13.19 1.33
N GLY B 446 -55.28 -13.86 0.72
CA GLY B 446 -55.25 -13.84 -0.71
C GLY B 446 -55.15 -12.43 -1.23
N GLY B 447 -55.51 -12.29 -2.51
CA GLY B 447 -55.67 -10.97 -3.10
C GLY B 447 -54.38 -10.17 -3.11
N ASN B 448 -54.43 -8.97 -2.54
CA ASN B 448 -53.27 -8.10 -2.40
C ASN B 448 -52.62 -7.72 -3.73
N TYR B 449 -53.35 -7.82 -4.84
CA TYR B 449 -52.79 -7.53 -6.17
C TYR B 449 -52.58 -6.04 -6.44
N ASN B 450 -52.62 -5.14 -5.46
CA ASN B 450 -52.38 -3.73 -5.72
C ASN B 450 -50.93 -3.43 -6.10
N TYR B 451 -49.99 -4.32 -5.84
CA TYR B 451 -48.57 -4.06 -6.00
C TYR B 451 -48.03 -4.72 -7.26
N LEU B 452 -47.30 -3.95 -8.07
CA LEU B 452 -46.82 -4.36 -9.38
C LEU B 452 -45.40 -3.88 -9.58
N TYR B 453 -44.70 -4.52 -10.52
CA TYR B 453 -43.31 -4.19 -10.81
C TYR B 453 -43.00 -4.39 -12.29
N ARG B 454 -42.05 -3.59 -12.79
CA ARG B 454 -41.69 -3.54 -14.22
C ARG B 454 -40.74 -4.68 -14.55
N LEU B 455 -41.30 -5.76 -15.08
CA LEU B 455 -40.56 -6.97 -15.42
C LEU B 455 -39.79 -6.87 -16.73
N PHE B 456 -40.01 -5.85 -17.55
CA PHE B 456 -39.30 -5.69 -18.82
C PHE B 456 -38.91 -4.25 -19.07
N ARG B 457 -37.77 -4.07 -19.76
CA ARG B 457 -37.45 -2.78 -20.36
C ARG B 457 -36.40 -3.00 -21.43
N LYS B 458 -36.32 -2.02 -22.34
CA LYS B 458 -35.39 -2.12 -23.46
C LYS B 458 -33.93 -2.08 -23.03
N SER B 459 -33.61 -1.35 -21.98
CA SER B 459 -32.26 -1.34 -21.43
C SER B 459 -32.34 -1.01 -19.94
N ASN B 460 -31.32 -1.44 -19.21
CA ASN B 460 -31.32 -1.22 -17.76
C ASN B 460 -31.40 0.26 -17.44
N LEU B 461 -31.99 0.54 -16.28
CA LEU B 461 -32.16 1.92 -15.83
C LEU B 461 -30.84 2.60 -15.57
N LYS B 462 -30.79 3.90 -15.82
CA LYS B 462 -29.86 4.75 -15.10
C LYS B 462 -30.30 4.83 -13.64
N PRO B 463 -29.36 5.02 -12.71
CA PRO B 463 -29.74 5.04 -11.29
C PRO B 463 -30.72 6.16 -10.95
N PHE B 464 -31.63 5.87 -10.03
CA PHE B 464 -32.77 6.72 -9.71
C PHE B 464 -33.67 7.05 -10.90
N GLU B 465 -33.57 6.31 -12.00
CA GLU B 465 -34.57 6.44 -13.04
C GLU B 465 -35.93 5.93 -12.55
N ARG B 466 -36.98 6.28 -13.28
CA ARG B 466 -38.33 5.81 -12.95
C ARG B 466 -39.13 5.72 -14.24
N ASP B 467 -39.10 4.52 -14.84
CA ASP B 467 -39.82 4.23 -16.08
C ASP B 467 -41.31 3.98 -15.84
N ILE B 468 -42.01 5.01 -15.39
CA ILE B 468 -43.42 4.91 -15.02
C ILE B 468 -44.36 4.68 -16.21
N SER B 469 -43.83 4.59 -17.43
CA SER B 469 -44.62 4.22 -18.58
C SER B 469 -45.07 2.76 -18.58
N THR B 470 -46.26 2.53 -19.12
CA THR B 470 -46.82 1.20 -19.38
C THR B 470 -46.71 0.79 -20.85
N GLU B 471 -45.97 1.52 -21.66
CA GLU B 471 -45.87 1.21 -23.09
C GLU B 471 -45.36 -0.21 -23.33
N ILE B 472 -46.04 -0.93 -24.22
CA ILE B 472 -45.83 -2.36 -24.39
C ILE B 472 -44.44 -2.63 -24.95
N TYR B 473 -43.74 -3.56 -24.30
CA TYR B 473 -42.42 -3.99 -24.72
C TYR B 473 -42.51 -4.91 -25.92
N GLN B 474 -41.56 -4.80 -26.85
CA GLN B 474 -41.59 -5.58 -28.07
C GLN B 474 -40.18 -5.94 -28.49
N ALA B 475 -40.03 -7.06 -29.18
CA ALA B 475 -38.73 -7.56 -29.61
C ALA B 475 -38.81 -8.11 -31.02
N GLY B 476 -37.88 -7.71 -31.87
CA GLY B 476 -37.86 -8.17 -33.25
C GLY B 476 -39.11 -7.85 -34.03
N SER B 477 -39.92 -6.91 -33.56
CA SER B 477 -41.33 -6.86 -33.85
C SER B 477 -41.65 -5.89 -34.97
N THR B 478 -42.57 -6.30 -35.83
CA THR B 478 -43.34 -5.36 -36.59
C THR B 478 -44.11 -4.47 -35.63
N PRO B 479 -44.60 -3.27 -36.09
CA PRO B 479 -45.30 -2.37 -35.17
C PRO B 479 -46.46 -3.04 -34.46
N CYS B 480 -46.33 -3.15 -33.14
CA CYS B 480 -47.21 -3.95 -32.31
C CYS B 480 -48.62 -3.41 -32.20
N ASN B 481 -48.88 -2.19 -32.65
CA ASN B 481 -50.20 -1.57 -32.60
C ASN B 481 -50.76 -1.52 -31.18
N GLY B 482 -49.92 -1.65 -30.16
CA GLY B 482 -50.45 -1.64 -28.82
C GLY B 482 -51.32 -2.81 -28.43
N VAL B 483 -51.26 -3.91 -29.17
CA VAL B 483 -52.05 -5.09 -28.87
C VAL B 483 -51.12 -6.14 -28.29
N GLU B 484 -51.45 -6.62 -27.09
CA GLU B 484 -50.60 -7.57 -26.41
C GLU B 484 -50.63 -8.91 -27.12
N GLY B 485 -49.58 -9.69 -26.93
CA GLY B 485 -49.52 -10.99 -27.56
C GLY B 485 -48.09 -11.45 -27.76
N PHE B 486 -47.94 -12.31 -28.74
CA PHE B 486 -46.65 -12.81 -29.19
C PHE B 486 -45.69 -11.65 -29.46
N ASN B 487 -44.49 -11.74 -28.88
CA ASN B 487 -43.49 -10.66 -28.92
C ASN B 487 -44.04 -9.29 -28.52
N CYS B 488 -45.10 -9.25 -27.74
CA CYS B 488 -45.75 -8.00 -27.31
C CYS B 488 -46.21 -8.17 -25.88
N TYR B 489 -45.35 -7.84 -24.93
CA TYR B 489 -45.54 -8.20 -23.54
C TYR B 489 -45.97 -6.94 -22.81
N PHE B 490 -47.00 -7.06 -21.98
CA PHE B 490 -47.24 -6.00 -21.02
C PHE B 490 -46.07 -5.98 -20.03
N PRO B 491 -45.44 -4.84 -19.78
CA PRO B 491 -44.13 -4.89 -19.12
C PRO B 491 -44.22 -5.12 -17.62
N LEU B 492 -45.36 -4.89 -16.99
CA LEU B 492 -45.52 -5.14 -15.57
C LEU B 492 -45.90 -6.60 -15.30
N GLN B 493 -45.63 -7.03 -14.07
CA GLN B 493 -46.28 -8.18 -13.45
C GLN B 493 -46.63 -7.77 -12.04
N SER B 494 -47.47 -8.56 -11.38
CA SER B 494 -47.94 -8.21 -10.04
C SER B 494 -47.77 -9.37 -9.09
N TYR B 495 -47.26 -9.06 -7.89
CA TYR B 495 -46.79 -10.08 -6.97
C TYR B 495 -47.92 -10.95 -6.45
N GLY B 496 -49.05 -10.34 -6.09
CA GLY B 496 -50.17 -11.08 -5.55
C GLY B 496 -49.82 -11.81 -4.28
N PHE B 497 -49.21 -11.07 -3.36
CA PHE B 497 -48.75 -11.60 -2.09
C PHE B 497 -49.85 -12.35 -1.35
N GLN B 498 -49.49 -13.47 -0.71
CA GLN B 498 -50.44 -14.30 0.03
C GLN B 498 -49.88 -14.63 1.42
N PRO B 499 -50.70 -14.62 2.47
CA PRO B 499 -50.18 -14.96 3.81
C PRO B 499 -49.69 -16.38 3.94
N THR B 500 -50.15 -17.27 3.08
CA THR B 500 -49.60 -18.61 3.06
C THR B 500 -48.27 -18.68 2.32
N ASN B 501 -47.92 -17.65 1.55
CA ASN B 501 -46.69 -17.68 0.79
C ASN B 501 -45.48 -17.70 1.73
N GLY B 502 -44.46 -18.43 1.33
CA GLY B 502 -43.23 -18.47 2.11
C GLY B 502 -42.57 -17.11 2.19
N VAL B 503 -41.91 -16.88 3.32
CA VAL B 503 -41.45 -15.55 3.72
C VAL B 503 -40.55 -14.91 2.68
N GLY B 504 -39.85 -15.72 1.89
CA GLY B 504 -39.08 -15.16 0.80
C GLY B 504 -39.94 -14.42 -0.20
N TYR B 505 -41.21 -14.80 -0.31
CA TYR B 505 -42.17 -14.14 -1.17
C TYR B 505 -43.16 -13.26 -0.40
N GLN B 506 -43.01 -13.13 0.91
CA GLN B 506 -43.82 -12.16 1.62
C GLN B 506 -43.29 -10.76 1.31
N PRO B 507 -44.14 -9.75 1.39
CA PRO B 507 -43.70 -8.39 1.03
C PRO B 507 -42.77 -7.84 2.08
N TYR B 508 -41.72 -7.16 1.65
CA TYR B 508 -40.91 -6.36 2.54
C TYR B 508 -40.99 -4.93 2.05
N ARG B 509 -41.40 -4.03 2.94
CA ARG B 509 -41.32 -2.62 2.65
C ARG B 509 -39.86 -2.19 2.75
N VAL B 510 -39.33 -1.63 1.67
CA VAL B 510 -38.03 -0.99 1.64
C VAL B 510 -38.27 0.52 1.61
N VAL B 511 -37.54 1.24 2.45
CA VAL B 511 -37.74 2.67 2.65
C VAL B 511 -36.40 3.38 2.54
N VAL B 512 -35.57 2.95 1.60
CA VAL B 512 -34.16 3.36 1.51
C VAL B 512 -34.01 4.87 1.52
N LEU B 513 -33.37 5.40 2.56
CA LEU B 513 -33.03 6.81 2.63
C LEU B 513 -31.75 7.07 1.86
N SER B 514 -31.75 8.10 1.03
CA SER B 514 -30.56 8.56 0.35
C SER B 514 -30.40 10.04 0.59
N PHE B 515 -29.19 10.47 0.91
CA PHE B 515 -28.99 11.85 1.32
C PHE B 515 -27.58 12.28 1.00
N GLU B 516 -27.47 13.55 0.65
CA GLU B 516 -26.27 14.17 0.10
C GLU B 516 -25.29 14.42 1.25
N LEU B 517 -24.55 13.37 1.60
CA LEU B 517 -23.58 13.43 2.68
C LEU B 517 -22.31 14.16 2.24
N LEU B 518 -22.47 15.38 1.75
CA LEU B 518 -21.39 16.33 1.55
C LEU B 518 -20.95 16.96 2.86
N HIS B 519 -20.25 18.08 2.74
CA HIS B 519 -20.18 19.05 3.82
C HIS B 519 -21.36 20.00 3.97
N ALA B 520 -21.44 21.05 3.16
CA ALA B 520 -22.41 22.13 3.33
C ALA B 520 -22.82 22.60 1.94
N PRO B 521 -23.98 23.29 1.81
CA PRO B 521 -25.04 23.69 2.74
C PRO B 521 -25.79 22.54 3.41
N ALA B 522 -26.60 22.86 4.40
CA ALA B 522 -27.36 21.85 5.13
C ALA B 522 -28.77 22.31 5.36
N THR B 523 -29.68 21.35 5.51
CA THR B 523 -31.10 21.64 5.65
C THR B 523 -31.85 20.56 6.42
N VAL B 524 -31.20 19.44 6.72
CA VAL B 524 -31.68 18.48 7.70
C VAL B 524 -30.48 18.06 8.51
N CYS B 525 -30.66 17.95 9.83
CA CYS B 525 -29.55 17.78 10.74
C CYS B 525 -29.95 16.89 11.90
N GLY B 526 -28.97 16.17 12.45
CA GLY B 526 -29.15 15.56 13.73
C GLY B 526 -29.11 16.61 14.82
N PRO B 527 -29.69 16.32 15.98
CA PRO B 527 -29.75 17.34 17.02
C PRO B 527 -28.38 17.63 17.60
N LYS B 528 -28.16 18.89 17.92
CA LYS B 528 -27.26 19.27 18.99
C LYS B 528 -27.69 20.64 19.47
N LYS B 529 -27.40 20.95 20.72
CA LYS B 529 -27.45 22.33 21.14
C LYS B 529 -26.22 23.07 20.63
N SER B 530 -26.13 24.37 20.93
CA SER B 530 -25.11 25.22 20.34
C SER B 530 -24.78 26.40 21.25
N THR B 531 -23.65 27.05 20.94
CA THR B 531 -22.91 27.94 21.82
C THR B 531 -22.92 29.40 21.35
N ASN B 532 -22.49 30.28 22.24
CA ASN B 532 -21.93 31.53 21.80
C ASN B 532 -20.81 31.28 20.80
N LEU B 533 -20.63 32.21 19.86
CA LEU B 533 -19.69 31.98 18.77
C LEU B 533 -18.22 31.95 19.22
N VAL B 534 -17.90 32.48 20.41
CA VAL B 534 -16.58 32.36 21.03
C VAL B 534 -15.47 32.73 20.06
N LYS B 535 -15.64 33.82 19.33
CA LYS B 535 -14.63 34.28 18.40
C LYS B 535 -13.30 34.59 19.08
N ASN B 536 -12.26 34.68 18.25
CA ASN B 536 -10.89 35.02 18.64
C ASN B 536 -10.11 34.02 19.48
N LYS B 537 -10.75 33.24 20.33
CA LYS B 537 -10.02 32.17 21.00
C LYS B 537 -9.70 31.06 20.02
N CYS B 538 -8.68 30.27 20.33
CA CYS B 538 -8.48 29.02 19.62
C CYS B 538 -9.46 27.99 20.16
N VAL B 539 -10.24 27.39 19.25
CA VAL B 539 -11.37 26.54 19.62
C VAL B 539 -11.47 25.34 18.68
N ASN B 540 -12.25 24.36 19.12
CA ASN B 540 -12.92 23.47 18.19
C ASN B 540 -14.18 24.13 17.67
N PHE B 541 -14.57 23.78 16.46
CA PHE B 541 -15.83 24.26 15.88
C PHE B 541 -16.53 23.15 15.13
N ASN B 542 -17.84 23.35 14.93
CA ASN B 542 -18.75 22.32 14.47
C ASN B 542 -19.75 22.83 13.44
N PHE B 543 -19.44 23.92 12.74
CA PHE B 543 -20.39 24.64 11.89
C PHE B 543 -21.19 23.75 10.94
N ASN B 544 -22.52 23.76 11.11
CA ASN B 544 -23.46 23.00 10.28
C ASN B 544 -23.02 21.56 10.03
N GLY B 545 -22.44 20.95 11.05
CA GLY B 545 -22.02 19.57 10.98
C GLY B 545 -20.60 19.35 10.50
N LEU B 546 -19.88 20.40 10.14
CA LEU B 546 -18.44 20.29 10.01
C LEU B 546 -17.83 19.97 11.38
N THR B 547 -16.56 19.59 11.38
CA THR B 547 -15.78 19.52 12.60
C THR B 547 -14.36 19.96 12.31
N GLY B 548 -13.76 20.67 13.26
CA GLY B 548 -12.35 21.01 13.12
C GLY B 548 -11.87 21.86 14.28
N THR B 549 -10.69 22.46 14.10
CA THR B 549 -10.13 23.41 15.07
C THR B 549 -9.49 24.60 14.39
N GLY B 550 -9.52 25.73 15.07
CA GLY B 550 -8.95 26.95 14.56
C GLY B 550 -9.34 28.12 15.43
N VAL B 551 -8.85 29.29 15.05
CA VAL B 551 -9.25 30.57 15.62
C VAL B 551 -10.13 31.31 14.64
N LEU B 552 -11.25 31.83 15.12
CA LEU B 552 -12.28 32.44 14.28
C LEU B 552 -12.21 33.95 14.45
N THR B 553 -12.26 34.68 13.33
CA THR B 553 -12.25 36.15 13.37
C THR B 553 -13.19 36.69 12.31
N GLU B 554 -13.69 37.91 12.55
CA GLU B 554 -14.62 38.51 11.61
C GLU B 554 -13.98 38.69 10.24
N SER B 555 -14.67 38.19 9.22
CA SER B 555 -14.08 38.13 7.88
C SER B 555 -13.94 39.51 7.25
N ASN B 556 -12.74 39.81 6.78
CA ASN B 556 -12.55 40.96 5.91
C ASN B 556 -13.03 40.67 4.50
N LYS B 557 -13.02 39.41 4.10
CA LYS B 557 -13.64 38.98 2.85
C LYS B 557 -15.15 38.98 2.96
N LYS B 558 -15.81 39.37 1.88
CA LYS B 558 -17.26 39.40 1.78
C LYS B 558 -17.75 38.28 0.86
N PHE B 559 -18.52 37.36 1.42
CA PHE B 559 -19.17 36.34 0.61
C PHE B 559 -20.19 36.99 -0.30
N LEU B 560 -20.43 36.35 -1.44
CA LEU B 560 -21.67 36.57 -2.16
C LEU B 560 -22.81 35.91 -1.39
N PRO B 561 -24.00 36.53 -1.34
CA PRO B 561 -24.98 36.16 -0.33
C PRO B 561 -25.51 34.74 -0.45
N PHE B 562 -25.30 34.07 -1.57
CA PHE B 562 -25.71 32.67 -1.68
C PHE B 562 -24.65 31.72 -1.14
N GLN B 563 -23.43 32.19 -0.93
CA GLN B 563 -22.33 31.31 -0.56
C GLN B 563 -22.41 30.96 0.92
N GLN B 564 -22.29 29.67 1.22
CA GLN B 564 -22.36 29.20 2.59
C GLN B 564 -21.00 28.89 3.22
N PHE B 565 -19.92 28.78 2.46
CA PHE B 565 -18.61 28.63 3.08
C PHE B 565 -17.58 29.06 2.05
N GLY B 566 -16.32 29.08 2.46
CA GLY B 566 -15.25 29.41 1.53
C GLY B 566 -14.01 28.61 1.81
N ARG B 567 -13.17 28.50 0.77
CA ARG B 567 -11.95 27.70 0.82
C ARG B 567 -10.76 28.56 0.43
N ASP B 568 -9.59 28.17 0.92
CA ASP B 568 -8.32 28.69 0.45
C ASP B 568 -7.77 27.88 -0.72
N ILE B 569 -6.73 28.44 -1.36
CA ILE B 569 -6.06 27.80 -2.49
C ILE B 569 -5.43 26.47 -2.13
N ALA B 570 -5.27 26.18 -0.84
CA ALA B 570 -4.83 24.88 -0.37
C ALA B 570 -5.90 23.80 -0.48
N ASP B 571 -7.07 24.10 -1.04
CA ASP B 571 -8.18 23.16 -1.09
C ASP B 571 -8.59 22.71 0.31
N THR B 572 -8.73 23.67 1.22
CA THR B 572 -9.22 23.41 2.56
C THR B 572 -10.14 24.54 2.99
N THR B 573 -11.05 24.20 3.91
CA THR B 573 -12.00 25.17 4.44
C THR B 573 -11.26 26.31 5.12
N ASP B 574 -11.67 27.54 4.82
CA ASP B 574 -10.97 28.72 5.29
C ASP B 574 -11.91 29.80 5.78
N ALA B 575 -13.19 29.75 5.46
CA ALA B 575 -14.17 30.63 6.06
C ALA B 575 -15.50 29.91 6.06
N VAL B 576 -16.37 30.30 6.98
CA VAL B 576 -17.75 29.85 6.99
C VAL B 576 -18.59 31.01 7.48
N ARG B 577 -19.88 30.97 7.17
CA ARG B 577 -20.83 31.88 7.81
C ARG B 577 -21.45 31.15 9.00
N ASP B 578 -21.28 31.73 10.17
CA ASP B 578 -21.70 31.09 11.40
C ASP B 578 -23.22 31.03 11.45
N PRO B 579 -23.86 29.87 11.31
CA PRO B 579 -25.22 29.87 10.77
C PRO B 579 -26.20 30.54 11.68
N GLN B 580 -25.90 30.69 12.94
CA GLN B 580 -26.86 31.32 13.82
C GLN B 580 -26.84 32.82 13.63
N THR B 581 -25.66 33.42 13.66
CA THR B 581 -25.52 34.87 13.47
C THR B 581 -25.48 35.28 12.00
N LEU B 582 -25.16 34.36 11.10
CA LEU B 582 -25.02 34.62 9.66
C LEU B 582 -23.88 35.55 9.30
N GLU B 583 -23.00 35.93 10.23
CA GLU B 583 -21.83 36.71 9.88
C GLU B 583 -20.76 35.82 9.26
N ILE B 584 -19.96 36.40 8.38
CA ILE B 584 -18.84 35.67 7.78
C ILE B 584 -17.69 35.62 8.77
N LEU B 585 -17.34 34.42 9.22
CA LEU B 585 -16.22 34.19 10.13
C LEU B 585 -15.12 33.47 9.36
N ASP B 586 -13.95 34.10 9.29
CA ASP B 586 -12.75 33.50 8.73
C ASP B 586 -12.05 32.63 9.76
N ILE B 587 -11.45 31.54 9.29
CA ILE B 587 -10.67 30.61 10.11
C ILE B 587 -9.19 30.89 9.86
N THR B 588 -8.41 30.86 10.93
CA THR B 588 -6.98 30.63 10.85
C THR B 588 -6.61 29.41 11.69
N PRO B 589 -5.60 28.65 11.32
CA PRO B 589 -5.16 27.57 12.20
C PRO B 589 -4.61 28.12 13.50
N CYS B 590 -4.73 27.32 14.56
CA CYS B 590 -4.12 27.69 15.83
C CYS B 590 -2.61 27.64 15.75
N SER B 591 -1.97 28.57 16.46
CA SER B 591 -0.54 28.83 16.32
C SER B 591 0.27 27.57 16.57
N PHE B 592 1.10 27.20 15.60
CA PHE B 592 1.87 25.97 15.73
C PHE B 592 3.19 26.08 14.97
N GLY B 593 4.18 25.36 15.46
CA GLY B 593 5.47 25.33 14.79
C GLY B 593 6.42 24.41 15.53
N GLY B 594 7.62 24.26 14.96
CA GLY B 594 8.65 23.49 15.62
C GLY B 594 9.20 24.19 16.86
N VAL B 595 9.48 23.39 17.90
CA VAL B 595 10.28 23.81 19.04
C VAL B 595 11.65 23.17 18.90
N SER B 596 12.69 23.98 19.00
CA SER B 596 14.06 23.56 18.75
C SER B 596 14.89 23.97 19.94
N VAL B 597 15.94 23.22 20.23
CA VAL B 597 16.72 23.42 21.45
C VAL B 597 18.14 23.77 21.07
N ILE B 598 18.68 24.78 21.74
CA ILE B 598 20.03 25.29 21.55
C ILE B 598 20.80 24.85 22.77
N THR B 599 21.88 24.09 22.55
CA THR B 599 22.60 23.45 23.63
C THR B 599 24.09 23.59 23.39
N PRO B 600 24.88 24.07 24.36
CA PRO B 600 26.31 24.26 24.12
C PRO B 600 27.10 22.96 24.16
N GLY B 601 26.45 21.86 24.52
CA GLY B 601 27.06 20.55 24.56
C GLY B 601 27.21 20.04 25.97
N THR B 602 26.84 18.77 26.15
CA THR B 602 26.81 18.17 27.48
C THR B 602 28.15 18.28 28.18
N ASN B 603 29.24 18.08 27.45
CA ASN B 603 30.59 18.24 28.00
C ASN B 603 31.05 19.69 28.03
N THR B 604 30.16 20.63 28.34
CA THR B 604 30.54 22.00 28.67
C THR B 604 29.61 22.55 29.74
N SER B 605 28.31 22.33 29.57
CA SER B 605 27.32 22.86 30.49
C SER B 605 25.98 22.20 30.18
N ASN B 606 25.10 22.24 31.18
CA ASN B 606 23.71 21.85 30.98
C ASN B 606 22.80 23.01 30.62
N GLN B 607 23.30 24.25 30.63
CA GLN B 607 22.44 25.38 30.32
C GLN B 607 21.99 25.31 28.85
N VAL B 608 20.76 25.76 28.61
CA VAL B 608 20.05 25.43 27.39
C VAL B 608 19.07 26.56 27.10
N ALA B 609 18.79 26.78 25.82
CA ALA B 609 17.81 27.77 25.40
C ALA B 609 16.91 27.16 24.34
N VAL B 610 15.71 27.72 24.20
CA VAL B 610 14.69 27.16 23.32
C VAL B 610 14.35 28.19 22.25
N LEU B 611 14.25 27.73 21.03
CA LEU B 611 13.78 28.53 19.90
C LEU B 611 12.41 27.99 19.48
N TYR B 612 11.39 28.85 19.48
CA TYR B 612 10.08 28.49 18.96
C TYR B 612 9.96 29.13 17.59
N GLN B 613 9.88 28.31 16.55
CA GLN B 613 9.87 28.87 15.20
C GLN B 613 8.56 29.59 14.90
N ASP B 614 8.68 30.83 14.43
CA ASP B 614 7.55 31.67 14.04
C ASP B 614 6.46 31.77 15.11
N VAL B 615 6.83 32.38 16.24
CA VAL B 615 5.95 32.52 17.39
C VAL B 615 6.14 33.92 17.96
N ASN B 616 5.06 34.51 18.47
CA ASN B 616 5.04 35.92 18.81
C ASN B 616 5.67 36.25 20.16
N CYS B 617 6.18 35.26 20.89
CA CYS B 617 6.60 35.40 22.29
C CYS B 617 5.47 35.82 23.22
N THR B 618 4.21 35.67 22.82
CA THR B 618 3.15 35.62 23.81
C THR B 618 3.02 34.22 24.40
N GLU B 619 3.50 33.22 23.68
CA GLU B 619 3.12 31.82 23.89
C GLU B 619 3.99 31.17 24.97
N VAL B 620 3.76 31.60 26.20
CA VAL B 620 4.23 30.87 27.35
C VAL B 620 3.44 29.57 27.45
N ASN B 641 13.50 35.10 30.63
CA ASN B 641 14.25 35.94 29.69
C ASN B 641 13.87 35.60 28.26
N VAL B 642 13.62 36.64 27.47
CA VAL B 642 12.99 36.49 26.16
C VAL B 642 13.75 37.33 25.15
N PHE B 643 13.76 36.86 23.91
CA PHE B 643 14.24 37.62 22.78
C PHE B 643 13.36 37.22 21.60
N GLN B 644 13.32 38.08 20.59
CA GLN B 644 12.43 37.90 19.45
C GLN B 644 13.21 38.11 18.16
N THR B 645 13.01 37.23 17.19
CA THR B 645 13.89 37.16 16.04
C THR B 645 13.06 36.86 14.80
N ARG B 646 13.64 37.11 13.64
CA ARG B 646 12.97 36.70 12.41
C ARG B 646 12.82 35.20 12.32
N ALA B 647 13.64 34.44 13.06
CA ALA B 647 13.45 33.00 13.18
C ALA B 647 12.32 32.62 14.12
N GLY B 648 11.92 33.51 15.02
CA GLY B 648 10.90 33.22 16.00
C GLY B 648 11.35 33.60 17.39
N CYS B 649 10.60 33.09 18.37
CA CYS B 649 10.85 33.45 19.76
C CYS B 649 12.02 32.66 20.31
N LEU B 650 12.84 33.30 21.14
CA LEU B 650 14.00 32.67 21.75
C LEU B 650 13.89 32.89 23.24
N ILE B 651 14.01 31.81 24.02
CA ILE B 651 13.82 31.88 25.46
C ILE B 651 15.01 31.24 26.14
N GLY B 652 15.48 31.88 27.20
CA GLY B 652 16.62 31.40 27.94
C GLY B 652 17.98 31.84 27.44
N ALA B 653 18.04 32.64 26.39
CA ALA B 653 19.30 33.21 25.89
C ALA B 653 19.32 34.71 26.13
N GLU B 654 20.39 35.20 26.74
CA GLU B 654 20.58 36.64 26.87
C GLU B 654 21.02 37.23 25.54
N HIS B 655 20.27 38.19 25.05
CA HIS B 655 20.65 38.92 23.85
C HIS B 655 21.74 39.93 24.17
N VAL B 656 22.86 39.87 23.46
CA VAL B 656 24.02 40.70 23.75
C VAL B 656 24.35 41.57 22.55
N ASN B 657 24.94 42.72 22.84
CA ASN B 657 24.84 43.87 21.95
C ASN B 657 25.99 44.00 20.95
N ASN B 658 27.15 43.42 21.22
CA ASN B 658 28.23 43.38 20.23
C ASN B 658 28.05 42.14 19.36
N SER B 659 29.11 41.66 18.71
CA SER B 659 28.98 40.60 17.72
C SER B 659 30.22 39.72 17.70
N TYR B 660 30.04 38.48 17.25
CA TYR B 660 31.08 37.45 17.27
C TYR B 660 30.89 36.55 16.06
N GLU B 661 31.88 35.71 15.82
CA GLU B 661 31.72 34.61 14.88
C GLU B 661 30.61 33.67 15.34
N CYS B 662 29.97 33.01 14.38
CA CYS B 662 28.79 32.18 14.65
C CYS B 662 29.21 30.86 15.23
N ASP B 663 28.88 30.63 16.50
CA ASP B 663 29.11 29.33 17.11
C ASP B 663 28.04 28.32 16.71
N ILE B 664 26.85 28.43 17.27
CA ILE B 664 25.68 27.66 16.85
C ILE B 664 24.73 28.58 16.10
N PRO B 665 24.33 28.27 14.87
CA PRO B 665 23.44 29.17 14.13
C PRO B 665 22.01 29.04 14.61
N ILE B 666 21.32 30.17 14.70
CA ILE B 666 19.88 30.19 14.92
C ILE B 666 19.14 30.54 13.64
N GLY B 667 19.49 31.64 13.02
CA GLY B 667 18.83 32.07 11.81
C GLY B 667 18.78 33.57 11.71
N ALA B 668 18.53 34.05 10.50
CA ALA B 668 18.30 35.47 10.22
C ALA B 668 19.39 36.34 10.80
N GLY B 669 20.62 35.87 10.73
CA GLY B 669 21.76 36.60 11.22
C GLY B 669 22.00 36.54 12.69
N ILE B 670 21.21 35.79 13.43
CA ILE B 670 21.40 35.60 14.86
C ILE B 670 22.00 34.23 15.08
N CYS B 671 23.02 34.17 15.93
CA CYS B 671 23.66 32.95 16.34
C CYS B 671 23.72 32.96 17.86
N ALA B 672 23.90 31.78 18.44
CA ALA B 672 24.01 31.63 19.88
C ALA B 672 25.27 30.87 20.23
N SER B 673 25.87 31.23 21.36
CA SER B 673 27.13 30.64 21.77
C SER B 673 27.27 30.76 23.28
N TYR B 674 28.21 29.99 23.83
CA TYR B 674 28.47 29.99 25.25
C TYR B 674 29.59 30.96 25.56
N GLN B 675 29.38 31.83 26.54
CA GLN B 675 30.30 32.91 26.83
C GLN B 675 30.44 33.08 28.34
N THR B 676 31.51 33.76 28.73
CA THR B 676 31.93 33.86 30.12
C THR B 676 32.11 32.48 30.73
N GLN B 690 29.68 30.62 31.24
CA GLN B 690 28.89 31.16 32.34
C GLN B 690 27.46 31.45 31.92
N SER B 691 27.23 31.70 30.63
CA SER B 691 25.88 31.84 30.12
C SER B 691 25.84 31.48 28.65
N ILE B 692 24.66 31.03 28.19
CA ILE B 692 24.31 31.17 26.79
C ILE B 692 24.09 32.63 26.47
N ILE B 693 24.53 33.05 25.28
CA ILE B 693 24.19 34.34 24.72
C ILE B 693 23.70 34.15 23.30
N ALA B 694 22.95 35.12 22.81
CA ALA B 694 22.61 35.23 21.40
C ALA B 694 23.05 36.60 20.89
N TYR B 695 23.49 36.63 19.64
CA TYR B 695 24.13 37.81 19.10
C TYR B 695 23.96 37.85 17.59
N THR B 696 24.06 39.04 17.03
CA THR B 696 24.15 39.19 15.59
C THR B 696 25.55 38.80 15.15
N MET B 697 25.64 38.03 14.07
CA MET B 697 26.93 37.61 13.54
C MET B 697 27.80 38.82 13.22
N SER B 698 29.09 38.67 13.46
CA SER B 698 30.09 39.59 12.94
C SER B 698 30.77 38.92 11.77
N LEU B 699 30.75 39.59 10.63
CA LEU B 699 31.30 39.04 9.41
C LEU B 699 32.81 39.10 9.37
N GLY B 700 33.42 40.05 10.06
CA GLY B 700 34.86 40.10 10.19
C GLY B 700 35.31 41.49 10.60
N ALA B 701 36.62 41.62 10.72
CA ALA B 701 37.23 42.93 10.94
C ALA B 701 36.99 43.85 9.75
N GLU B 702 36.69 45.11 10.03
CA GLU B 702 36.46 46.11 8.98
C GLU B 702 37.80 46.63 8.47
N ASN B 703 38.54 45.77 7.79
CA ASN B 703 39.86 46.13 7.28
C ASN B 703 39.71 47.11 6.13
N SER B 704 39.81 48.41 6.43
CA SER B 704 39.88 49.48 5.43
C SER B 704 41.25 49.53 4.76
N VAL B 705 41.46 48.65 3.78
CA VAL B 705 42.74 48.60 3.09
C VAL B 705 43.08 49.93 2.44
N ALA B 706 44.31 50.37 2.65
CA ALA B 706 44.70 51.76 2.42
C ALA B 706 45.00 51.97 0.94
N TYR B 707 43.97 51.83 0.13
CA TYR B 707 44.13 52.05 -1.30
C TYR B 707 44.51 53.49 -1.58
N SER B 708 45.43 53.65 -2.53
CA SER B 708 45.67 54.94 -3.13
C SER B 708 46.29 54.66 -4.48
N ASN B 709 46.07 55.57 -5.43
CA ASN B 709 46.55 55.31 -6.77
C ASN B 709 48.07 55.42 -6.94
N ASN B 710 48.79 55.94 -5.95
CA ASN B 710 50.24 55.97 -6.02
C ASN B 710 50.94 54.76 -5.43
N SER B 711 50.30 53.96 -4.58
CA SER B 711 51.01 53.13 -3.60
C SER B 711 50.76 51.63 -3.82
N ILE B 712 51.80 50.83 -3.60
CA ILE B 712 51.74 49.38 -3.61
C ILE B 712 52.31 48.87 -2.30
N ALA B 713 51.78 47.75 -1.82
CA ALA B 713 52.40 46.99 -0.73
C ALA B 713 53.02 45.73 -1.29
N ILE B 714 54.31 45.51 -1.01
CA ILE B 714 54.99 44.29 -1.43
C ILE B 714 55.39 43.47 -0.20
N PRO B 715 55.12 42.16 -0.17
CA PRO B 715 55.57 41.32 0.94
C PRO B 715 57.09 41.29 1.05
N THR B 716 57.61 41.64 2.22
CA THR B 716 59.04 41.50 2.45
C THR B 716 59.43 40.11 2.93
N ASN B 717 58.48 39.23 3.23
CA ASN B 717 58.84 37.93 3.81
C ASN B 717 57.71 36.96 3.53
N PHE B 718 57.89 35.69 3.92
CA PHE B 718 56.87 34.68 3.70
C PHE B 718 56.71 33.78 4.91
N THR B 719 55.63 32.99 4.90
CA THR B 719 55.35 32.01 5.94
C THR B 719 54.73 30.78 5.26
N ILE B 720 55.58 29.87 4.81
CA ILE B 720 55.11 28.65 4.17
C ILE B 720 54.27 27.84 5.16
N SER B 721 53.12 27.35 4.71
CA SER B 721 52.09 26.83 5.63
C SER B 721 51.52 25.54 5.08
N VAL B 722 50.96 24.73 5.97
CA VAL B 722 50.37 23.44 5.64
C VAL B 722 48.93 23.41 6.14
N THR B 723 48.00 23.15 5.22
CA THR B 723 46.57 23.07 5.52
C THR B 723 46.02 21.70 5.16
N THR B 724 45.47 21.01 6.15
CA THR B 724 44.79 19.74 5.91
C THR B 724 43.43 19.96 5.23
N GLU B 725 43.23 19.36 4.06
CA GLU B 725 41.91 19.20 3.45
C GLU B 725 41.46 17.75 3.55
N ILE B 726 40.24 17.53 4.02
CA ILE B 726 39.70 16.19 4.30
C ILE B 726 38.61 15.91 3.29
N LEU B 727 38.67 14.77 2.61
CA LEU B 727 37.64 14.39 1.64
C LEU B 727 37.21 12.94 1.83
N PRO B 728 35.90 12.65 1.89
CA PRO B 728 35.46 11.26 1.85
C PRO B 728 35.59 10.67 0.47
N VAL B 729 35.91 9.38 0.41
CA VAL B 729 36.17 8.70 -0.85
C VAL B 729 35.28 7.49 -1.04
N SER B 730 34.91 6.81 0.05
CA SER B 730 33.98 5.71 -0.04
C SER B 730 33.04 5.71 1.15
N MET B 731 31.90 5.06 0.97
CA MET B 731 31.11 4.55 2.07
C MET B 731 31.27 3.04 2.18
N THR B 732 30.76 2.45 3.25
CA THR B 732 30.85 0.99 3.38
C THR B 732 30.02 0.30 2.30
N LYS B 733 30.55 -0.79 1.77
CA LYS B 733 29.85 -1.57 0.76
C LYS B 733 28.71 -2.37 1.40
N THR B 734 27.63 -1.67 1.70
CA THR B 734 26.44 -2.33 2.22
C THR B 734 25.88 -3.34 1.21
N SER B 735 25.28 -4.42 1.72
CA SER B 735 24.47 -5.31 0.91
C SER B 735 23.33 -5.87 1.75
N VAL B 736 22.19 -6.14 1.10
CA VAL B 736 20.98 -6.60 1.78
C VAL B 736 20.40 -7.76 1.00
N ASP B 737 20.42 -8.96 1.60
CA ASP B 737 19.76 -10.14 1.05
C ASP B 737 18.25 -9.97 1.22
N CYS B 738 17.67 -9.17 0.33
CA CYS B 738 16.30 -8.69 0.41
C CYS B 738 15.21 -9.65 0.87
N THR B 739 15.22 -10.88 0.37
CA THR B 739 14.22 -11.84 0.82
C THR B 739 14.43 -12.26 2.27
N MET B 740 15.67 -12.46 2.69
CA MET B 740 15.92 -12.77 4.09
C MET B 740 15.60 -11.60 5.00
N TYR B 741 15.64 -10.38 4.50
CA TYR B 741 15.17 -9.24 5.27
C TYR B 741 13.66 -9.23 5.39
N ILE B 742 12.94 -9.25 4.26
CA ILE B 742 11.50 -9.10 4.32
C ILE B 742 10.87 -10.30 5.01
N CYS B 743 11.25 -11.52 4.63
CA CYS B 743 10.48 -12.69 4.96
C CYS B 743 11.09 -13.61 6.01
N GLY B 744 12.32 -13.38 6.43
CA GLY B 744 12.90 -14.18 7.52
C GLY B 744 12.90 -15.67 7.31
N ASP B 745 13.06 -16.13 6.07
CA ASP B 745 12.97 -17.52 5.68
C ASP B 745 11.59 -18.15 5.84
N SER B 746 10.53 -17.36 6.04
CA SER B 746 9.20 -17.91 5.93
C SER B 746 8.91 -18.26 4.48
N THR B 747 8.62 -19.52 4.19
CA THR B 747 8.22 -19.88 2.83
C THR B 747 6.88 -19.26 2.47
N GLU B 748 6.03 -19.02 3.47
CA GLU B 748 4.77 -18.33 3.22
C GLU B 748 5.01 -16.91 2.72
N CYS B 749 5.75 -16.13 3.50
CA CYS B 749 6.06 -14.77 3.06
C CYS B 749 6.77 -14.75 1.72
N SER B 750 7.73 -15.65 1.51
CA SER B 750 8.41 -15.70 0.22
C SER B 750 7.44 -15.97 -0.93
N ASN B 751 6.51 -16.90 -0.75
CA ASN B 751 5.53 -17.17 -1.80
C ASN B 751 4.60 -16.00 -2.04
N LEU B 752 4.36 -15.16 -1.03
CA LEU B 752 3.67 -13.90 -1.31
C LEU B 752 4.58 -12.90 -2.02
N LEU B 753 5.83 -12.80 -1.59
CA LEU B 753 6.75 -11.81 -2.17
C LEU B 753 6.99 -12.02 -3.64
N LEU B 754 6.97 -13.27 -4.10
CA LEU B 754 7.11 -13.51 -5.53
C LEU B 754 6.03 -12.79 -6.35
N GLN B 755 4.85 -12.57 -5.78
CA GLN B 755 3.83 -11.83 -6.51
C GLN B 755 4.26 -10.41 -6.83
N TYR B 756 5.16 -9.82 -6.07
CA TYR B 756 5.67 -8.49 -6.38
C TYR B 756 6.74 -8.50 -7.46
N GLY B 757 7.19 -9.66 -7.90
CA GLY B 757 8.08 -9.71 -9.04
C GLY B 757 9.47 -9.21 -8.74
N SER B 758 9.99 -8.42 -9.67
CA SER B 758 11.42 -8.11 -9.72
C SER B 758 11.90 -7.13 -8.66
N PHE B 759 11.04 -6.60 -7.81
CA PHE B 759 11.46 -5.65 -6.78
C PHE B 759 12.67 -6.16 -6.01
N CYS B 760 12.53 -7.35 -5.43
CA CYS B 760 13.56 -7.92 -4.58
C CYS B 760 14.78 -8.39 -5.35
N THR B 761 14.86 -8.16 -6.66
CA THR B 761 16.11 -8.22 -7.40
C THR B 761 16.61 -6.83 -7.77
N GLN B 762 15.71 -5.90 -8.05
CA GLN B 762 16.12 -4.53 -8.35
C GLN B 762 16.87 -3.91 -7.20
N LEU B 763 16.36 -4.09 -5.99
CA LEU B 763 17.03 -3.55 -4.82
C LEU B 763 18.46 -4.09 -4.72
N ASN B 764 18.60 -5.40 -4.80
CA ASN B 764 19.92 -6.03 -4.75
C ASN B 764 20.84 -5.59 -5.89
N ARG B 765 20.29 -5.38 -7.09
CA ARG B 765 21.10 -4.87 -8.18
C ARG B 765 21.60 -3.45 -7.90
N ALA B 766 20.73 -2.58 -7.40
CA ALA B 766 21.14 -1.21 -7.15
C ALA B 766 22.19 -1.13 -6.05
N LEU B 767 22.00 -1.88 -4.98
CA LEU B 767 23.03 -1.93 -3.95
C LEU B 767 24.34 -2.50 -4.47
N THR B 768 24.30 -3.54 -5.30
CA THR B 768 25.54 -4.01 -5.93
C THR B 768 26.19 -2.92 -6.78
N GLY B 769 25.39 -2.13 -7.49
CA GLY B 769 25.92 -1.00 -8.23
C GLY B 769 26.72 -0.03 -7.38
N ILE B 770 26.10 0.46 -6.30
CA ILE B 770 26.87 1.38 -5.44
C ILE B 770 28.05 0.68 -4.78
N ALA B 771 27.93 -0.61 -4.48
CA ALA B 771 29.06 -1.31 -3.87
C ALA B 771 30.24 -1.34 -4.82
N VAL B 772 30.02 -1.72 -6.07
CA VAL B 772 31.09 -1.67 -7.06
C VAL B 772 31.64 -0.25 -7.20
N GLU B 773 30.78 0.76 -7.10
CA GLU B 773 31.32 2.11 -7.20
C GLU B 773 32.21 2.52 -6.03
N GLN B 774 32.06 1.93 -4.85
CA GLN B 774 33.01 2.31 -3.79
C GLN B 774 34.41 1.78 -4.05
N ASP B 775 34.52 0.59 -4.62
CA ASP B 775 35.83 0.12 -5.10
C ASP B 775 36.34 1.01 -6.21
N LYS B 776 35.48 1.33 -7.18
CA LYS B 776 35.93 2.17 -8.29
C LYS B 776 36.43 3.51 -7.79
N ASN B 777 35.71 4.14 -6.87
CA ASN B 777 36.14 5.43 -6.34
C ASN B 777 37.49 5.35 -5.65
N THR B 778 37.67 4.41 -4.71
CA THR B 778 38.97 4.32 -4.05
C THR B 778 40.10 4.04 -5.04
N GLN B 779 39.86 3.16 -6.01
CA GLN B 779 40.88 2.91 -7.02
C GLN B 779 41.14 4.13 -7.88
N GLU B 780 40.11 4.88 -8.23
CA GLU B 780 40.26 6.00 -9.12
C GLU B 780 40.94 7.18 -8.46
N VAL B 781 40.81 7.34 -7.15
CA VAL B 781 41.59 8.38 -6.49
C VAL B 781 43.02 7.92 -6.19
N PHE B 782 43.22 6.70 -5.67
CA PHE B 782 44.56 6.34 -5.23
C PHE B 782 45.44 5.73 -6.32
N ALA B 783 44.91 4.96 -7.24
CA ALA B 783 45.74 4.32 -8.27
C ALA B 783 46.07 5.25 -9.42
N GLN B 784 46.37 6.51 -9.13
CA GLN B 784 46.76 7.45 -10.18
C GLN B 784 48.14 7.14 -10.73
N VAL B 785 48.98 6.42 -9.98
CA VAL B 785 50.37 6.17 -10.35
C VAL B 785 50.53 4.71 -10.72
N LYS B 786 51.19 4.47 -11.85
CA LYS B 786 51.30 3.13 -12.43
C LYS B 786 52.40 2.29 -11.81
N GLN B 787 53.14 2.79 -10.82
CA GLN B 787 54.20 2.02 -10.19
C GLN B 787 54.23 2.36 -8.71
N ILE B 788 54.73 1.43 -7.90
CA ILE B 788 54.96 1.67 -6.48
C ILE B 788 56.40 2.11 -6.33
N TYR B 789 56.60 3.41 -6.22
CA TYR B 789 57.91 3.98 -5.95
C TYR B 789 58.34 3.71 -4.52
N LYS B 790 59.44 2.98 -4.34
CA LYS B 790 60.03 2.85 -3.01
C LYS B 790 60.71 4.15 -2.59
N THR B 791 60.57 4.49 -1.32
CA THR B 791 61.24 5.68 -0.80
C THR B 791 62.74 5.47 -0.64
N PRO B 792 63.55 6.50 -0.86
CA PRO B 792 65.01 6.33 -0.84
C PRO B 792 65.52 5.93 0.55
N PRO B 793 66.74 5.40 0.64
CA PRO B 793 67.24 4.86 1.91
C PRO B 793 67.79 5.88 2.89
N ILE B 794 68.48 6.92 2.41
CA ILE B 794 68.99 8.01 3.25
C ILE B 794 68.34 9.30 2.81
N LYS B 795 67.64 9.93 3.75
CA LYS B 795 66.63 10.96 3.45
C LYS B 795 67.20 12.38 3.52
N ASP B 796 68.29 12.64 2.80
CA ASP B 796 68.91 13.97 2.76
C ASP B 796 68.12 14.95 1.87
N PHE B 797 66.86 15.18 2.24
CA PHE B 797 65.98 16.06 1.48
C PHE B 797 66.19 17.54 1.83
N GLY B 798 67.43 17.99 1.66
CA GLY B 798 67.75 19.40 1.75
C GLY B 798 67.37 20.06 3.05
N GLY B 799 67.29 19.30 4.14
CA GLY B 799 66.87 19.83 5.41
C GLY B 799 65.40 19.69 5.71
N PHE B 800 64.59 19.30 4.74
CA PHE B 800 63.21 18.97 5.04
C PHE B 800 63.16 17.65 5.82
N ASN B 801 62.06 17.41 6.53
CA ASN B 801 61.91 16.20 7.34
C ASN B 801 60.51 15.60 7.16
N PHE B 802 60.38 14.72 6.19
CA PHE B 802 59.14 14.03 5.89
C PHE B 802 58.86 12.85 6.83
N SER B 803 59.66 12.65 7.87
CA SER B 803 59.50 11.47 8.72
C SER B 803 58.10 11.35 9.32
N GLN B 804 57.41 12.47 9.50
CA GLN B 804 56.05 12.41 10.02
C GLN B 804 55.04 11.89 9.00
N ILE B 805 55.37 11.86 7.71
CA ILE B 805 54.40 11.47 6.68
C ILE B 805 54.81 10.26 5.86
N LEU B 806 56.09 9.91 5.79
CA LEU B 806 56.47 8.65 5.17
C LEU B 806 56.05 7.47 6.03
N PRO B 807 55.96 6.27 5.44
CA PRO B 807 55.75 5.08 6.25
C PRO B 807 56.91 4.83 7.19
N ASP B 808 56.60 4.17 8.32
CA ASP B 808 57.58 3.78 9.32
C ASP B 808 57.89 2.29 9.23
N PRO B 809 59.16 1.87 9.11
CA PRO B 809 59.47 0.43 9.19
C PRO B 809 59.10 -0.23 10.51
N SER B 810 58.73 0.54 11.55
CA SER B 810 58.06 -0.04 12.70
C SER B 810 56.82 -0.83 12.34
N LYS B 811 56.24 -0.58 11.18
CA LYS B 811 55.26 -1.46 10.56
C LYS B 811 53.98 -1.74 11.35
N PRO B 812 53.36 -0.75 12.03
CA PRO B 812 51.95 -0.94 12.34
C PRO B 812 51.16 -0.88 11.04
N SER B 813 50.98 -2.04 10.41
CA SER B 813 50.40 -2.15 9.06
C SER B 813 51.10 -1.25 8.03
N LYS B 814 52.38 -0.94 8.26
CA LYS B 814 53.14 -0.02 7.40
C LYS B 814 52.49 1.33 7.21
N ARG B 815 51.62 1.77 8.12
CA ARG B 815 51.01 3.08 8.01
C ARG B 815 52.05 4.18 8.15
N SER B 816 51.68 5.36 7.67
CA SER B 816 52.39 6.59 8.04
C SER B 816 52.07 6.98 9.47
N PHE B 817 53.01 7.71 10.07
CA PHE B 817 52.81 8.27 11.40
C PHE B 817 51.56 9.14 11.49
N ILE B 818 51.36 10.07 10.55
CA ILE B 818 50.13 10.84 10.55
C ILE B 818 48.93 9.97 10.18
N GLU B 819 49.14 9.04 9.26
CA GLU B 819 48.03 8.16 8.88
C GLU B 819 47.56 7.35 10.07
N ASP B 820 48.49 6.83 10.86
CA ASP B 820 48.10 6.03 12.01
C ASP B 820 47.40 6.88 13.07
N LEU B 821 47.68 8.18 13.11
CA LEU B 821 46.86 9.06 13.94
C LEU B 821 45.43 9.12 13.43
N LEU B 822 45.27 9.33 12.12
CA LEU B 822 43.92 9.42 11.57
C LEU B 822 43.14 8.13 11.75
N PHE B 823 43.79 6.99 11.60
CA PHE B 823 43.14 5.72 11.87
C PHE B 823 42.77 5.49 13.33
N ASN B 824 43.03 6.42 14.23
CA ASN B 824 42.50 6.36 15.60
C ASN B 824 41.58 7.51 15.96
N LYS B 825 41.81 8.71 15.42
CA LYS B 825 40.90 9.81 15.70
C LYS B 825 39.54 9.61 15.07
N VAL B 826 39.42 8.72 14.08
CA VAL B 826 38.13 8.31 13.52
C VAL B 826 37.84 6.89 13.97
N THR B 827 36.59 6.65 14.37
CA THR B 827 36.15 5.32 14.77
C THR B 827 34.68 5.19 14.42
N LEU B 828 34.28 3.97 14.11
CA LEU B 828 32.90 3.67 13.77
C LEU B 828 32.03 3.65 15.01
N PHE B 855 23.91 -10.03 12.26
CA PHE B 855 22.77 -9.32 11.71
C PHE B 855 21.97 -10.24 10.82
N ASN B 856 20.76 -9.82 10.47
CA ASN B 856 19.91 -10.53 9.53
C ASN B 856 19.79 -9.76 8.23
N GLY B 857 20.09 -10.44 7.12
CA GLY B 857 20.02 -9.82 5.81
C GLY B 857 21.12 -8.82 5.50
N LEU B 858 21.25 -7.79 6.32
CA LEU B 858 22.29 -6.80 6.11
C LEU B 858 23.68 -7.39 6.30
N THR B 859 24.61 -6.94 5.49
CA THR B 859 26.00 -7.34 5.61
C THR B 859 26.87 -6.27 4.97
N VAL B 860 28.15 -6.28 5.33
CA VAL B 860 29.13 -5.36 4.78
C VAL B 860 30.16 -6.14 3.99
N LEU B 861 30.29 -5.82 2.72
CA LEU B 861 31.33 -6.45 1.93
C LEU B 861 32.66 -5.77 2.24
N PRO B 862 33.77 -6.50 2.19
CA PRO B 862 35.05 -5.85 2.40
C PRO B 862 35.41 -4.96 1.23
N PRO B 863 36.17 -3.89 1.46
CA PRO B 863 36.67 -3.11 0.33
C PRO B 863 37.67 -3.91 -0.46
N LEU B 864 37.71 -3.65 -1.76
CA LEU B 864 38.67 -4.34 -2.62
C LEU B 864 40.12 -4.03 -2.25
N LEU B 865 40.44 -2.76 -2.03
CA LEU B 865 41.76 -2.34 -1.59
C LEU B 865 41.76 -2.19 -0.08
N THR B 866 42.37 -3.14 0.62
CA THR B 866 42.49 -3.02 2.06
C THR B 866 43.36 -1.83 2.43
N ASP B 867 43.23 -1.42 3.69
CA ASP B 867 44.00 -0.30 4.24
C ASP B 867 45.50 -0.42 4.05
N GLU B 868 46.03 -1.65 4.06
CA GLU B 868 47.44 -1.82 3.78
C GLU B 868 47.80 -1.33 2.39
N MET B 869 46.99 -1.66 1.39
CA MET B 869 47.29 -1.20 0.04
C MET B 869 47.04 0.28 -0.18
N ILE B 870 46.07 0.87 0.51
CA ILE B 870 45.92 2.31 0.41
C ILE B 870 47.12 3.01 1.02
N ALA B 871 47.62 2.50 2.15
CA ALA B 871 48.88 3.01 2.69
C ALA B 871 50.03 2.81 1.72
N GLN B 872 50.06 1.67 1.02
CA GLN B 872 51.12 1.43 0.06
C GLN B 872 51.06 2.42 -1.11
N TYR B 873 49.88 2.67 -1.65
CA TYR B 873 49.77 3.68 -2.71
C TYR B 873 50.17 5.06 -2.24
N THR B 874 49.68 5.49 -1.09
CA THR B 874 50.05 6.84 -0.65
C THR B 874 51.53 6.93 -0.30
N SER B 875 52.14 5.85 0.13
CA SER B 875 53.59 5.81 0.19
C SER B 875 54.22 6.00 -1.18
N ALA B 876 53.69 5.33 -2.19
CA ALA B 876 54.22 5.52 -3.53
C ALA B 876 54.05 6.94 -4.04
N LEU B 877 52.90 7.56 -3.79
CA LEU B 877 52.71 8.95 -4.18
C LEU B 877 53.62 9.90 -3.44
N LEU B 878 53.89 9.65 -2.16
CA LEU B 878 54.90 10.46 -1.49
C LEU B 878 56.27 10.25 -2.10
N ALA B 879 56.71 9.00 -2.25
CA ALA B 879 58.04 8.78 -2.78
C ALA B 879 58.18 9.35 -4.18
N GLY B 880 57.11 9.35 -4.95
CA GLY B 880 57.09 10.01 -6.23
C GLY B 880 57.26 11.50 -6.14
N THR B 881 56.36 12.19 -5.43
CA THR B 881 56.44 13.64 -5.35
C THR B 881 57.78 14.09 -4.77
N ILE B 882 58.22 13.44 -3.71
CA ILE B 882 59.50 13.78 -3.11
C ILE B 882 60.64 13.59 -4.09
N THR B 883 60.72 12.43 -4.75
CA THR B 883 61.86 12.20 -5.62
C THR B 883 61.83 13.02 -6.90
N SER B 884 60.66 13.32 -7.43
CA SER B 884 60.55 13.58 -8.86
C SER B 884 59.53 14.65 -9.24
N GLY B 885 58.89 15.31 -8.29
CA GLY B 885 57.99 16.41 -8.57
C GLY B 885 56.82 16.05 -9.47
N TRP B 886 56.52 16.93 -10.41
CA TRP B 886 55.46 16.63 -11.39
C TRP B 886 55.80 15.50 -12.34
N THR B 887 57.08 15.20 -12.55
CA THR B 887 57.48 14.41 -13.72
C THR B 887 56.87 13.02 -13.71
N PHE B 888 56.77 12.38 -12.55
CA PHE B 888 56.22 11.04 -12.50
C PHE B 888 54.73 10.97 -12.79
N GLY B 889 54.04 12.10 -12.84
CA GLY B 889 52.69 12.10 -13.34
C GLY B 889 52.64 11.98 -14.85
N ALA B 890 53.55 12.67 -15.54
CA ALA B 890 53.54 12.71 -17.00
C ALA B 890 54.30 11.58 -17.66
N GLY B 891 55.24 10.94 -16.99
CA GLY B 891 56.02 9.89 -17.63
C GLY B 891 56.68 8.98 -16.62
N ALA B 892 57.91 8.54 -16.88
CA ALA B 892 58.66 7.90 -15.81
C ALA B 892 58.96 8.92 -14.71
N ALA B 893 59.31 8.41 -13.54
CA ALA B 893 59.83 9.28 -12.50
C ALA B 893 61.26 9.66 -12.83
N LEU B 894 61.53 10.96 -12.87
CA LEU B 894 62.87 11.47 -13.04
C LEU B 894 63.36 11.99 -11.71
N GLN B 895 64.47 11.46 -11.20
CA GLN B 895 64.99 12.00 -9.97
C GLN B 895 65.43 13.44 -10.19
N ILE B 896 65.22 14.26 -9.17
CA ILE B 896 65.76 15.61 -9.15
C ILE B 896 65.95 15.96 -7.68
N PRO B 897 67.00 16.68 -7.28
CA PRO B 897 67.20 16.93 -5.86
C PRO B 897 66.01 17.72 -5.32
N PHE B 898 65.62 17.42 -4.10
CA PHE B 898 64.37 18.00 -3.62
C PHE B 898 64.44 19.52 -3.52
N ALA B 899 65.55 20.06 -3.04
CA ALA B 899 65.67 21.51 -2.97
C ALA B 899 65.51 22.14 -4.33
N MET B 900 66.01 21.48 -5.37
CA MET B 900 65.86 21.99 -6.72
C MET B 900 64.44 21.87 -7.22
N GLN B 901 63.73 20.82 -6.82
CA GLN B 901 62.30 20.77 -7.13
C GLN B 901 61.54 21.90 -6.45
N MET B 902 61.90 22.18 -5.21
CA MET B 902 61.23 23.25 -4.51
C MET B 902 61.51 24.58 -5.18
N ALA B 903 62.74 24.73 -5.66
CA ALA B 903 63.12 25.90 -6.44
C ALA B 903 62.27 26.04 -7.70
N TYR B 904 62.10 24.94 -8.43
CA TYR B 904 61.17 24.96 -9.56
C TYR B 904 59.76 25.35 -9.17
N ARG B 905 59.28 24.90 -8.02
CA ARG B 905 57.93 25.29 -7.62
C ARG B 905 57.82 26.76 -7.26
N PHE B 906 58.83 27.31 -6.60
CA PHE B 906 58.87 28.75 -6.40
C PHE B 906 58.86 29.48 -7.72
N ASN B 907 59.66 29.03 -8.67
CA ASN B 907 59.61 29.62 -10.00
C ASN B 907 58.24 29.43 -10.64
N GLY B 908 57.47 28.46 -10.16
CA GLY B 908 56.11 28.29 -10.62
C GLY B 908 55.12 29.29 -10.09
N ILE B 909 55.37 29.83 -8.89
CA ILE B 909 54.45 30.83 -8.33
C ILE B 909 54.95 32.26 -8.51
N GLY B 910 55.87 32.47 -9.44
CA GLY B 910 56.39 33.79 -9.74
C GLY B 910 57.41 34.35 -8.79
N VAL B 911 57.97 33.55 -7.90
CA VAL B 911 59.06 33.96 -7.04
C VAL B 911 60.35 33.42 -7.62
N THR B 912 61.26 34.29 -8.01
CA THR B 912 62.48 33.84 -8.67
C THR B 912 63.28 32.98 -7.70
N GLN B 913 63.78 31.85 -8.19
CA GLN B 913 64.12 30.78 -7.27
C GLN B 913 65.35 31.06 -6.42
N ASN B 914 66.15 32.09 -6.72
CA ASN B 914 67.18 32.47 -5.75
C ASN B 914 66.58 32.79 -4.40
N VAL B 915 65.33 33.25 -4.37
CA VAL B 915 64.63 33.53 -3.13
C VAL B 915 64.39 32.27 -2.33
N LEU B 916 64.48 31.10 -2.96
CA LEU B 916 64.57 29.88 -2.19
C LEU B 916 65.97 29.61 -1.67
N TYR B 917 66.96 29.55 -2.54
CA TYR B 917 68.28 29.12 -2.08
C TYR B 917 68.84 30.03 -1.01
N GLU B 918 68.69 31.34 -1.19
CA GLU B 918 69.13 32.27 -0.16
C GLU B 918 68.38 32.13 1.16
N ASN B 919 67.36 31.29 1.23
CA ASN B 919 66.57 31.11 2.44
C ASN B 919 66.37 29.63 2.76
N GLN B 920 67.11 28.72 2.12
CA GLN B 920 66.71 27.31 2.15
C GLN B 920 66.67 26.76 3.56
N LYS B 921 67.67 27.09 4.38
CA LYS B 921 67.69 26.64 5.77
C LYS B 921 66.46 27.12 6.52
N LEU B 922 66.07 28.36 6.29
CA LEU B 922 64.89 28.89 6.95
C LEU B 922 63.62 28.19 6.47
N ILE B 923 63.47 28.00 5.16
CA ILE B 923 62.24 27.41 4.64
C ILE B 923 61.99 26.01 5.20
N ALA B 924 63.01 25.17 5.22
CA ALA B 924 62.84 23.85 5.80
C ALA B 924 62.43 23.93 7.25
N ASN B 925 63.01 24.84 8.01
CA ASN B 925 62.62 24.96 9.41
C ASN B 925 61.19 25.40 9.55
N GLN B 926 60.71 26.29 8.69
CA GLN B 926 59.30 26.61 8.72
C GLN B 926 58.44 25.41 8.34
N PHE B 927 58.84 24.70 7.28
CA PHE B 927 58.04 23.56 6.84
C PHE B 927 57.95 22.47 7.89
N ASN B 928 59.07 22.10 8.50
CA ASN B 928 59.00 21.11 9.58
C ASN B 928 58.10 21.56 10.71
N SER B 929 58.18 22.82 11.10
CA SER B 929 57.31 23.28 12.18
C SER B 929 55.86 23.21 11.77
N ALA B 930 55.56 23.54 10.52
CA ALA B 930 54.18 23.42 10.08
C ALA B 930 53.71 21.98 10.12
N ILE B 931 54.57 21.05 9.69
CA ILE B 931 54.21 19.64 9.82
C ILE B 931 53.98 19.26 11.27
N GLY B 932 54.84 19.71 12.18
CA GLY B 932 54.59 19.45 13.58
C GLY B 932 53.26 19.98 14.08
N LYS B 933 52.90 21.19 13.67
CA LYS B 933 51.60 21.74 14.05
C LYS B 933 50.45 20.88 13.55
N ILE B 934 50.64 20.13 12.47
CA ILE B 934 49.57 19.25 12.03
C ILE B 934 49.32 18.15 13.04
N GLN B 935 50.36 17.39 13.41
CA GLN B 935 50.11 16.29 14.34
C GLN B 935 49.69 16.77 15.71
N ASP B 936 50.20 17.92 16.16
CA ASP B 936 49.67 18.53 17.36
C ASP B 936 48.19 18.84 17.20
N SER B 937 47.82 19.48 16.09
CA SER B 937 46.41 19.76 15.81
C SER B 937 45.55 18.51 15.71
N LEU B 938 45.98 17.54 14.90
CA LEU B 938 45.16 16.35 14.69
C LEU B 938 44.98 15.54 15.97
N SER B 939 45.97 15.52 16.85
CA SER B 939 45.82 14.85 18.14
C SER B 939 45.13 15.72 19.19
N SER B 940 44.84 16.99 18.90
CA SER B 940 44.16 17.82 19.88
C SER B 940 42.67 17.52 19.97
N THR B 941 41.97 17.49 18.84
CA THR B 941 40.55 17.13 18.84
C THR B 941 40.15 16.53 17.51
N ALA B 942 39.21 15.60 17.56
CA ALA B 942 38.72 14.89 16.39
C ALA B 942 37.91 15.79 15.45
N SER B 943 37.48 16.97 15.90
CA SER B 943 36.57 17.81 15.14
C SER B 943 37.10 18.21 13.77
N ALA B 944 38.40 18.07 13.50
CA ALA B 944 38.87 18.28 12.13
C ALA B 944 38.35 17.24 11.14
N LEU B 945 38.14 16.00 11.58
CA LEU B 945 37.75 14.92 10.70
C LEU B 945 36.25 14.67 10.68
N GLY B 946 35.46 15.63 11.14
CA GLY B 946 34.03 15.50 11.05
C GLY B 946 33.50 15.21 9.66
N LYS B 947 34.18 15.73 8.64
CA LYS B 947 33.79 15.45 7.26
C LYS B 947 33.78 13.96 6.96
N LEU B 948 34.69 13.20 7.55
CA LEU B 948 34.62 11.76 7.37
C LEU B 948 33.67 11.12 8.37
N GLN B 949 33.74 11.55 9.63
CA GLN B 949 32.92 10.93 10.65
C GLN B 949 31.44 11.07 10.33
N ASP B 950 31.06 12.19 9.72
CA ASP B 950 29.67 12.40 9.34
C ASP B 950 29.16 11.31 8.42
N VAL B 951 29.91 10.96 7.37
CA VAL B 951 29.40 9.93 6.47
C VAL B 951 29.32 8.60 7.21
N VAL B 952 30.33 8.29 8.01
CA VAL B 952 30.29 7.05 8.78
C VAL B 952 29.09 7.06 9.69
N ASN B 953 28.83 8.19 10.34
CA ASN B 953 27.63 8.27 11.15
C ASN B 953 26.38 8.10 10.31
N GLN B 954 26.21 8.92 9.26
CA GLN B 954 24.97 8.87 8.47
C GLN B 954 24.71 7.50 7.91
N ASN B 955 25.71 6.88 7.31
CA ASN B 955 25.51 5.55 6.77
C ASN B 955 25.10 4.56 7.82
N ALA B 956 25.75 4.59 8.98
CA ALA B 956 25.30 3.71 10.06
C ALA B 956 23.91 4.07 10.55
N GLN B 957 23.62 5.37 10.64
CA GLN B 957 22.32 5.79 11.16
C GLN B 957 21.19 5.31 10.27
N ALA B 958 21.32 5.49 8.97
CA ALA B 958 20.27 5.01 8.07
C ALA B 958 20.18 3.50 8.15
N LEU B 959 21.31 2.82 8.16
CA LEU B 959 21.29 1.37 8.27
C LEU B 959 20.64 0.94 9.57
N ASN B 960 21.02 1.59 10.67
CA ASN B 960 20.36 1.29 11.94
C ASN B 960 18.86 1.51 11.89
N THR B 961 18.42 2.54 11.17
CA THR B 961 16.98 2.75 11.02
C THR B 961 16.36 1.61 10.26
N LEU B 962 16.98 1.17 9.17
CA LEU B 962 16.46 0.03 8.43
C LEU B 962 16.32 -1.17 9.33
N VAL B 963 17.25 -1.37 10.25
CA VAL B 963 17.08 -2.46 11.20
C VAL B 963 15.92 -2.16 12.15
N LYS B 964 15.92 -0.98 12.76
CA LYS B 964 14.86 -0.63 13.69
C LYS B 964 13.48 -0.57 13.06
N GLN B 965 13.36 -0.55 11.75
CA GLN B 965 12.04 -0.63 11.13
C GLN B 965 11.42 -2.01 11.22
N LEU B 966 12.22 -3.07 11.40
CA LEU B 966 11.64 -4.40 11.41
C LEU B 966 10.65 -4.60 12.55
N SER B 967 10.80 -3.87 13.65
CA SER B 967 9.85 -4.00 14.74
C SER B 967 8.60 -3.16 14.56
N SER B 968 8.56 -2.28 13.57
CA SER B 968 7.35 -1.56 13.23
C SER B 968 6.33 -2.50 12.59
N ASN B 969 5.15 -2.62 13.20
CA ASN B 969 4.19 -3.61 12.75
C ASN B 969 3.34 -3.14 11.57
N PHE B 970 3.43 -1.89 11.15
CA PHE B 970 2.66 -1.36 10.02
C PHE B 970 1.17 -1.60 10.11
N GLY B 971 0.64 -1.82 11.30
CA GLY B 971 -0.76 -2.14 11.44
C GLY B 971 -1.11 -3.59 11.19
N ALA B 972 -0.15 -4.43 10.90
CA ALA B 972 -0.39 -5.85 11.09
C ALA B 972 -0.53 -6.13 12.58
N ILE B 973 -1.00 -7.34 12.90
CA ILE B 973 -1.21 -7.68 14.30
C ILE B 973 0.11 -7.70 15.07
N SER B 974 1.19 -8.17 14.44
CA SER B 974 2.47 -8.18 15.13
C SER B 974 3.61 -8.11 14.13
N SER B 975 4.75 -7.63 14.61
CA SER B 975 6.00 -7.68 13.84
C SER B 975 6.63 -9.06 13.82
N VAL B 976 6.23 -9.96 14.71
CA VAL B 976 6.76 -11.32 14.71
C VAL B 976 6.13 -12.10 13.59
N LEU B 977 6.70 -11.98 12.39
CA LEU B 977 6.14 -12.65 11.22
C LEU B 977 6.09 -14.16 11.41
N ASN B 978 7.01 -14.71 12.18
CA ASN B 978 6.93 -16.13 12.52
C ASN B 978 5.80 -16.43 13.49
N ASP B 979 5.30 -15.42 14.23
CA ASP B 979 4.17 -15.61 15.12
C ASP B 979 2.82 -15.43 14.44
N ILE B 980 2.70 -14.43 13.57
CA ILE B 980 1.41 -14.13 12.95
C ILE B 980 0.88 -15.32 12.18
N LEU B 981 1.73 -16.02 11.45
CA LEU B 981 1.29 -17.22 10.76
C LEU B 981 1.02 -18.38 11.71
N SER B 982 1.35 -18.25 12.99
CA SER B 982 0.99 -19.26 13.98
C SER B 982 -0.34 -18.96 14.65
N ARG B 983 -0.56 -17.70 15.03
CA ARG B 983 -1.81 -17.30 15.67
C ARG B 983 -3.00 -17.17 14.71
N LEU B 984 -2.79 -16.93 13.41
CA LEU B 984 -3.90 -16.74 12.47
C LEU B 984 -3.89 -17.79 11.37
N ASP B 985 -5.09 -18.14 10.92
CA ASP B 985 -5.23 -19.09 9.83
C ASP B 985 -4.79 -18.47 8.51
N PRO B 986 -4.32 -19.29 7.56
CA PRO B 986 -3.79 -18.77 6.29
C PRO B 986 -4.71 -17.81 5.54
N PRO B 987 -6.04 -17.99 5.57
CA PRO B 987 -6.89 -17.00 4.92
C PRO B 987 -6.85 -15.61 5.53
N GLU B 988 -6.49 -15.46 6.81
CA GLU B 988 -6.28 -14.15 7.42
C GLU B 988 -4.80 -13.75 7.38
N ALA B 989 -3.92 -14.69 7.64
CA ALA B 989 -2.50 -14.40 7.57
C ALA B 989 -2.10 -13.87 6.20
N GLU B 990 -2.78 -14.29 5.15
CA GLU B 990 -2.48 -13.74 3.83
C GLU B 990 -2.60 -12.22 3.78
N VAL B 991 -3.59 -11.64 4.45
CA VAL B 991 -3.68 -10.18 4.44
C VAL B 991 -2.80 -9.53 5.50
N GLN B 992 -2.60 -10.18 6.64
CA GLN B 992 -1.70 -9.60 7.63
C GLN B 992 -0.26 -9.57 7.13
N ILE B 993 0.20 -10.69 6.59
CA ILE B 993 1.53 -10.76 5.99
C ILE B 993 1.62 -9.83 4.78
N ASP B 994 0.54 -9.71 4.00
CA ASP B 994 0.57 -8.72 2.93
C ASP B 994 0.84 -7.31 3.45
N ARG B 995 0.23 -6.97 4.58
CA ARG B 995 0.50 -5.66 5.18
C ARG B 995 1.96 -5.52 5.63
N LEU B 996 2.51 -6.55 6.27
CA LEU B 996 3.91 -6.47 6.65
C LEU B 996 4.84 -6.41 5.45
N ILE B 997 4.56 -7.17 4.40
CA ILE B 997 5.41 -7.12 3.22
C ILE B 997 5.42 -5.72 2.63
N THR B 998 4.25 -5.16 2.34
CA THR B 998 4.26 -3.82 1.76
C THR B 998 4.97 -2.81 2.66
N GLY B 999 4.77 -2.91 3.97
CA GLY B 999 5.48 -2.01 4.87
C GLY B 999 6.99 -2.14 4.82
N ARG B 1000 7.49 -3.34 5.00
CA ARG B 1000 8.93 -3.56 5.01
C ARG B 1000 9.53 -3.21 3.66
N LEU B 1001 8.90 -3.65 2.58
CA LEU B 1001 9.42 -3.37 1.25
C LEU B 1001 9.50 -1.87 1.00
N GLN B 1002 8.47 -1.12 1.37
CA GLN B 1002 8.56 0.33 1.24
C GLN B 1002 9.72 0.89 2.04
N SER B 1003 9.93 0.38 3.25
CA SER B 1003 11.03 0.90 4.06
C SER B 1003 12.38 0.62 3.42
N LEU B 1004 12.52 -0.56 2.83
CA LEU B 1004 13.75 -0.88 2.11
C LEU B 1004 13.91 -0.05 0.85
N GLN B 1005 12.82 0.20 0.13
CA GLN B 1005 12.87 1.08 -1.02
C GLN B 1005 13.33 2.48 -0.64
N THR B 1006 12.91 2.96 0.51
CA THR B 1006 13.42 4.24 1.01
C THR B 1006 14.91 4.17 1.27
N TYR B 1007 15.34 3.14 2.00
CA TYR B 1007 16.76 2.99 2.29
C TYR B 1007 17.61 2.98 1.02
N VAL B 1008 17.27 2.14 0.06
CA VAL B 1008 18.09 2.07 -1.15
C VAL B 1008 18.05 3.37 -1.95
N THR B 1009 16.91 4.05 -1.99
CA THR B 1009 16.90 5.34 -2.68
C THR B 1009 17.82 6.35 -2.02
N GLN B 1010 17.75 6.45 -0.70
CA GLN B 1010 18.67 7.35 -0.02
C GLN B 1010 20.12 6.93 -0.24
N GLN B 1011 20.42 5.64 -0.14
CA GLN B 1011 21.81 5.23 -0.35
C GLN B 1011 22.28 5.53 -1.76
N LEU B 1012 21.39 5.46 -2.75
CA LEU B 1012 21.79 5.91 -4.08
C LEU B 1012 22.12 7.39 -4.10
N ILE B 1013 21.26 8.23 -3.51
CA ILE B 1013 21.56 9.66 -3.52
C ILE B 1013 22.83 9.97 -2.75
N ARG B 1014 23.02 9.34 -1.61
CA ARG B 1014 24.21 9.55 -0.82
C ARG B 1014 25.47 9.05 -1.53
N ALA B 1015 25.39 7.90 -2.17
CA ALA B 1015 26.50 7.47 -3.00
C ALA B 1015 26.77 8.41 -4.16
N ALA B 1016 25.73 9.00 -4.74
CA ALA B 1016 25.96 9.98 -5.80
C ALA B 1016 26.73 11.18 -5.28
N GLU B 1017 26.42 11.62 -4.08
CA GLU B 1017 27.19 12.70 -3.48
C GLU B 1017 28.62 12.27 -3.20
N ILE B 1018 28.81 11.09 -2.61
CA ILE B 1018 30.16 10.61 -2.34
C ILE B 1018 30.96 10.44 -3.61
N ARG B 1019 30.31 10.01 -4.70
CA ARG B 1019 31.00 9.96 -5.98
C ARG B 1019 31.45 11.34 -6.44
N ALA B 1020 30.59 12.34 -6.29
CA ALA B 1020 31.03 13.69 -6.65
C ALA B 1020 32.21 14.14 -5.79
N SER B 1021 32.18 13.85 -4.51
CA SER B 1021 33.34 14.10 -3.66
C SER B 1021 34.57 13.31 -4.10
N ALA B 1022 34.39 12.04 -4.44
CA ALA B 1022 35.52 11.24 -4.88
C ALA B 1022 36.13 11.74 -6.18
N ASN B 1023 35.30 12.20 -7.11
CA ASN B 1023 35.86 12.83 -8.31
C ASN B 1023 36.56 14.13 -7.99
N LEU B 1024 36.05 14.91 -7.04
CA LEU B 1024 36.82 16.06 -6.57
C LEU B 1024 38.14 15.62 -5.96
N ALA B 1025 38.15 14.54 -5.20
CA ALA B 1025 39.40 14.05 -4.64
C ALA B 1025 40.36 13.52 -5.69
N ALA B 1026 39.84 12.83 -6.69
CA ALA B 1026 40.69 12.39 -7.80
C ALA B 1026 41.28 13.57 -8.55
N THR B 1027 40.50 14.63 -8.73
CA THR B 1027 41.04 15.82 -9.36
C THR B 1027 42.11 16.45 -8.49
N LYS B 1028 41.82 16.61 -7.20
CA LYS B 1028 42.83 17.14 -6.28
C LYS B 1028 44.11 16.34 -6.32
N MET B 1029 44.04 15.01 -6.33
CA MET B 1029 45.27 14.24 -6.39
C MET B 1029 45.96 14.36 -7.74
N SER B 1030 45.18 14.39 -8.82
CA SER B 1030 45.77 14.56 -10.14
C SER B 1030 46.42 15.92 -10.35
N GLU B 1031 46.03 16.94 -9.59
CA GLU B 1031 46.49 18.30 -9.84
C GLU B 1031 47.36 18.85 -8.71
N CYS B 1032 46.84 18.89 -7.48
CA CYS B 1032 47.63 19.41 -6.38
C CYS B 1032 48.79 18.51 -5.98
N VAL B 1033 48.72 17.20 -6.24
CA VAL B 1033 49.81 16.30 -5.85
C VAL B 1033 50.73 16.01 -7.01
N LEU B 1034 50.20 15.45 -8.08
CA LEU B 1034 51.02 15.16 -9.24
C LEU B 1034 51.46 16.36 -9.99
N GLY B 1035 51.26 17.59 -9.56
CA GLY B 1035 51.49 18.75 -10.38
C GLY B 1035 51.69 19.95 -9.52
N GLN B 1036 51.22 21.09 -10.01
CA GLN B 1036 51.12 22.29 -9.22
C GLN B 1036 50.05 23.12 -9.89
N SER B 1037 49.08 23.59 -9.11
CA SER B 1037 47.91 24.24 -9.67
C SER B 1037 47.97 25.74 -9.46
N LYS B 1038 47.85 26.48 -10.55
CA LYS B 1038 47.66 27.92 -10.52
C LYS B 1038 46.25 28.30 -10.11
N ARG B 1039 45.35 27.35 -9.88
CA ARG B 1039 43.96 27.65 -9.59
C ARG B 1039 43.83 28.17 -8.18
N VAL B 1040 43.76 29.50 -8.07
CA VAL B 1040 43.76 30.19 -6.78
C VAL B 1040 42.70 29.64 -5.86
N ASP B 1041 43.11 29.34 -4.63
CA ASP B 1041 42.28 28.75 -3.59
C ASP B 1041 41.74 27.36 -3.94
N PHE B 1042 42.25 26.70 -4.98
CA PHE B 1042 41.87 25.30 -5.17
C PHE B 1042 42.64 24.39 -4.26
N CYS B 1043 43.97 24.46 -4.31
CA CYS B 1043 44.83 23.65 -3.44
C CYS B 1043 45.13 24.41 -2.15
N GLY B 1044 44.08 24.68 -1.40
CA GLY B 1044 44.20 25.40 -0.14
C GLY B 1044 44.46 26.88 -0.31
N LYS B 1045 44.46 27.58 0.82
CA LYS B 1045 44.69 29.01 0.83
C LYS B 1045 46.16 29.33 0.59
N GLY B 1046 46.39 30.40 -0.15
CA GLY B 1046 47.73 30.81 -0.53
C GLY B 1046 48.10 30.36 -1.92
N TYR B 1047 49.30 30.73 -2.33
CA TYR B 1047 49.86 30.23 -3.56
C TYR B 1047 50.31 28.80 -3.35
N HIS B 1048 49.92 27.91 -4.25
CA HIS B 1048 50.18 26.50 -4.03
C HIS B 1048 51.62 26.16 -4.34
N LEU B 1049 52.25 25.41 -3.44
CA LEU B 1049 53.56 24.82 -3.66
C LEU B 1049 53.45 23.35 -4.04
N MET B 1050 52.85 22.54 -3.17
CA MET B 1050 52.80 21.10 -3.42
C MET B 1050 51.75 20.53 -2.49
N SER B 1051 51.40 19.28 -2.69
CA SER B 1051 50.54 18.65 -1.72
C SER B 1051 50.95 17.20 -1.53
N PHE B 1052 50.81 16.72 -0.28
CA PHE B 1052 51.09 15.33 0.05
C PHE B 1052 49.80 14.61 0.43
N PRO B 1053 49.50 13.45 -0.13
CA PRO B 1053 48.31 12.72 0.31
C PRO B 1053 48.61 11.83 1.51
N GLN B 1054 47.55 11.54 2.26
CA GLN B 1054 47.59 10.54 3.30
C GLN B 1054 46.28 9.77 3.27
N SER B 1055 46.37 8.47 3.52
CA SER B 1055 45.18 7.63 3.65
C SER B 1055 44.42 7.98 4.91
N ALA B 1056 43.11 7.81 4.87
CA ALA B 1056 42.29 7.92 6.06
C ALA B 1056 41.12 6.98 5.91
N PRO B 1057 40.42 6.64 7.00
CA PRO B 1057 39.30 5.72 6.90
C PRO B 1057 38.28 6.13 5.85
N HIS B 1058 38.19 5.34 4.79
CA HIS B 1058 37.31 5.62 3.67
C HIS B 1058 37.49 7.02 3.11
N GLY B 1059 38.67 7.60 3.27
CA GLY B 1059 38.86 8.97 2.84
C GLY B 1059 40.31 9.27 2.56
N VAL B 1060 40.56 10.54 2.27
CA VAL B 1060 41.91 11.02 2.04
C VAL B 1060 42.08 12.35 2.76
N VAL B 1061 43.27 12.57 3.29
CA VAL B 1061 43.69 13.84 3.84
C VAL B 1061 44.82 14.37 2.97
N PHE B 1062 44.67 15.58 2.46
CA PHE B 1062 45.75 16.24 1.74
C PHE B 1062 46.40 17.24 2.67
N LEU B 1063 47.72 17.16 2.82
CA LEU B 1063 48.50 18.25 3.39
C LEU B 1063 48.89 19.17 2.25
N HIS B 1064 48.07 20.19 1.99
CA HIS B 1064 48.46 21.18 0.99
C HIS B 1064 49.50 22.11 1.57
N VAL B 1065 50.62 22.28 0.87
CA VAL B 1065 51.73 23.12 1.27
C VAL B 1065 51.70 24.34 0.38
N THR B 1066 51.66 25.52 0.98
CA THR B 1066 51.36 26.75 0.27
C THR B 1066 52.29 27.88 0.72
N TYR B 1067 52.73 28.69 -0.23
CA TYR B 1067 53.51 29.90 0.02
C TYR B 1067 52.55 31.04 0.33
N VAL B 1068 52.53 31.51 1.57
CA VAL B 1068 51.71 32.64 1.99
C VAL B 1068 52.62 33.83 2.28
N PRO B 1069 52.48 34.99 1.61
CA PRO B 1069 53.37 36.11 1.91
C PRO B 1069 52.99 36.81 3.20
N ALA B 1070 53.97 37.49 3.81
CA ALA B 1070 53.76 38.18 5.07
C ALA B 1070 54.72 39.36 5.19
N GLN B 1071 54.44 40.20 6.18
CA GLN B 1071 55.23 41.39 6.50
C GLN B 1071 55.38 42.31 5.29
N GLU B 1072 54.26 42.66 4.68
CA GLU B 1072 54.27 43.63 3.61
C GLU B 1072 54.66 45.03 4.06
N LYS B 1073 55.23 45.78 3.13
CA LYS B 1073 55.63 47.17 3.35
C LYS B 1073 55.08 48.08 2.25
N ASN B 1074 54.80 49.35 2.62
CA ASN B 1074 54.21 50.36 1.74
C ASN B 1074 55.24 51.11 0.91
N PHE B 1075 55.18 50.98 -0.41
CA PHE B 1075 56.05 51.68 -1.34
C PHE B 1075 55.21 52.55 -2.28
N THR B 1076 55.80 53.66 -2.70
CA THR B 1076 55.25 54.41 -3.82
C THR B 1076 55.63 53.73 -5.13
N THR B 1077 54.84 53.94 -6.18
CA THR B 1077 55.07 53.26 -7.46
C THR B 1077 54.85 54.22 -8.61
N ALA B 1078 55.26 53.77 -9.79
CA ALA B 1078 54.78 54.32 -11.04
C ALA B 1078 54.59 53.17 -12.00
N PRO B 1079 53.66 53.27 -12.95
CA PRO B 1079 53.54 52.21 -13.95
C PRO B 1079 54.71 52.14 -14.91
N ALA B 1080 55.42 53.23 -15.12
CA ALA B 1080 56.46 53.27 -16.13
C ALA B 1080 57.50 54.30 -15.70
N ILE B 1081 58.67 54.23 -16.30
CA ILE B 1081 59.74 55.18 -16.03
C ILE B 1081 60.15 55.86 -17.32
N CYS B 1082 60.32 57.17 -17.27
CA CYS B 1082 60.57 57.97 -18.46
C CYS B 1082 62.04 58.38 -18.48
N HIS B 1083 62.69 58.11 -19.61
CA HIS B 1083 64.07 58.51 -19.76
C HIS B 1083 64.37 58.73 -21.24
N ASP B 1084 65.08 59.81 -21.54
CA ASP B 1084 65.33 60.23 -22.92
C ASP B 1084 64.04 60.26 -23.74
N GLY B 1085 62.91 60.55 -23.09
CA GLY B 1085 61.61 60.56 -23.71
C GLY B 1085 61.02 59.22 -24.05
N LYS B 1086 61.79 58.13 -23.95
CA LYS B 1086 61.20 56.80 -24.05
C LYS B 1086 60.55 56.46 -22.71
N ALA B 1087 59.64 55.50 -22.75
CA ALA B 1087 59.07 54.94 -21.54
C ALA B 1087 59.51 53.49 -21.40
N HIS B 1088 60.00 53.16 -20.21
CA HIS B 1088 60.47 51.83 -19.87
C HIS B 1088 59.47 51.18 -18.93
N PHE B 1089 59.26 49.89 -19.11
CA PHE B 1089 58.34 49.08 -18.33
C PHE B 1089 59.08 47.85 -17.84
N PRO B 1090 58.74 47.32 -16.68
CA PRO B 1090 59.45 46.14 -16.19
C PRO B 1090 59.13 44.92 -17.04
N ARG B 1091 60.14 44.10 -17.31
CA ARG B 1091 59.84 42.86 -18.01
C ARG B 1091 59.05 41.93 -17.10
N GLU B 1092 59.38 41.89 -15.83
CA GLU B 1092 58.61 41.18 -14.84
C GLU B 1092 58.66 41.96 -13.54
N GLY B 1093 57.61 41.82 -12.74
CA GLY B 1093 57.52 42.62 -11.54
C GLY B 1093 57.13 44.06 -11.82
N VAL B 1094 57.59 44.95 -10.94
CA VAL B 1094 56.97 46.25 -10.76
C VAL B 1094 57.99 47.27 -10.30
N PHE B 1095 57.72 48.54 -10.58
CA PHE B 1095 58.54 49.60 -10.04
C PHE B 1095 58.04 50.02 -8.67
N VAL B 1096 58.98 50.31 -7.78
CA VAL B 1096 58.69 50.79 -6.45
C VAL B 1096 59.73 51.82 -6.08
N SER B 1097 59.39 52.65 -5.11
CA SER B 1097 60.34 53.57 -4.50
C SER B 1097 60.25 53.53 -3.00
N ASN B 1098 61.42 53.60 -2.36
CA ASN B 1098 61.47 53.86 -0.94
C ASN B 1098 61.25 55.33 -0.63
N GLY B 1099 61.00 56.16 -1.65
CA GLY B 1099 60.80 57.59 -1.53
C GLY B 1099 61.91 58.45 -2.09
N THR B 1100 63.12 57.93 -2.23
CA THR B 1100 64.25 58.71 -2.70
C THR B 1100 64.94 58.13 -3.92
N HIS B 1101 64.81 56.83 -4.15
CA HIS B 1101 65.36 56.16 -5.31
C HIS B 1101 64.31 55.21 -5.84
N TRP B 1102 64.48 54.78 -7.08
CA TRP B 1102 63.53 53.88 -7.71
C TRP B 1102 64.18 52.55 -8.01
N PHE B 1103 63.37 51.48 -7.95
CA PHE B 1103 63.84 50.13 -8.16
C PHE B 1103 62.79 49.32 -8.89
N VAL B 1104 63.23 48.33 -9.63
CA VAL B 1104 62.40 47.20 -10.01
C VAL B 1104 62.39 46.22 -8.87
N THR B 1105 61.29 45.48 -8.73
CA THR B 1105 61.32 44.30 -7.91
C THR B 1105 60.29 43.30 -8.36
N GLN B 1106 60.49 42.06 -7.98
CA GLN B 1106 59.55 41.01 -8.33
C GLN B 1106 58.26 41.21 -7.56
N ARG B 1107 57.16 40.76 -8.15
CA ARG B 1107 55.84 41.15 -7.66
C ARG B 1107 55.50 40.62 -6.28
N ASN B 1108 56.13 39.54 -5.80
CA ASN B 1108 55.70 38.86 -4.58
C ASN B 1108 56.81 38.62 -3.57
N PHE B 1109 57.93 39.32 -3.68
CA PHE B 1109 58.93 39.30 -2.62
C PHE B 1109 59.82 40.48 -2.87
N TYR B 1110 59.90 41.40 -1.92
CA TYR B 1110 60.70 42.59 -2.13
C TYR B 1110 62.17 42.21 -2.20
N GLU B 1111 62.75 42.39 -3.38
CA GLU B 1111 64.20 42.24 -3.59
C GLU B 1111 64.59 43.26 -4.63
N PRO B 1112 65.02 44.45 -4.23
CA PRO B 1112 65.20 45.52 -5.21
C PRO B 1112 66.41 45.29 -6.09
N GLN B 1113 66.29 45.76 -7.33
CA GLN B 1113 67.39 45.78 -8.28
C GLN B 1113 67.52 47.18 -8.82
N ILE B 1114 68.75 47.56 -9.18
CA ILE B 1114 68.93 48.75 -9.99
C ILE B 1114 68.14 48.59 -11.27
N ILE B 1115 67.51 49.67 -11.70
CA ILE B 1115 66.74 49.67 -12.93
C ILE B 1115 67.71 49.76 -14.10
N THR B 1116 67.58 48.87 -15.07
CA THR B 1116 68.50 48.84 -16.20
C THR B 1116 67.74 48.39 -17.45
N THR B 1117 68.39 48.52 -18.60
CA THR B 1117 67.87 47.98 -19.85
C THR B 1117 67.84 46.47 -19.91
N ASP B 1118 68.41 45.76 -18.94
CA ASP B 1118 68.21 44.32 -18.88
C ASP B 1118 66.82 43.98 -18.37
N ASN B 1119 66.47 44.50 -17.20
CA ASN B 1119 65.18 44.19 -16.57
C ASN B 1119 64.02 45.04 -17.04
N THR B 1120 64.24 46.08 -17.85
CA THR B 1120 63.14 46.87 -18.41
C THR B 1120 63.19 46.85 -19.94
N PHE B 1121 62.03 47.03 -20.55
CA PHE B 1121 61.92 47.19 -22.00
C PHE B 1121 61.24 48.50 -22.36
N VAL B 1122 61.66 49.07 -23.48
CA VAL B 1122 61.24 50.38 -23.94
C VAL B 1122 60.10 50.27 -24.92
N SER B 1123 59.11 51.14 -24.78
CA SER B 1123 58.06 51.23 -25.80
C SER B 1123 57.36 52.56 -25.68
N GLY B 1124 56.65 52.93 -26.73
CA GLY B 1124 55.93 54.17 -26.77
C GLY B 1124 56.83 55.38 -26.67
N ASN B 1125 56.27 56.46 -26.15
CA ASN B 1125 57.02 57.66 -25.81
C ASN B 1125 56.38 58.30 -24.59
N CYS B 1126 57.14 59.16 -23.94
CA CYS B 1126 56.85 59.64 -22.60
C CYS B 1126 55.72 60.67 -22.57
N ASP B 1127 54.54 60.24 -23.03
CA ASP B 1127 53.37 61.13 -23.01
C ASP B 1127 52.05 60.39 -22.95
N VAL B 1128 51.97 59.22 -23.60
CA VAL B 1128 50.73 58.46 -23.63
C VAL B 1128 50.39 57.82 -22.29
N VAL B 1129 51.33 57.70 -21.37
CA VAL B 1129 51.14 56.97 -20.13
C VAL B 1129 50.96 57.97 -18.99
N ILE B 1130 49.89 57.78 -18.23
CA ILE B 1130 49.64 58.57 -17.03
C ILE B 1130 50.54 58.08 -15.90
N GLY B 1131 50.93 59.01 -15.04
CA GLY B 1131 51.69 58.64 -13.86
C GLY B 1131 53.08 58.16 -14.14
N ILE B 1132 53.58 58.33 -15.36
CA ILE B 1132 54.97 58.06 -15.63
C ILE B 1132 55.84 58.98 -14.77
N VAL B 1133 57.05 58.50 -14.45
CA VAL B 1133 58.00 59.19 -13.59
C VAL B 1133 59.40 59.09 -14.17
N ASN B 1134 60.29 59.96 -13.71
CA ASN B 1134 61.60 60.16 -14.33
C ASN B 1134 62.69 59.50 -13.51
N ASN B 1135 63.61 58.82 -14.20
CA ASN B 1135 64.80 58.28 -13.57
C ASN B 1135 65.92 58.21 -14.59
N THR B 1136 67.15 58.11 -14.09
CA THR B 1136 68.21 57.49 -14.86
C THR B 1136 67.97 55.99 -14.95
N VAL B 1137 68.07 55.43 -16.15
CA VAL B 1137 68.03 53.99 -16.35
C VAL B 1137 69.34 53.58 -17.01
N TYR B 1138 70.10 52.73 -16.32
CA TYR B 1138 71.47 52.42 -16.73
C TYR B 1138 71.47 51.38 -17.84
N ASP B 1139 72.50 51.46 -18.70
CA ASP B 1139 72.79 50.41 -19.67
C ASP B 1139 74.12 49.76 -19.31
N PRO B 1140 74.18 48.47 -18.98
CA PRO B 1140 75.45 47.88 -18.58
C PRO B 1140 76.48 47.80 -19.69
N LEU B 1141 76.06 47.88 -20.95
CA LEU B 1141 76.99 47.99 -22.06
C LEU B 1141 77.55 49.39 -22.24
N GLN B 1142 77.08 50.37 -21.47
CA GLN B 1142 77.55 51.74 -21.61
C GLN B 1142 78.92 51.97 -20.98
N PRO B 1143 79.13 51.63 -19.71
CA PRO B 1143 80.41 51.98 -19.10
C PRO B 1143 81.58 51.14 -19.58
N GLU B 1144 81.37 49.87 -19.89
CA GLU B 1144 82.45 49.03 -20.39
C GLU B 1144 82.83 49.45 -21.79
N ALA C 27 22.47 -51.20 -16.16
CA ALA C 27 23.29 -50.57 -17.24
C ALA C 27 22.90 -49.10 -17.39
N TYR C 28 23.81 -48.26 -17.87
CA TYR C 28 23.60 -46.82 -17.94
C TYR C 28 24.23 -46.23 -19.18
N THR C 29 23.72 -45.05 -19.56
CA THR C 29 24.45 -44.10 -20.40
C THR C 29 23.96 -42.73 -19.98
N ASN C 30 24.78 -41.71 -20.18
CA ASN C 30 24.32 -40.37 -19.83
C ASN C 30 23.52 -39.78 -20.98
N SER C 31 22.50 -39.00 -20.61
CA SER C 31 21.85 -38.08 -21.52
C SER C 31 22.81 -36.97 -21.92
N PHE C 32 22.40 -36.24 -22.94
CA PHE C 32 22.97 -34.93 -23.22
C PHE C 32 21.87 -33.88 -23.11
N THR C 33 21.83 -32.92 -24.04
CA THR C 33 20.84 -31.85 -24.05
C THR C 33 19.48 -32.30 -24.61
N ARG C 34 18.88 -33.31 -23.97
CA ARG C 34 17.65 -33.94 -24.44
C ARG C 34 16.66 -34.09 -23.31
N GLY C 35 15.40 -34.32 -23.71
CA GLY C 35 14.28 -34.37 -22.78
C GLY C 35 13.68 -33.01 -22.48
N VAL C 36 13.53 -32.23 -23.55
CA VAL C 36 13.08 -30.85 -23.48
C VAL C 36 11.94 -30.66 -24.46
N TYR C 37 10.95 -29.86 -24.08
CA TYR C 37 9.66 -29.89 -24.76
C TYR C 37 8.98 -28.54 -24.58
N TYR C 38 8.05 -28.25 -25.47
CA TYR C 38 7.30 -27.00 -25.39
C TYR C 38 6.40 -27.01 -24.17
N PRO C 39 6.63 -26.16 -23.16
CA PRO C 39 6.04 -26.44 -21.85
C PRO C 39 4.60 -25.99 -21.67
N ASP C 40 4.06 -25.08 -22.51
CA ASP C 40 2.86 -24.35 -22.12
C ASP C 40 1.85 -24.10 -23.23
N LYS C 41 1.98 -24.73 -24.40
CA LYS C 41 1.03 -24.56 -25.49
C LYS C 41 0.76 -23.09 -25.84
N VAL C 42 1.79 -22.26 -25.71
CA VAL C 42 1.69 -20.84 -25.95
C VAL C 42 2.90 -20.47 -26.80
N PHE C 43 2.66 -19.74 -27.87
CA PHE C 43 3.72 -19.35 -28.79
C PHE C 43 4.57 -18.22 -28.22
N ARG C 44 5.89 -18.36 -28.40
CA ARG C 44 6.87 -17.31 -28.11
C ARG C 44 7.96 -17.41 -29.15
N SER C 45 8.62 -16.29 -29.45
CA SER C 45 9.68 -16.34 -30.43
C SER C 45 10.69 -15.23 -30.21
N SER C 46 11.91 -15.49 -30.68
CA SER C 46 13.06 -14.59 -30.54
C SER C 46 13.22 -14.09 -29.11
N VAL C 47 13.12 -15.00 -28.14
CA VAL C 47 12.95 -14.59 -26.75
C VAL C 47 13.48 -15.67 -25.83
N LEU C 48 13.70 -15.32 -24.57
CA LEU C 48 14.11 -16.25 -23.53
C LEU C 48 13.03 -16.30 -22.47
N HIS C 49 12.79 -17.48 -21.90
CA HIS C 49 11.71 -17.60 -20.92
C HIS C 49 12.08 -18.62 -19.85
N SER C 50 11.64 -18.38 -18.62
CA SER C 50 11.98 -19.18 -17.46
C SER C 50 10.79 -20.04 -17.06
N THR C 51 11.01 -21.35 -16.96
CA THR C 51 9.96 -22.35 -16.79
C THR C 51 10.28 -23.24 -15.61
N GLN C 52 9.25 -23.63 -14.85
CA GLN C 52 9.41 -24.42 -13.63
C GLN C 52 8.74 -25.79 -13.69
N ASP C 53 8.22 -26.20 -14.85
CA ASP C 53 7.64 -27.53 -15.01
C ASP C 53 8.71 -28.62 -14.93
N LEU C 54 8.24 -29.86 -14.91
CA LEU C 54 9.13 -31.01 -14.94
C LEU C 54 9.92 -31.09 -16.24
N PHE C 55 11.19 -31.48 -16.12
CA PHE C 55 12.06 -31.72 -17.27
C PHE C 55 13.03 -32.83 -16.94
N LEU C 56 13.64 -33.41 -17.98
CA LEU C 56 14.77 -34.30 -17.76
C LEU C 56 16.02 -33.47 -17.48
N PRO C 57 16.66 -33.60 -16.31
CA PRO C 57 17.85 -32.80 -16.04
C PRO C 57 18.97 -33.15 -17.02
N PHE C 58 19.65 -32.12 -17.52
CA PHE C 58 20.73 -32.34 -18.47
C PHE C 58 21.82 -33.22 -17.86
N PHE C 59 22.33 -34.13 -18.69
CA PHE C 59 23.33 -35.10 -18.28
C PHE C 59 22.88 -36.01 -17.14
N SER C 60 21.58 -36.11 -16.88
CA SER C 60 21.13 -37.20 -16.02
C SER C 60 21.44 -38.51 -16.70
N ASN C 61 21.72 -39.54 -15.90
CA ASN C 61 21.86 -40.87 -16.46
C ASN C 61 20.50 -41.40 -16.88
N VAL C 62 20.43 -41.97 -18.08
CA VAL C 62 19.30 -42.75 -18.53
C VAL C 62 19.73 -44.21 -18.57
N THR C 63 18.92 -45.07 -17.97
CA THR C 63 19.17 -46.49 -18.07
C THR C 63 18.93 -47.00 -19.48
N TRP C 64 19.65 -48.05 -19.84
CA TRP C 64 19.52 -48.76 -21.10
C TRP C 64 18.99 -50.15 -20.78
N PHE C 65 18.01 -50.63 -21.55
CA PHE C 65 17.40 -51.93 -21.26
C PHE C 65 17.31 -52.80 -22.51
N HIS C 66 17.33 -54.11 -22.29
CA HIS C 66 17.27 -55.09 -23.36
C HIS C 66 15.97 -55.04 -24.15
N ALA C 67 16.02 -54.53 -25.37
CA ALA C 67 14.84 -54.56 -26.22
C ALA C 67 14.48 -55.97 -26.62
N ILE C 68 15.46 -56.85 -26.75
CA ILE C 68 15.19 -58.26 -26.93
C ILE C 68 14.92 -58.90 -25.58
N HIS C 69 14.07 -59.94 -25.59
CA HIS C 69 13.83 -60.77 -24.42
C HIS C 69 15.01 -61.69 -24.15
N VAL C 70 16.19 -61.13 -23.83
CA VAL C 70 17.41 -61.93 -23.76
C VAL C 70 17.34 -62.90 -22.59
N SER C 71 16.75 -62.48 -21.48
CA SER C 71 16.69 -63.32 -20.29
C SER C 71 15.86 -64.58 -20.57
N ASN C 81 14.08 -58.15 -21.65
CA ASN C 81 13.46 -56.93 -21.15
C ASN C 81 13.07 -56.98 -19.69
N PRO C 82 13.72 -56.19 -18.84
CA PRO C 82 13.15 -55.86 -17.54
C PRO C 82 11.97 -54.91 -17.68
N VAL C 83 11.07 -54.98 -16.69
CA VAL C 83 9.92 -54.10 -16.56
C VAL C 83 10.24 -53.09 -15.47
N LEU C 84 9.80 -51.84 -15.68
CA LEU C 84 10.52 -50.70 -15.13
C LEU C 84 9.60 -49.87 -14.25
N PRO C 85 10.13 -49.20 -13.22
CA PRO C 85 9.30 -48.27 -12.45
C PRO C 85 9.02 -46.99 -13.21
N PHE C 86 7.92 -46.34 -12.81
CA PHE C 86 7.53 -45.03 -13.33
C PHE C 86 7.46 -44.07 -12.14
N ASN C 87 8.21 -42.98 -12.24
CA ASN C 87 8.21 -41.91 -11.24
C ASN C 87 8.22 -40.56 -11.93
N ASP C 88 7.39 -39.64 -11.45
CA ASP C 88 7.39 -38.24 -11.88
C ASP C 88 7.36 -38.04 -13.40
N GLY C 89 6.94 -39.03 -14.16
CA GLY C 89 7.06 -38.97 -15.61
C GLY C 89 8.37 -39.48 -16.17
N VAL C 90 8.28 -40.11 -17.34
CA VAL C 90 9.37 -40.85 -17.96
C VAL C 90 9.75 -40.18 -19.27
N TYR C 91 11.05 -39.88 -19.42
CA TYR C 91 11.63 -39.74 -20.74
C TYR C 91 11.90 -41.14 -21.28
N PHE C 92 11.50 -41.39 -22.51
CA PHE C 92 11.71 -42.66 -23.18
C PHE C 92 12.33 -42.38 -24.54
N ALA C 93 13.25 -43.24 -24.96
CA ALA C 93 13.71 -43.20 -26.34
C ALA C 93 13.97 -44.61 -26.83
N SER C 94 13.79 -44.81 -28.12
CA SER C 94 14.09 -46.10 -28.74
C SER C 94 14.84 -45.87 -30.04
N THR C 95 15.86 -46.70 -30.26
CA THR C 95 16.67 -46.63 -31.48
C THR C 95 16.44 -47.90 -32.29
N GLU C 96 15.77 -47.76 -33.43
CA GLU C 96 15.46 -48.91 -34.27
C GLU C 96 14.78 -48.50 -35.57
N LYS C 97 15.14 -49.16 -36.66
CA LYS C 97 14.25 -49.27 -37.81
C LYS C 97 13.09 -50.23 -37.50
N SER C 98 12.10 -50.22 -38.40
CA SER C 98 10.98 -51.16 -38.38
C SER C 98 10.10 -51.08 -37.14
N ASN C 99 10.20 -50.01 -36.34
CA ASN C 99 9.32 -49.76 -35.20
C ASN C 99 9.20 -50.97 -34.27
N ILE C 100 10.35 -51.50 -33.86
CA ILE C 100 10.36 -52.73 -33.08
C ILE C 100 9.81 -52.49 -31.68
N ILE C 101 10.12 -51.34 -31.09
CA ILE C 101 9.39 -50.86 -29.93
C ILE C 101 8.06 -50.34 -30.44
N ARG C 102 6.95 -50.94 -29.97
CA ARG C 102 5.65 -50.65 -30.54
C ARG C 102 4.51 -50.55 -29.54
N GLY C 103 4.76 -50.48 -28.24
CA GLY C 103 3.64 -50.33 -27.32
C GLY C 103 4.10 -50.12 -25.90
N TRP C 104 3.11 -49.83 -25.04
CA TRP C 104 3.34 -49.55 -23.64
C TRP C 104 2.16 -50.01 -22.83
N ILE C 105 2.40 -50.20 -21.53
CA ILE C 105 1.35 -50.32 -20.53
C ILE C 105 1.86 -49.67 -19.26
N PHE C 106 0.93 -49.14 -18.46
CA PHE C 106 1.23 -48.32 -17.29
C PHE C 106 0.21 -48.62 -16.22
N GLY C 107 0.56 -48.35 -14.98
CA GLY C 107 -0.45 -48.41 -13.93
C GLY C 107 0.14 -48.56 -12.54
N THR C 108 -0.76 -48.84 -11.61
CA THR C 108 -0.43 -49.25 -10.25
C THR C 108 -0.83 -50.71 -10.05
N THR C 109 0.13 -51.54 -9.65
CA THR C 109 -0.08 -53.00 -9.61
C THR C 109 -0.55 -53.55 -10.95
N LEU C 110 -0.15 -52.91 -12.04
CA LEU C 110 -0.65 -53.23 -13.38
C LEU C 110 -0.45 -54.70 -13.75
N GLN C 115 -7.75 -51.00 -13.55
CA GLN C 115 -7.66 -49.77 -14.33
C GLN C 115 -6.19 -49.48 -14.60
N SER C 116 -5.86 -49.30 -15.88
CA SER C 116 -4.48 -49.27 -16.36
C SER C 116 -4.40 -48.72 -17.76
N LEU C 117 -3.59 -47.69 -17.97
CA LEU C 117 -3.36 -47.16 -19.31
C LEU C 117 -2.65 -48.19 -20.18
N LEU C 118 -3.09 -48.29 -21.43
CA LEU C 118 -2.47 -49.14 -22.41
C LEU C 118 -2.31 -48.35 -23.69
N ILE C 119 -1.16 -48.49 -24.37
CA ILE C 119 -0.92 -47.88 -25.67
C ILE C 119 -0.40 -48.95 -26.60
N VAL C 120 -0.97 -49.02 -27.81
CA VAL C 120 -0.48 -49.90 -28.86
C VAL C 120 -0.50 -49.13 -30.17
N ASN C 121 0.53 -49.34 -30.99
CA ASN C 121 0.64 -48.68 -32.30
C ASN C 121 0.52 -49.63 -33.48
N ASN C 122 0.32 -50.92 -33.25
CA ASN C 122 0.25 -51.88 -34.35
C ASN C 122 -0.95 -51.62 -35.25
N ALA C 123 -0.83 -52.11 -36.49
CA ALA C 123 -1.86 -52.01 -37.52
C ALA C 123 -2.31 -50.58 -37.78
N THR C 124 -1.35 -49.67 -37.90
CA THR C 124 -1.59 -48.29 -38.35
C THR C 124 -2.52 -47.49 -37.46
N ASN C 125 -2.79 -47.92 -36.23
CA ASN C 125 -3.64 -47.18 -35.31
C ASN C 125 -2.96 -47.06 -33.95
N VAL C 126 -2.93 -45.85 -33.42
CA VAL C 126 -2.65 -45.62 -32.02
C VAL C 126 -3.92 -45.90 -31.22
N VAL C 127 -3.92 -46.96 -30.45
CA VAL C 127 -5.01 -47.33 -29.56
C VAL C 127 -4.56 -46.96 -28.17
N ILE C 128 -5.39 -46.26 -27.42
CA ILE C 128 -4.95 -45.63 -26.18
C ILE C 128 -5.91 -45.95 -25.05
N LYS C 129 -6.53 -47.13 -25.10
CA LYS C 129 -7.54 -47.48 -24.12
C LYS C 129 -6.94 -47.56 -22.73
N VAL C 130 -7.78 -47.44 -21.71
CA VAL C 130 -7.38 -47.59 -20.31
C VAL C 130 -7.90 -48.91 -19.77
N CYS C 131 -8.06 -49.89 -20.64
CA CYS C 131 -8.91 -51.05 -20.40
C CYS C 131 -8.17 -52.28 -19.88
N GLU C 132 -6.85 -52.25 -19.77
CA GLU C 132 -6.06 -53.46 -19.54
C GLU C 132 -6.05 -53.90 -18.08
N PHE C 133 -7.23 -54.01 -17.46
CA PHE C 133 -7.34 -54.20 -16.02
C PHE C 133 -6.72 -55.51 -15.52
N GLN C 134 -6.42 -56.46 -16.40
CA GLN C 134 -5.74 -57.71 -16.03
C GLN C 134 -4.56 -57.98 -16.96
N PHE C 135 -3.69 -56.98 -17.10
CA PHE C 135 -2.44 -57.16 -17.83
C PHE C 135 -1.65 -58.33 -17.26
N CYS C 136 -1.18 -59.18 -18.17
CA CYS C 136 -0.55 -60.42 -17.77
C CYS C 136 0.77 -60.15 -17.07
N ASN C 137 1.25 -61.16 -16.35
CA ASN C 137 2.55 -61.14 -15.68
C ASN C 137 3.74 -61.16 -16.63
N ASP C 138 3.54 -61.41 -17.93
CA ASP C 138 4.63 -61.40 -18.91
C ASP C 138 4.08 -60.84 -20.22
N PRO C 139 4.01 -59.52 -20.34
CA PRO C 139 3.29 -58.92 -21.49
C PRO C 139 4.04 -59.00 -22.81
N PHE C 140 4.22 -60.24 -23.27
CA PHE C 140 4.85 -60.50 -24.55
C PHE C 140 4.00 -59.95 -25.69
N LEU C 141 4.63 -59.15 -26.54
CA LEU C 141 3.95 -58.60 -27.71
C LEU C 141 3.73 -59.70 -28.74
N GLY C 142 2.47 -59.96 -29.07
CA GLY C 142 2.09 -60.82 -30.17
C GLY C 142 2.70 -62.21 -30.12
N ARG C 158 0.15 -63.56 -28.04
CA ARG C 158 -0.69 -62.91 -29.03
C ARG C 158 -1.14 -61.52 -28.58
N VAL C 159 -1.17 -61.29 -27.27
CA VAL C 159 -1.57 -60.00 -26.73
C VAL C 159 -0.99 -59.87 -25.33
N TYR C 160 -0.89 -58.62 -24.87
CA TYR C 160 -0.29 -58.32 -23.57
C TYR C 160 -1.22 -58.53 -22.38
N SER C 161 -2.53 -58.66 -22.57
CA SER C 161 -3.43 -58.45 -21.44
C SER C 161 -4.76 -59.14 -21.62
N SER C 162 -5.46 -59.27 -20.49
CA SER C 162 -6.91 -59.43 -20.44
C SER C 162 -7.54 -58.10 -20.04
N ALA C 163 -8.63 -57.73 -20.71
CA ALA C 163 -9.16 -56.38 -20.67
C ALA C 163 -10.67 -56.37 -20.41
N ASN C 164 -11.14 -55.32 -19.73
CA ASN C 164 -12.55 -55.13 -19.47
C ASN C 164 -12.79 -53.68 -19.03
N ASN C 165 -14.04 -53.25 -19.13
CA ASN C 165 -14.47 -51.91 -18.72
C ASN C 165 -13.60 -50.80 -19.31
N CYS C 166 -13.62 -50.69 -20.64
CA CYS C 166 -12.75 -49.75 -21.35
C CYS C 166 -13.31 -48.34 -21.18
N THR C 167 -13.03 -47.75 -20.01
CA THR C 167 -13.69 -46.49 -19.66
C THR C 167 -13.35 -45.33 -20.59
N PHE C 168 -12.15 -45.30 -21.13
CA PHE C 168 -11.75 -44.30 -22.12
C PHE C 168 -10.99 -45.01 -23.22
N GLU C 169 -11.29 -44.68 -24.48
CA GLU C 169 -10.86 -45.50 -25.61
C GLU C 169 -10.53 -44.61 -26.80
N TYR C 170 -9.89 -43.48 -26.55
CA TYR C 170 -9.49 -42.59 -27.62
C TYR C 170 -8.64 -43.31 -28.64
N VAL C 171 -8.79 -42.93 -29.90
CA VAL C 171 -7.99 -43.43 -31.00
C VAL C 171 -7.61 -42.25 -31.87
N SER C 172 -6.38 -42.29 -32.41
CA SER C 172 -5.92 -41.25 -33.30
C SER C 172 -4.93 -41.86 -34.28
N GLN C 173 -4.67 -41.12 -35.35
CA GLN C 173 -3.62 -41.50 -36.29
C GLN C 173 -2.26 -41.51 -35.58
N PRO C 174 -1.46 -42.59 -35.69
CA PRO C 174 -0.23 -42.60 -34.89
C PRO C 174 0.81 -41.61 -35.39
N LYS C 187 19.55 -46.50 -36.69
CA LYS C 187 19.67 -45.43 -37.69
C LYS C 187 18.55 -44.40 -37.59
N ASN C 188 17.56 -44.64 -36.73
CA ASN C 188 16.50 -43.67 -36.46
C ASN C 188 16.18 -43.66 -34.97
N LEU C 189 16.02 -42.47 -34.42
CA LEU C 189 15.78 -42.27 -32.99
C LEU C 189 14.39 -41.69 -32.79
N ARG C 190 13.57 -42.39 -32.00
CA ARG C 190 12.26 -41.90 -31.60
C ARG C 190 12.29 -41.63 -30.11
N GLU C 191 11.71 -40.52 -29.67
CA GLU C 191 11.75 -40.12 -28.27
C GLU C 191 10.41 -39.58 -27.82
N PHE C 192 10.18 -39.70 -26.51
CA PHE C 192 8.89 -39.41 -25.89
C PHE C 192 9.17 -38.86 -24.51
N VAL C 193 8.20 -38.09 -24.00
CA VAL C 193 8.07 -37.80 -22.58
C VAL C 193 6.63 -38.10 -22.19
N PHE C 194 6.45 -38.83 -21.09
CA PHE C 194 5.14 -39.08 -20.50
C PHE C 194 5.06 -38.34 -19.18
N LYS C 195 4.12 -37.40 -19.08
CA LYS C 195 3.78 -36.75 -17.82
C LYS C 195 2.35 -37.07 -17.45
N ASN C 196 2.07 -37.23 -16.17
CA ASN C 196 0.70 -37.19 -15.64
C ASN C 196 0.60 -35.96 -14.75
N ILE C 197 -0.35 -35.08 -15.05
CA ILE C 197 -0.58 -33.94 -14.18
C ILE C 197 -2.02 -33.44 -14.33
N ASP C 198 -2.57 -32.97 -13.21
CA ASP C 198 -3.84 -32.22 -13.18
C ASP C 198 -5.01 -32.93 -13.87
N GLY C 199 -4.99 -34.26 -13.90
CA GLY C 199 -6.04 -34.97 -14.63
C GLY C 199 -5.81 -35.05 -16.12
N TYR C 200 -4.57 -34.96 -16.57
CA TYR C 200 -4.18 -35.13 -17.96
C TYR C 200 -2.97 -36.02 -18.02
N PHE C 201 -2.81 -36.67 -19.16
CA PHE C 201 -1.62 -37.45 -19.49
C PHE C 201 -1.03 -36.89 -20.77
N LYS C 202 0.20 -36.38 -20.69
CA LYS C 202 0.80 -35.62 -21.78
C LYS C 202 1.88 -36.47 -22.42
N ILE C 203 1.78 -36.64 -23.74
CA ILE C 203 2.63 -37.53 -24.51
C ILE C 203 3.38 -36.66 -25.50
N TYR C 204 4.44 -36.01 -25.04
CA TYR C 204 5.30 -35.27 -25.95
C TYR C 204 6.14 -36.26 -26.74
N SER C 205 6.33 -36.01 -28.04
CA SER C 205 7.17 -36.91 -28.83
C SER C 205 7.79 -36.23 -30.03
N LYS C 206 8.95 -36.75 -30.45
CA LYS C 206 9.63 -36.31 -31.66
C LYS C 206 10.63 -37.38 -32.08
N HIS C 207 11.05 -37.33 -33.34
CA HIS C 207 11.94 -38.35 -33.87
C HIS C 207 12.81 -37.74 -34.95
N THR C 208 13.98 -38.35 -35.18
CA THR C 208 14.96 -37.84 -36.15
C THR C 208 15.88 -38.99 -36.54
N PRO C 209 16.38 -39.02 -37.78
CA PRO C 209 17.37 -40.06 -38.13
C PRO C 209 18.64 -39.94 -37.31
N ILE C 210 19.31 -41.07 -37.13
CA ILE C 210 20.52 -41.12 -36.32
C ILE C 210 21.63 -40.32 -36.98
N ASP C 215 24.53 -44.25 -26.81
CA ASP C 215 25.20 -43.18 -27.54
C ASP C 215 24.21 -42.24 -28.22
N LEU C 216 23.21 -41.76 -27.46
CA LEU C 216 22.20 -40.85 -27.96
C LEU C 216 22.85 -39.61 -28.58
N PRO C 217 22.19 -38.93 -29.52
CA PRO C 217 22.82 -37.75 -30.12
C PRO C 217 23.09 -36.68 -29.07
N GLN C 218 24.20 -35.98 -29.25
CA GLN C 218 24.45 -34.71 -28.61
C GLN C 218 23.64 -33.58 -29.23
N GLY C 219 22.85 -33.85 -30.27
CA GLY C 219 22.03 -32.82 -30.88
C GLY C 219 20.80 -32.50 -30.05
N PHE C 220 20.55 -31.21 -29.89
CA PHE C 220 19.39 -30.72 -29.17
C PHE C 220 18.15 -30.97 -29.99
N SER C 221 17.04 -31.34 -29.33
CA SER C 221 15.76 -31.54 -30.02
C SER C 221 14.61 -31.25 -29.08
N ALA C 222 13.76 -30.30 -29.45
CA ALA C 222 12.58 -29.94 -28.67
C ALA C 222 11.38 -30.77 -29.08
N LEU C 223 10.80 -31.50 -28.13
CA LEU C 223 9.64 -32.34 -28.39
C LEU C 223 8.37 -31.50 -28.50
N GLU C 224 7.55 -31.77 -29.56
CA GLU C 224 6.22 -31.18 -29.68
C GLU C 224 5.19 -32.09 -29.02
N PRO C 225 4.07 -31.56 -28.54
CA PRO C 225 3.04 -32.43 -27.95
C PRO C 225 2.34 -33.28 -29.00
N LEU C 226 2.73 -34.55 -29.10
CA LEU C 226 1.99 -35.47 -29.95
C LEU C 226 0.60 -35.75 -29.41
N VAL C 227 0.41 -35.77 -28.09
CA VAL C 227 -0.93 -36.00 -27.55
C VAL C 227 -1.03 -35.41 -26.15
N ASP C 228 -2.27 -35.19 -25.69
CA ASP C 228 -2.51 -34.53 -24.41
C ASP C 228 -3.91 -34.94 -23.95
N LEU C 229 -4.00 -36.04 -23.22
CA LEU C 229 -5.22 -36.82 -23.13
C LEU C 229 -5.92 -36.58 -21.79
N PRO C 230 -7.26 -36.36 -21.76
CA PRO C 230 -7.92 -35.99 -20.50
C PRO C 230 -8.22 -37.16 -19.56
N ILE C 231 -7.31 -38.11 -19.42
CA ILE C 231 -7.57 -39.22 -18.52
C ILE C 231 -7.43 -38.72 -17.09
N ILE C 235 -0.62 -44.08 -11.95
CA ILE C 235 0.44 -44.92 -12.49
C ILE C 235 1.57 -44.98 -11.48
N THR C 236 2.22 -46.13 -11.41
CA THR C 236 3.45 -46.27 -10.62
C THR C 236 4.51 -47.12 -11.30
N ARG C 237 4.16 -47.94 -12.28
CA ARG C 237 5.12 -48.76 -13.00
C ARG C 237 4.65 -48.88 -14.43
N PHE C 238 5.57 -49.24 -15.32
CA PHE C 238 5.23 -49.36 -16.72
C PHE C 238 6.12 -50.40 -17.37
N GLN C 239 5.67 -50.86 -18.54
CA GLN C 239 6.37 -51.88 -19.32
C GLN C 239 6.11 -51.61 -20.78
N THR C 240 6.97 -52.15 -21.62
CA THR C 240 7.02 -51.80 -23.04
C THR C 240 6.87 -53.06 -23.88
N LEU C 241 6.09 -52.94 -24.94
CA LEU C 241 5.90 -54.00 -25.92
C LEU C 241 7.13 -54.07 -26.80
N LEU C 242 8.07 -54.93 -26.41
CA LEU C 242 9.34 -55.05 -27.09
C LEU C 242 9.21 -55.57 -28.52
N ALA C 262 17.23 -56.26 -32.43
CA ALA C 262 18.30 -55.37 -32.83
C ALA C 262 18.12 -53.96 -32.24
N ALA C 263 16.92 -53.66 -31.75
CA ALA C 263 16.63 -52.35 -31.20
C ALA C 263 17.17 -52.21 -29.78
N ALA C 264 16.95 -51.03 -29.20
CA ALA C 264 17.25 -50.76 -27.80
C ALA C 264 16.30 -49.66 -27.33
N TYR C 265 16.11 -49.57 -26.02
CA TYR C 265 15.40 -48.42 -25.48
C TYR C 265 15.95 -47.96 -24.13
N TYR C 266 15.81 -46.65 -23.95
CA TYR C 266 16.41 -45.85 -22.90
C TYR C 266 15.30 -45.22 -22.09
N VAL C 267 15.53 -45.07 -20.78
CA VAL C 267 14.52 -44.56 -19.87
C VAL C 267 15.17 -43.61 -18.87
N GLY C 268 14.46 -42.55 -18.52
CA GLY C 268 14.93 -41.67 -17.47
C GLY C 268 13.84 -40.88 -16.80
N TYR C 269 13.88 -40.79 -15.48
CA TYR C 269 12.84 -40.09 -14.73
C TYR C 269 13.07 -38.58 -14.82
N LEU C 270 12.00 -37.83 -15.08
CA LEU C 270 12.06 -36.39 -15.03
C LEU C 270 12.26 -35.89 -13.59
N GLN C 271 12.58 -34.61 -13.47
CA GLN C 271 12.60 -33.92 -12.18
C GLN C 271 12.19 -32.48 -12.41
N PRO C 272 11.73 -31.77 -11.34
CA PRO C 272 11.20 -30.40 -11.47
C PRO C 272 12.26 -29.30 -11.57
N ARG C 273 13.22 -29.47 -12.47
CA ARG C 273 14.27 -28.47 -12.65
C ARG C 273 13.78 -27.23 -13.37
N THR C 274 14.11 -26.07 -12.81
CA THR C 274 13.90 -24.83 -13.52
C THR C 274 14.78 -24.80 -14.76
N PHE C 275 14.18 -24.44 -15.90
CA PHE C 275 14.89 -24.31 -17.16
C PHE C 275 14.73 -22.89 -17.68
N LEU C 276 15.74 -22.39 -18.38
CA LEU C 276 15.56 -21.26 -19.27
C LEU C 276 15.62 -21.74 -20.71
N LEU C 277 14.58 -21.44 -21.48
CA LEU C 277 14.43 -21.87 -22.86
C LEU C 277 14.67 -20.68 -23.77
N LYS C 278 15.43 -20.88 -24.85
CA LYS C 278 15.65 -19.85 -25.86
C LYS C 278 14.87 -20.20 -27.13
N TYR C 279 13.99 -19.29 -27.56
CA TYR C 279 13.15 -19.51 -28.73
C TYR C 279 13.69 -18.70 -29.88
N ASN C 280 13.91 -19.38 -31.01
CA ASN C 280 14.35 -18.77 -32.25
C ASN C 280 13.29 -17.82 -32.80
N GLU C 281 13.67 -17.11 -33.87
CA GLU C 281 12.72 -16.26 -34.56
C GLU C 281 11.55 -17.07 -35.14
N ASN C 282 11.76 -18.35 -35.45
CA ASN C 282 10.68 -19.20 -35.93
C ASN C 282 9.88 -19.85 -34.82
N GLY C 283 10.19 -19.55 -33.56
CA GLY C 283 9.44 -20.07 -32.45
C GLY C 283 9.73 -21.51 -32.09
N THR C 284 10.68 -22.15 -32.75
CA THR C 284 11.22 -23.41 -32.24
C THR C 284 12.18 -23.13 -31.10
N ILE C 285 12.24 -24.05 -30.14
CA ILE C 285 13.21 -23.96 -29.07
C ILE C 285 14.55 -24.45 -29.60
N THR C 286 15.57 -23.58 -29.52
CA THR C 286 16.88 -23.87 -30.09
C THR C 286 17.91 -24.31 -29.07
N ASP C 287 17.79 -23.87 -27.82
CA ASP C 287 18.70 -24.28 -26.77
C ASP C 287 18.07 -24.02 -25.42
N ALA C 288 18.64 -24.63 -24.39
CA ALA C 288 18.13 -24.44 -23.05
C ALA C 288 19.27 -24.48 -22.05
N VAL C 289 19.01 -23.93 -20.87
CA VAL C 289 19.92 -23.94 -19.75
C VAL C 289 19.21 -24.57 -18.57
N ASP C 290 19.77 -25.65 -18.04
CA ASP C 290 19.35 -26.19 -16.76
C ASP C 290 19.80 -25.28 -15.63
N CYS C 291 18.86 -24.63 -14.96
CA CYS C 291 19.21 -23.69 -13.91
C CYS C 291 19.85 -24.34 -12.69
N ALA C 292 20.07 -25.66 -12.65
CA ALA C 292 20.78 -26.30 -11.54
C ALA C 292 21.99 -27.14 -11.96
N LEU C 293 22.29 -27.26 -13.26
CA LEU C 293 23.32 -28.19 -13.72
C LEU C 293 24.68 -27.89 -13.12
N ASP C 294 25.06 -26.62 -13.04
CA ASP C 294 26.27 -26.20 -12.36
C ASP C 294 26.17 -24.72 -12.08
N PRO C 295 27.08 -24.16 -11.28
CA PRO C 295 26.92 -22.74 -10.91
C PRO C 295 26.99 -21.82 -12.11
N LEU C 296 27.65 -22.22 -13.19
CA LEU C 296 27.59 -21.41 -14.38
C LEU C 296 26.22 -21.49 -15.03
N SER C 297 25.65 -22.69 -15.08
CA SER C 297 24.28 -22.83 -15.56
C SER C 297 23.31 -21.99 -14.73
N GLU C 298 23.48 -22.00 -13.42
CA GLU C 298 22.68 -21.13 -12.55
C GLU C 298 22.89 -19.66 -12.86
N THR C 299 24.12 -19.25 -13.16
CA THR C 299 24.35 -17.84 -13.45
C THR C 299 23.72 -17.44 -14.77
N LYS C 300 23.94 -18.26 -15.80
CA LYS C 300 23.26 -18.10 -17.08
C LYS C 300 21.78 -17.88 -16.88
N CYS C 301 21.16 -18.76 -16.09
CA CYS C 301 19.75 -18.66 -15.78
C CYS C 301 19.41 -17.36 -15.06
N THR C 302 20.27 -16.91 -14.13
CA THR C 302 19.97 -15.71 -13.35
C THR C 302 20.12 -14.41 -14.14
N LEU C 303 21.10 -14.32 -15.02
CA LEU C 303 21.13 -13.16 -15.92
C LEU C 303 20.11 -13.21 -17.03
N LYS C 304 19.51 -14.37 -17.28
CA LYS C 304 18.73 -14.59 -18.49
C LYS C 304 19.58 -14.33 -19.74
N SER C 305 20.74 -14.98 -19.79
CA SER C 305 21.58 -14.91 -20.98
C SER C 305 22.42 -16.18 -21.08
N PHE C 306 22.74 -16.55 -22.31
CA PHE C 306 23.64 -17.67 -22.57
C PHE C 306 25.10 -17.27 -22.48
N THR C 307 25.49 -16.21 -23.17
CA THR C 307 26.81 -15.64 -22.96
C THR C 307 26.84 -14.89 -21.65
N VAL C 308 27.81 -15.23 -20.80
CA VAL C 308 28.12 -14.47 -19.59
C VAL C 308 29.48 -13.85 -19.78
N GLU C 309 29.55 -12.53 -19.69
CA GLU C 309 30.84 -11.86 -19.83
C GLU C 309 31.69 -12.12 -18.61
N LYS C 310 33.01 -12.05 -18.79
CA LYS C 310 33.95 -12.30 -17.72
C LYS C 310 33.74 -11.33 -16.56
N GLY C 311 33.64 -11.85 -15.35
CA GLY C 311 33.33 -11.02 -14.21
C GLY C 311 32.90 -11.85 -13.02
N ILE C 312 32.24 -11.17 -12.07
CA ILE C 312 31.71 -11.78 -10.86
C ILE C 312 30.23 -11.43 -10.74
N TYR C 313 29.41 -12.41 -10.38
CA TYR C 313 27.96 -12.27 -10.39
C TYR C 313 27.38 -12.86 -9.11
N GLN C 314 26.36 -12.20 -8.57
CA GLN C 314 25.55 -12.83 -7.55
C GLN C 314 24.72 -13.95 -8.17
N THR C 315 24.30 -14.90 -7.34
CA THR C 315 23.40 -15.94 -7.81
C THR C 315 22.34 -16.31 -6.78
N SER C 316 22.69 -16.45 -5.50
CA SER C 316 21.66 -16.92 -4.58
C SER C 316 22.02 -16.58 -3.14
N ASN C 317 21.01 -16.64 -2.29
CA ASN C 317 21.27 -16.90 -0.89
C ASN C 317 21.77 -18.32 -0.68
N PHE C 318 22.65 -18.47 0.29
CA PHE C 318 23.07 -19.72 0.90
C PHE C 318 22.62 -19.68 2.35
N ARG C 319 21.44 -20.26 2.64
CA ARG C 319 20.90 -20.36 3.99
C ARG C 319 20.80 -21.83 4.40
N VAL C 320 21.50 -22.20 5.46
CA VAL C 320 21.53 -23.59 5.91
C VAL C 320 20.16 -23.95 6.47
N GLN C 321 19.65 -25.09 6.08
CA GLN C 321 18.37 -25.58 6.60
C GLN C 321 18.54 -26.12 8.03
N PRO C 322 17.55 -25.91 8.91
CA PRO C 322 17.68 -26.42 10.28
C PRO C 322 17.68 -27.94 10.32
N THR C 323 18.57 -28.50 11.13
CA THR C 323 18.68 -29.96 11.23
C THR C 323 17.56 -30.62 12.04
N GLU C 324 16.84 -29.89 12.90
CA GLU C 324 15.85 -30.53 13.76
C GLU C 324 14.87 -29.49 14.28
N SER C 325 13.76 -29.96 14.84
CA SER C 325 12.70 -29.10 15.40
C SER C 325 12.51 -29.38 16.90
N ILE C 326 13.37 -28.78 17.72
CA ILE C 326 13.32 -28.98 19.17
C ILE C 326 12.09 -28.29 19.71
N VAL C 327 11.55 -28.79 20.81
CA VAL C 327 10.42 -28.14 21.43
C VAL C 327 10.58 -28.25 22.94
N ARG C 328 10.41 -27.12 23.64
CA ARG C 328 10.45 -27.12 25.10
C ARG C 328 9.32 -26.24 25.59
N PHE C 329 8.61 -26.74 26.57
CA PHE C 329 7.41 -26.15 27.12
C PHE C 329 7.52 -26.18 28.63
N PRO C 330 6.73 -25.44 29.32
CA PRO C 330 7.12 -25.07 30.68
C PRO C 330 6.88 -26.15 31.72
N ASN C 331 6.96 -27.42 31.34
CA ASN C 331 6.75 -28.56 32.23
C ASN C 331 5.40 -28.53 32.92
N ILE C 332 4.46 -27.75 32.37
CA ILE C 332 3.12 -27.60 32.94
C ILE C 332 2.33 -28.89 32.72
N THR C 333 1.32 -29.12 33.57
CA THR C 333 0.85 -30.47 33.76
C THR C 333 -0.67 -30.68 33.72
N ASN C 334 -1.44 -30.11 34.65
CA ASN C 334 -2.87 -30.43 34.69
C ASN C 334 -3.67 -29.71 33.59
N LEU C 335 -4.82 -30.32 33.26
CA LEU C 335 -5.85 -29.64 32.47
C LEU C 335 -6.33 -28.38 33.17
N CYS C 336 -6.71 -27.38 32.39
CA CYS C 336 -7.17 -26.12 32.95
C CYS C 336 -8.58 -26.21 33.55
N PRO C 337 -8.97 -25.22 34.40
CA PRO C 337 -10.25 -25.28 35.11
C PRO C 337 -11.52 -25.09 34.31
N PHE C 338 -11.51 -25.17 32.98
CA PHE C 338 -12.69 -24.84 32.17
C PHE C 338 -13.95 -25.56 32.59
N GLY C 339 -13.83 -26.79 33.09
CA GLY C 339 -14.97 -27.54 33.59
C GLY C 339 -15.73 -26.89 34.72
N GLU C 340 -15.20 -25.82 35.31
CA GLU C 340 -16.01 -24.93 36.13
C GLU C 340 -16.77 -23.90 35.29
N VAL C 341 -16.04 -23.03 34.58
CA VAL C 341 -16.64 -21.80 34.07
C VAL C 341 -17.66 -21.99 32.96
N PHE C 342 -17.64 -23.11 32.25
CA PHE C 342 -18.69 -23.43 31.28
C PHE C 342 -19.86 -24.20 31.87
N ASN C 343 -19.83 -24.53 33.16
CA ASN C 343 -20.80 -25.42 33.77
C ASN C 343 -21.25 -24.94 35.14
N ALA C 344 -20.96 -23.69 35.51
CA ALA C 344 -21.27 -23.24 36.86
C ALA C 344 -22.75 -23.39 37.17
N THR C 345 -23.04 -23.69 38.44
CA THR C 345 -24.41 -23.92 38.88
C THR C 345 -25.27 -22.68 38.73
N ARG C 346 -24.67 -21.49 38.66
CA ARG C 346 -25.37 -20.32 38.16
C ARG C 346 -24.36 -19.34 37.61
N PHE C 347 -24.60 -18.88 36.39
CA PHE C 347 -23.78 -17.84 35.81
C PHE C 347 -23.99 -16.53 36.57
N ALA C 348 -23.00 -15.66 36.52
CA ALA C 348 -23.11 -14.33 37.10
C ALA C 348 -23.93 -13.40 36.20
N SER C 349 -24.46 -12.35 36.80
CA SER C 349 -25.10 -11.27 36.05
C SER C 349 -24.06 -10.44 35.30
N VAL C 350 -24.53 -9.66 34.32
CA VAL C 350 -23.64 -8.79 33.57
C VAL C 350 -23.27 -7.56 34.35
N TYR C 351 -24.19 -7.02 35.11
CA TYR C 351 -23.83 -6.29 36.30
C TYR C 351 -22.95 -7.17 37.17
N ALA C 352 -21.83 -6.63 37.63
CA ALA C 352 -20.92 -7.37 38.50
C ALA C 352 -20.42 -8.67 37.87
N TRP C 353 -20.14 -8.62 36.57
CA TRP C 353 -19.73 -9.80 35.82
C TRP C 353 -18.53 -10.49 36.47
N ASN C 354 -18.53 -11.82 36.42
CA ASN C 354 -17.58 -12.64 37.15
C ASN C 354 -16.30 -12.90 36.36
N ARG C 355 -15.17 -12.87 37.04
CA ARG C 355 -13.87 -13.16 36.44
C ARG C 355 -13.21 -14.33 37.15
N LYS C 356 -12.45 -15.13 36.39
CA LYS C 356 -11.50 -16.08 36.96
C LYS C 356 -10.16 -15.99 36.26
N ARG C 357 -9.08 -16.08 37.04
CA ARG C 357 -7.76 -16.29 36.47
C ARG C 357 -7.57 -17.76 36.10
N ILE C 358 -7.08 -18.00 34.90
CA ILE C 358 -6.73 -19.33 34.42
C ILE C 358 -5.21 -19.38 34.30
N SER C 359 -4.56 -20.27 35.04
CA SER C 359 -3.11 -20.24 35.12
C SER C 359 -2.56 -21.55 35.65
N ASN C 360 -1.26 -21.74 35.45
CA ASN C 360 -0.53 -22.95 35.84
C ASN C 360 -1.23 -24.24 35.39
N CYS C 361 -1.67 -24.24 34.13
CA CYS C 361 -2.39 -25.38 33.59
C CYS C 361 -2.15 -25.45 32.09
N VAL C 362 -2.42 -26.62 31.52
CA VAL C 362 -2.43 -26.82 30.07
C VAL C 362 -3.87 -26.90 29.60
N ALA C 363 -4.25 -26.03 28.67
CA ALA C 363 -5.59 -26.01 28.13
C ALA C 363 -5.77 -27.09 27.08
N ASP C 364 -7.01 -27.26 26.63
CA ASP C 364 -7.31 -27.85 25.32
C ASP C 364 -8.56 -27.15 24.82
N TYR C 365 -8.35 -26.06 24.09
CA TYR C 365 -9.46 -25.25 23.60
C TYR C 365 -10.39 -26.02 22.66
N SER C 366 -9.89 -27.06 22.01
CA SER C 366 -10.72 -27.85 21.12
C SER C 366 -11.80 -28.65 21.84
N VAL C 367 -11.71 -28.81 23.16
CA VAL C 367 -12.84 -29.37 23.90
C VAL C 367 -14.05 -28.45 23.80
N LEU C 368 -13.84 -27.14 23.87
CA LEU C 368 -14.90 -26.17 23.67
C LEU C 368 -15.22 -26.00 22.19
N TYR C 369 -14.21 -25.77 21.37
CA TYR C 369 -14.41 -25.50 19.95
C TYR C 369 -14.92 -26.69 19.17
N ASN C 370 -15.05 -27.86 19.80
CA ASN C 370 -15.88 -28.92 19.24
C ASN C 370 -16.79 -29.52 20.31
N SER C 371 -17.40 -28.66 21.12
CA SER C 371 -18.67 -28.98 21.76
C SER C 371 -19.78 -28.23 21.02
N ALA C 372 -20.87 -28.93 20.72
CA ALA C 372 -21.91 -28.37 19.86
C ALA C 372 -22.70 -27.25 20.51
N SER C 373 -22.44 -26.91 21.76
CA SER C 373 -23.29 -25.95 22.47
C SER C 373 -23.19 -24.54 21.90
N PHE C 374 -22.04 -24.13 21.40
CA PHE C 374 -21.75 -22.70 21.28
C PHE C 374 -22.36 -22.10 20.02
N SER C 375 -23.42 -21.31 20.23
CA SER C 375 -24.10 -20.58 19.18
C SER C 375 -23.28 -19.43 18.63
N THR C 376 -22.29 -18.94 19.36
CA THR C 376 -21.35 -17.97 18.80
C THR C 376 -19.97 -18.24 19.37
N PHE C 377 -18.95 -17.94 18.56
CA PHE C 377 -17.57 -18.26 18.89
C PHE C 377 -16.64 -17.31 18.17
N LYS C 378 -17.01 -16.06 18.08
CA LYS C 378 -16.17 -15.11 17.35
C LYS C 378 -14.87 -14.89 18.10
N CYS C 379 -13.74 -15.20 17.47
CA CYS C 379 -12.44 -14.89 18.03
C CYS C 379 -11.84 -13.65 17.39
N TYR C 380 -10.88 -13.06 18.08
CA TYR C 380 -10.27 -11.80 17.69
C TYR C 380 -8.78 -11.84 17.95
N GLY C 381 -7.99 -11.50 16.93
CA GLY C 381 -6.55 -11.58 17.01
C GLY C 381 -5.98 -12.97 17.11
N VAL C 382 -6.80 -14.01 16.92
CA VAL C 382 -6.33 -15.38 16.93
C VAL C 382 -7.37 -16.20 16.20
N SER C 383 -6.97 -17.37 15.67
CA SER C 383 -7.94 -18.28 15.07
C SER C 383 -8.28 -19.39 16.04
N PRO C 384 -9.54 -19.76 16.23
CA PRO C 384 -9.84 -20.86 17.14
C PRO C 384 -9.22 -22.18 16.74
N THR C 385 -8.95 -22.38 15.46
CA THR C 385 -8.28 -23.62 15.06
C THR C 385 -6.85 -23.69 15.53
N LYS C 386 -6.22 -22.56 15.81
CA LYS C 386 -4.80 -22.51 16.11
C LYS C 386 -4.50 -22.34 17.59
N LEU C 387 -5.51 -22.06 18.41
CA LEU C 387 -5.29 -21.76 19.83
C LEU C 387 -4.42 -22.79 20.54
N ASN C 388 -4.61 -24.07 20.22
CA ASN C 388 -3.81 -25.10 20.89
C ASN C 388 -2.33 -25.00 20.64
N ASP C 389 -1.89 -24.28 19.61
CA ASP C 389 -0.47 -24.07 19.41
C ASP C 389 0.09 -22.91 20.23
N LEU C 390 -0.76 -22.03 20.73
CA LEU C 390 -0.31 -20.79 21.34
C LEU C 390 -0.03 -20.97 22.83
N CYS C 391 0.60 -19.95 23.42
CA CYS C 391 0.81 -19.86 24.86
C CYS C 391 0.60 -18.41 25.29
N PHE C 392 0.23 -18.23 26.55
CA PHE C 392 -0.40 -16.98 26.99
C PHE C 392 0.22 -16.48 28.27
N THR C 393 0.47 -15.17 28.31
CA THR C 393 1.09 -14.56 29.47
C THR C 393 0.21 -14.69 30.70
N ASN C 394 -1.04 -14.25 30.60
CA ASN C 394 -2.08 -14.58 31.56
C ASN C 394 -3.40 -14.70 30.83
N VAL C 395 -4.33 -15.42 31.45
CA VAL C 395 -5.64 -15.70 30.86
C VAL C 395 -6.70 -15.37 31.88
N TYR C 396 -7.66 -14.53 31.49
CA TYR C 396 -8.82 -14.24 32.33
C TYR C 396 -10.08 -14.65 31.59
N ALA C 397 -10.91 -15.46 32.22
CA ALA C 397 -12.24 -15.76 31.74
C ALA C 397 -13.25 -14.86 32.42
N ASP C 398 -13.94 -14.05 31.61
CA ASP C 398 -15.03 -13.20 32.05
C ASP C 398 -16.33 -13.88 31.68
N SER C 399 -17.30 -13.89 32.60
CA SER C 399 -18.50 -14.69 32.46
C SER C 399 -19.70 -13.90 32.93
N PHE C 400 -20.78 -13.94 32.14
CA PHE C 400 -22.01 -13.21 32.45
C PHE C 400 -23.16 -13.72 31.58
N VAL C 401 -24.37 -13.24 31.87
CA VAL C 401 -25.57 -13.50 31.07
C VAL C 401 -26.06 -12.19 30.46
N ILE C 402 -26.43 -12.25 29.18
CA ILE C 402 -27.03 -11.11 28.50
C ILE C 402 -28.12 -11.54 27.54
N ARG C 403 -29.03 -10.61 27.25
CA ARG C 403 -30.10 -10.89 26.31
C ARG C 403 -29.55 -11.19 24.93
N GLY C 404 -30.26 -12.08 24.21
CA GLY C 404 -29.79 -12.52 22.90
C GLY C 404 -29.57 -11.38 21.93
N ASP C 405 -30.41 -10.36 21.99
CA ASP C 405 -30.22 -9.17 21.18
C ASP C 405 -28.99 -8.37 21.56
N GLU C 406 -28.42 -8.63 22.74
CA GLU C 406 -27.28 -7.86 23.22
C GLU C 406 -25.93 -8.44 22.83
N VAL C 407 -25.86 -9.72 22.44
CA VAL C 407 -24.55 -10.31 22.13
C VAL C 407 -23.87 -9.58 21.00
N ARG C 408 -24.64 -9.00 20.06
CA ARG C 408 -24.05 -8.18 19.02
C ARG C 408 -23.30 -6.96 19.55
N GLN C 409 -23.45 -6.61 20.82
CA GLN C 409 -22.68 -5.54 21.44
C GLN C 409 -21.31 -5.99 21.94
N ILE C 410 -21.11 -7.28 22.14
CA ILE C 410 -19.88 -7.79 22.78
C ILE C 410 -18.88 -8.06 21.67
N ALA C 411 -18.20 -7.01 21.23
CA ALA C 411 -17.18 -7.12 20.20
C ALA C 411 -16.25 -5.93 20.34
N PRO C 412 -15.05 -6.00 19.78
CA PRO C 412 -14.11 -4.87 19.91
C PRO C 412 -14.66 -3.61 19.29
N GLY C 413 -14.67 -2.53 20.07
CA GLY C 413 -15.10 -1.22 19.60
C GLY C 413 -16.55 -1.08 19.24
N GLN C 414 -17.36 -2.11 19.44
CA GLN C 414 -18.80 -1.99 19.26
C GLN C 414 -19.36 -1.10 20.37
N THR C 415 -20.57 -0.60 20.16
CA THR C 415 -21.17 0.35 21.10
C THR C 415 -22.66 0.10 21.28
N GLY C 416 -23.17 0.56 22.40
CA GLY C 416 -24.52 0.25 22.84
C GLY C 416 -24.64 0.34 24.34
N LYS C 417 -25.86 0.12 24.82
CA LYS C 417 -26.15 0.26 26.25
C LYS C 417 -25.30 -0.68 27.10
N ILE C 418 -25.23 -1.95 26.71
CA ILE C 418 -24.39 -2.89 27.44
C ILE C 418 -22.93 -2.49 27.30
N ALA C 419 -22.52 -2.19 26.07
CA ALA C 419 -21.13 -1.83 25.81
C ALA C 419 -20.70 -0.57 26.54
N ASP C 420 -21.61 0.33 26.85
CA ASP C 420 -21.23 1.51 27.63
C ASP C 420 -21.34 1.30 29.14
N TYR C 421 -22.44 0.73 29.61
CA TYR C 421 -22.75 0.77 31.02
C TYR C 421 -22.45 -0.50 31.80
N ASN C 422 -22.12 -1.60 31.15
CA ASN C 422 -22.02 -2.88 31.85
C ASN C 422 -20.68 -3.54 31.63
N TYR C 423 -20.24 -3.68 30.38
CA TYR C 423 -18.96 -4.35 30.12
C TYR C 423 -18.50 -3.97 28.72
N LYS C 424 -17.37 -3.28 28.63
CA LYS C 424 -16.81 -2.82 27.37
C LYS C 424 -15.53 -3.57 27.07
N LEU C 425 -15.45 -4.13 25.87
CA LEU C 425 -14.22 -4.72 25.35
C LEU C 425 -13.33 -3.66 24.70
N PRO C 426 -12.03 -3.65 24.92
CA PRO C 426 -11.19 -2.63 24.30
C PRO C 426 -11.13 -2.76 22.79
N ASP C 427 -10.67 -1.68 22.15
CA ASP C 427 -10.49 -1.66 20.70
C ASP C 427 -9.34 -2.55 20.25
N ASP C 428 -8.34 -2.76 21.10
CA ASP C 428 -7.22 -3.63 20.80
C ASP C 428 -7.36 -5.01 21.45
N PHE C 429 -8.59 -5.45 21.67
CA PHE C 429 -8.83 -6.75 22.29
C PHE C 429 -8.24 -7.89 21.48
N THR C 430 -7.72 -8.88 22.19
CA THR C 430 -7.35 -10.18 21.64
C THR C 430 -7.86 -11.27 22.55
N GLY C 431 -8.38 -12.33 21.99
CA GLY C 431 -9.06 -13.36 22.75
C GLY C 431 -10.21 -13.92 21.96
N CYS C 432 -11.19 -14.49 22.65
CA CYS C 432 -12.34 -15.02 21.93
C CYS C 432 -13.60 -14.87 22.77
N VAL C 433 -14.72 -14.69 22.07
CA VAL C 433 -16.03 -14.45 22.65
C VAL C 433 -16.93 -15.62 22.29
N ILE C 434 -17.47 -16.28 23.31
CA ILE C 434 -18.25 -17.49 23.18
C ILE C 434 -19.61 -17.25 23.81
N ALA C 435 -20.67 -17.69 23.15
CA ALA C 435 -22.01 -17.51 23.68
C ALA C 435 -22.89 -18.69 23.34
N TRP C 436 -23.78 -19.06 24.26
CA TRP C 436 -24.78 -20.09 23.95
C TRP C 436 -26.08 -19.82 24.69
N ASN C 437 -27.16 -20.29 24.08
CA ASN C 437 -28.50 -20.13 24.63
C ASN C 437 -28.62 -20.79 25.99
N SER C 438 -29.43 -20.18 26.86
CA SER C 438 -29.66 -20.70 28.20
C SER C 438 -31.12 -20.62 28.64
N ASN C 439 -32.08 -20.58 27.72
CA ASN C 439 -33.47 -20.82 28.11
C ASN C 439 -33.63 -22.13 28.86
N ASN C 440 -32.85 -23.15 28.51
CA ASN C 440 -32.89 -24.42 29.19
C ASN C 440 -32.39 -24.38 30.63
N LEU C 441 -31.68 -23.33 31.03
CA LEU C 441 -30.89 -23.38 32.26
C LEU C 441 -31.09 -22.19 33.18
N ASP C 442 -31.43 -21.03 32.62
CA ASP C 442 -31.52 -19.78 33.39
C ASP C 442 -32.86 -19.09 33.18
N SER C 443 -33.92 -19.86 32.93
CA SER C 443 -35.25 -19.29 32.78
C SER C 443 -36.29 -20.30 33.24
N LYS C 444 -37.43 -19.78 33.68
CA LYS C 444 -38.51 -20.61 34.18
C LYS C 444 -39.82 -19.86 34.03
N VAL C 445 -40.92 -20.61 34.11
CA VAL C 445 -42.24 -20.00 34.03
C VAL C 445 -42.38 -18.94 35.10
N GLY C 446 -43.06 -17.85 34.74
CA GLY C 446 -43.13 -16.66 35.56
C GLY C 446 -41.88 -15.82 35.58
N GLY C 447 -40.81 -16.29 34.96
CA GLY C 447 -39.55 -15.58 34.89
C GLY C 447 -38.68 -15.80 36.11
N ASN C 448 -37.37 -15.79 35.88
CA ASN C 448 -36.39 -15.73 36.95
C ASN C 448 -35.71 -14.37 36.91
N TYR C 449 -35.73 -13.67 38.04
CA TYR C 449 -35.36 -12.27 38.12
C TYR C 449 -34.02 -12.04 38.78
N ASN C 450 -33.25 -13.10 39.02
CA ASN C 450 -31.93 -12.95 39.63
C ASN C 450 -30.95 -12.16 38.76
N TYR C 451 -31.19 -12.07 37.46
CA TYR C 451 -30.25 -11.41 36.53
C TYR C 451 -30.59 -9.94 36.34
N LEU C 452 -29.84 -9.07 37.02
CA LEU C 452 -29.88 -7.62 36.88
C LEU C 452 -28.91 -7.15 35.81
N TYR C 453 -29.19 -5.97 35.23
CA TYR C 453 -28.18 -5.25 34.46
C TYR C 453 -28.31 -3.75 34.68
N ARG C 454 -27.19 -3.04 34.47
CA ARG C 454 -27.09 -1.61 34.68
C ARG C 454 -27.61 -0.83 33.48
N LEU C 455 -28.76 -0.19 33.65
CA LEU C 455 -29.42 0.61 32.60
C LEU C 455 -29.03 2.08 32.62
N PHE C 456 -28.41 2.59 33.68
CA PHE C 456 -27.97 3.98 33.73
C PHE C 456 -26.57 4.10 34.28
N ARG C 457 -25.78 5.00 33.70
CA ARG C 457 -24.52 5.39 34.30
C ARG C 457 -24.17 6.82 33.90
N LYS C 458 -23.42 7.49 34.77
CA LYS C 458 -23.01 8.86 34.50
C LYS C 458 -22.15 8.99 33.25
N SER C 459 -21.34 7.98 32.94
CA SER C 459 -20.56 7.98 31.71
C SER C 459 -20.24 6.53 31.33
N ASN C 460 -19.94 6.35 30.05
CA ASN C 460 -19.61 5.02 29.57
C ASN C 460 -18.37 4.49 30.24
N LEU C 461 -18.37 3.18 30.51
CA LEU C 461 -17.26 2.54 31.20
C LEU C 461 -15.97 2.61 30.40
N LYS C 462 -14.86 2.71 31.13
CA LYS C 462 -13.59 2.30 30.58
C LYS C 462 -13.61 0.79 30.36
N PRO C 463 -12.86 0.28 29.39
CA PRO C 463 -12.89 -1.16 29.10
C PRO C 463 -12.47 -2.01 30.28
N PHE C 464 -13.08 -3.20 30.40
CA PHE C 464 -12.93 -4.09 31.55
C PHE C 464 -13.25 -3.43 32.89
N GLU C 465 -13.92 -2.29 32.92
CA GLU C 465 -14.36 -1.75 34.19
C GLU C 465 -15.49 -2.60 34.78
N ARG C 466 -15.61 -2.55 36.09
CA ARG C 466 -16.68 -3.21 36.82
C ARG C 466 -17.19 -2.25 37.88
N ASP C 467 -18.51 -2.27 38.13
CA ASP C 467 -19.13 -1.20 38.91
C ASP C 467 -20.29 -1.76 39.74
N ILE C 468 -19.95 -2.45 40.84
CA ILE C 468 -20.91 -3.09 41.73
C ILE C 468 -21.63 -2.04 42.61
N SER C 469 -21.58 -0.76 42.26
CA SER C 469 -22.33 0.25 42.98
C SER C 469 -23.80 0.23 42.58
N THR C 470 -24.66 0.38 43.57
CA THR C 470 -26.09 0.64 43.40
C THR C 470 -26.42 2.07 43.79
N GLU C 471 -25.51 3.01 43.53
CA GLU C 471 -25.75 4.40 43.87
C GLU C 471 -26.79 4.99 42.93
N ILE C 472 -27.75 5.71 43.52
CA ILE C 472 -28.87 6.25 42.76
C ILE C 472 -28.39 7.34 41.81
N TYR C 473 -28.89 7.29 40.59
CA TYR C 473 -28.45 8.12 39.47
C TYR C 473 -29.32 9.36 39.37
N GLN C 474 -28.81 10.49 39.87
CA GLN C 474 -29.51 11.77 39.79
C GLN C 474 -29.22 12.47 38.49
N ALA C 475 -29.97 13.53 38.22
CA ALA C 475 -29.71 14.35 37.04
C ALA C 475 -30.22 15.78 37.24
N GLY C 476 -29.31 16.74 37.23
CA GLY C 476 -29.69 18.14 37.12
C GLY C 476 -30.57 18.68 38.22
N SER C 477 -30.46 18.15 39.43
CA SER C 477 -31.47 18.41 40.44
C SER C 477 -30.87 18.23 41.83
N THR C 478 -31.68 18.53 42.82
CA THR C 478 -31.38 18.34 44.22
C THR C 478 -30.99 16.89 44.51
N PRO C 479 -30.44 16.59 45.69
CA PRO C 479 -29.71 15.32 45.88
C PRO C 479 -30.57 14.08 45.75
N CYS C 480 -31.89 14.20 45.90
CA CYS C 480 -32.83 13.07 45.92
C CYS C 480 -32.31 11.94 46.80
N ASN C 481 -31.73 12.31 47.94
CA ASN C 481 -31.01 11.39 48.80
C ASN C 481 -31.86 10.19 49.21
N GLY C 482 -31.54 9.03 48.64
CA GLY C 482 -32.23 7.80 48.97
C GLY C 482 -33.67 7.68 48.51
N VAL C 483 -34.10 8.49 47.54
CA VAL C 483 -35.48 8.45 47.10
C VAL C 483 -35.53 8.50 45.58
N GLU C 484 -35.37 7.35 44.96
CA GLU C 484 -35.62 7.25 43.53
C GLU C 484 -37.05 7.65 43.21
N GLY C 485 -37.22 8.25 42.04
CA GLY C 485 -38.48 8.82 41.65
C GLY C 485 -38.29 9.78 40.50
N PHE C 486 -39.04 10.87 40.49
CA PHE C 486 -38.88 11.91 39.48
C PHE C 486 -37.43 12.30 39.29
N ASN C 487 -36.97 12.22 38.04
CA ASN C 487 -35.65 12.71 37.62
C ASN C 487 -34.51 12.08 38.43
N CYS C 488 -34.75 10.93 39.05
CA CYS C 488 -33.76 10.34 39.96
C CYS C 488 -34.08 8.85 40.02
N TYR C 489 -33.18 8.02 39.49
CA TYR C 489 -33.50 6.63 39.17
C TYR C 489 -32.61 5.69 39.95
N PHE C 490 -33.13 4.50 40.25
CA PHE C 490 -32.26 3.37 40.51
C PHE C 490 -31.58 2.93 39.22
N PRO C 491 -30.28 2.60 39.24
CA PRO C 491 -29.58 2.42 37.97
C PRO C 491 -29.83 1.10 37.24
N LEU C 492 -30.19 0.03 37.95
CA LEU C 492 -30.39 -1.27 37.33
C LEU C 492 -31.84 -1.50 36.90
N GLN C 493 -32.01 -2.45 35.99
CA GLN C 493 -33.27 -3.12 35.71
C GLN C 493 -32.95 -4.58 35.46
N SER C 494 -33.85 -5.49 35.86
CA SER C 494 -33.61 -6.92 35.78
C SER C 494 -34.47 -7.62 34.75
N TYR C 495 -33.83 -8.54 34.00
CA TYR C 495 -34.37 -9.03 32.73
C TYR C 495 -35.66 -9.82 32.90
N GLY C 496 -35.72 -10.70 33.89
CA GLY C 496 -36.91 -11.53 34.03
C GLY C 496 -37.15 -12.50 32.90
N PHE C 497 -36.09 -13.14 32.39
CA PHE C 497 -36.19 -14.06 31.26
C PHE C 497 -37.29 -15.11 31.46
N GLN C 498 -38.17 -15.24 30.46
CA GLN C 498 -39.26 -16.21 30.49
C GLN C 498 -39.12 -17.22 29.36
N PRO C 499 -39.41 -18.50 29.58
CA PRO C 499 -39.27 -19.47 28.48
C PRO C 499 -40.28 -19.29 27.37
N THR C 500 -41.33 -18.52 27.60
CA THR C 500 -42.24 -18.13 26.53
C THR C 500 -41.69 -17.01 25.66
N ASN C 501 -40.62 -16.33 26.08
CA ASN C 501 -40.11 -15.21 25.30
C ASN C 501 -39.67 -15.64 23.92
N GLY C 502 -39.76 -14.71 22.97
CA GLY C 502 -39.00 -14.85 21.74
C GLY C 502 -37.50 -14.82 22.02
N VAL C 503 -36.77 -15.63 21.25
CA VAL C 503 -35.40 -15.96 21.59
C VAL C 503 -34.48 -14.76 21.61
N GLY C 504 -34.85 -13.66 20.96
CA GLY C 504 -34.08 -12.45 21.14
C GLY C 504 -34.04 -11.96 22.57
N TYR C 505 -35.09 -12.23 23.33
CA TYR C 505 -35.12 -11.95 24.76
C TYR C 505 -34.99 -13.22 25.59
N GLN C 506 -34.41 -14.27 25.03
CA GLN C 506 -33.91 -15.35 25.84
C GLN C 506 -32.52 -14.99 26.36
N PRO C 507 -32.10 -15.53 27.49
CA PRO C 507 -30.74 -15.29 27.95
C PRO C 507 -29.73 -16.14 27.23
N TYR C 508 -28.63 -15.53 26.83
CA TYR C 508 -27.46 -16.24 26.37
C TYR C 508 -26.37 -16.07 27.42
N ARG C 509 -25.86 -17.19 27.90
CA ARG C 509 -24.64 -17.19 28.68
C ARG C 509 -23.48 -16.84 27.78
N VAL C 510 -22.67 -15.89 28.21
CA VAL C 510 -21.50 -15.44 27.47
C VAL C 510 -20.28 -15.68 28.33
N VAL C 511 -19.20 -16.10 27.68
CA VAL C 511 -17.86 -16.10 28.25
C VAL C 511 -16.94 -15.40 27.27
N VAL C 512 -16.04 -14.59 27.78
CA VAL C 512 -14.91 -14.05 27.04
C VAL C 512 -13.64 -14.62 27.64
N LEU C 513 -12.80 -15.22 26.79
CA LEU C 513 -11.43 -15.55 27.19
C LEU C 513 -10.53 -14.43 26.68
N SER C 514 -9.91 -13.71 27.61
CA SER C 514 -8.96 -12.66 27.31
C SER C 514 -7.55 -13.16 27.62
N PHE C 515 -6.64 -12.97 26.66
CA PHE C 515 -5.26 -13.38 26.86
C PHE C 515 -4.37 -12.69 25.84
N GLU C 516 -3.07 -12.67 26.15
CA GLU C 516 -2.10 -11.94 25.35
C GLU C 516 -0.78 -12.70 25.32
N LEU C 517 0.05 -12.35 24.32
CA LEU C 517 1.32 -13.03 24.05
C LEU C 517 2.50 -12.07 24.01
N LEU C 518 2.38 -10.92 24.67
CA LEU C 518 3.34 -9.83 24.52
C LEU C 518 4.75 -10.17 25.03
N HIS C 519 4.86 -10.94 26.11
CA HIS C 519 6.19 -11.31 26.61
C HIS C 519 6.10 -12.58 27.44
N ALA C 520 7.25 -13.22 27.61
CA ALA C 520 7.35 -14.27 28.61
C ALA C 520 7.23 -13.67 30.01
N PRO C 521 6.89 -14.49 31.02
CA PRO C 521 6.57 -15.92 31.04
C PRO C 521 5.21 -16.23 30.42
N ALA C 522 4.91 -17.52 30.26
CA ALA C 522 3.59 -17.99 29.87
C ALA C 522 3.03 -18.87 30.99
N THR C 523 1.88 -18.47 31.52
CA THR C 523 1.28 -19.18 32.64
C THR C 523 0.41 -20.36 32.21
N VAL C 524 -0.14 -20.32 31.00
CA VAL C 524 -1.00 -21.38 30.49
C VAL C 524 -0.69 -21.59 29.03
N CYS C 525 -0.81 -22.84 28.58
CA CYS C 525 -0.35 -23.24 27.27
C CYS C 525 -1.24 -24.34 26.73
N GLY C 526 -1.31 -24.43 25.41
CA GLY C 526 -1.83 -25.60 24.76
C GLY C 526 -0.83 -26.73 24.79
N PRO C 527 -1.29 -27.93 24.47
CA PRO C 527 -0.45 -29.12 24.67
C PRO C 527 0.68 -29.22 23.65
N LYS C 528 1.82 -29.70 24.12
CA LYS C 528 2.76 -30.43 23.27
C LYS C 528 3.59 -31.30 24.19
N LYS C 529 4.14 -32.37 23.63
CA LYS C 529 5.29 -33.03 24.26
C LYS C 529 6.51 -32.13 24.04
N SER C 530 7.72 -32.62 24.33
CA SER C 530 8.92 -31.81 24.11
C SER C 530 10.15 -32.69 23.97
N THR C 531 11.22 -32.02 23.48
CA THR C 531 12.46 -32.62 22.99
C THR C 531 13.63 -32.37 23.94
N ASN C 532 14.67 -33.17 23.78
CA ASN C 532 15.98 -32.74 24.22
C ASN C 532 16.32 -31.39 23.60
N LEU C 533 16.98 -30.54 24.38
CA LEU C 533 17.27 -29.17 23.99
C LEU C 533 18.56 -29.07 23.16
N VAL C 534 18.59 -29.77 22.02
CA VAL C 534 19.80 -29.95 21.22
C VAL C 534 20.44 -28.61 20.89
N LYS C 535 21.60 -28.35 21.49
CA LYS C 535 22.16 -27.00 21.59
C LYS C 535 23.00 -26.59 20.38
N ASN C 536 23.91 -27.45 19.95
CA ASN C 536 24.94 -27.02 19.01
C ASN C 536 24.40 -26.81 17.59
N LYS C 537 23.60 -27.74 17.08
CA LYS C 537 23.16 -27.65 15.69
C LYS C 537 22.25 -26.46 15.47
N CYS C 538 22.21 -25.97 14.23
CA CYS C 538 21.16 -25.06 13.83
C CYS C 538 19.85 -25.81 13.74
N VAL C 539 18.81 -25.29 14.40
CA VAL C 539 17.55 -25.97 14.58
C VAL C 539 16.40 -25.00 14.46
N ASN C 540 15.23 -25.52 14.08
CA ASN C 540 13.99 -24.83 14.38
C ASN C 540 13.70 -25.02 15.86
N PHE C 541 13.11 -24.00 16.48
CA PHE C 541 12.84 -24.02 17.90
C PHE C 541 11.48 -23.41 18.21
N ASN C 542 10.95 -23.83 19.36
CA ASN C 542 9.80 -23.22 20.01
C ASN C 542 10.12 -23.09 21.48
N PHE C 543 9.83 -21.94 22.06
CA PHE C 543 9.99 -21.71 23.50
C PHE C 543 8.74 -21.00 24.01
N ASN C 544 7.79 -21.78 24.53
CA ASN C 544 6.50 -21.25 24.93
C ASN C 544 5.86 -20.46 23.81
N GLY C 545 5.96 -21.00 22.60
CA GLY C 545 5.83 -20.19 21.40
C GLY C 545 7.19 -19.64 21.02
N LEU C 546 7.23 -18.33 20.80
CA LEU C 546 8.49 -17.62 20.55
C LEU C 546 9.30 -18.28 19.45
N THR C 547 8.60 -18.86 18.47
CA THR C 547 9.22 -19.82 17.57
C THR C 547 10.21 -19.12 16.64
N GLY C 548 11.19 -19.87 16.18
CA GLY C 548 12.18 -19.30 15.28
C GLY C 548 13.14 -20.35 14.80
N THR C 549 14.22 -19.90 14.16
CA THR C 549 15.29 -20.78 13.70
C THR C 549 16.64 -20.20 14.11
N GLY C 550 17.53 -21.04 14.63
CA GLY C 550 18.82 -20.57 15.07
C GLY C 550 19.61 -21.67 15.74
N VAL C 551 20.80 -21.31 16.20
CA VAL C 551 21.68 -22.20 16.95
C VAL C 551 21.69 -21.79 18.41
N LEU C 552 21.25 -22.70 19.27
CA LEU C 552 21.02 -22.40 20.70
C LEU C 552 22.30 -22.61 21.51
N THR C 553 23.28 -21.76 21.25
CA THR C 553 24.54 -21.88 21.96
C THR C 553 24.33 -21.55 23.44
N GLU C 554 24.84 -22.41 24.32
CA GLU C 554 24.82 -22.09 25.74
C GLU C 554 25.72 -20.89 26.01
N SER C 555 25.23 -19.95 26.82
CA SER C 555 25.77 -18.60 26.85
C SER C 555 26.13 -18.19 28.26
N ASN C 556 27.06 -17.25 28.34
CA ASN C 556 27.39 -16.52 29.56
C ASN C 556 26.46 -15.35 29.82
N LYS C 557 25.33 -15.26 29.11
CA LYS C 557 24.44 -14.12 29.26
C LYS C 557 23.88 -14.07 30.67
N LYS C 558 24.06 -12.91 31.31
CA LYS C 558 23.77 -12.71 32.74
C LYS C 558 22.32 -12.38 33.02
N PHE C 559 21.37 -13.18 32.53
CA PHE C 559 19.95 -12.94 32.79
C PHE C 559 19.70 -12.87 34.29
N LEU C 560 19.28 -11.70 34.76
CA LEU C 560 18.82 -11.51 36.13
C LEU C 560 17.71 -12.51 36.46
N PRO C 561 17.50 -12.83 37.74
CA PRO C 561 16.63 -13.98 38.09
C PRO C 561 15.22 -13.89 37.57
N PHE C 562 14.66 -12.69 37.44
CA PHE C 562 13.29 -12.51 36.99
C PHE C 562 13.14 -12.56 35.48
N GLN C 563 14.24 -12.53 34.73
CA GLN C 563 14.16 -12.50 33.28
C GLN C 563 13.67 -13.86 32.77
N GLN C 564 12.88 -13.84 31.71
CA GLN C 564 12.46 -15.03 30.97
C GLN C 564 12.84 -15.00 29.51
N PHE C 565 12.80 -13.85 28.88
CA PHE C 565 13.20 -13.63 27.51
C PHE C 565 14.10 -12.42 27.34
N GLY C 566 14.83 -12.37 26.22
CA GLY C 566 15.76 -11.28 25.99
C GLY C 566 15.91 -10.88 24.53
N ARG C 567 16.50 -9.70 24.33
CA ARG C 567 16.56 -9.04 23.04
C ARG C 567 17.89 -8.35 22.92
N ASP C 568 18.24 -7.96 21.69
CA ASP C 568 19.51 -7.27 21.44
C ASP C 568 19.34 -6.08 20.52
N ILE C 569 18.51 -6.20 19.49
CA ILE C 569 18.03 -5.04 18.74
C ILE C 569 16.82 -5.45 17.93
N ALA C 570 16.08 -4.45 17.46
CA ALA C 570 15.00 -4.64 16.48
C ALA C 570 13.98 -5.70 16.87
N ASP C 571 13.72 -5.89 18.16
CA ASP C 571 12.85 -6.97 18.64
C ASP C 571 13.32 -8.38 18.26
N THR C 572 14.49 -8.55 17.65
CA THR C 572 14.93 -9.89 17.28
C THR C 572 15.21 -10.66 18.56
N THR C 573 14.46 -11.72 18.78
CA THR C 573 14.62 -12.54 19.97
C THR C 573 16.06 -13.05 20.03
N ASP C 574 16.81 -12.67 21.07
CA ASP C 574 18.25 -12.94 21.06
C ASP C 574 18.73 -13.97 22.08
N ALA C 575 18.01 -14.14 23.18
CA ALA C 575 18.35 -15.19 24.12
C ALA C 575 17.09 -15.57 24.86
N VAL C 576 17.02 -16.82 25.30
CA VAL C 576 15.87 -17.30 26.03
C VAL C 576 16.35 -18.29 27.08
N ARG C 577 15.73 -18.25 28.25
CA ARG C 577 15.88 -19.35 29.20
C ARG C 577 15.09 -20.55 28.72
N ASP C 578 15.75 -21.70 28.65
CA ASP C 578 15.04 -22.93 28.40
C ASP C 578 13.97 -23.10 29.48
N PRO C 579 12.70 -23.12 29.14
CA PRO C 579 11.69 -23.12 30.20
C PRO C 579 11.70 -24.40 30.98
N GLN C 580 12.35 -25.44 30.48
CA GLN C 580 12.32 -26.73 31.15
C GLN C 580 13.49 -26.94 32.09
N THR C 581 14.52 -26.10 32.03
CA THR C 581 15.69 -26.21 32.90
C THR C 581 16.25 -24.88 33.35
N LEU C 582 15.81 -23.75 32.80
CA LEU C 582 16.36 -22.42 33.06
C LEU C 582 17.79 -22.23 32.57
N GLU C 583 18.33 -23.12 31.75
CA GLU C 583 19.58 -22.80 31.08
C GLU C 583 19.39 -21.64 30.12
N ILE C 584 20.42 -20.81 29.98
CA ILE C 584 20.31 -19.52 29.29
C ILE C 584 20.77 -19.68 27.85
N LEU C 585 19.95 -20.30 27.01
CA LEU C 585 20.34 -20.51 25.61
C LEU C 585 20.32 -19.21 24.82
N ASP C 586 21.47 -18.81 24.26
CA ASP C 586 21.52 -17.70 23.31
C ASP C 586 21.16 -18.21 21.91
N ILE C 587 20.35 -17.43 21.20
CA ILE C 587 20.01 -17.71 19.79
C ILE C 587 21.04 -17.03 18.89
N THR C 588 22.08 -17.75 18.51
CA THR C 588 22.88 -17.34 17.38
C THR C 588 22.05 -17.51 16.10
N PRO C 589 22.10 -16.57 15.16
CA PRO C 589 21.42 -16.81 13.87
C PRO C 589 22.06 -17.96 13.11
N CYS C 590 21.24 -18.65 12.31
CA CYS C 590 21.72 -19.79 11.55
C CYS C 590 22.72 -19.37 10.48
N SER C 591 23.53 -20.34 10.06
CA SER C 591 24.58 -20.11 9.07
C SER C 591 24.02 -19.57 7.76
N PHE C 592 24.50 -18.41 7.34
CA PHE C 592 23.84 -17.64 6.30
C PHE C 592 24.86 -16.80 5.52
N GLY C 593 24.56 -16.59 4.23
CA GLY C 593 25.33 -15.65 3.44
C GLY C 593 24.89 -15.66 1.99
N GLY C 594 25.49 -14.78 1.20
CA GLY C 594 25.30 -14.80 -0.25
C GLY C 594 26.30 -15.72 -0.94
N VAL C 595 25.84 -16.41 -1.99
CA VAL C 595 26.69 -17.22 -2.86
C VAL C 595 26.76 -16.55 -4.23
N SER C 596 27.99 -16.37 -4.71
CA SER C 596 28.35 -15.58 -5.87
C SER C 596 29.34 -16.40 -6.67
N VAL C 597 29.33 -16.28 -8.01
CA VAL C 597 30.27 -17.02 -8.84
C VAL C 597 31.20 -16.05 -9.53
N ILE C 598 32.40 -16.54 -9.82
CA ILE C 598 33.40 -15.85 -10.62
C ILE C 598 33.68 -16.74 -11.81
N THR C 599 33.78 -16.13 -12.99
CA THR C 599 34.10 -16.88 -14.20
C THR C 599 34.84 -16.02 -15.21
N PRO C 600 35.78 -16.60 -15.98
CA PRO C 600 36.32 -15.88 -17.13
C PRO C 600 35.33 -15.64 -18.25
N GLY C 601 34.08 -16.06 -18.10
CA GLY C 601 33.05 -15.79 -19.07
C GLY C 601 33.02 -16.80 -20.20
N THR C 602 31.81 -17.05 -20.67
CA THR C 602 31.51 -18.20 -21.51
C THR C 602 32.38 -18.24 -22.76
N ASN C 603 32.63 -17.09 -23.35
CA ASN C 603 33.35 -17.03 -24.61
C ASN C 603 34.86 -17.21 -24.48
N THR C 604 35.40 -17.15 -23.26
CA THR C 604 36.77 -17.55 -23.00
C THR C 604 36.86 -19.01 -22.61
N SER C 605 36.02 -19.44 -21.67
CA SER C 605 36.03 -20.83 -21.22
C SER C 605 34.76 -21.12 -20.45
N ASN C 606 34.40 -22.39 -20.41
CA ASN C 606 33.29 -22.86 -19.60
C ASN C 606 33.60 -22.98 -18.11
N GLN C 607 34.84 -22.79 -17.69
CA GLN C 607 35.19 -23.09 -16.30
C GLN C 607 34.75 -21.97 -15.36
N VAL C 608 34.56 -22.31 -14.09
CA VAL C 608 33.96 -21.40 -13.13
C VAL C 608 34.41 -21.75 -11.72
N ALA C 609 34.43 -20.75 -10.84
CA ALA C 609 34.67 -20.96 -9.41
C ALA C 609 33.65 -20.13 -8.63
N VAL C 610 33.52 -20.43 -7.34
CA VAL C 610 32.42 -19.92 -6.53
C VAL C 610 32.92 -19.33 -5.23
N LEU C 611 32.37 -18.20 -4.84
CA LEU C 611 32.69 -17.51 -3.60
C LEU C 611 31.46 -17.53 -2.70
N TYR C 612 31.65 -17.95 -1.44
CA TYR C 612 30.63 -17.87 -0.40
C TYR C 612 31.03 -16.75 0.53
N GLN C 613 30.20 -15.70 0.59
CA GLN C 613 30.68 -14.37 0.92
C GLN C 613 30.97 -14.13 2.39
N ASP C 614 30.58 -15.04 3.29
CA ASP C 614 30.79 -14.75 4.70
C ASP C 614 30.85 -15.99 5.59
N VAL C 615 31.14 -17.17 5.05
CA VAL C 615 31.04 -18.41 5.78
C VAL C 615 32.32 -19.19 5.56
N ASN C 616 32.81 -19.82 6.62
CA ASN C 616 34.08 -20.52 6.51
C ASN C 616 33.88 -21.85 5.82
N CYS C 617 34.96 -22.35 5.24
CA CYS C 617 34.87 -23.53 4.38
C CYS C 617 34.48 -24.78 5.17
N THR C 618 34.65 -24.75 6.50
CA THR C 618 34.12 -25.81 7.33
C THR C 618 32.61 -25.95 7.17
N GLU C 619 31.90 -24.85 6.91
CA GLU C 619 30.47 -24.88 6.63
C GLU C 619 30.16 -25.09 5.15
N VAL C 620 31.04 -25.77 4.42
CA VAL C 620 30.88 -25.97 2.98
C VAL C 620 30.81 -24.61 2.31
N ASN C 641 38.81 -28.19 -4.64
CA ASN C 641 39.84 -27.27 -4.19
C ASN C 641 39.20 -26.12 -3.42
N VAL C 642 39.93 -25.57 -2.45
CA VAL C 642 39.34 -24.67 -1.47
C VAL C 642 40.38 -23.64 -1.02
N PHE C 643 39.88 -22.47 -0.65
CA PHE C 643 40.72 -21.39 -0.15
C PHE C 643 39.83 -20.56 0.78
N GLN C 644 40.45 -19.86 1.72
CA GLN C 644 39.74 -19.06 2.71
C GLN C 644 40.26 -17.64 2.67
N THR C 645 39.37 -16.65 2.66
CA THR C 645 39.76 -15.27 2.45
C THR C 645 38.97 -14.42 3.43
N ARG C 646 39.41 -13.17 3.60
CA ARG C 646 38.60 -12.22 4.34
C ARG C 646 37.26 -11.94 3.68
N ALA C 647 37.12 -12.26 2.40
CA ALA C 647 35.86 -12.18 1.69
C ALA C 647 35.03 -13.44 1.80
N GLY C 648 35.44 -14.40 2.62
CA GLY C 648 34.75 -15.68 2.75
C GLY C 648 35.44 -16.84 2.06
N CYS C 649 34.73 -17.95 2.01
CA CYS C 649 35.27 -19.16 1.40
C CYS C 649 35.24 -19.08 -0.11
N LEU C 650 36.27 -19.62 -0.76
CA LEU C 650 36.39 -19.65 -2.22
C LEU C 650 36.64 -21.08 -2.63
N ILE C 651 35.90 -21.57 -3.61
CA ILE C 651 35.96 -22.97 -4.02
C ILE C 651 36.13 -23.02 -5.53
N GLY C 652 36.98 -23.93 -5.98
CA GLY C 652 37.21 -24.13 -7.38
C GLY C 652 38.31 -23.28 -7.99
N ALA C 653 38.90 -22.37 -7.25
CA ALA C 653 40.05 -21.60 -7.71
C ALA C 653 41.30 -22.01 -6.95
N GLU C 654 42.40 -22.20 -7.68
CA GLU C 654 43.67 -22.55 -7.08
C GLU C 654 44.33 -21.27 -6.57
N HIS C 655 44.63 -21.22 -5.28
CA HIS C 655 45.38 -20.11 -4.72
C HIS C 655 46.81 -20.18 -5.20
N VAL C 656 47.31 -19.08 -5.78
CA VAL C 656 48.65 -19.05 -6.36
C VAL C 656 49.45 -17.92 -5.71
N ASN C 657 50.76 -18.12 -5.65
CA ASN C 657 51.57 -17.48 -4.63
C ASN C 657 52.26 -16.19 -5.07
N ASN C 658 52.42 -15.95 -6.37
CA ASN C 658 52.87 -14.65 -6.85
C ASN C 658 51.66 -13.74 -7.04
N SER C 659 51.79 -12.66 -7.81
CA SER C 659 50.77 -11.63 -7.87
C SER C 659 50.71 -10.98 -9.25
N TYR C 660 49.53 -10.45 -9.58
CA TYR C 660 49.21 -9.93 -10.91
C TYR C 660 48.19 -8.82 -10.74
N GLU C 661 47.91 -8.09 -11.81
CA GLU C 661 46.76 -7.21 -11.82
C GLU C 661 45.45 -8.00 -11.74
N CYS C 662 44.39 -7.31 -11.33
CA CYS C 662 43.09 -7.95 -11.11
C CYS C 662 42.35 -8.12 -12.43
N ASP C 663 42.26 -9.35 -12.92
CA ASP C 663 41.29 -9.65 -13.96
C ASP C 663 39.86 -9.56 -13.42
N ILE C 664 39.59 -10.20 -12.29
CA ILE C 664 38.29 -10.16 -11.64
C ILE C 664 38.49 -9.83 -10.16
N PRO C 665 37.81 -8.85 -9.58
CA PRO C 665 37.95 -8.61 -8.15
C PRO C 665 37.12 -9.57 -7.33
N ILE C 666 37.70 -10.06 -6.24
CA ILE C 666 36.97 -10.81 -5.23
C ILE C 666 36.78 -9.97 -3.97
N GLY C 667 37.86 -9.49 -3.39
CA GLY C 667 37.77 -8.68 -2.20
C GLY C 667 39.00 -8.87 -1.33
N ALA C 668 39.22 -7.87 -0.47
CA ALA C 668 40.30 -7.92 0.51
C ALA C 668 41.62 -8.25 -0.14
N GLY C 669 41.85 -7.69 -1.31
CA GLY C 669 43.06 -7.90 -2.06
C GLY C 669 43.16 -9.20 -2.80
N ILE C 670 42.25 -10.13 -2.61
CA ILE C 670 42.19 -11.31 -3.45
C ILE C 670 41.51 -10.90 -4.74
N CYS C 671 42.11 -11.29 -5.86
CA CYS C 671 41.52 -11.16 -7.18
C CYS C 671 41.70 -12.50 -7.88
N ALA C 672 40.87 -12.75 -8.90
CA ALA C 672 40.92 -14.02 -9.62
C ALA C 672 41.02 -13.76 -11.11
N SER C 673 41.67 -14.69 -11.80
CA SER C 673 41.92 -14.54 -13.22
C SER C 673 42.19 -15.91 -13.83
N TYR C 674 42.17 -15.96 -15.16
CA TYR C 674 42.31 -17.21 -15.89
C TYR C 674 43.69 -17.28 -16.50
N GLN C 675 44.44 -18.32 -16.17
CA GLN C 675 45.84 -18.38 -16.53
C GLN C 675 46.30 -19.82 -16.51
N THR C 676 47.46 -20.05 -17.12
CA THR C 676 48.07 -21.37 -17.12
C THR C 676 48.42 -21.81 -15.69
N GLN C 690 45.12 -24.75 -18.30
CA GLN C 690 44.55 -23.48 -17.88
C GLN C 690 43.63 -23.69 -16.69
N SER C 691 43.56 -22.69 -15.81
CA SER C 691 42.66 -22.75 -14.67
C SER C 691 42.39 -21.34 -14.16
N ILE C 692 41.35 -21.23 -13.34
CA ILE C 692 41.07 -20.01 -12.59
C ILE C 692 41.98 -20.00 -11.37
N ILE C 693 42.96 -19.10 -11.38
CA ILE C 693 43.77 -18.82 -10.20
C ILE C 693 43.12 -17.70 -9.40
N ALA C 694 43.44 -17.67 -8.12
CA ALA C 694 43.21 -16.51 -7.26
C ALA C 694 44.51 -16.13 -6.58
N TYR C 695 44.71 -14.84 -6.39
CA TYR C 695 46.00 -14.31 -5.99
C TYR C 695 45.82 -13.01 -5.23
N THR C 696 46.81 -12.66 -4.44
CA THR C 696 46.91 -11.31 -3.92
C THR C 696 47.33 -10.38 -5.05
N MET C 697 46.55 -9.33 -5.28
CA MET C 697 46.88 -8.44 -6.38
C MET C 697 48.19 -7.71 -6.10
N SER C 698 48.89 -7.37 -7.17
CA SER C 698 50.14 -6.64 -7.11
C SER C 698 49.84 -5.23 -7.56
N LEU C 699 50.26 -4.25 -6.78
CA LEU C 699 49.93 -2.88 -7.13
C LEU C 699 50.80 -2.37 -8.28
N GLY C 700 51.99 -2.92 -8.44
CA GLY C 700 52.83 -2.58 -9.56
C GLY C 700 54.26 -2.98 -9.32
N ALA C 701 55.08 -2.74 -10.34
CA ALA C 701 56.51 -3.02 -10.28
C ALA C 701 57.20 -2.10 -9.29
N GLU C 702 57.51 -2.64 -8.11
CA GLU C 702 58.19 -1.86 -7.09
C GLU C 702 59.58 -1.47 -7.57
N ASN C 703 59.83 -0.17 -7.74
CA ASN C 703 61.17 0.27 -8.12
C ASN C 703 61.55 1.48 -7.30
N SER C 704 62.77 1.45 -6.76
CA SER C 704 63.43 2.61 -6.18
C SER C 704 63.95 3.49 -7.30
N VAL C 705 63.22 4.56 -7.60
CA VAL C 705 63.80 5.61 -8.41
C VAL C 705 65.05 6.09 -7.72
N ALA C 706 66.14 6.21 -8.48
CA ALA C 706 67.47 6.42 -7.90
C ALA C 706 67.60 7.86 -7.47
N TYR C 707 66.78 8.25 -6.50
CA TYR C 707 66.92 9.55 -5.90
C TYR C 707 68.33 9.74 -5.38
N SER C 708 68.82 10.95 -5.54
CA SER C 708 69.94 11.35 -4.73
C SER C 708 69.92 12.84 -4.65
N ASN C 709 70.48 13.35 -3.57
CA ASN C 709 71.11 14.65 -3.60
C ASN C 709 72.01 14.75 -4.82
N ASN C 710 72.26 15.97 -5.29
CA ASN C 710 73.26 16.23 -6.32
C ASN C 710 72.96 15.59 -7.69
N SER C 711 71.87 14.83 -7.87
CA SER C 711 71.63 14.16 -9.15
C SER C 711 70.27 14.49 -9.77
N ILE C 712 70.25 14.64 -11.10
CA ILE C 712 69.04 14.93 -11.87
C ILE C 712 69.04 14.05 -13.11
N ALA C 713 67.85 13.65 -13.53
CA ALA C 713 67.62 12.96 -14.80
C ALA C 713 66.83 13.82 -15.75
N ILE C 714 67.30 13.95 -17.00
CA ILE C 714 66.65 14.77 -18.01
C ILE C 714 66.33 13.92 -19.23
N PRO C 715 65.11 13.98 -19.77
CA PRO C 715 64.77 13.19 -20.95
C PRO C 715 65.46 13.72 -22.19
N THR C 716 66.10 12.83 -22.94
CA THR C 716 66.75 13.20 -24.18
C THR C 716 65.83 13.09 -25.38
N ASN C 717 64.60 12.60 -25.23
CA ASN C 717 63.74 12.38 -26.38
C ASN C 717 62.29 12.43 -25.92
N PHE C 718 61.36 12.25 -26.86
CA PHE C 718 59.95 12.27 -26.50
C PHE C 718 59.13 11.37 -27.41
N THR C 719 57.92 11.07 -26.95
CA THR C 719 56.95 10.27 -27.68
C THR C 719 55.56 10.87 -27.52
N ILE C 720 55.05 11.48 -28.58
CA ILE C 720 53.68 11.95 -28.58
C ILE C 720 52.76 10.75 -28.57
N SER C 721 51.67 10.82 -27.80
CA SER C 721 50.77 9.69 -27.63
C SER C 721 49.36 10.20 -27.72
N VAL C 722 48.47 9.40 -28.29
CA VAL C 722 47.06 9.75 -28.42
C VAL C 722 46.26 8.75 -27.60
N THR C 723 45.40 9.26 -26.73
CA THR C 723 44.55 8.42 -25.91
C THR C 723 43.10 8.85 -26.00
N THR C 724 42.22 7.87 -26.22
CA THR C 724 40.79 8.06 -26.06
C THR C 724 40.43 8.32 -24.61
N GLU C 725 39.67 9.37 -24.37
CA GLU C 725 38.84 9.52 -23.18
C GLU C 725 37.39 9.57 -23.61
N ILE C 726 36.54 8.72 -23.05
CA ILE C 726 35.20 8.50 -23.54
C ILE C 726 34.23 8.89 -22.43
N LEU C 727 33.29 9.79 -22.75
CA LEU C 727 32.36 10.31 -21.77
C LEU C 727 30.94 10.21 -22.30
N PRO C 728 29.99 9.65 -21.54
CA PRO C 728 28.59 9.73 -21.95
C PRO C 728 28.03 11.13 -21.79
N VAL C 729 27.22 11.55 -22.76
CA VAL C 729 26.66 12.88 -22.78
C VAL C 729 25.14 12.89 -22.57
N SER C 730 24.43 11.87 -23.02
CA SER C 730 22.99 11.81 -22.84
C SER C 730 22.55 10.37 -22.66
N MET C 731 21.38 10.20 -22.05
CA MET C 731 20.64 8.96 -22.15
C MET C 731 19.48 9.15 -23.13
N THR C 732 18.87 8.03 -23.53
CA THR C 732 17.69 8.11 -24.38
C THR C 732 16.54 8.82 -23.68
N LYS C 733 15.84 9.67 -24.43
CA LYS C 733 14.76 10.50 -23.91
C LYS C 733 13.47 9.67 -23.79
N THR C 734 13.45 8.82 -22.76
CA THR C 734 12.24 8.04 -22.50
C THR C 734 11.10 8.93 -22.05
N SER C 735 9.88 8.63 -22.52
CA SER C 735 8.66 9.26 -22.01
C SER C 735 7.56 8.22 -21.88
N VAL C 736 6.82 8.29 -20.77
CA VAL C 736 5.81 7.29 -20.41
C VAL C 736 4.44 7.94 -20.36
N ASP C 737 3.52 7.46 -21.19
CA ASP C 737 2.10 7.79 -21.04
C ASP C 737 1.51 7.11 -19.82
N CYS C 738 1.62 7.75 -18.67
CA CYS C 738 1.38 7.10 -17.39
C CYS C 738 0.00 6.45 -17.28
N THR C 739 -1.06 7.14 -17.67
CA THR C 739 -2.38 6.53 -17.58
C THR C 739 -2.55 5.33 -18.50
N MET C 740 -1.94 5.36 -19.68
CA MET C 740 -1.98 4.18 -20.55
C MET C 740 -1.19 3.02 -19.99
N TYR C 741 -0.07 3.31 -19.32
CA TYR C 741 0.68 2.25 -18.66
C TYR C 741 -0.10 1.62 -17.51
N ILE C 742 -0.61 2.43 -16.60
CA ILE C 742 -1.25 1.85 -15.43
C ILE C 742 -2.57 1.20 -15.81
N CYS C 743 -3.37 1.83 -16.68
CA CYS C 743 -4.75 1.43 -16.85
C CYS C 743 -5.11 0.85 -18.21
N GLY C 744 -4.20 0.82 -19.17
CA GLY C 744 -4.44 0.09 -20.40
C GLY C 744 -5.66 0.49 -21.19
N ASP C 745 -6.04 1.77 -21.14
CA ASP C 745 -7.26 2.29 -21.74
C ASP C 745 -8.54 1.77 -21.09
N SER C 746 -8.48 1.14 -19.93
CA SER C 746 -9.71 0.84 -19.21
C SER C 746 -10.33 2.13 -18.72
N THR C 747 -11.60 2.36 -19.08
CA THR C 747 -12.35 3.46 -18.48
C THR C 747 -12.65 3.22 -17.00
N GLU C 748 -12.54 1.98 -16.53
CA GLU C 748 -12.66 1.70 -15.10
C GLU C 748 -11.41 2.12 -14.33
N CYS C 749 -10.27 1.55 -14.70
CA CYS C 749 -9.04 1.80 -13.96
C CYS C 749 -8.69 3.28 -13.91
N SER C 750 -8.82 4.01 -15.02
CA SER C 750 -8.50 5.42 -14.95
C SER C 750 -9.49 6.19 -14.08
N ASN C 751 -10.73 5.73 -13.99
CA ASN C 751 -11.66 6.32 -13.04
C ASN C 751 -11.27 6.04 -11.60
N LEU C 752 -10.60 4.93 -11.33
CA LEU C 752 -9.99 4.75 -10.02
C LEU C 752 -8.77 5.65 -9.84
N LEU C 753 -7.83 5.60 -10.76
CA LEU C 753 -6.55 6.28 -10.61
C LEU C 753 -6.71 7.79 -10.49
N LEU C 754 -7.73 8.35 -11.12
CA LEU C 754 -8.03 9.76 -10.94
C LEU C 754 -8.15 10.16 -9.48
N GLN C 755 -8.59 9.25 -8.62
CA GLN C 755 -8.63 9.47 -7.19
C GLN C 755 -7.27 9.35 -6.50
N TYR C 756 -6.15 9.35 -7.23
CA TYR C 756 -4.82 9.54 -6.65
C TYR C 756 -4.25 10.92 -6.90
N GLY C 757 -5.00 11.80 -7.54
CA GLY C 757 -4.53 13.16 -7.74
C GLY C 757 -3.37 13.32 -8.69
N SER C 758 -2.37 14.07 -8.23
CA SER C 758 -1.35 14.58 -9.13
C SER C 758 -0.37 13.55 -9.67
N PHE C 759 -0.29 12.36 -9.06
CA PHE C 759 0.78 11.42 -9.34
C PHE C 759 1.02 11.21 -10.82
N CYS C 760 -0.02 10.82 -11.54
CA CYS C 760 0.16 10.42 -12.93
C CYS C 760 0.44 11.61 -13.85
N THR C 761 0.17 12.84 -13.42
CA THR C 761 0.69 14.03 -14.10
C THR C 761 2.11 14.36 -13.68
N GLN C 762 2.38 14.26 -12.39
CA GLN C 762 3.71 14.62 -11.87
C GLN C 762 4.81 13.77 -12.47
N LEU C 763 4.59 12.46 -12.59
CA LEU C 763 5.62 11.61 -13.17
C LEU C 763 5.93 12.00 -14.62
N ASN C 764 4.90 12.31 -15.39
CA ASN C 764 5.11 12.78 -16.74
C ASN C 764 5.87 14.09 -16.78
N ARG C 765 5.60 14.99 -15.83
CA ARG C 765 6.41 16.20 -15.72
C ARG C 765 7.87 15.89 -15.42
N ALA C 766 8.13 14.95 -14.53
CA ALA C 766 9.51 14.64 -14.16
C ALA C 766 10.29 14.03 -15.32
N LEU C 767 9.67 13.09 -16.03
CA LEU C 767 10.32 12.53 -17.22
C LEU C 767 10.53 13.58 -18.30
N THR C 768 9.58 14.48 -18.50
CA THR C 768 9.82 15.58 -19.44
C THR C 768 10.99 16.44 -18.99
N GLY C 769 11.12 16.67 -17.69
CA GLY C 769 12.27 17.41 -17.18
C GLY C 769 13.60 16.78 -17.54
N ILE C 770 13.75 15.48 -17.30
CA ILE C 770 15.03 14.85 -17.67
C ILE C 770 15.19 14.78 -19.18
N ALA C 771 14.11 14.64 -19.92
CA ALA C 771 14.23 14.61 -21.38
C ALA C 771 14.77 15.92 -21.92
N VAL C 772 14.18 17.04 -21.51
CA VAL C 772 14.75 18.34 -21.89
C VAL C 772 16.18 18.50 -21.38
N GLU C 773 16.48 17.96 -20.19
CA GLU C 773 17.86 18.01 -19.71
C GLU C 773 18.83 17.29 -20.65
N GLN C 774 18.36 16.30 -21.41
CA GLN C 774 19.30 15.63 -22.32
C GLN C 774 19.69 16.51 -23.51
N ASP C 775 18.76 17.28 -24.07
CA ASP C 775 19.14 18.24 -25.08
C ASP C 775 19.96 19.38 -24.50
N LYS C 776 19.61 19.83 -23.29
CA LYS C 776 20.45 20.83 -22.64
C LYS C 776 21.88 20.36 -22.53
N ASN C 777 22.09 19.10 -22.13
CA ASN C 777 23.43 18.53 -22.09
C ASN C 777 24.10 18.53 -23.47
N THR C 778 23.44 17.98 -24.47
CA THR C 778 24.13 17.81 -25.76
C THR C 778 24.46 19.15 -26.39
N GLN C 779 23.56 20.13 -26.29
CA GLN C 779 23.90 21.47 -26.75
C GLN C 779 25.00 22.09 -25.91
N GLU C 780 24.94 21.97 -24.58
CA GLU C 780 25.94 22.57 -23.73
C GLU C 780 27.33 21.97 -23.91
N VAL C 781 27.45 20.76 -24.44
CA VAL C 781 28.77 20.22 -24.76
C VAL C 781 29.18 20.54 -26.20
N PHE C 782 28.39 20.22 -27.22
CA PHE C 782 28.90 20.37 -28.57
C PHE C 782 28.85 21.79 -29.10
N ALA C 783 27.85 22.57 -28.71
CA ALA C 783 27.66 23.89 -29.31
C ALA C 783 28.55 24.98 -28.75
N GLN C 784 29.78 24.68 -28.36
CA GLN C 784 30.68 25.77 -27.99
C GLN C 784 31.02 26.64 -29.18
N VAL C 785 31.20 26.03 -30.35
CA VAL C 785 31.68 26.76 -31.51
C VAL C 785 30.61 27.71 -32.03
N LYS C 786 30.99 28.97 -32.23
CA LYS C 786 30.00 29.97 -32.61
C LYS C 786 29.55 29.83 -34.06
N GLN C 787 30.31 29.11 -34.89
CA GLN C 787 30.04 29.03 -36.32
C GLN C 787 30.52 27.68 -36.80
N ILE C 788 29.93 27.19 -37.89
CA ILE C 788 30.39 25.98 -38.54
C ILE C 788 31.59 26.32 -39.43
N TYR C 789 32.78 26.15 -38.90
CA TYR C 789 33.99 26.26 -39.69
C TYR C 789 34.09 25.09 -40.67
N LYS C 790 34.39 25.38 -41.93
CA LYS C 790 34.65 24.35 -42.94
C LYS C 790 36.14 24.27 -43.17
N THR C 791 36.70 23.06 -43.14
CA THR C 791 38.12 22.89 -43.34
C THR C 791 38.55 23.27 -44.77
N PRO C 792 39.75 23.83 -44.94
CA PRO C 792 40.29 24.02 -46.28
C PRO C 792 40.41 22.71 -47.04
N PRO C 793 40.54 22.77 -48.38
CA PRO C 793 40.57 21.54 -49.17
C PRO C 793 41.89 20.78 -49.15
N ILE C 794 43.01 21.48 -49.31
CA ILE C 794 44.29 20.80 -49.59
C ILE C 794 44.85 20.05 -48.39
N LYS C 795 44.44 20.39 -47.18
CA LYS C 795 44.84 19.69 -45.97
C LYS C 795 46.36 19.59 -45.80
N ASP C 796 47.08 20.64 -46.21
CA ASP C 796 48.54 20.68 -46.12
C ASP C 796 49.04 20.98 -44.71
N PHE C 797 48.60 20.22 -43.71
CA PHE C 797 48.91 20.50 -42.31
C PHE C 797 50.30 20.01 -41.88
N GLY C 798 51.32 20.54 -42.55
CA GLY C 798 52.69 20.31 -42.11
C GLY C 798 53.13 18.87 -42.05
N GLY C 799 52.46 17.98 -42.76
CA GLY C 799 52.73 16.56 -42.71
C GLY C 799 51.89 15.79 -41.72
N PHE C 800 51.10 16.46 -40.89
CA PHE C 800 50.14 15.74 -40.08
C PHE C 800 49.00 15.27 -40.98
N ASN C 801 48.49 14.07 -40.74
CA ASN C 801 47.49 13.45 -41.62
C ASN C 801 46.17 13.28 -40.88
N PHE C 802 45.35 14.32 -40.88
CA PHE C 802 44.04 14.32 -40.24
C PHE C 802 42.95 13.65 -41.07
N SER C 803 43.26 13.08 -42.23
CA SER C 803 42.24 12.40 -43.01
C SER C 803 41.59 11.24 -42.28
N GLN C 804 42.24 10.70 -41.27
CA GLN C 804 41.64 9.68 -40.43
C GLN C 804 40.56 10.20 -39.50
N ILE C 805 40.45 11.51 -39.31
CA ILE C 805 39.63 12.06 -38.23
C ILE C 805 38.68 13.14 -38.70
N LEU C 806 39.03 13.84 -39.78
CA LEU C 806 38.09 14.75 -40.41
C LEU C 806 36.94 14.01 -41.10
N PRO C 807 35.86 14.73 -41.41
CA PRO C 807 34.84 14.20 -42.31
C PRO C 807 35.43 13.68 -43.61
N ASP C 808 34.75 12.68 -44.18
CA ASP C 808 35.09 12.12 -45.48
C ASP C 808 34.02 12.47 -46.50
N PRO C 809 34.32 13.17 -47.60
CA PRO C 809 33.33 13.35 -48.67
C PRO C 809 32.86 12.07 -49.33
N SER C 810 33.46 10.91 -49.04
CA SER C 810 32.84 9.63 -49.40
C SER C 810 31.45 9.49 -48.79
N LYS C 811 31.15 10.25 -47.75
CA LYS C 811 29.78 10.58 -47.36
C LYS C 811 28.82 9.41 -47.17
N PRO C 812 29.16 8.43 -46.34
CA PRO C 812 28.08 7.60 -45.78
C PRO C 812 27.14 8.45 -44.95
N SER C 813 27.67 9.51 -44.37
CA SER C 813 26.94 10.57 -43.70
C SER C 813 27.96 11.70 -43.56
N LYS C 814 27.72 12.65 -42.67
CA LYS C 814 28.77 13.60 -42.36
C LYS C 814 29.92 12.98 -41.56
N ARG C 815 29.77 11.74 -41.09
CA ARG C 815 30.68 11.16 -40.12
C ARG C 815 32.12 11.10 -40.62
N SER C 816 33.03 11.24 -39.67
CA SER C 816 34.46 11.00 -39.86
C SER C 816 34.75 9.51 -39.77
N PHE C 817 35.93 9.14 -40.29
CA PHE C 817 36.32 7.74 -40.38
C PHE C 817 36.31 7.06 -39.01
N ILE C 818 36.91 7.68 -38.01
CA ILE C 818 36.86 7.10 -36.67
C ILE C 818 35.44 7.09 -36.13
N GLU C 819 34.68 8.14 -36.39
CA GLU C 819 33.29 8.16 -35.95
C GLU C 819 32.50 7.01 -36.54
N ASP C 820 32.75 6.66 -37.81
CA ASP C 820 32.05 5.53 -38.40
C ASP C 820 32.37 4.22 -37.70
N LEU C 821 33.54 4.10 -37.07
CA LEU C 821 33.78 2.95 -36.20
C LEU C 821 32.99 3.04 -34.91
N LEU C 822 32.98 4.22 -34.29
CA LEU C 822 32.29 4.33 -33.01
C LEU C 822 30.79 4.09 -33.15
N PHE C 823 30.20 4.57 -34.22
CA PHE C 823 28.78 4.30 -34.47
C PHE C 823 28.45 2.85 -34.76
N ASN C 824 29.43 1.95 -34.87
CA ASN C 824 29.19 0.53 -35.04
C ASN C 824 29.65 -0.32 -33.86
N LYS C 825 30.74 0.03 -33.21
CA LYS C 825 31.26 -0.79 -32.12
C LYS C 825 30.42 -0.72 -30.86
N VAL C 826 29.42 0.16 -30.79
CA VAL C 826 28.36 0.04 -29.79
C VAL C 826 27.01 0.03 -30.49
N THR C 827 26.07 -0.69 -29.89
CA THR C 827 24.74 -0.87 -30.47
C THR C 827 23.74 -1.05 -29.34
N LEU C 828 22.50 -0.68 -29.61
CA LEU C 828 21.43 -0.79 -28.63
C LEU C 828 21.13 -2.25 -28.34
N LYS C 854 6.40 -2.00 -30.49
CA LYS C 854 7.28 -2.73 -29.57
C LYS C 854 7.06 -2.35 -28.11
N PHE C 855 6.13 -1.45 -27.84
CA PHE C 855 5.92 -0.97 -26.49
C PHE C 855 4.50 -0.47 -26.32
N ASN C 856 4.09 -0.34 -25.06
CA ASN C 856 2.86 0.30 -24.68
C ASN C 856 3.15 1.34 -23.61
N GLY C 857 2.55 2.51 -23.74
CA GLY C 857 2.87 3.63 -22.88
C GLY C 857 4.24 4.24 -23.09
N LEU C 858 5.28 3.45 -22.90
CA LEU C 858 6.64 3.94 -23.09
C LEU C 858 6.94 4.26 -24.54
N THR C 859 7.74 5.31 -24.75
CA THR C 859 8.16 5.75 -26.07
C THR C 859 9.55 6.36 -25.90
N VAL C 860 10.31 6.38 -26.97
CA VAL C 860 11.59 7.08 -27.02
C VAL C 860 11.45 8.29 -27.92
N LEU C 861 11.60 9.48 -27.35
CA LEU C 861 11.57 10.68 -28.16
C LEU C 861 12.89 10.81 -28.92
N PRO C 862 12.90 11.43 -30.09
CA PRO C 862 14.15 11.63 -30.80
C PRO C 862 15.02 12.65 -30.08
N PRO C 863 16.33 12.56 -30.21
CA PRO C 863 17.16 13.66 -29.77
C PRO C 863 16.95 14.86 -30.66
N LEU C 864 17.09 16.05 -30.09
CA LEU C 864 16.91 17.25 -30.88
C LEU C 864 17.98 17.39 -31.94
N LEU C 865 19.24 17.25 -31.57
CA LEU C 865 20.34 17.24 -32.53
C LEU C 865 20.49 15.84 -33.12
N THR C 866 20.06 15.66 -34.36
CA THR C 866 20.27 14.38 -35.03
C THR C 866 21.75 14.10 -35.18
N ASP C 867 22.09 12.81 -35.27
CA ASP C 867 23.48 12.37 -35.29
C ASP C 867 24.28 13.02 -36.41
N GLU C 868 23.70 13.16 -37.60
CA GLU C 868 24.40 13.87 -38.66
C GLU C 868 24.69 15.32 -38.30
N MET C 869 23.91 15.89 -37.39
CA MET C 869 24.11 17.29 -37.02
C MET C 869 25.12 17.44 -35.90
N ILE C 870 25.14 16.51 -34.95
CA ILE C 870 26.24 16.48 -33.99
C ILE C 870 27.56 16.24 -34.70
N ALA C 871 27.58 15.34 -35.67
CA ALA C 871 28.77 15.17 -36.49
C ALA C 871 29.15 16.45 -37.22
N GLN C 872 28.18 17.21 -37.69
CA GLN C 872 28.49 18.49 -38.32
C GLN C 872 29.15 19.45 -37.33
N TYR C 873 28.60 19.57 -36.12
CA TYR C 873 29.27 20.36 -35.09
C TYR C 873 30.69 19.90 -34.83
N THR C 874 30.90 18.59 -34.70
CA THR C 874 32.24 18.14 -34.35
C THR C 874 33.21 18.37 -35.48
N SER C 875 32.77 18.19 -36.73
CA SER C 875 33.59 18.61 -37.86
C SER C 875 33.92 20.09 -37.80
N ALA C 876 33.00 20.93 -37.31
CA ALA C 876 33.33 22.34 -37.17
C ALA C 876 34.34 22.61 -36.07
N LEU C 877 34.15 22.01 -34.89
CA LEU C 877 35.14 22.14 -33.82
C LEU C 877 36.50 21.69 -34.29
N LEU C 878 36.56 20.54 -34.93
CA LEU C 878 37.83 20.03 -35.40
C LEU C 878 38.47 20.94 -36.43
N ALA C 879 37.72 21.43 -37.41
CA ALA C 879 38.34 22.36 -38.36
C ALA C 879 38.81 23.65 -37.69
N GLY C 880 38.14 24.04 -36.63
CA GLY C 880 38.63 25.13 -35.81
C GLY C 880 39.98 24.82 -35.22
N THR C 881 40.09 23.79 -34.39
CA THR C 881 41.38 23.51 -33.77
C THR C 881 42.46 23.26 -34.81
N ILE C 882 42.11 22.65 -35.94
CA ILE C 882 43.09 22.38 -36.98
C ILE C 882 43.62 23.62 -37.64
N THR C 883 42.90 24.74 -37.62
CA THR C 883 43.29 25.89 -38.43
C THR C 883 43.50 27.15 -37.64
N SER C 884 43.13 27.20 -36.37
CA SER C 884 43.10 28.46 -35.65
C SER C 884 43.46 28.33 -34.18
N GLY C 885 43.91 27.17 -33.72
CA GLY C 885 44.37 27.00 -32.36
C GLY C 885 43.33 27.28 -31.31
N TRP C 886 43.77 27.92 -30.24
CA TRP C 886 42.82 28.39 -29.22
C TRP C 886 41.98 29.58 -29.68
N THR C 887 42.41 30.29 -30.72
CA THR C 887 41.86 31.62 -30.97
C THR C 887 40.37 31.59 -31.28
N PHE C 888 39.87 30.50 -31.86
CA PHE C 888 38.45 30.44 -32.18
C PHE C 888 37.58 30.22 -30.95
N GLY C 889 38.15 29.88 -29.81
CA GLY C 889 37.39 29.93 -28.59
C GLY C 889 37.20 31.34 -28.07
N ALA C 890 38.24 32.16 -28.15
CA ALA C 890 38.19 33.51 -27.60
C ALA C 890 37.52 34.52 -28.51
N GLY C 891 37.60 34.36 -29.82
CA GLY C 891 37.04 35.35 -30.72
C GLY C 891 36.74 34.79 -32.09
N ALA C 892 36.93 35.58 -33.14
CA ALA C 892 36.90 35.00 -34.47
C ALA C 892 38.10 34.08 -34.67
N ALA C 893 37.90 33.04 -35.46
CA ALA C 893 38.99 32.15 -35.79
C ALA C 893 40.04 32.89 -36.58
N LEU C 894 41.28 32.88 -36.10
CA LEU C 894 42.41 33.47 -36.79
C LEU C 894 43.22 32.34 -37.40
N GLN C 895 43.39 32.35 -38.71
CA GLN C 895 44.19 31.30 -39.31
C GLN C 895 45.62 31.40 -38.81
N ILE C 896 46.26 30.26 -38.64
CA ILE C 896 47.69 30.21 -38.33
C ILE C 896 48.23 28.90 -38.88
N PRO C 897 49.42 28.85 -39.46
CA PRO C 897 49.92 27.58 -39.98
C PRO C 897 50.01 26.57 -38.87
N PHE C 898 49.61 25.33 -39.15
CA PHE C 898 49.48 24.35 -38.09
C PHE C 898 50.81 24.06 -37.41
N ALA C 899 51.91 24.08 -38.15
CA ALA C 899 53.21 23.92 -37.51
C ALA C 899 53.49 25.02 -36.51
N MET C 900 53.07 26.25 -36.79
CA MET C 900 53.22 27.31 -35.81
C MET C 900 52.29 27.12 -34.62
N GLN C 901 51.11 26.58 -34.84
CA GLN C 901 50.26 26.26 -33.69
C GLN C 901 50.91 25.22 -32.81
N MET C 902 51.47 24.19 -33.41
CA MET C 902 52.11 23.17 -32.60
C MET C 902 53.32 23.74 -31.89
N ALA C 903 54.04 24.64 -32.55
CA ALA C 903 55.16 25.30 -31.89
C ALA C 903 54.71 26.10 -30.68
N TYR C 904 53.63 26.88 -30.79
CA TYR C 904 53.06 27.48 -29.60
C TYR C 904 52.71 26.49 -28.51
N ARG C 905 52.10 25.38 -28.88
CA ARG C 905 51.70 24.43 -27.85
C ARG C 905 52.90 23.78 -27.17
N PHE C 906 53.96 23.49 -27.92
CA PHE C 906 55.21 23.07 -27.27
C PHE C 906 55.72 24.15 -26.34
N ASN C 907 55.71 25.40 -26.78
CA ASN C 907 56.08 26.50 -25.91
C ASN C 907 55.14 26.66 -24.73
N GLY C 908 53.99 26.01 -24.74
CA GLY C 908 53.11 26.00 -23.59
C GLY C 908 53.47 25.00 -22.51
N ILE C 909 54.30 24.02 -22.82
CA ILE C 909 54.72 23.01 -21.85
C ILE C 909 56.21 23.10 -21.57
N GLY C 910 56.77 24.30 -21.71
CA GLY C 910 58.15 24.57 -21.37
C GLY C 910 59.19 24.05 -22.32
N VAL C 911 58.80 23.29 -23.34
CA VAL C 911 59.74 22.88 -24.38
C VAL C 911 59.89 24.04 -25.36
N THR C 912 61.12 24.50 -25.54
CA THR C 912 61.34 25.65 -26.41
C THR C 912 61.02 25.26 -27.84
N GLN C 913 60.35 26.17 -28.55
CA GLN C 913 59.68 25.79 -29.78
C GLN C 913 60.63 25.37 -30.89
N ASN C 914 61.91 25.73 -30.83
CA ASN C 914 62.84 25.18 -31.79
C ASN C 914 62.90 23.67 -31.72
N VAL C 915 62.60 23.10 -30.55
CA VAL C 915 62.58 21.66 -30.40
C VAL C 915 61.47 21.04 -31.23
N LEU C 916 60.46 21.82 -31.59
CA LEU C 916 59.54 21.34 -32.62
C LEU C 916 60.14 21.43 -34.01
N TYR C 917 60.61 22.61 -34.40
CA TYR C 917 61.01 22.77 -35.79
C TYR C 917 62.19 21.91 -36.16
N GLU C 918 63.14 21.74 -35.25
CA GLU C 918 64.22 20.79 -35.50
C GLU C 918 63.77 19.33 -35.56
N ASN C 919 62.49 19.01 -35.39
CA ASN C 919 62.03 17.63 -35.38
C ASN C 919 60.72 17.40 -36.12
N GLN C 920 60.25 18.36 -36.92
CA GLN C 920 58.86 18.33 -37.36
C GLN C 920 58.53 17.09 -38.18
N LYS C 921 59.43 16.71 -39.09
CA LYS C 921 59.20 15.50 -39.87
C LYS C 921 59.05 14.28 -38.97
N LEU C 922 59.90 14.19 -37.96
CA LEU C 922 59.78 13.10 -37.01
C LEU C 922 58.50 13.19 -36.20
N ILE C 923 58.19 14.39 -35.70
CA ILE C 923 56.99 14.59 -34.88
C ILE C 923 55.72 14.17 -35.61
N ALA C 924 55.54 14.61 -36.85
CA ALA C 924 54.34 14.25 -37.57
C ALA C 924 54.23 12.75 -37.78
N ASN C 925 55.36 12.10 -38.03
CA ASN C 925 55.32 10.65 -38.20
C ASN C 925 54.94 9.95 -36.91
N GLN C 926 55.34 10.46 -35.77
CA GLN C 926 54.84 9.88 -34.54
C GLN C 926 53.34 10.09 -34.38
N PHE C 927 52.86 11.30 -34.65
CA PHE C 927 51.44 11.59 -34.51
C PHE C 927 50.58 10.74 -35.42
N ASN C 928 50.95 10.62 -36.69
CA ASN C 928 50.19 9.76 -37.59
C ASN C 928 50.14 8.33 -37.09
N SER C 929 51.27 7.80 -36.63
CA SER C 929 51.25 6.43 -36.15
C SER C 929 50.38 6.30 -34.91
N ALA C 930 50.39 7.29 -34.04
CA ALA C 930 49.50 7.23 -32.89
C ALA C 930 48.06 7.23 -33.31
N ILE C 931 47.70 8.04 -34.31
CA ILE C 931 46.34 8.00 -34.83
C ILE C 931 46.02 6.62 -35.39
N GLY C 932 46.95 6.03 -36.13
CA GLY C 932 46.73 4.67 -36.61
C GLY C 932 46.46 3.68 -35.50
N LYS C 933 47.23 3.75 -34.41
CA LYS C 933 46.94 2.89 -33.28
C LYS C 933 45.56 3.18 -32.70
N ILE C 934 45.20 4.45 -32.57
CA ILE C 934 43.89 4.78 -32.02
C ILE C 934 42.79 4.21 -32.89
N GLN C 935 43.01 4.14 -34.20
CA GLN C 935 42.07 3.43 -35.05
C GLN C 935 42.11 1.93 -34.80
N ASP C 936 43.29 1.32 -34.88
CA ASP C 936 43.39 -0.13 -34.81
C ASP C 936 42.94 -0.67 -33.46
N SER C 937 43.22 0.04 -32.38
CA SER C 937 42.74 -0.39 -31.07
C SER C 937 41.22 -0.37 -31.03
N LEU C 938 40.61 0.71 -31.51
CA LEU C 938 39.15 0.77 -31.53
C LEU C 938 38.53 -0.26 -32.49
N SER C 939 39.24 -0.64 -33.54
CA SER C 939 38.73 -1.63 -34.49
C SER C 939 38.77 -3.07 -33.99
N SER C 940 39.23 -3.34 -32.77
CA SER C 940 39.34 -4.74 -32.33
C SER C 940 39.07 -4.95 -30.84
N THR C 941 39.53 -4.05 -29.98
CA THR C 941 39.27 -4.15 -28.53
C THR C 941 37.88 -3.59 -28.22
N ALA C 942 36.87 -4.32 -28.73
CA ALA C 942 35.52 -3.77 -28.86
C ALA C 942 34.94 -3.28 -27.54
N SER C 943 35.41 -3.83 -26.42
CA SER C 943 34.97 -3.42 -25.09
C SER C 943 35.39 -2.00 -24.72
N ALA C 944 36.29 -1.36 -25.46
CA ALA C 944 36.83 -0.09 -25.01
C ALA C 944 35.76 1.00 -24.87
N LEU C 945 34.66 0.92 -25.61
CA LEU C 945 33.57 1.86 -25.48
C LEU C 945 32.57 1.46 -24.40
N GLY C 946 32.95 0.56 -23.51
CA GLY C 946 32.04 0.11 -22.46
C GLY C 946 31.44 1.21 -21.61
N LYS C 947 32.17 2.31 -21.43
CA LYS C 947 31.64 3.45 -20.67
C LYS C 947 30.38 4.01 -21.30
N LEU C 948 30.21 3.87 -22.60
CA LEU C 948 28.96 4.25 -23.23
C LEU C 948 28.00 3.08 -23.25
N GLN C 949 28.50 1.91 -23.64
CA GLN C 949 27.62 0.75 -23.76
C GLN C 949 26.93 0.44 -22.45
N ASP C 950 27.64 0.65 -21.35
CA ASP C 950 27.05 0.44 -20.02
C ASP C 950 25.79 1.27 -19.82
N VAL C 951 25.84 2.57 -20.13
CA VAL C 951 24.65 3.36 -19.86
C VAL C 951 23.51 2.91 -20.77
N VAL C 952 23.83 2.59 -22.02
CA VAL C 952 22.79 2.11 -22.93
C VAL C 952 22.23 0.82 -22.39
N ASN C 953 23.10 -0.10 -21.97
CA ASN C 953 22.60 -1.31 -21.37
C ASN C 953 21.83 -1.02 -20.10
N GLN C 954 22.39 -0.19 -19.22
CA GLN C 954 21.76 0.03 -17.93
C GLN C 954 20.38 0.64 -18.04
N ASN C 955 20.22 1.64 -18.91
CA ASN C 955 18.89 2.16 -19.17
C ASN C 955 17.99 1.09 -19.72
N ALA C 956 18.45 0.39 -20.75
CA ALA C 956 17.63 -0.64 -21.36
C ALA C 956 17.26 -1.71 -20.35
N GLN C 957 18.18 -2.03 -19.44
CA GLN C 957 17.83 -2.94 -18.37
C GLN C 957 16.67 -2.41 -17.52
N ALA C 958 16.78 -1.18 -17.03
CA ALA C 958 15.73 -0.64 -16.17
C ALA C 958 14.40 -0.57 -16.88
N LEU C 959 14.39 -0.03 -18.09
CA LEU C 959 13.13 0.08 -18.83
C LEU C 959 12.55 -1.29 -19.12
N ASN C 960 13.39 -2.26 -19.43
CA ASN C 960 12.90 -3.62 -19.60
C ASN C 960 12.21 -4.15 -18.35
N THR C 961 12.78 -3.92 -17.17
CA THR C 961 12.07 -4.35 -15.97
C THR C 961 10.79 -3.58 -15.75
N LEU C 962 10.71 -2.33 -16.19
CA LEU C 962 9.44 -1.62 -16.09
C LEU C 962 8.37 -2.32 -16.90
N VAL C 963 8.74 -2.87 -18.05
CA VAL C 963 7.78 -3.70 -18.77
C VAL C 963 7.50 -4.99 -18.00
N LYS C 964 8.55 -5.67 -17.54
CA LYS C 964 8.35 -6.94 -16.83
C LYS C 964 7.46 -6.79 -15.61
N GLN C 965 7.61 -5.69 -14.86
CA GLN C 965 6.75 -5.49 -13.70
C GLN C 965 5.29 -5.38 -14.08
N LEU C 966 4.98 -4.98 -15.30
CA LEU C 966 3.60 -4.90 -15.72
C LEU C 966 2.91 -6.26 -15.66
N SER C 967 3.67 -7.35 -15.76
CA SER C 967 3.09 -8.69 -15.74
C SER C 967 2.84 -9.27 -14.36
N SER C 968 3.11 -8.53 -13.28
CA SER C 968 3.15 -9.12 -11.95
C SER C 968 1.88 -8.82 -11.16
N ASN C 969 1.39 -9.83 -10.44
CA ASN C 969 0.08 -9.78 -9.79
C ASN C 969 -0.02 -8.73 -8.70
N PHE C 970 1.05 -8.51 -7.95
CA PHE C 970 0.98 -7.72 -6.71
C PHE C 970 -0.07 -8.24 -5.74
N GLY C 971 -0.49 -9.50 -5.85
CA GLY C 971 -1.56 -10.04 -5.05
C GLY C 971 -2.93 -9.89 -5.64
N ALA C 972 -3.06 -9.19 -6.76
CA ALA C 972 -4.33 -9.17 -7.46
C ALA C 972 -4.64 -10.54 -8.05
N ILE C 973 -5.92 -10.78 -8.29
CA ILE C 973 -6.36 -12.10 -8.69
C ILE C 973 -5.83 -12.48 -10.07
N SER C 974 -5.56 -11.50 -10.93
CA SER C 974 -4.86 -11.77 -12.17
C SER C 974 -4.10 -10.54 -12.63
N SER C 975 -3.04 -10.77 -13.38
CA SER C 975 -2.16 -9.70 -13.83
C SER C 975 -2.63 -8.99 -15.09
N VAL C 976 -3.94 -8.86 -15.29
CA VAL C 976 -4.45 -8.20 -16.49
C VAL C 976 -5.82 -7.64 -16.15
N LEU C 977 -5.92 -6.30 -16.16
CA LEU C 977 -7.14 -5.64 -15.69
C LEU C 977 -8.37 -6.09 -16.45
N ASN C 978 -8.24 -6.39 -17.73
CA ASN C 978 -9.36 -6.92 -18.49
C ASN C 978 -9.78 -8.30 -17.98
N ASP C 979 -8.82 -9.17 -17.71
CA ASP C 979 -9.16 -10.53 -17.34
C ASP C 979 -9.77 -10.62 -15.94
N ILE C 980 -9.43 -9.72 -15.03
CA ILE C 980 -10.14 -9.68 -13.75
C ILE C 980 -11.50 -9.03 -13.93
N LEU C 981 -11.53 -7.88 -14.60
CA LEU C 981 -12.77 -7.12 -14.69
C LEU C 981 -13.85 -7.89 -15.41
N SER C 982 -13.47 -8.77 -16.33
CA SER C 982 -14.46 -9.66 -16.92
C SER C 982 -15.08 -10.62 -15.91
N ARG C 983 -14.28 -11.20 -15.02
CA ARG C 983 -14.78 -12.29 -14.17
C ARG C 983 -15.28 -11.85 -12.80
N LEU C 984 -14.71 -10.79 -12.22
CA LEU C 984 -15.07 -10.34 -10.90
C LEU C 984 -16.33 -9.49 -10.94
N ASP C 985 -17.04 -9.46 -9.82
CA ASP C 985 -18.11 -8.48 -9.69
C ASP C 985 -17.52 -7.09 -9.44
N PRO C 986 -18.13 -6.03 -9.96
CA PRO C 986 -17.53 -4.67 -9.87
C PRO C 986 -17.23 -4.22 -8.45
N PRO C 987 -18.05 -4.53 -7.46
CA PRO C 987 -17.67 -4.13 -6.09
C PRO C 987 -16.42 -4.80 -5.57
N GLU C 988 -16.11 -6.02 -6.00
CA GLU C 988 -14.86 -6.67 -5.63
C GLU C 988 -13.71 -6.25 -6.56
N ALA C 989 -14.02 -6.04 -7.84
CA ALA C 989 -13.02 -5.50 -8.75
C ALA C 989 -12.51 -4.16 -8.25
N GLU C 990 -13.34 -3.38 -7.56
CA GLU C 990 -12.86 -2.16 -6.92
C GLU C 990 -11.76 -2.40 -5.90
N VAL C 991 -11.62 -3.61 -5.37
CA VAL C 991 -10.46 -3.98 -4.55
C VAL C 991 -9.31 -4.52 -5.40
N GLN C 992 -9.61 -5.47 -6.28
CA GLN C 992 -8.55 -6.10 -7.08
C GLN C 992 -7.83 -5.09 -7.97
N ILE C 993 -8.57 -4.26 -8.69
CA ILE C 993 -7.94 -3.22 -9.50
C ILE C 993 -7.19 -2.23 -8.64
N ASP C 994 -7.65 -1.97 -7.41
CA ASP C 994 -6.89 -1.09 -6.53
C ASP C 994 -5.53 -1.70 -6.18
N ARG C 995 -5.50 -3.02 -5.98
CA ARG C 995 -4.22 -3.69 -5.75
C ARG C 995 -3.28 -3.57 -6.94
N LEU C 996 -3.80 -3.83 -8.14
CA LEU C 996 -2.98 -3.66 -9.34
C LEU C 996 -2.51 -2.22 -9.49
N ILE C 997 -3.40 -1.25 -9.33
CA ILE C 997 -3.03 0.14 -9.51
C ILE C 997 -1.91 0.50 -8.56
N THR C 998 -2.06 0.24 -7.27
CA THR C 998 -1.01 0.69 -6.36
C THR C 998 0.30 -0.02 -6.62
N GLY C 999 0.27 -1.31 -6.98
CA GLY C 999 1.51 -1.98 -7.32
C GLY C 999 2.21 -1.42 -8.54
N ARG C 1000 1.48 -1.25 -9.64
CA ARG C 1000 2.06 -0.67 -10.84
C ARG C 1000 2.58 0.73 -10.58
N LEU C 1001 1.76 1.56 -9.93
CA LEU C 1001 2.17 2.93 -9.65
C LEU C 1001 3.45 2.97 -8.85
N GLN C 1002 3.54 2.16 -7.79
CA GLN C 1002 4.77 2.13 -7.00
C GLN C 1002 5.98 1.72 -7.85
N SER C 1003 5.79 0.76 -8.77
CA SER C 1003 6.91 0.36 -9.62
C SER C 1003 7.32 1.47 -10.57
N LEU C 1004 6.35 2.20 -11.08
CA LEU C 1004 6.65 3.32 -11.95
C LEU C 1004 7.37 4.42 -11.18
N GLN C 1005 6.92 4.68 -9.95
CA GLN C 1005 7.60 5.61 -9.08
C GLN C 1005 9.06 5.22 -8.86
N THR C 1006 9.33 3.93 -8.78
CA THR C 1006 10.71 3.50 -8.65
C THR C 1006 11.50 3.77 -9.90
N TYR C 1007 10.96 3.39 -11.06
CA TYR C 1007 11.64 3.69 -12.31
C TYR C 1007 11.93 5.18 -12.47
N VAL C 1008 10.92 6.03 -12.27
CA VAL C 1008 11.14 7.47 -12.44
C VAL C 1008 12.19 8.00 -11.48
N THR C 1009 12.24 7.50 -10.26
CA THR C 1009 13.30 7.94 -9.36
C THR C 1009 14.67 7.46 -9.83
N GLN C 1010 14.77 6.22 -10.28
CA GLN C 1010 16.02 5.74 -10.84
C GLN C 1010 16.49 6.59 -12.01
N GLN C 1011 15.58 6.94 -12.91
CA GLN C 1011 15.98 7.79 -14.03
C GLN C 1011 16.38 9.17 -13.58
N LEU C 1012 15.72 9.73 -12.57
CA LEU C 1012 16.20 11.01 -12.05
C LEU C 1012 17.62 10.91 -11.52
N ILE C 1013 17.93 9.85 -10.78
CA ILE C 1013 19.30 9.69 -10.26
C ILE C 1013 20.31 9.51 -11.40
N ARG C 1014 20.01 8.66 -12.35
CA ARG C 1014 20.92 8.52 -13.50
C ARG C 1014 21.04 9.82 -14.28
N ALA C 1015 19.94 10.54 -14.45
CA ALA C 1015 20.03 11.80 -15.17
C ALA C 1015 20.91 12.79 -14.44
N ALA C 1016 20.84 12.82 -13.11
CA ALA C 1016 21.77 13.64 -12.35
C ALA C 1016 23.21 13.23 -12.55
N GLU C 1017 23.45 11.92 -12.66
CA GLU C 1017 24.81 11.47 -12.89
C GLU C 1017 25.30 11.83 -14.29
N ILE C 1018 24.48 11.58 -15.30
CA ILE C 1018 24.86 11.95 -16.65
C ILE C 1018 24.97 13.46 -16.80
N ARG C 1019 24.19 14.24 -16.08
CA ARG C 1019 24.41 15.69 -16.09
C ARG C 1019 25.76 16.05 -15.52
N ALA C 1020 26.21 15.33 -14.49
CA ALA C 1020 27.57 15.57 -14.00
C ALA C 1020 28.61 15.18 -15.03
N SER C 1021 28.44 14.00 -15.65
CA SER C 1021 29.35 13.58 -16.71
C SER C 1021 29.35 14.54 -17.89
N ALA C 1022 28.18 15.00 -18.30
CA ALA C 1022 28.09 15.93 -19.41
C ALA C 1022 28.72 17.27 -19.10
N ASN C 1023 28.58 17.77 -17.88
CA ASN C 1023 29.32 18.97 -17.51
C ASN C 1023 30.82 18.73 -17.49
N LEU C 1024 31.27 17.58 -17.02
CA LEU C 1024 32.68 17.24 -17.15
C LEU C 1024 33.10 17.19 -18.62
N ALA C 1025 32.23 16.68 -19.48
CA ALA C 1025 32.52 16.69 -20.92
C ALA C 1025 32.55 18.10 -21.49
N ALA C 1026 31.69 18.97 -21.00
CA ALA C 1026 31.71 20.35 -21.46
C ALA C 1026 32.98 21.06 -21.04
N THR C 1027 33.42 20.86 -19.81
CA THR C 1027 34.66 21.47 -19.39
C THR C 1027 35.86 20.83 -20.06
N LYS C 1028 35.83 19.52 -20.31
CA LYS C 1028 36.85 18.89 -21.12
C LYS C 1028 36.94 19.51 -22.50
N MET C 1029 35.82 19.74 -23.14
CA MET C 1029 35.87 20.35 -24.48
C MET C 1029 36.30 21.80 -24.41
N SER C 1030 35.82 22.52 -23.41
CA SER C 1030 36.19 23.91 -23.23
C SER C 1030 37.67 24.12 -22.96
N GLU C 1031 38.29 23.27 -22.15
CA GLU C 1031 39.70 23.43 -21.84
C GLU C 1031 40.62 22.66 -22.77
N CYS C 1032 40.37 21.38 -22.98
CA CYS C 1032 41.32 20.57 -23.72
C CYS C 1032 41.25 20.81 -25.24
N VAL C 1033 40.08 21.11 -25.79
CA VAL C 1033 39.96 21.27 -27.23
C VAL C 1033 40.20 22.72 -27.61
N LEU C 1034 39.42 23.63 -27.04
CA LEU C 1034 39.55 25.04 -27.36
C LEU C 1034 40.80 25.69 -26.78
N GLY C 1035 41.67 24.94 -26.11
CA GLY C 1035 42.70 25.54 -25.30
C GLY C 1035 43.88 24.62 -25.15
N GLN C 1036 44.64 24.82 -24.08
CA GLN C 1036 45.70 23.90 -23.72
C GLN C 1036 45.80 23.87 -22.21
N SER C 1037 44.94 23.08 -21.57
CA SER C 1037 44.87 23.10 -20.13
C SER C 1037 46.15 22.54 -19.52
N LYS C 1038 46.81 23.34 -18.69
CA LYS C 1038 47.99 22.93 -17.95
C LYS C 1038 47.67 22.03 -16.76
N ARG C 1039 46.42 21.63 -16.58
CA ARG C 1039 46.02 20.84 -15.44
C ARG C 1039 46.63 19.44 -15.49
N VAL C 1040 47.50 19.14 -14.53
CA VAL C 1040 48.56 18.16 -14.68
C VAL C 1040 48.09 16.76 -15.07
N ASP C 1041 46.80 16.44 -14.93
CA ASP C 1041 46.32 15.18 -15.51
C ASP C 1041 44.91 15.27 -16.04
N PHE C 1042 44.43 16.46 -16.40
CA PHE C 1042 43.04 16.59 -16.82
C PHE C 1042 42.85 16.09 -18.23
N CYS C 1043 43.70 16.52 -19.16
CA CYS C 1043 43.62 16.12 -20.56
C CYS C 1043 44.56 14.95 -20.86
N GLY C 1044 44.34 13.85 -20.15
CA GLY C 1044 45.10 12.63 -20.38
C GLY C 1044 46.47 12.60 -19.71
N LYS C 1045 47.02 11.40 -19.66
CA LYS C 1045 48.25 11.12 -18.91
C LYS C 1045 49.47 11.59 -19.69
N GLY C 1046 49.68 12.89 -19.67
CA GLY C 1046 50.88 13.45 -20.26
C GLY C 1046 50.91 14.94 -20.04
N TYR C 1047 51.90 15.59 -20.64
CA TYR C 1047 51.79 17.02 -20.84
C TYR C 1047 50.83 17.25 -21.99
N HIS C 1048 49.89 18.15 -21.80
CA HIS C 1048 48.85 18.34 -22.80
C HIS C 1048 49.34 19.20 -23.93
N LEU C 1049 49.22 18.69 -25.17
CA LEU C 1049 49.37 19.52 -26.36
C LEU C 1049 48.03 20.05 -26.85
N MET C 1050 47.12 19.15 -27.20
CA MET C 1050 45.83 19.51 -27.76
C MET C 1050 44.93 18.29 -27.67
N SER C 1051 43.66 18.48 -27.97
CA SER C 1051 42.74 17.37 -28.04
C SER C 1051 41.80 17.55 -29.21
N PHE C 1052 41.33 16.44 -29.77
CA PHE C 1052 40.33 16.47 -30.84
C PHE C 1052 39.03 15.80 -30.41
N PRO C 1053 37.88 16.44 -30.57
CA PRO C 1053 36.63 15.77 -30.27
C PRO C 1053 36.23 14.86 -31.41
N GLN C 1054 35.50 13.80 -31.06
CA GLN C 1054 34.83 12.96 -32.04
C GLN C 1054 33.48 12.59 -31.47
N SER C 1055 32.45 12.67 -32.29
CA SER C 1055 31.12 12.30 -31.83
C SER C 1055 31.00 10.80 -31.71
N ALA C 1056 30.29 10.36 -30.69
CA ALA C 1056 29.97 8.96 -30.48
C ALA C 1056 28.51 8.89 -30.08
N PRO C 1057 27.87 7.72 -30.19
CA PRO C 1057 26.41 7.67 -30.27
C PRO C 1057 25.66 8.36 -29.16
N HIS C 1058 26.19 8.37 -27.95
CA HIS C 1058 25.62 9.19 -26.89
C HIS C 1058 26.70 9.90 -26.11
N GLY C 1059 27.82 10.22 -26.73
CA GLY C 1059 28.92 10.74 -25.95
C GLY C 1059 29.97 11.39 -26.81
N VAL C 1060 31.07 11.76 -26.17
CA VAL C 1060 32.24 12.26 -26.85
C VAL C 1060 33.41 11.33 -26.60
N VAL C 1061 34.23 11.13 -27.64
CA VAL C 1061 35.43 10.33 -27.53
C VAL C 1061 36.63 11.21 -27.84
N PHE C 1062 37.12 11.95 -26.85
CA PHE C 1062 38.23 12.86 -27.05
C PHE C 1062 39.48 12.08 -27.39
N LEU C 1063 40.15 12.45 -28.47
CA LEU C 1063 41.52 12.03 -28.70
C LEU C 1063 42.43 13.07 -28.08
N HIS C 1064 42.78 12.90 -26.80
CA HIS C 1064 43.80 13.76 -26.22
C HIS C 1064 45.14 13.36 -26.79
N VAL C 1065 45.93 14.33 -27.26
CA VAL C 1065 47.30 14.08 -27.70
C VAL C 1065 48.27 14.68 -26.69
N THR C 1066 48.91 13.80 -25.91
CA THR C 1066 49.81 14.15 -24.83
C THR C 1066 51.26 13.90 -25.20
N TYR C 1067 52.10 14.89 -24.97
CA TYR C 1067 53.56 14.78 -25.08
C TYR C 1067 54.13 14.05 -23.87
N VAL C 1068 54.64 12.83 -24.03
CA VAL C 1068 55.28 12.10 -22.94
C VAL C 1068 56.79 12.04 -23.20
N PRO C 1069 57.64 12.53 -22.30
CA PRO C 1069 59.08 12.43 -22.52
C PRO C 1069 59.60 11.01 -22.33
N ALA C 1070 60.77 10.73 -22.92
CA ALA C 1070 61.35 9.39 -22.84
C ALA C 1070 62.87 9.47 -23.00
N GLN C 1071 63.52 8.33 -22.72
CA GLN C 1071 64.97 8.15 -22.83
C GLN C 1071 65.74 9.15 -21.97
N GLU C 1072 65.60 8.98 -20.67
CA GLU C 1072 66.30 9.80 -19.71
C GLU C 1072 67.79 9.51 -19.71
N LYS C 1073 68.58 10.53 -19.36
CA LYS C 1073 69.96 10.37 -18.94
C LYS C 1073 70.16 10.89 -17.52
N ASN C 1074 71.19 10.36 -16.85
CA ASN C 1074 71.56 10.74 -15.49
C ASN C 1074 72.70 11.75 -15.50
N PHE C 1075 72.47 12.91 -14.89
CA PHE C 1075 73.42 14.00 -14.86
C PHE C 1075 73.65 14.41 -13.41
N THR C 1076 74.85 14.85 -13.11
CA THR C 1076 75.03 15.60 -11.88
C THR C 1076 74.48 16.99 -12.08
N THR C 1077 74.13 17.65 -10.98
CA THR C 1077 73.51 18.96 -11.07
C THR C 1077 73.91 19.81 -9.88
N ALA C 1078 73.71 21.11 -10.02
CA ALA C 1078 73.97 22.03 -8.95
C ALA C 1078 72.90 23.11 -8.98
N PRO C 1079 72.46 23.62 -7.83
CA PRO C 1079 71.46 24.69 -7.86
C PRO C 1079 71.97 25.98 -8.46
N ALA C 1080 73.24 26.29 -8.33
CA ALA C 1080 73.77 27.57 -8.81
C ALA C 1080 75.22 27.41 -9.16
N ILE C 1081 75.72 28.30 -10.00
CA ILE C 1081 77.10 28.28 -10.46
C ILE C 1081 77.81 29.50 -9.90
N CYS C 1082 78.92 29.30 -9.22
CA CYS C 1082 79.60 30.40 -8.54
C CYS C 1082 80.74 30.91 -9.39
N HIS C 1083 80.73 32.22 -9.65
CA HIS C 1083 81.83 32.83 -10.41
C HIS C 1083 82.04 34.25 -9.91
N ASP C 1084 83.30 34.64 -9.78
CA ASP C 1084 83.69 35.92 -9.17
C ASP C 1084 83.03 36.15 -7.83
N GLY C 1085 82.59 35.09 -7.14
CA GLY C 1085 81.88 35.20 -5.89
C GLY C 1085 80.42 35.57 -5.99
N LYS C 1086 79.93 35.99 -7.15
CA LYS C 1086 78.50 36.03 -7.39
C LYS C 1086 78.01 34.61 -7.60
N ALA C 1087 76.74 34.36 -7.32
CA ALA C 1087 76.13 33.10 -7.71
C ALA C 1087 75.21 33.37 -8.88
N HIS C 1088 75.35 32.58 -9.93
CA HIS C 1088 74.53 32.70 -11.11
C HIS C 1088 73.51 31.57 -11.08
N PHE C 1089 72.27 31.92 -11.34
CA PHE C 1089 71.15 31.00 -11.35
C PHE C 1089 70.58 30.93 -12.75
N PRO C 1090 70.00 29.79 -13.14
CA PRO C 1090 69.60 29.62 -14.53
C PRO C 1090 68.29 30.33 -14.78
N ARG C 1091 68.26 31.17 -15.82
CA ARG C 1091 67.11 32.06 -16.00
C ARG C 1091 65.84 31.28 -16.27
N GLU C 1092 65.94 30.17 -17.01
CA GLU C 1092 64.79 29.30 -17.23
C GLU C 1092 65.12 27.82 -17.26
N GLY C 1093 66.35 27.43 -17.53
CA GLY C 1093 66.74 26.03 -17.54
C GLY C 1093 67.08 25.49 -16.17
N VAL C 1094 67.92 24.45 -16.18
CA VAL C 1094 68.56 23.93 -14.99
C VAL C 1094 69.98 23.53 -15.35
N PHE C 1095 70.88 23.71 -14.40
CA PHE C 1095 72.27 23.32 -14.62
C PHE C 1095 72.43 21.81 -14.56
N VAL C 1096 73.26 21.29 -15.45
CA VAL C 1096 73.60 19.88 -15.48
C VAL C 1096 75.06 19.79 -15.87
N SER C 1097 75.70 18.69 -15.46
CA SER C 1097 77.03 18.36 -15.93
C SER C 1097 77.12 16.86 -16.08
N ASN C 1098 78.05 16.44 -16.93
CA ASN C 1098 78.50 15.06 -16.89
C ASN C 1098 79.85 14.93 -16.17
N GLY C 1099 80.32 16.01 -15.55
CA GLY C 1099 81.58 16.05 -14.84
C GLY C 1099 82.71 16.72 -15.59
N THR C 1100 82.74 16.54 -16.90
CA THR C 1100 83.80 17.16 -17.67
C THR C 1100 83.63 18.68 -17.74
N HIS C 1101 82.38 19.13 -17.89
CA HIS C 1101 82.06 20.54 -18.08
C HIS C 1101 80.72 20.80 -17.41
N TRP C 1102 80.19 22.01 -17.59
CA TRP C 1102 78.88 22.39 -17.05
C TRP C 1102 78.06 23.07 -18.13
N PHE C 1103 76.77 22.71 -18.19
CA PHE C 1103 75.84 23.28 -19.17
C PHE C 1103 74.53 23.62 -18.49
N VAL C 1104 73.81 24.56 -19.10
CA VAL C 1104 72.38 24.74 -18.85
C VAL C 1104 71.61 23.93 -19.86
N THR C 1105 70.52 23.32 -19.46
CA THR C 1105 69.54 22.80 -20.41
C THR C 1105 68.15 23.29 -20.05
N GLN C 1106 67.27 23.37 -21.04
CA GLN C 1106 65.87 23.49 -20.71
C GLN C 1106 65.42 22.31 -19.84
N ARG C 1107 64.28 22.48 -19.18
CA ARG C 1107 63.91 21.56 -18.12
C ARG C 1107 63.46 20.19 -18.63
N ASN C 1108 62.83 20.13 -19.81
CA ASN C 1108 62.17 18.92 -20.29
C ASN C 1108 62.76 18.31 -21.55
N PHE C 1109 63.93 18.77 -21.98
CA PHE C 1109 64.54 18.18 -23.17
C PHE C 1109 66.01 18.52 -23.09
N TYR C 1110 66.87 17.54 -23.26
CA TYR C 1110 68.29 17.79 -23.19
C TYR C 1110 68.75 18.52 -24.43
N GLU C 1111 68.87 19.85 -24.33
CA GLU C 1111 69.52 20.67 -25.34
C GLU C 1111 70.51 21.57 -24.61
N PRO C 1112 71.79 21.23 -24.59
CA PRO C 1112 72.72 21.97 -23.76
C PRO C 1112 73.19 23.25 -24.41
N GLN C 1113 73.33 24.28 -23.59
CA GLN C 1113 73.87 25.57 -23.98
C GLN C 1113 75.10 25.83 -23.14
N ILE C 1114 76.08 26.50 -23.72
CA ILE C 1114 77.14 27.04 -22.90
C ILE C 1114 76.54 28.07 -21.97
N ILE C 1115 77.03 28.07 -20.73
CA ILE C 1115 76.54 28.97 -19.68
C ILE C 1115 77.17 30.33 -19.94
N THR C 1116 76.34 31.38 -20.14
CA THR C 1116 76.83 32.53 -20.88
C THR C 1116 76.40 33.89 -20.38
N THR C 1117 75.99 34.04 -19.11
CA THR C 1117 75.65 35.35 -18.55
C THR C 1117 74.56 36.06 -19.33
N ASP C 1118 73.69 35.31 -19.99
CA ASP C 1118 72.47 35.82 -20.59
C ASP C 1118 71.34 34.88 -20.26
N ASN C 1119 71.60 33.59 -20.41
CA ASN C 1119 70.79 32.51 -19.87
C ASN C 1119 70.89 32.38 -18.35
N THR C 1120 71.71 33.17 -17.64
CA THR C 1120 71.79 33.09 -16.18
C THR C 1120 71.83 34.48 -15.58
N PHE C 1121 71.18 34.65 -14.42
CA PHE C 1121 71.16 35.92 -13.72
C PHE C 1121 71.90 35.84 -12.39
N VAL C 1122 72.63 36.92 -12.08
CA VAL C 1122 73.45 37.02 -10.87
C VAL C 1122 72.59 37.33 -9.65
N SER C 1123 72.95 36.73 -8.53
CA SER C 1123 72.33 37.01 -7.24
C SER C 1123 73.26 36.56 -6.14
N GLY C 1124 72.94 36.97 -4.92
CA GLY C 1124 73.63 36.51 -3.73
C GLY C 1124 75.12 36.82 -3.74
N ASN C 1125 75.86 35.97 -3.04
CA ASN C 1125 77.30 36.17 -2.87
C ASN C 1125 78.03 34.86 -2.61
N CYS C 1126 77.56 33.77 -3.21
CA CYS C 1126 78.26 32.48 -3.23
C CYS C 1126 78.61 31.99 -1.83
N ASP C 1127 77.65 32.10 -0.91
CA ASP C 1127 77.86 31.55 0.43
C ASP C 1127 76.56 31.09 1.08
N VAL C 1128 75.44 31.69 0.69
CA VAL C 1128 74.14 31.28 1.22
C VAL C 1128 73.58 30.06 0.52
N VAL C 1129 74.00 29.77 -0.71
CA VAL C 1129 73.45 28.64 -1.45
C VAL C 1129 73.95 27.33 -0.84
N ILE C 1130 73.03 26.38 -0.67
CA ILE C 1130 73.31 25.16 0.09
C ILE C 1130 74.32 24.27 -0.60
N GLY C 1131 74.46 24.35 -1.92
CA GLY C 1131 75.28 23.40 -2.65
C GLY C 1131 75.82 23.89 -3.96
N ILE C 1132 76.32 25.12 -3.95
CA ILE C 1132 76.83 25.73 -5.16
C ILE C 1132 78.00 24.94 -5.73
N VAL C 1133 78.26 25.13 -7.03
CA VAL C 1133 79.37 24.53 -7.76
C VAL C 1133 80.02 25.60 -8.63
N ASN C 1134 81.24 25.35 -9.07
CA ASN C 1134 82.04 26.35 -9.78
C ASN C 1134 82.09 26.08 -11.27
N ASN C 1135 82.07 27.15 -12.06
CA ASN C 1135 82.25 27.06 -13.50
C ASN C 1135 82.68 28.42 -14.02
N THR C 1136 83.26 28.41 -15.22
CA THR C 1136 83.69 29.65 -15.89
C THR C 1136 82.58 30.23 -16.76
N VAL C 1137 81.66 30.96 -16.11
CA VAL C 1137 80.53 31.54 -16.85
C VAL C 1137 81.05 32.56 -17.85
N TYR C 1138 80.71 32.35 -19.12
CA TYR C 1138 81.13 33.15 -20.26
C TYR C 1138 80.30 34.44 -20.31
N ASP C 1139 80.71 35.39 -21.18
CA ASP C 1139 80.04 36.68 -21.31
C ASP C 1139 80.18 37.29 -22.71
N PRO C 1140 79.11 37.30 -23.52
CA PRO C 1140 79.27 37.69 -24.93
C PRO C 1140 79.82 39.08 -25.18
N LEU C 1141 79.68 40.00 -24.25
CA LEU C 1141 80.25 41.34 -24.43
C LEU C 1141 81.76 41.40 -24.20
N GLN C 1142 82.36 40.34 -23.70
CA GLN C 1142 83.79 40.38 -23.40
C GLN C 1142 84.66 40.27 -24.66
N PRO C 1143 84.42 39.32 -25.56
CA PRO C 1143 85.33 39.21 -26.72
C PRO C 1143 85.22 40.37 -27.69
N GLU C 1144 84.02 40.83 -27.98
CA GLU C 1144 83.86 41.94 -28.92
C GLU C 1144 84.36 43.23 -28.30
N GLN D 1 -53.75 -12.12 31.19
CA GLN D 1 -53.64 -10.67 31.51
C GLN D 1 -52.97 -10.49 32.87
N VAL D 2 -52.47 -9.28 33.13
CA VAL D 2 -51.84 -9.00 34.40
C VAL D 2 -52.88 -9.08 35.49
N GLN D 3 -52.49 -9.66 36.63
CA GLN D 3 -53.41 -9.76 37.76
C GLN D 3 -52.59 -9.74 39.04
N LEU D 4 -53.22 -9.30 40.13
CA LEU D 4 -52.64 -9.37 41.46
C LEU D 4 -53.51 -10.30 42.30
N VAL D 5 -52.91 -11.36 42.85
CA VAL D 5 -53.57 -12.22 43.83
C VAL D 5 -53.22 -11.70 45.23
N GLN D 6 -54.01 -10.77 45.74
CA GLN D 6 -53.84 -10.32 47.11
C GLN D 6 -54.21 -11.43 48.09
N SER D 7 -53.51 -11.45 49.23
CA SER D 7 -53.71 -12.48 50.25
C SER D 7 -55.10 -12.38 50.88
N GLY D 8 -55.48 -13.45 51.57
CA GLY D 8 -56.79 -13.55 52.19
C GLY D 8 -57.00 -12.62 53.38
N ALA D 9 -58.25 -12.63 53.85
CA ALA D 9 -58.66 -11.85 55.01
C ALA D 9 -57.92 -12.31 56.26
N GLU D 10 -57.76 -11.38 57.21
CA GLU D 10 -56.98 -11.63 58.41
C GLU D 10 -57.50 -10.75 59.54
N VAL D 11 -57.13 -11.09 60.77
CA VAL D 11 -57.51 -10.31 61.94
C VAL D 11 -56.42 -10.37 62.98
N LYS D 12 -56.31 -9.29 63.76
CA LYS D 12 -55.37 -9.21 64.88
C LYS D 12 -55.95 -8.28 65.93
N LYS D 13 -55.63 -8.56 67.19
CA LYS D 13 -56.07 -7.69 68.26
C LYS D 13 -55.26 -6.39 68.28
N PRO D 14 -55.69 -5.40 69.05
CA PRO D 14 -54.90 -4.17 69.17
C PRO D 14 -53.47 -4.40 69.67
N GLY D 15 -52.55 -3.64 69.10
CA GLY D 15 -51.15 -3.75 69.45
C GLY D 15 -50.40 -4.88 68.80
N ALA D 16 -51.08 -5.78 68.11
CA ALA D 16 -50.40 -6.85 67.41
C ALA D 16 -49.77 -6.32 66.13
N SER D 17 -48.90 -7.13 65.56
CA SER D 17 -48.41 -6.93 64.21
C SER D 17 -49.35 -7.61 63.23
N VAL D 18 -49.30 -7.16 61.97
CA VAL D 18 -50.08 -7.80 60.92
C VAL D 18 -49.29 -7.72 59.62
N LYS D 19 -49.53 -8.67 58.74
CA LYS D 19 -48.82 -8.74 57.47
C LYS D 19 -49.73 -9.31 56.40
N VAL D 20 -49.58 -8.80 55.17
CA VAL D 20 -50.35 -9.21 54.01
C VAL D 20 -49.42 -9.34 52.82
N SER D 21 -49.88 -10.07 51.80
CA SER D 21 -49.05 -10.42 50.67
C SER D 21 -49.84 -10.26 49.37
N CYS D 22 -49.10 -10.12 48.28
CA CYS D 22 -49.68 -9.84 46.96
C CYS D 22 -48.81 -10.55 45.93
N LYS D 23 -49.32 -11.65 45.38
CA LYS D 23 -48.64 -12.41 44.34
C LYS D 23 -49.00 -11.84 42.97
N ALA D 24 -48.05 -11.15 42.36
CA ALA D 24 -48.25 -10.65 41.00
C ALA D 24 -48.14 -11.77 39.99
N SER D 25 -48.94 -11.68 38.93
CA SER D 25 -48.89 -12.66 37.86
C SER D 25 -49.19 -12.01 36.51
N GLY D 26 -48.71 -12.70 35.47
CA GLY D 26 -48.99 -12.32 34.10
C GLY D 26 -48.20 -11.17 33.52
N TYR D 27 -47.28 -10.57 34.26
CA TYR D 27 -46.47 -9.49 33.72
C TYR D 27 -45.06 -9.58 34.30
N THR D 28 -44.13 -8.89 33.65
CA THR D 28 -42.76 -8.85 34.16
C THR D 28 -42.74 -8.12 35.49
N PHE D 29 -42.56 -8.89 36.56
CA PHE D 29 -42.72 -8.38 37.92
C PHE D 29 -41.74 -7.25 38.24
N THR D 30 -40.53 -7.32 37.70
CA THR D 30 -39.54 -6.27 37.86
C THR D 30 -39.78 -5.04 37.01
N GLY D 31 -40.80 -5.05 36.15
CA GLY D 31 -41.05 -3.93 35.28
C GLY D 31 -41.77 -2.78 35.89
N TYR D 32 -42.18 -2.88 37.16
CA TYR D 32 -43.06 -1.90 37.79
C TYR D 32 -42.73 -1.85 39.27
N TYR D 33 -43.08 -0.73 39.90
CA TYR D 33 -42.99 -0.58 41.35
C TYR D 33 -44.32 -0.90 42.03
N MET D 34 -44.28 -1.74 43.06
CA MET D 34 -45.48 -2.04 43.83
C MET D 34 -45.84 -0.92 44.79
N HIS D 35 -47.12 -0.56 44.82
CA HIS D 35 -47.72 0.43 45.69
C HIS D 35 -48.72 -0.25 46.62
N TRP D 36 -48.88 0.29 47.82
CA TRP D 36 -49.97 -0.10 48.71
C TRP D 36 -50.82 1.10 49.07
N VAL D 37 -52.14 0.93 48.99
CA VAL D 37 -53.10 1.97 49.32
C VAL D 37 -54.30 1.34 50.02
N ARG D 38 -54.94 2.09 50.92
CA ARG D 38 -55.92 1.49 51.82
C ARG D 38 -57.03 2.46 52.17
N GLN D 39 -58.16 1.90 52.57
CA GLN D 39 -59.31 2.67 53.01
C GLN D 39 -60.00 1.96 54.15
N ALA D 40 -60.19 2.66 55.27
CA ALA D 40 -61.15 2.23 56.25
C ALA D 40 -62.56 2.40 55.69
N PRO D 41 -63.55 1.73 56.28
CA PRO D 41 -64.93 1.86 55.76
C PRO D 41 -65.41 3.30 55.74
N GLY D 42 -65.64 3.81 54.54
CA GLY D 42 -66.10 5.18 54.37
C GLY D 42 -65.05 6.24 54.62
N GLN D 43 -63.82 5.86 54.89
CA GLN D 43 -62.71 6.80 54.95
C GLN D 43 -62.28 7.17 53.54
N GLY D 44 -61.14 7.83 53.43
CA GLY D 44 -60.57 8.22 52.16
C GLY D 44 -59.96 7.05 51.41
N LEU D 45 -58.80 7.28 50.81
CA LEU D 45 -58.09 6.26 50.06
C LEU D 45 -56.60 6.48 50.26
N GLU D 46 -56.18 6.51 51.52
CA GLU D 46 -54.82 6.87 51.88
C GLU D 46 -53.82 5.92 51.22
N TRP D 47 -52.66 6.47 50.93
CA TRP D 47 -51.58 5.81 50.22
C TRP D 47 -50.44 5.50 51.18
N MET D 48 -50.12 4.20 51.30
CA MET D 48 -49.17 3.77 52.30
C MET D 48 -47.73 3.96 51.84
N GLY D 49 -47.38 3.42 50.66
CA GLY D 49 -45.98 3.38 50.30
C GLY D 49 -45.75 2.68 48.98
N TRP D 50 -44.49 2.73 48.54
CA TRP D 50 -43.99 1.92 47.45
C TRP D 50 -42.77 1.13 47.88
N ILE D 51 -42.59 0.02 47.17
CA ILE D 51 -41.48 -0.92 47.27
C ILE D 51 -41.03 -1.28 45.86
N ASN D 52 -39.73 -1.43 45.67
CA ASN D 52 -39.15 -1.40 44.33
C ASN D 52 -38.57 -2.77 44.00
N PRO D 53 -39.23 -3.57 43.17
CA PRO D 53 -38.79 -4.98 43.03
C PRO D 53 -37.35 -5.13 42.57
N ASN D 54 -36.85 -4.21 41.75
CA ASN D 54 -35.45 -4.23 41.33
C ASN D 54 -34.46 -4.04 42.46
N SER D 55 -34.90 -3.55 43.61
CA SER D 55 -34.00 -2.87 44.52
C SER D 55 -34.25 -3.14 45.98
N GLY D 56 -35.48 -3.50 46.38
CA GLY D 56 -35.78 -3.54 47.78
C GLY D 56 -35.81 -2.16 48.43
N GLY D 57 -35.69 -1.10 47.63
CA GLY D 57 -35.90 0.23 48.16
C GLY D 57 -37.38 0.43 48.43
N THR D 58 -37.66 1.27 49.43
CA THR D 58 -39.03 1.58 49.77
C THR D 58 -39.15 3.05 50.12
N ASN D 59 -40.38 3.54 50.04
CA ASN D 59 -40.69 4.86 50.57
C ASN D 59 -42.11 4.85 51.11
N TYR D 60 -42.35 5.70 52.10
CA TYR D 60 -43.59 5.71 52.86
C TYR D 60 -43.96 7.15 53.18
N ALA D 61 -45.24 7.36 53.47
CA ALA D 61 -45.67 8.65 53.98
C ALA D 61 -45.09 8.91 55.37
N GLN D 62 -44.98 10.19 55.71
CA GLN D 62 -44.50 10.61 57.03
C GLN D 62 -45.45 10.26 58.18
N LYS D 63 -46.60 9.63 57.91
CA LYS D 63 -47.47 9.03 58.92
C LYS D 63 -47.23 7.54 59.11
N PHE D 64 -46.24 6.97 58.43
CA PHE D 64 -45.98 5.54 58.41
C PHE D 64 -44.51 5.17 58.58
N GLN D 65 -43.56 6.06 58.27
CA GLN D 65 -42.15 5.75 58.43
C GLN D 65 -41.81 5.49 59.87
N GLY D 66 -41.37 4.26 60.15
CA GLY D 66 -41.25 3.75 61.49
C GLY D 66 -42.41 2.90 61.94
N ARG D 67 -43.35 2.60 61.06
CA ARG D 67 -44.53 1.80 61.39
C ARG D 67 -44.83 0.77 60.29
N VAL D 68 -44.65 1.14 59.05
CA VAL D 68 -44.70 0.21 57.92
C VAL D 68 -43.35 -0.47 57.69
N THR D 69 -43.41 -1.66 57.11
CA THR D 69 -42.25 -2.34 56.55
C THR D 69 -42.74 -3.11 55.34
N MET D 70 -41.86 -3.32 54.35
CA MET D 70 -42.25 -3.96 53.10
C MET D 70 -41.16 -4.91 52.63
N THR D 71 -41.56 -5.96 51.92
CA THR D 71 -40.67 -7.06 51.57
C THR D 71 -40.99 -7.60 50.18
N ARG D 72 -40.04 -8.37 49.63
CA ARG D 72 -40.14 -8.97 48.31
C ARG D 72 -39.61 -10.38 48.35
N ASP D 73 -40.11 -11.22 47.44
CA ASP D 73 -39.63 -12.59 47.29
C ASP D 73 -39.55 -12.87 45.79
N THR D 74 -38.58 -12.22 45.14
CA THR D 74 -38.63 -11.97 43.71
C THR D 74 -38.86 -13.23 42.90
N SER D 75 -38.20 -14.33 43.26
CA SER D 75 -38.41 -15.57 42.53
C SER D 75 -39.82 -16.10 42.70
N ILE D 76 -40.48 -15.78 43.82
CA ILE D 76 -41.87 -16.14 44.05
C ILE D 76 -42.83 -15.12 43.46
N THR D 77 -42.32 -14.01 42.93
CA THR D 77 -43.07 -12.88 42.38
C THR D 77 -44.16 -12.41 43.34
N THR D 78 -43.76 -12.22 44.60
CA THR D 78 -44.66 -11.74 45.63
C THR D 78 -44.04 -10.51 46.27
N ALA D 79 -44.89 -9.57 46.65
CA ALA D 79 -44.52 -8.49 47.56
C ALA D 79 -45.38 -8.57 48.81
N TYR D 80 -44.84 -8.04 49.91
CA TYR D 80 -45.44 -8.17 51.23
C TYR D 80 -45.36 -6.83 51.93
N MET D 81 -46.34 -6.60 52.80
CA MET D 81 -46.37 -5.40 53.62
C MET D 81 -46.78 -5.82 55.02
N GLU D 82 -46.07 -5.27 56.00
CA GLU D 82 -46.36 -5.53 57.40
C GLU D 82 -46.49 -4.21 58.13
N LEU D 83 -47.47 -4.15 59.00
CA LEU D 83 -47.71 -3.01 59.88
C LEU D 83 -47.49 -3.48 61.30
N ARG D 84 -46.57 -2.82 61.99
CA ARG D 84 -46.49 -2.96 63.42
C ARG D 84 -47.70 -2.28 64.04
N ARG D 85 -47.89 -2.52 65.34
CA ARG D 85 -48.82 -1.75 66.18
C ARG D 85 -50.20 -1.59 65.54
N LEU D 86 -50.88 -2.71 65.35
CA LEU D 86 -52.25 -2.68 64.90
C LEU D 86 -53.12 -1.91 65.88
N ARG D 87 -54.06 -1.14 65.33
CA ARG D 87 -54.87 -0.19 66.11
C ARG D 87 -56.26 -0.17 65.51
N SER D 88 -57.21 0.32 66.31
CA SER D 88 -58.58 0.48 65.83
C SER D 88 -58.64 1.31 64.55
N ASP D 89 -57.75 2.28 64.40
CA ASP D 89 -57.71 3.06 63.18
C ASP D 89 -57.29 2.22 61.96
N ASP D 90 -56.49 1.19 62.16
CA ASP D 90 -56.02 0.40 61.04
C ASP D 90 -57.07 -0.57 60.47
N THR D 91 -58.22 -0.72 61.12
CA THR D 91 -59.21 -1.71 60.71
C THR D 91 -59.84 -1.37 59.37
N ALA D 92 -59.25 -1.89 58.28
CA ALA D 92 -59.46 -1.30 56.96
C ALA D 92 -59.19 -2.33 55.89
N VAL D 93 -59.61 -2.01 54.65
CA VAL D 93 -59.18 -2.78 53.48
C VAL D 93 -57.88 -2.20 52.91
N TYR D 94 -56.96 -3.09 52.58
CA TYR D 94 -55.66 -2.76 52.02
C TYR D 94 -55.51 -3.38 50.64
N TYR D 95 -55.23 -2.53 49.64
CA TYR D 95 -55.07 -2.90 48.24
C TYR D 95 -53.60 -2.82 47.84
N CYS D 96 -53.10 -3.88 47.21
CA CYS D 96 -51.86 -3.78 46.44
C CYS D 96 -52.19 -3.30 45.03
N ALA D 97 -51.26 -2.55 44.45
CA ALA D 97 -51.45 -1.98 43.12
C ALA D 97 -50.08 -1.72 42.51
N ARG D 98 -50.04 -1.50 41.21
CA ARG D 98 -48.77 -1.35 40.49
C ARG D 98 -48.65 0.00 39.80
N GLY D 99 -47.43 0.55 39.75
CA GLY D 99 -47.21 1.76 38.98
C GLY D 99 -45.74 2.11 38.80
N LEU D 100 -45.53 3.31 38.24
CA LEU D 100 -44.20 3.95 38.18
C LEU D 100 -43.15 3.16 37.40
N GLY D 101 -43.55 2.40 36.40
CA GLY D 101 -42.58 1.60 35.67
C GLY D 101 -41.60 2.40 34.85
N VAL D 102 -40.41 1.82 34.66
CA VAL D 102 -39.45 2.28 33.67
C VAL D 102 -39.93 1.93 32.26
N GLY D 103 -39.54 2.75 31.28
CA GLY D 103 -39.89 2.48 29.90
C GLY D 103 -39.16 3.37 28.91
N CYS D 104 -38.24 2.79 28.13
CA CYS D 104 -37.13 3.57 27.61
C CYS D 104 -37.46 4.41 26.38
N SER D 105 -38.45 4.04 25.58
CA SER D 105 -38.75 4.78 24.34
C SER D 105 -37.57 4.82 23.36
N GLY D 106 -36.92 3.70 23.15
CA GLY D 106 -35.66 3.70 22.41
C GLY D 106 -34.46 3.89 23.30
N GLY D 107 -33.35 4.26 22.67
CA GLY D 107 -32.09 4.42 23.36
C GLY D 107 -32.01 5.71 24.14
N ASN D 108 -32.99 5.94 25.01
CA ASN D 108 -33.24 7.26 25.59
C ASN D 108 -33.85 7.09 26.97
N CYS D 109 -33.40 6.08 27.72
CA CYS D 109 -34.23 5.49 28.77
C CYS D 109 -34.50 6.44 29.91
N TYR D 110 -35.66 6.24 30.55
CA TYR D 110 -36.18 7.10 31.60
C TYR D 110 -37.28 6.39 32.38
N LEU D 111 -37.55 6.91 33.57
CA LEU D 111 -38.64 6.44 34.43
C LEU D 111 -39.98 7.02 33.97
N ASP D 112 -40.99 6.15 33.84
CA ASP D 112 -42.21 6.49 33.10
C ASP D 112 -43.46 6.10 33.90
N TYR D 113 -44.69 6.18 33.35
CA TYR D 113 -45.82 5.33 33.79
C TYR D 113 -46.26 5.65 35.22
N TYR D 114 -46.35 6.94 35.55
CA TYR D 114 -46.61 7.41 36.91
C TYR D 114 -48.07 7.22 37.34
N TYR D 115 -48.69 6.07 37.14
CA TYR D 115 -50.08 5.90 37.54
C TYR D 115 -50.37 4.44 37.87
N MET D 116 -51.37 4.21 38.73
CA MET D 116 -51.65 2.89 39.30
C MET D 116 -52.60 2.09 38.41
N ASP D 117 -52.01 1.44 37.39
CA ASP D 117 -52.77 0.83 36.30
C ASP D 117 -53.71 -0.27 36.77
N VAL D 118 -53.29 -1.11 37.71
CA VAL D 118 -54.06 -2.28 38.12
C VAL D 118 -53.98 -2.52 39.60
N TRP D 119 -55.08 -2.99 40.18
CA TRP D 119 -55.26 -3.12 41.62
C TRP D 119 -55.77 -4.51 41.94
N GLY D 120 -55.22 -5.12 42.97
CA GLY D 120 -55.76 -6.36 43.49
C GLY D 120 -57.12 -6.16 44.13
N LYS D 121 -57.75 -7.29 44.46
CA LYS D 121 -59.03 -7.24 45.16
C LYS D 121 -58.89 -6.71 46.59
N GLY D 122 -57.70 -6.75 47.17
CA GLY D 122 -57.48 -6.19 48.48
C GLY D 122 -57.86 -7.08 49.63
N THR D 123 -56.97 -7.20 50.62
CA THR D 123 -57.29 -7.84 51.87
C THR D 123 -58.12 -6.91 52.74
N THR D 124 -58.81 -7.49 53.72
CA THR D 124 -59.50 -6.73 54.76
C THR D 124 -58.97 -7.16 56.11
N VAL D 125 -58.46 -6.20 56.89
CA VAL D 125 -57.87 -6.45 58.19
C VAL D 125 -58.79 -5.90 59.27
N THR D 126 -59.30 -6.78 60.12
CA THR D 126 -60.24 -6.45 61.19
C THR D 126 -59.53 -6.01 62.46
N VAL D 127 -58.61 -5.06 62.33
CA VAL D 127 -57.70 -4.72 63.42
C VAL D 127 -58.41 -3.99 64.56
N SER D 128 -59.16 -4.73 65.38
CA SER D 128 -59.72 -4.16 66.60
C SER D 128 -60.15 -5.28 67.53
N SER D 129 -60.35 -4.94 68.80
CA SER D 129 -60.74 -5.90 69.82
C SER D 129 -62.04 -6.61 69.48
N GLN E 1 -48.73 13.66 55.14
CA GLN E 1 -49.23 14.30 53.89
C GLN E 1 -50.74 14.50 53.96
N SER E 2 -51.16 15.75 53.99
CA SER E 2 -52.58 16.06 54.10
C SER E 2 -53.30 15.63 52.82
N ALA E 3 -54.58 15.28 52.98
CA ALA E 3 -55.39 14.89 51.84
C ALA E 3 -55.62 16.07 50.91
N LEU E 4 -55.80 15.77 49.62
CA LEU E 4 -56.14 16.77 48.63
C LEU E 4 -57.58 17.27 48.81
N THR E 5 -57.77 18.57 48.58
CA THR E 5 -59.10 19.16 48.69
C THR E 5 -59.99 18.60 47.59
N GLN E 6 -61.20 18.19 47.96
CA GLN E 6 -62.14 17.61 47.00
C GLN E 6 -63.58 17.83 47.46
N PRO E 7 -64.43 18.48 46.68
CA PRO E 7 -65.84 18.61 47.07
C PRO E 7 -66.54 17.28 47.20
N ALA E 8 -67.61 17.28 47.99
CA ALA E 8 -68.20 16.06 48.51
C ALA E 8 -69.05 15.30 47.49
N SER E 9 -69.80 16.00 46.65
CA SER E 9 -70.62 15.30 45.68
C SER E 9 -70.88 16.16 44.46
N VAL E 10 -71.14 15.49 43.33
CA VAL E 10 -71.81 16.09 42.19
C VAL E 10 -73.28 16.26 42.55
N SER E 11 -74.05 16.87 41.65
CA SER E 11 -75.47 17.06 41.94
C SER E 11 -76.23 17.27 40.64
N GLY E 12 -77.54 17.13 40.74
CA GLY E 12 -78.46 17.32 39.63
C GLY E 12 -78.67 16.16 38.68
N SER E 13 -79.28 16.51 37.54
CA SER E 13 -79.71 15.55 36.55
C SER E 13 -78.53 14.87 35.86
N PRO E 14 -78.76 13.70 35.24
CA PRO E 14 -77.77 13.14 34.32
C PRO E 14 -77.69 13.91 33.00
N GLY E 15 -76.72 13.52 32.19
CA GLY E 15 -76.58 14.17 30.91
C GLY E 15 -76.22 15.61 31.10
N GLN E 16 -75.05 15.86 31.68
CA GLN E 16 -74.58 17.20 31.96
C GLN E 16 -73.08 17.12 32.23
N SER E 17 -72.50 18.23 32.74
CA SER E 17 -71.11 18.31 33.16
C SER E 17 -70.96 18.51 34.67
N ILE E 18 -70.29 17.56 35.34
CA ILE E 18 -70.20 17.60 36.79
C ILE E 18 -68.94 18.31 37.28
N THR E 19 -67.83 18.19 36.54
CA THR E 19 -66.58 18.89 36.81
C THR E 19 -66.12 18.79 38.27
N ILE E 20 -65.95 17.57 38.75
CA ILE E 20 -65.50 17.38 40.13
C ILE E 20 -64.12 17.99 40.30
N SER E 21 -63.98 18.85 41.30
CA SER E 21 -62.72 19.54 41.58
C SER E 21 -61.77 18.64 42.36
N CYS E 22 -60.47 18.86 42.17
CA CYS E 22 -59.42 18.21 42.97
C CYS E 22 -58.30 19.19 43.27
N THR E 23 -58.67 20.38 43.74
CA THR E 23 -57.71 21.47 43.90
C THR E 23 -56.58 21.06 44.84
N GLY E 24 -55.35 21.21 44.36
CA GLY E 24 -54.16 20.77 45.07
C GLY E 24 -53.34 21.94 45.60
N THR E 25 -52.06 21.64 45.86
CA THR E 25 -51.12 22.65 46.36
C THR E 25 -49.75 22.45 45.72
N SER E 26 -48.93 23.50 45.84
CA SER E 26 -47.79 23.71 44.96
C SER E 26 -46.87 22.50 44.87
N SER E 27 -46.56 21.90 46.01
CA SER E 27 -45.65 20.76 46.03
C SER E 27 -46.23 19.49 45.42
N ASP E 28 -47.46 19.50 44.91
CA ASP E 28 -48.03 18.33 44.25
C ASP E 28 -48.59 18.67 42.87
N VAL E 29 -49.82 19.18 42.83
CA VAL E 29 -50.44 19.51 41.54
C VAL E 29 -49.67 20.62 40.83
N GLY E 30 -49.03 21.51 41.58
CA GLY E 30 -48.25 22.59 40.97
C GLY E 30 -46.95 22.20 40.30
N GLY E 31 -46.06 21.53 41.03
CA GLY E 31 -44.78 21.16 40.46
C GLY E 31 -44.86 20.05 39.43
N TYR E 32 -45.78 19.11 39.60
CA TYR E 32 -45.80 17.86 38.84
C TYR E 32 -47.20 17.57 38.32
N ASN E 33 -47.38 17.74 37.02
CA ASN E 33 -48.63 17.47 36.33
C ASN E 33 -48.88 15.98 36.03
N TYR E 34 -48.81 15.13 37.05
CA TYR E 34 -49.10 13.70 36.92
C TYR E 34 -50.43 13.28 37.55
N VAL E 35 -51.31 14.24 37.86
CA VAL E 35 -52.58 13.98 38.51
C VAL E 35 -53.40 12.95 37.76
N SER E 36 -54.08 12.08 38.51
CA SER E 36 -54.76 10.91 37.96
C SER E 36 -56.03 10.63 38.77
N TRP E 37 -57.03 10.02 38.13
CA TRP E 37 -58.37 9.88 38.70
C TRP E 37 -58.79 8.43 38.73
N TYR E 38 -59.52 8.07 39.79
CA TYR E 38 -59.73 6.68 40.19
C TYR E 38 -61.16 6.47 40.64
N GLN E 39 -62.04 6.06 39.73
CA GLN E 39 -63.40 5.74 40.14
C GLN E 39 -63.39 4.46 40.96
N GLN E 40 -64.08 4.47 42.10
CA GLN E 40 -64.16 3.34 43.01
C GLN E 40 -65.63 3.06 43.30
N HIS E 41 -66.19 2.13 42.53
CA HIS E 41 -67.54 1.63 42.70
C HIS E 41 -67.64 0.90 44.03
N PRO E 42 -68.86 0.61 44.53
CA PRO E 42 -68.99 -0.03 45.84
C PRO E 42 -68.19 -1.32 45.97
N GLY E 43 -67.31 -1.37 46.98
CA GLY E 43 -66.52 -2.54 47.27
C GLY E 43 -65.40 -2.86 46.31
N LYS E 44 -65.63 -2.80 45.00
CA LYS E 44 -64.59 -3.21 44.06
C LYS E 44 -63.41 -2.26 44.11
N ALA E 45 -62.26 -2.74 43.65
CA ALA E 45 -61.08 -1.92 43.52
C ALA E 45 -61.27 -0.80 42.50
N PRO E 46 -60.50 0.27 42.59
CA PRO E 46 -60.68 1.39 41.66
C PRO E 46 -60.25 1.01 40.24
N LYS E 47 -60.53 1.92 39.31
CA LYS E 47 -60.02 1.87 37.94
C LYS E 47 -59.41 3.21 37.57
N LEU E 48 -58.26 3.16 36.87
CA LEU E 48 -57.41 4.32 36.62
C LEU E 48 -57.95 5.19 35.48
N MET E 49 -59.14 5.73 35.70
CA MET E 49 -59.91 6.36 34.64
C MET E 49 -59.21 7.52 33.93
N ILE E 50 -58.15 8.09 34.49
CA ILE E 50 -57.39 9.20 33.85
C ILE E 50 -55.91 9.10 34.18
N TYR E 51 -55.05 8.99 33.17
CA TYR E 51 -53.64 8.69 33.46
C TYR E 51 -52.78 9.93 33.59
N ASP E 52 -53.05 10.98 32.85
CA ASP E 52 -52.43 12.28 33.07
C ASP E 52 -53.57 13.30 33.05
N VAL E 53 -53.32 14.52 33.54
CA VAL E 53 -54.24 15.59 33.24
C VAL E 53 -54.43 15.70 31.73
N SER E 54 -55.65 16.01 31.32
CA SER E 54 -56.09 15.97 29.92
C SER E 54 -55.57 14.72 29.23
N LYS E 55 -55.99 13.59 29.76
CA LYS E 55 -55.53 12.32 29.21
C LYS E 55 -56.55 11.24 29.52
N ARG E 56 -56.54 10.19 28.71
CA ARG E 56 -57.46 9.06 28.82
C ARG E 56 -56.73 7.72 28.69
N PRO E 57 -57.06 6.71 29.51
CA PRO E 57 -56.52 5.38 29.29
C PRO E 57 -57.30 4.66 28.20
N SER E 58 -56.82 3.47 27.86
CA SER E 58 -57.61 2.55 27.05
C SER E 58 -58.78 1.96 27.84
N GLY E 59 -59.92 1.84 27.18
CA GLY E 59 -61.15 1.44 27.84
C GLY E 59 -61.80 2.47 28.74
N VAL E 60 -61.85 3.74 28.30
CA VAL E 60 -62.60 4.78 28.99
C VAL E 60 -63.42 5.56 27.97
N SER E 61 -64.66 5.85 28.30
CA SER E 61 -65.57 6.54 27.39
C SER E 61 -65.04 7.94 27.11
N ASN E 62 -65.58 8.55 26.07
CA ASN E 62 -65.29 9.94 25.73
C ASN E 62 -66.02 10.95 26.59
N ARG E 63 -66.82 10.51 27.56
CA ARG E 63 -67.41 11.45 28.50
C ARG E 63 -66.40 12.03 29.48
N PHE E 64 -65.25 11.38 29.68
CA PHE E 64 -64.30 11.78 30.71
C PHE E 64 -63.13 12.56 30.12
N SER E 65 -62.77 13.64 30.77
CA SER E 65 -61.57 14.38 30.42
C SER E 65 -61.01 15.02 31.68
N GLY E 66 -59.70 15.22 31.69
CA GLY E 66 -59.01 15.85 32.80
C GLY E 66 -58.66 17.29 32.47
N SER E 67 -58.85 18.17 33.47
CA SER E 67 -58.53 19.59 33.36
C SER E 67 -57.47 19.91 34.39
N LYS E 68 -56.56 20.81 34.03
CA LYS E 68 -55.41 21.12 34.86
C LYS E 68 -55.12 22.61 34.88
N SER E 69 -56.14 23.44 34.71
CA SER E 69 -55.95 24.88 34.72
C SER E 69 -55.51 25.37 36.09
N GLY E 70 -54.33 25.99 36.16
CA GLY E 70 -53.73 26.38 37.42
C GLY E 70 -53.49 25.16 38.28
N ASN E 71 -53.49 25.37 39.60
CA ASN E 71 -53.54 24.25 40.52
C ASN E 71 -54.90 23.60 40.58
N THR E 72 -55.92 24.22 40.00
CA THR E 72 -57.29 23.74 40.11
C THR E 72 -57.55 22.53 39.22
N ALA E 73 -56.75 21.47 39.35
CA ALA E 73 -57.00 20.26 38.59
C ALA E 73 -58.41 19.74 38.80
N SER E 74 -58.98 19.16 37.76
CA SER E 74 -60.37 18.75 37.81
C SER E 74 -60.61 17.66 36.77
N LEU E 75 -61.68 16.88 36.98
CA LEU E 75 -62.19 15.91 36.02
C LEU E 75 -63.42 16.46 35.34
N THR E 76 -63.26 16.95 34.12
CA THR E 76 -64.33 17.67 33.43
C THR E 76 -65.33 16.74 32.75
N ILE E 77 -65.81 15.72 33.46
CA ILE E 77 -66.82 14.80 32.95
C ILE E 77 -68.00 15.57 32.39
N SER E 78 -68.34 15.31 31.13
CA SER E 78 -69.37 16.06 30.41
C SER E 78 -70.35 15.16 29.66
N GLY E 79 -70.07 13.86 29.53
CA GLY E 79 -71.02 12.90 29.03
C GLY E 79 -71.64 12.12 30.15
N LEU E 80 -72.25 12.83 31.10
CA LEU E 80 -72.90 12.20 32.24
C LEU E 80 -73.93 11.20 31.78
N GLN E 81 -73.98 10.06 32.46
CA GLN E 81 -74.72 8.91 32.00
C GLN E 81 -75.10 8.05 33.19
N ALA E 82 -76.00 7.10 32.94
CA ALA E 82 -76.51 6.23 33.98
C ALA E 82 -75.44 5.36 34.62
N GLU E 83 -74.27 5.23 34.00
CA GLU E 83 -73.17 4.47 34.59
C GLU E 83 -72.87 4.98 35.98
N ASP E 84 -72.71 4.04 36.91
CA ASP E 84 -72.76 4.32 38.34
C ASP E 84 -71.75 5.38 38.75
N GLU E 85 -72.14 6.20 39.73
CA GLU E 85 -71.25 7.22 40.26
C GLU E 85 -70.05 6.61 40.97
N GLY E 86 -70.28 5.56 41.76
CA GLY E 86 -69.28 5.11 42.72
C GLY E 86 -68.83 6.26 43.59
N ASP E 87 -67.51 6.42 43.74
CA ASP E 87 -66.94 7.73 44.04
C ASP E 87 -65.69 7.93 43.19
N TYR E 88 -65.47 9.18 42.76
CA TYR E 88 -64.27 9.51 41.98
C TYR E 88 -63.18 10.03 42.91
N TYR E 89 -62.24 9.16 43.28
CA TYR E 89 -61.06 9.59 43.99
C TYR E 89 -60.07 10.23 43.02
N CYS E 90 -59.19 11.05 43.57
CA CYS E 90 -58.19 11.79 42.84
C CYS E 90 -56.85 11.56 43.51
N SER E 91 -55.78 11.54 42.73
CA SER E 91 -54.46 11.27 43.25
C SER E 91 -53.42 12.08 42.50
N SER E 92 -52.29 12.33 43.17
CA SER E 92 -51.21 13.05 42.54
C SER E 92 -49.87 12.63 43.11
N TYR E 93 -48.84 12.77 42.29
CA TYR E 93 -47.47 12.52 42.68
C TYR E 93 -46.95 13.71 43.47
N THR E 94 -46.36 13.47 44.63
CA THR E 94 -45.90 14.54 45.50
C THR E 94 -44.41 14.78 45.39
N SER E 95 -43.99 15.93 45.92
CA SER E 95 -42.59 16.35 45.86
C SER E 95 -41.64 15.34 46.47
N SER E 96 -42.05 14.69 47.56
CA SER E 96 -41.20 13.73 48.25
C SER E 96 -41.20 12.34 47.65
N SER E 97 -41.77 12.15 46.47
CA SER E 97 -41.97 10.87 45.78
C SER E 97 -42.99 9.96 46.46
N THR E 98 -43.61 10.38 47.56
CA THR E 98 -44.88 9.83 47.96
C THR E 98 -45.95 10.24 46.96
N TRP E 99 -47.07 9.53 46.97
CA TRP E 99 -48.31 9.99 46.38
C TRP E 99 -49.21 10.59 47.46
N VAL E 100 -50.24 11.32 47.03
CA VAL E 100 -51.30 11.76 47.93
C VAL E 100 -52.63 11.69 47.19
N PHE E 101 -53.73 11.65 47.97
CA PHE E 101 -55.07 11.43 47.43
C PHE E 101 -56.06 12.45 47.99
N GLY E 102 -57.13 12.63 47.23
CA GLY E 102 -58.29 13.38 47.68
C GLY E 102 -59.29 12.53 48.44
N GLY E 103 -60.18 13.20 49.17
CA GLY E 103 -61.17 12.51 49.96
C GLY E 103 -62.27 11.83 49.17
N GLY E 104 -62.24 11.91 47.84
CA GLY E 104 -63.29 11.35 47.02
C GLY E 104 -64.55 12.20 47.01
N THR E 105 -65.44 11.88 46.08
CA THR E 105 -66.76 12.49 46.03
C THR E 105 -67.72 11.51 45.37
N LYS E 106 -69.00 11.62 45.71
CA LYS E 106 -70.03 10.76 45.13
C LYS E 106 -70.81 11.55 44.09
N LEU E 107 -70.95 10.99 42.89
CA LEU E 107 -71.87 11.51 41.90
C LEU E 107 -73.29 11.03 42.19
N THR E 108 -74.25 11.60 41.50
CA THR E 108 -75.64 11.18 41.66
C THR E 108 -76.43 11.56 40.41
N VAL E 109 -77.57 10.90 40.24
CA VAL E 109 -78.51 11.24 39.18
C VAL E 109 -79.88 10.75 39.58
N LEU E 110 -80.92 11.32 38.97
CA LEU E 110 -82.30 11.05 39.39
C LEU E 110 -82.68 9.58 39.24
N GLN F 1 -37.72 -47.24 22.33
CA GLN F 1 -36.42 -47.52 23.01
C GLN F 1 -35.68 -48.61 22.26
N VAL F 2 -34.35 -48.63 22.41
CA VAL F 2 -33.52 -49.59 21.71
C VAL F 2 -33.96 -51.01 22.05
N GLN F 3 -34.00 -51.87 21.03
CA GLN F 3 -34.28 -53.27 21.27
C GLN F 3 -33.77 -54.07 20.09
N LEU F 4 -33.56 -55.37 20.34
CA LEU F 4 -33.33 -56.38 19.32
C LEU F 4 -34.50 -57.36 19.29
N VAL F 5 -34.81 -57.86 18.09
CA VAL F 5 -35.87 -58.85 17.90
C VAL F 5 -35.30 -60.03 17.12
N GLN F 6 -34.81 -61.03 17.85
CA GLN F 6 -34.33 -62.26 17.25
C GLN F 6 -35.48 -63.04 16.62
N SER F 7 -35.18 -63.77 15.55
CA SER F 7 -36.16 -64.64 14.91
C SER F 7 -36.61 -65.78 15.81
N GLY F 8 -37.74 -66.38 15.44
CA GLY F 8 -38.38 -67.40 16.24
C GLY F 8 -37.60 -68.71 16.31
N ALA F 9 -38.16 -69.63 17.10
CA ALA F 9 -37.59 -70.97 17.26
C ALA F 9 -37.51 -71.71 15.94
N GLU F 10 -36.57 -72.65 15.87
CA GLU F 10 -36.26 -73.39 14.65
C GLU F 10 -35.93 -74.83 15.01
N VAL F 11 -35.81 -75.68 13.99
CA VAL F 11 -35.38 -77.07 14.19
C VAL F 11 -34.56 -77.52 12.99
N LYS F 12 -33.66 -78.46 13.23
CA LYS F 12 -32.79 -78.98 12.18
C LYS F 12 -32.22 -80.31 12.64
N LYS F 13 -32.38 -81.35 11.83
CA LYS F 13 -31.86 -82.64 12.17
C LYS F 13 -30.33 -82.63 12.20
N PRO F 14 -29.72 -83.64 12.79
CA PRO F 14 -28.25 -83.70 12.85
C PRO F 14 -27.59 -83.65 11.48
N GLY F 15 -26.46 -82.95 11.43
CA GLY F 15 -25.70 -82.82 10.21
C GLY F 15 -26.29 -81.91 9.16
N ALA F 16 -27.43 -81.28 9.43
CA ALA F 16 -27.93 -80.22 8.60
C ALA F 16 -27.15 -78.94 8.85
N SER F 17 -27.72 -77.80 8.50
CA SER F 17 -27.17 -76.50 8.83
C SER F 17 -28.35 -75.59 9.11
N VAL F 18 -28.10 -74.49 9.83
CA VAL F 18 -29.19 -73.66 10.32
C VAL F 18 -28.79 -72.20 10.33
N LYS F 19 -29.80 -71.33 10.26
CA LYS F 19 -29.59 -69.89 10.21
C LYS F 19 -30.66 -69.18 11.01
N VAL F 20 -30.28 -68.07 11.66
CA VAL F 20 -31.18 -67.27 12.47
C VAL F 20 -30.90 -65.80 12.20
N SER F 21 -31.89 -64.96 12.54
CA SER F 21 -31.90 -63.54 12.19
C SER F 21 -32.20 -62.70 13.41
N CYS F 22 -31.71 -61.46 13.38
CA CYS F 22 -31.85 -60.51 14.49
C CYS F 22 -32.08 -59.12 13.88
N LYS F 23 -33.33 -58.69 13.83
CA LYS F 23 -33.63 -57.31 13.47
C LYS F 23 -33.35 -56.41 14.66
N ALA F 24 -33.06 -55.13 14.39
CA ALA F 24 -32.71 -54.17 15.43
C ALA F 24 -33.48 -52.88 15.21
N SER F 25 -33.99 -52.30 16.31
CA SER F 25 -34.97 -51.22 16.18
C SER F 25 -34.87 -50.26 17.34
N GLY F 26 -35.39 -49.04 17.13
CA GLY F 26 -35.22 -47.99 18.11
C GLY F 26 -33.78 -47.62 18.35
N TYR F 27 -32.97 -47.62 17.30
CA TYR F 27 -31.56 -47.90 17.45
C TYR F 27 -30.87 -47.32 16.22
N THR F 28 -29.54 -47.20 16.26
CA THR F 28 -28.77 -46.89 15.07
C THR F 28 -27.88 -48.08 14.75
N PHE F 29 -28.17 -48.70 13.61
CA PHE F 29 -27.65 -50.03 13.34
C PHE F 29 -26.13 -50.04 13.23
N THR F 30 -25.58 -49.07 12.53
CA THR F 30 -24.15 -48.96 12.29
C THR F 30 -23.37 -48.40 13.46
N GLY F 31 -24.03 -48.02 14.55
CA GLY F 31 -23.29 -47.54 15.71
C GLY F 31 -22.44 -48.58 16.40
N TYR F 32 -22.80 -49.86 16.30
CA TYR F 32 -22.27 -50.87 17.20
C TYR F 32 -22.08 -52.20 16.50
N TYR F 33 -21.07 -52.94 16.95
CA TYR F 33 -20.85 -54.30 16.46
C TYR F 33 -21.94 -55.20 17.00
N MET F 34 -22.39 -56.13 16.16
CA MET F 34 -23.32 -57.17 16.60
C MET F 34 -22.50 -58.35 17.11
N HIS F 35 -22.62 -58.63 18.40
CA HIS F 35 -22.13 -59.87 18.99
C HIS F 35 -23.21 -60.93 18.98
N TRP F 36 -22.78 -62.19 18.97
CA TRP F 36 -23.67 -63.30 19.29
C TRP F 36 -23.15 -64.02 20.53
N VAL F 37 -24.06 -64.65 21.28
CA VAL F 37 -23.69 -65.48 22.43
C VAL F 37 -24.78 -66.51 22.66
N ARG F 38 -24.42 -67.67 23.21
CA ARG F 38 -25.38 -68.76 23.33
C ARG F 38 -24.86 -69.83 24.26
N GLN F 39 -25.76 -70.73 24.67
CA GLN F 39 -25.27 -72.06 25.03
C GLN F 39 -26.41 -73.05 25.21
N ALA F 40 -26.02 -74.33 25.27
CA ALA F 40 -26.89 -75.42 25.66
C ALA F 40 -27.51 -75.17 27.03
N PRO F 41 -28.57 -75.90 27.38
CA PRO F 41 -29.19 -75.71 28.70
C PRO F 41 -28.20 -76.00 29.83
N GLY F 42 -28.06 -75.03 30.74
CA GLY F 42 -27.12 -75.17 31.83
C GLY F 42 -25.66 -75.17 31.46
N GLN F 43 -25.30 -75.00 30.19
CA GLN F 43 -23.92 -74.81 29.80
C GLN F 43 -23.46 -73.40 30.14
N GLY F 44 -22.24 -73.08 29.73
CA GLY F 44 -21.58 -71.86 30.16
C GLY F 44 -22.14 -70.57 29.63
N LEU F 45 -23.15 -70.59 28.76
CA LEU F 45 -23.72 -69.38 28.15
C LEU F 45 -22.62 -68.41 27.71
N GLU F 46 -21.66 -68.95 26.98
CA GLU F 46 -20.32 -68.38 26.82
C GLU F 46 -19.83 -68.35 25.38
N TRP F 47 -20.67 -68.67 24.40
CA TRP F 47 -20.27 -68.51 23.01
C TRP F 47 -19.85 -67.06 22.76
N MET F 48 -18.90 -66.86 21.83
CA MET F 48 -18.50 -65.50 21.50
C MET F 48 -18.03 -65.36 20.05
N GLY F 49 -18.33 -64.18 19.49
CA GLY F 49 -17.93 -63.75 18.16
C GLY F 49 -18.81 -62.60 17.70
N TRP F 50 -18.35 -61.88 16.66
CA TRP F 50 -19.05 -60.68 16.25
C TRP F 50 -18.91 -60.40 14.76
N ILE F 51 -19.83 -59.56 14.28
CA ILE F 51 -19.88 -58.97 12.95
C ILE F 51 -20.02 -57.45 13.05
N ASN F 52 -19.45 -56.75 12.07
CA ASN F 52 -19.46 -55.28 12.03
C ASN F 52 -20.38 -54.72 10.96
N PRO F 53 -21.48 -54.05 11.31
CA PRO F 53 -22.35 -53.52 10.27
C PRO F 53 -21.71 -52.48 9.38
N ASN F 54 -20.77 -51.71 9.91
CA ASN F 54 -20.07 -50.69 9.13
C ASN F 54 -19.20 -51.24 8.02
N SER F 55 -18.95 -52.55 7.99
CA SER F 55 -17.77 -53.04 7.30
C SER F 55 -17.94 -54.39 6.67
N GLY F 56 -18.88 -55.15 7.16
CA GLY F 56 -18.73 -56.54 7.00
C GLY F 56 -17.48 -57.06 7.67
N GLY F 57 -17.20 -58.31 7.35
CA GLY F 57 -16.10 -59.03 7.96
C GLY F 57 -16.42 -59.27 9.42
N THR F 58 -15.66 -60.15 10.05
CA THR F 58 -16.14 -60.83 11.24
C THR F 58 -14.95 -61.23 12.08
N ASN F 59 -15.20 -61.55 13.34
CA ASN F 59 -14.25 -62.37 14.08
C ASN F 59 -14.99 -63.34 15.00
N TYR F 60 -14.60 -64.60 14.99
CA TYR F 60 -15.20 -65.60 15.87
C TYR F 60 -14.21 -66.72 16.15
N ALA F 61 -14.43 -67.40 17.26
CA ALA F 61 -13.34 -68.07 17.97
C ALA F 61 -12.77 -69.26 17.22
N GLN F 62 -11.65 -69.75 17.75
CA GLN F 62 -10.91 -70.90 17.24
C GLN F 62 -11.69 -72.19 17.11
N LYS F 63 -12.76 -72.39 17.87
CA LYS F 63 -13.57 -73.60 17.71
C LYS F 63 -14.58 -73.51 16.59
N PHE F 64 -14.67 -72.39 15.88
CA PHE F 64 -15.75 -72.02 14.97
C PHE F 64 -15.30 -71.31 13.70
N GLN F 65 -14.10 -70.74 13.65
CA GLN F 65 -13.58 -70.10 12.45
C GLN F 65 -13.41 -71.19 11.40
N GLY F 66 -14.42 -71.28 10.53
CA GLY F 66 -14.59 -72.39 9.60
C GLY F 66 -15.91 -73.12 9.76
N ARG F 67 -16.72 -72.77 10.77
CA ARG F 67 -17.98 -73.41 11.05
C ARG F 67 -19.16 -72.47 11.16
N VAL F 68 -18.96 -71.14 11.05
CA VAL F 68 -20.05 -70.18 11.13
C VAL F 68 -19.83 -69.06 10.13
N THR F 69 -20.91 -68.35 9.81
CA THR F 69 -20.84 -67.18 8.95
C THR F 69 -21.90 -66.19 9.40
N MET F 70 -21.64 -64.90 9.17
CA MET F 70 -22.53 -63.82 9.60
C MET F 70 -22.75 -62.79 8.49
N THR F 71 -23.97 -62.29 8.40
CA THR F 71 -24.41 -61.48 7.27
C THR F 71 -25.23 -60.31 7.79
N ARG F 72 -25.49 -59.33 6.93
CA ARG F 72 -26.24 -58.15 7.33
C ARG F 72 -27.07 -57.71 6.14
N ASP F 73 -28.20 -57.05 6.40
CA ASP F 73 -29.07 -56.52 5.35
C ASP F 73 -29.42 -55.10 5.81
N THR F 74 -28.45 -54.21 5.65
CA THR F 74 -28.39 -52.98 6.43
C THR F 74 -29.59 -52.09 6.20
N SER F 75 -30.10 -52.06 4.97
CA SER F 75 -31.32 -51.30 4.72
C SER F 75 -32.48 -51.87 5.51
N ILE F 76 -32.43 -53.15 5.84
CA ILE F 76 -33.44 -53.81 6.65
C ILE F 76 -33.02 -53.84 8.13
N THR F 77 -31.92 -53.15 8.49
CA THR F 77 -31.41 -53.03 9.86
C THR F 77 -31.36 -54.38 10.57
N THR F 78 -30.82 -55.39 9.88
CA THR F 78 -30.94 -56.77 10.32
C THR F 78 -29.60 -57.46 10.15
N ALA F 79 -29.24 -58.32 11.11
CA ALA F 79 -28.09 -59.21 11.02
C ALA F 79 -28.49 -60.67 11.10
N TYR F 80 -27.68 -61.52 10.47
CA TYR F 80 -27.94 -62.95 10.37
C TYR F 80 -26.71 -63.73 10.81
N MET F 81 -26.95 -64.93 11.29
CA MET F 81 -25.90 -65.88 11.63
C MET F 81 -26.31 -67.25 11.12
N GLU F 82 -25.36 -67.99 10.55
CA GLU F 82 -25.62 -69.34 10.11
C GLU F 82 -24.49 -70.25 10.57
N LEU F 83 -24.86 -71.45 11.00
CA LEU F 83 -23.93 -72.50 11.38
C LEU F 83 -23.99 -73.60 10.34
N ARG F 84 -22.85 -73.87 9.70
CA ARG F 84 -22.76 -74.79 8.58
C ARG F 84 -22.68 -76.24 9.04
N ARG F 85 -23.22 -76.56 10.20
CA ARG F 85 -23.16 -77.88 10.79
C ARG F 85 -24.37 -78.04 11.67
N LEU F 86 -24.63 -79.28 12.08
CA LEU F 86 -25.70 -79.56 13.00
C LEU F 86 -25.20 -80.60 14.01
N ARG F 87 -24.15 -80.22 14.71
CA ARG F 87 -23.64 -81.01 15.82
C ARG F 87 -24.72 -81.16 16.87
N SER F 88 -24.80 -82.34 17.47
CA SER F 88 -25.80 -82.59 18.52
C SER F 88 -25.62 -81.64 19.69
N ASP F 89 -24.40 -81.17 19.93
CA ASP F 89 -24.15 -80.24 21.02
C ASP F 89 -24.65 -78.82 20.73
N ASP F 90 -24.94 -78.48 19.50
CA ASP F 90 -25.18 -77.06 19.19
C ASP F 90 -26.54 -76.53 19.68
N THR F 91 -27.34 -77.26 20.45
CA THR F 91 -28.75 -76.94 20.70
C THR F 91 -28.92 -75.68 21.56
N ALA F 92 -30.18 -75.39 21.82
CA ALA F 92 -30.74 -74.35 22.70
C ALA F 92 -30.37 -72.91 22.33
N VAL F 93 -30.36 -72.02 23.34
CA VAL F 93 -30.56 -70.59 23.12
C VAL F 93 -29.35 -69.90 22.53
N TYR F 94 -29.58 -69.22 21.40
CA TYR F 94 -28.67 -68.25 20.78
C TYR F 94 -29.27 -66.85 20.89
N TYR F 95 -28.47 -65.89 21.37
CA TYR F 95 -28.83 -64.49 21.57
C TYR F 95 -27.98 -63.60 20.67
N CYS F 96 -28.58 -62.53 20.17
CA CYS F 96 -27.87 -61.44 19.50
C CYS F 96 -27.80 -60.23 20.41
N ALA F 97 -26.66 -59.54 20.43
CA ALA F 97 -26.48 -58.41 21.35
C ALA F 97 -25.64 -57.27 20.76
N ARG F 98 -26.07 -56.05 21.05
CA ARG F 98 -25.29 -54.85 20.74
C ARG F 98 -24.03 -54.80 21.57
N GLY F 99 -22.88 -54.64 20.89
CA GLY F 99 -21.60 -54.78 21.57
C GLY F 99 -20.63 -53.63 21.46
N LEU F 100 -19.50 -53.91 20.82
CA LEU F 100 -18.46 -52.91 20.58
C LEU F 100 -19.02 -51.78 19.72
N GLY F 101 -18.41 -50.61 19.81
CA GLY F 101 -18.79 -49.54 18.90
C GLY F 101 -17.92 -48.31 19.04
N VAL F 102 -18.00 -47.45 18.03
CA VAL F 102 -17.31 -46.18 18.03
C VAL F 102 -17.98 -45.20 18.97
N GLY F 103 -17.17 -44.41 19.66
CA GLY F 103 -17.63 -43.39 20.57
C GLY F 103 -16.79 -42.14 20.48
N CYS F 104 -16.59 -41.63 19.27
CA CYS F 104 -15.77 -40.45 19.06
C CYS F 104 -16.28 -39.27 19.88
N SER F 105 -15.33 -38.53 20.48
CA SER F 105 -15.60 -37.77 21.70
C SER F 105 -14.72 -36.51 21.73
N GLY F 106 -15.23 -35.43 21.15
CA GLY F 106 -14.41 -34.27 20.92
C GLY F 106 -13.38 -34.50 19.83
N GLY F 107 -12.12 -34.23 20.16
CA GLY F 107 -11.07 -34.35 19.16
C GLY F 107 -10.81 -35.78 18.75
N ASN F 108 -10.68 -36.67 19.72
CA ASN F 108 -10.30 -38.05 19.49
C ASN F 108 -11.48 -38.86 18.95
N CYS F 109 -11.18 -39.79 18.06
CA CYS F 109 -12.10 -40.88 17.74
C CYS F 109 -11.44 -42.19 18.11
N TYR F 110 -12.29 -43.15 18.52
CA TYR F 110 -11.88 -44.46 18.97
C TYR F 110 -13.07 -45.41 19.07
N LEU F 111 -12.76 -46.70 19.19
CA LEU F 111 -13.69 -47.69 19.73
C LEU F 111 -13.90 -47.51 21.23
N ASP F 112 -15.16 -47.65 21.68
CA ASP F 112 -15.54 -47.12 22.99
C ASP F 112 -16.21 -48.12 23.90
N TYR F 113 -17.40 -48.57 23.53
CA TYR F 113 -18.11 -49.57 24.31
C TYR F 113 -17.45 -50.92 24.11
N TYR F 114 -17.26 -51.70 25.18
CA TYR F 114 -16.67 -53.04 25.07
C TYR F 114 -17.50 -54.07 25.84
N TYR F 115 -18.74 -53.73 26.15
CA TYR F 115 -19.62 -54.52 26.99
C TYR F 115 -20.97 -54.57 26.32
N MET F 116 -21.51 -55.77 26.14
CA MET F 116 -22.68 -55.92 25.28
C MET F 116 -23.97 -55.56 26.02
N ASP F 117 -24.38 -54.30 25.80
CA ASP F 117 -25.38 -53.62 26.62
C ASP F 117 -26.75 -54.27 26.60
N VAL F 118 -27.23 -54.71 25.44
CA VAL F 118 -28.62 -55.11 25.28
C VAL F 118 -28.73 -56.34 24.40
N TRP F 119 -29.61 -57.25 24.81
CA TRP F 119 -29.69 -58.60 24.27
C TRP F 119 -31.11 -58.87 23.82
N GLY F 120 -31.26 -59.50 22.66
CA GLY F 120 -32.55 -60.04 22.27
C GLY F 120 -32.93 -61.23 23.12
N LYS F 121 -34.21 -61.61 23.02
CA LYS F 121 -34.67 -62.81 23.71
C LYS F 121 -34.07 -64.10 23.15
N GLY F 122 -33.44 -64.06 21.98
CA GLY F 122 -32.85 -65.26 21.40
C GLY F 122 -33.89 -66.26 20.93
N THR F 123 -33.37 -67.39 20.45
CA THR F 123 -34.21 -68.45 19.91
C THR F 123 -33.52 -69.78 20.21
N THR F 124 -34.33 -70.85 20.26
CA THR F 124 -33.83 -72.19 20.55
C THR F 124 -33.72 -73.00 19.27
N VAL F 125 -32.53 -73.54 19.02
CA VAL F 125 -32.28 -74.23 17.76
C VAL F 125 -32.78 -75.67 17.76
N THR F 126 -32.94 -76.31 18.91
CA THR F 126 -33.44 -77.69 19.00
C THR F 126 -32.68 -78.66 18.09
N VAL F 127 -31.38 -78.43 17.92
CA VAL F 127 -30.59 -79.09 16.89
C VAL F 127 -30.25 -80.53 17.25
N SER F 128 -31.24 -81.42 17.23
CA SER F 128 -30.94 -82.84 17.39
C SER F 128 -32.10 -83.66 16.84
N SER F 129 -31.83 -84.94 16.60
CA SER F 129 -32.80 -85.86 16.00
C SER F 129 -34.08 -85.96 16.82
N GLN G 1 -57.27 -26.43 -5.12
CA GLN G 1 -57.02 -26.42 -6.58
C GLN G 1 -57.54 -25.14 -7.20
N VAL G 2 -57.01 -24.79 -8.37
CA VAL G 2 -57.50 -23.65 -9.11
C VAL G 2 -58.93 -23.92 -9.55
N GLN G 3 -59.78 -22.90 -9.50
CA GLN G 3 -61.16 -23.04 -9.92
C GLN G 3 -61.66 -21.68 -10.39
N LEU G 4 -62.67 -21.71 -11.26
CA LEU G 4 -63.38 -20.50 -11.66
C LEU G 4 -64.83 -20.60 -11.17
N VAL G 5 -65.24 -19.71 -10.28
CA VAL G 5 -66.63 -19.62 -9.83
C VAL G 5 -67.39 -18.73 -10.81
N GLN G 6 -67.89 -19.31 -11.89
CA GLN G 6 -68.72 -18.55 -12.82
C GLN G 6 -70.03 -18.11 -12.18
N SER G 7 -70.56 -16.97 -12.63
CA SER G 7 -71.83 -16.44 -12.14
C SER G 7 -73.00 -17.35 -12.47
N GLY G 8 -74.16 -16.99 -11.93
CA GLY G 8 -75.41 -17.69 -12.18
C GLY G 8 -75.95 -17.52 -13.60
N ALA G 9 -77.11 -18.12 -13.82
CA ALA G 9 -77.87 -17.94 -15.06
C ALA G 9 -78.54 -16.56 -15.09
N GLU G 10 -78.82 -16.08 -16.31
CA GLU G 10 -79.48 -14.79 -16.49
C GLU G 10 -80.52 -14.94 -17.59
N VAL G 11 -81.44 -13.98 -17.66
CA VAL G 11 -82.39 -13.85 -18.78
C VAL G 11 -82.44 -12.39 -19.16
N LYS G 12 -82.51 -12.12 -20.46
CA LYS G 12 -82.74 -10.76 -20.92
C LYS G 12 -83.54 -10.76 -22.22
N LYS G 13 -84.41 -9.77 -22.36
CA LYS G 13 -85.06 -9.51 -23.62
C LYS G 13 -84.01 -9.13 -24.65
N PRO G 14 -84.32 -9.27 -25.94
CA PRO G 14 -83.39 -8.82 -26.97
C PRO G 14 -83.16 -7.32 -26.92
N GLY G 15 -81.95 -6.92 -27.30
CA GLY G 15 -81.64 -5.51 -27.38
C GLY G 15 -81.35 -4.85 -26.05
N ALA G 16 -81.02 -5.63 -25.02
CA ALA G 16 -80.58 -5.08 -23.74
C ALA G 16 -79.36 -5.86 -23.26
N SER G 17 -78.36 -5.14 -22.78
CA SER G 17 -77.07 -5.74 -22.46
C SER G 17 -77.21 -6.71 -21.31
N VAL G 18 -76.21 -7.59 -21.17
CA VAL G 18 -76.16 -8.54 -20.07
C VAL G 18 -74.71 -8.71 -19.68
N LYS G 19 -74.48 -9.10 -18.41
CA LYS G 19 -73.13 -9.04 -17.86
C LYS G 19 -72.88 -10.21 -16.93
N VAL G 20 -72.09 -11.18 -17.39
CA VAL G 20 -71.65 -12.32 -16.60
C VAL G 20 -70.39 -11.97 -15.80
N SER G 21 -70.07 -12.82 -14.82
CA SER G 21 -68.90 -12.62 -13.96
C SER G 21 -68.25 -13.96 -13.64
N CYS G 22 -66.98 -13.90 -13.24
CA CYS G 22 -66.16 -15.09 -13.05
C CYS G 22 -65.17 -14.83 -11.92
N LYS G 23 -65.40 -15.46 -10.75
CA LYS G 23 -64.53 -15.32 -9.58
C LYS G 23 -63.35 -16.29 -9.68
N ALA G 24 -62.22 -15.79 -10.12
CA ALA G 24 -60.96 -16.54 -10.14
C ALA G 24 -60.54 -16.93 -8.73
N SER G 25 -60.34 -18.23 -8.48
CA SER G 25 -60.18 -18.72 -7.12
C SER G 25 -59.04 -19.74 -7.06
N GLY G 26 -58.32 -19.72 -5.95
CA GLY G 26 -57.27 -20.69 -5.69
C GLY G 26 -56.00 -20.56 -6.48
N TYR G 27 -55.83 -19.51 -7.28
CA TYR G 27 -54.61 -19.31 -8.05
C TYR G 27 -54.24 -17.84 -8.08
N THR G 28 -53.00 -17.56 -8.43
CA THR G 28 -52.54 -16.17 -8.59
C THR G 28 -53.22 -15.56 -9.80
N PHE G 29 -54.24 -14.76 -9.53
CA PHE G 29 -55.14 -14.26 -10.56
C PHE G 29 -54.38 -13.48 -11.63
N THR G 30 -53.46 -12.61 -11.22
CA THR G 30 -52.60 -11.87 -12.13
C THR G 30 -51.65 -12.74 -12.94
N GLY G 31 -51.52 -14.02 -12.62
CA GLY G 31 -50.67 -14.93 -13.36
C GLY G 31 -51.14 -15.30 -14.76
N TYR G 32 -52.43 -15.15 -15.04
CA TYR G 32 -53.00 -15.68 -16.28
C TYR G 32 -54.04 -14.74 -16.86
N TYR G 33 -54.05 -14.68 -18.19
CA TYR G 33 -55.09 -13.96 -18.89
C TYR G 33 -56.42 -14.68 -18.68
N MET G 34 -57.51 -13.94 -18.69
CA MET G 34 -58.84 -14.53 -18.67
C MET G 34 -59.41 -14.52 -20.08
N HIS G 35 -59.81 -15.70 -20.55
CA HIS G 35 -60.41 -15.90 -21.86
C HIS G 35 -61.90 -16.20 -21.70
N TRP G 36 -62.73 -15.53 -22.48
CA TRP G 36 -64.12 -15.92 -22.61
C TRP G 36 -64.31 -16.77 -23.86
N VAL G 37 -65.20 -17.76 -23.76
CA VAL G 37 -65.58 -18.59 -24.90
C VAL G 37 -67.03 -18.98 -24.70
N ARG G 38 -67.72 -19.29 -25.80
CA ARG G 38 -69.17 -19.39 -25.76
C ARG G 38 -69.64 -20.41 -26.78
N GLN G 39 -70.84 -20.93 -26.54
CA GLN G 39 -71.37 -22.00 -27.37
C GLN G 39 -72.88 -21.88 -27.43
N ALA G 40 -73.41 -21.40 -28.55
CA ALA G 40 -74.82 -21.56 -28.81
C ALA G 40 -75.18 -23.04 -28.77
N PRO G 41 -76.40 -23.40 -28.36
CA PRO G 41 -76.68 -24.80 -27.99
C PRO G 41 -76.54 -25.79 -29.13
N GLY G 42 -75.41 -26.50 -29.15
CA GLY G 42 -75.12 -27.48 -30.17
C GLY G 42 -74.32 -26.99 -31.36
N GLN G 43 -73.82 -25.77 -31.33
CA GLN G 43 -73.00 -25.19 -32.37
C GLN G 43 -71.56 -25.11 -31.89
N GLY G 44 -70.69 -24.57 -32.74
CA GLY G 44 -69.28 -24.50 -32.42
C GLY G 44 -68.96 -23.65 -31.21
N LEU G 45 -68.22 -24.23 -30.27
CA LEU G 45 -67.78 -23.55 -29.06
C LEU G 45 -66.60 -22.62 -29.35
N GLU G 46 -66.85 -21.66 -30.23
CA GLU G 46 -65.80 -20.99 -30.97
C GLU G 46 -65.60 -19.53 -30.63
N TRP G 47 -66.42 -18.95 -29.77
CA TRP G 47 -66.23 -17.56 -29.39
C TRP G 47 -64.83 -17.40 -28.78
N MET G 48 -64.21 -16.25 -29.03
CA MET G 48 -62.91 -15.97 -28.41
C MET G 48 -62.70 -14.49 -28.18
N GLY G 49 -62.16 -14.18 -27.00
CA GLY G 49 -61.66 -12.87 -26.66
C GLY G 49 -61.09 -12.96 -25.27
N TRP G 50 -60.21 -12.01 -24.94
CA TRP G 50 -59.54 -12.12 -23.64
C TRP G 50 -59.26 -10.76 -23.05
N ILE G 51 -59.00 -10.79 -21.75
CA ILE G 51 -58.60 -9.64 -20.93
C ILE G 51 -57.35 -10.03 -20.16
N ASN G 52 -56.45 -9.06 -19.98
CA ASN G 52 -55.26 -9.24 -19.15
C ASN G 52 -55.49 -8.66 -17.76
N PRO G 53 -55.56 -9.47 -16.69
CA PRO G 53 -55.79 -8.90 -15.36
C PRO G 53 -54.70 -7.96 -14.88
N ASN G 54 -53.52 -7.95 -15.51
CA ASN G 54 -52.52 -6.95 -15.17
C ASN G 54 -52.82 -5.59 -15.76
N SER G 55 -53.87 -5.48 -16.56
CA SER G 55 -54.02 -4.34 -17.45
C SER G 55 -55.51 -4.07 -17.63
N GLY G 56 -55.80 -2.93 -18.24
CA GLY G 56 -57.08 -2.73 -18.88
C GLY G 56 -57.17 -3.35 -20.26
N GLY G 57 -56.22 -4.21 -20.61
CA GLY G 57 -56.01 -4.58 -21.99
C GLY G 57 -56.87 -5.76 -22.37
N THR G 58 -57.48 -5.67 -23.55
CA THR G 58 -58.39 -6.70 -24.03
C THR G 58 -58.22 -6.85 -25.53
N ASN G 59 -58.77 -7.95 -26.04
CA ASN G 59 -59.00 -8.13 -27.47
C ASN G 59 -60.21 -8.99 -27.69
N TYR G 60 -60.86 -8.78 -28.82
CA TYR G 60 -62.12 -9.42 -29.17
C TYR G 60 -62.03 -9.76 -30.65
N ALA G 61 -62.72 -10.81 -31.05
CA ALA G 61 -62.87 -11.04 -32.47
C ALA G 61 -63.64 -9.90 -33.12
N GLN G 62 -63.40 -9.69 -34.41
CA GLN G 62 -63.96 -8.52 -35.10
C GLN G 62 -65.48 -8.45 -34.98
N LYS G 63 -66.16 -9.59 -34.98
CA LYS G 63 -67.62 -9.62 -34.86
C LYS G 63 -68.14 -9.03 -33.55
N PHE G 64 -67.27 -8.75 -32.59
CA PHE G 64 -67.64 -8.29 -31.27
C PHE G 64 -66.92 -7.02 -30.85
N GLN G 65 -66.05 -6.48 -31.71
CA GLN G 65 -65.35 -5.23 -31.44
C GLN G 65 -66.34 -4.08 -31.44
N GLY G 66 -66.53 -3.47 -30.28
CA GLY G 66 -67.62 -2.53 -30.08
C GLY G 66 -68.93 -3.17 -29.71
N ARG G 67 -68.94 -4.46 -29.41
CA ARG G 67 -70.14 -5.17 -29.01
C ARG G 67 -69.98 -5.95 -27.71
N VAL G 68 -68.77 -6.07 -27.15
CA VAL G 68 -68.58 -6.68 -25.85
C VAL G 68 -67.41 -6.00 -25.15
N THR G 69 -67.44 -6.01 -23.82
CA THR G 69 -66.41 -5.35 -23.03
C THR G 69 -66.13 -6.17 -21.78
N MET G 70 -64.88 -6.13 -21.33
CA MET G 70 -64.43 -6.90 -20.18
C MET G 70 -63.71 -6.01 -19.18
N THR G 71 -63.88 -6.34 -17.91
CA THR G 71 -63.30 -5.59 -16.80
C THR G 71 -62.88 -6.59 -15.74
N ARG G 72 -62.10 -6.11 -14.76
CA ARG G 72 -61.69 -6.97 -13.66
C ARG G 72 -61.52 -6.15 -12.39
N ASP G 73 -62.28 -6.55 -11.37
CA ASP G 73 -62.22 -5.91 -10.04
C ASP G 73 -61.17 -6.58 -9.15
N THR G 74 -59.91 -6.30 -9.50
CA THR G 74 -58.81 -7.22 -9.22
C THR G 74 -58.71 -7.63 -7.74
N SER G 75 -58.95 -6.70 -6.82
CA SER G 75 -58.88 -7.06 -5.41
C SER G 75 -59.97 -8.05 -5.03
N ILE G 76 -61.11 -8.02 -5.71
CA ILE G 76 -62.17 -9.02 -5.50
C ILE G 76 -61.90 -10.29 -6.27
N THR G 77 -60.82 -10.32 -7.07
CA THR G 77 -60.39 -11.44 -7.91
C THR G 77 -61.53 -11.94 -8.81
N THR G 78 -62.23 -10.99 -9.43
CA THR G 78 -63.29 -11.29 -10.39
C THR G 78 -62.94 -10.63 -11.71
N ALA G 79 -63.25 -11.32 -12.80
CA ALA G 79 -63.40 -10.70 -14.11
C ALA G 79 -64.87 -10.66 -14.49
N TYR G 80 -65.28 -9.58 -15.13
CA TYR G 80 -66.63 -9.42 -15.63
C TYR G 80 -66.58 -9.26 -17.15
N MET G 81 -67.65 -9.68 -17.81
CA MET G 81 -67.82 -9.45 -19.23
C MET G 81 -69.26 -9.04 -19.49
N GLU G 82 -69.43 -7.95 -20.22
CA GLU G 82 -70.74 -7.45 -20.61
C GLU G 82 -70.88 -7.53 -22.12
N LEU G 83 -71.91 -8.24 -22.57
CA LEU G 83 -72.35 -8.25 -23.95
C LEU G 83 -73.30 -7.09 -24.14
N ARG G 84 -72.90 -6.14 -24.99
CA ARG G 84 -73.43 -4.79 -24.93
C ARG G 84 -74.86 -4.69 -25.45
N ARG G 85 -75.39 -5.75 -26.06
CA ARG G 85 -76.56 -5.58 -26.92
C ARG G 85 -77.57 -6.72 -26.85
N LEU G 86 -77.14 -7.95 -26.64
CA LEU G 86 -78.01 -9.13 -26.65
C LEU G 86 -78.85 -9.22 -27.93
N ARG G 87 -78.13 -9.44 -29.02
CA ARG G 87 -78.76 -9.83 -30.26
C ARG G 87 -79.58 -11.10 -30.02
N SER G 88 -80.73 -11.21 -30.69
CA SER G 88 -81.60 -12.36 -30.46
C SER G 88 -80.97 -13.68 -30.86
N ASP G 89 -79.94 -13.66 -31.70
CA ASP G 89 -79.19 -14.86 -32.05
C ASP G 89 -78.19 -15.29 -31.00
N ASP G 90 -77.94 -14.50 -29.96
CA ASP G 90 -76.86 -14.83 -29.04
C ASP G 90 -77.10 -16.13 -28.30
N THR G 91 -78.36 -16.41 -27.93
CA THR G 91 -78.80 -17.66 -27.29
C THR G 91 -77.83 -18.18 -26.22
N ALA G 92 -77.28 -17.24 -25.48
CA ALA G 92 -75.96 -17.36 -24.86
C ALA G 92 -75.78 -18.59 -23.97
N VAL G 93 -74.57 -19.18 -24.05
CA VAL G 93 -74.06 -20.11 -23.04
C VAL G 93 -72.55 -19.89 -22.99
N TYR G 94 -72.08 -19.11 -22.02
CA TYR G 94 -70.72 -18.57 -21.99
C TYR G 94 -69.89 -19.13 -20.84
N TYR G 95 -68.61 -19.35 -21.10
CA TYR G 95 -67.62 -19.89 -20.17
C TYR G 95 -66.48 -18.90 -20.01
N CYS G 96 -65.85 -18.94 -18.83
CA CYS G 96 -64.58 -18.25 -18.56
C CYS G 96 -63.49 -19.28 -18.31
N ALA G 97 -62.27 -18.97 -18.76
CA ALA G 97 -61.17 -19.92 -18.66
C ALA G 97 -59.81 -19.24 -18.43
N ARG G 98 -58.98 -19.88 -17.61
CA ARG G 98 -57.64 -19.41 -17.30
C ARG G 98 -56.74 -19.68 -18.50
N GLY G 99 -56.33 -18.62 -19.18
CA GLY G 99 -55.74 -18.72 -20.49
C GLY G 99 -54.24 -18.61 -20.52
N LEU G 100 -53.76 -17.87 -21.51
CA LEU G 100 -52.38 -17.46 -21.65
C LEU G 100 -51.87 -16.79 -20.38
N GLY G 101 -50.55 -16.89 -20.15
CA GLY G 101 -49.94 -16.25 -19.00
C GLY G 101 -48.44 -16.14 -19.15
N VAL G 102 -47.85 -15.35 -18.24
CA VAL G 102 -46.43 -15.03 -18.33
C VAL G 102 -45.56 -16.26 -18.08
N GLY G 103 -45.62 -16.85 -16.90
CA GLY G 103 -44.84 -18.04 -16.62
C GLY G 103 -43.34 -17.92 -16.88
N CYS G 104 -42.72 -16.84 -16.41
CA CYS G 104 -41.30 -16.60 -16.65
C CYS G 104 -40.44 -17.75 -16.15
N SER G 105 -39.40 -18.07 -16.92
CA SER G 105 -38.51 -19.17 -16.59
C SER G 105 -37.72 -18.89 -15.32
N GLY G 106 -36.92 -19.87 -14.92
CA GLY G 106 -35.74 -19.53 -14.15
C GLY G 106 -34.85 -18.59 -14.94
N GLY G 107 -34.68 -18.88 -16.23
CA GLY G 107 -34.02 -17.99 -17.15
C GLY G 107 -34.85 -16.78 -17.53
N ASN G 108 -34.51 -16.19 -18.68
CA ASN G 108 -35.19 -15.01 -19.20
C ASN G 108 -36.69 -15.21 -19.35
N CYS G 109 -37.44 -14.10 -19.25
CA CYS G 109 -38.89 -14.13 -19.25
C CYS G 109 -39.49 -14.11 -20.66
N TYR G 110 -40.65 -14.75 -20.76
CA TYR G 110 -41.45 -14.88 -21.98
C TYR G 110 -42.92 -15.14 -21.61
N LEU G 111 -43.79 -14.92 -22.60
CA LEU G 111 -45.26 -15.06 -22.46
C LEU G 111 -45.75 -16.51 -22.68
N ASP G 112 -45.46 -17.35 -21.68
CA ASP G 112 -45.37 -18.80 -21.85
C ASP G 112 -46.58 -19.50 -22.48
N TYR G 113 -47.74 -19.45 -21.82
CA TYR G 113 -48.66 -20.57 -21.97
C TYR G 113 -49.35 -20.70 -23.33
N TYR G 114 -49.84 -19.60 -23.90
CA TYR G 114 -50.57 -19.68 -25.18
C TYR G 114 -51.66 -20.74 -25.22
N TYR G 115 -52.21 -21.08 -24.06
CA TYR G 115 -53.01 -22.29 -23.92
C TYR G 115 -54.03 -22.06 -22.81
N MET G 116 -55.19 -22.70 -22.94
CA MET G 116 -56.23 -22.62 -21.92
C MET G 116 -56.22 -23.87 -21.05
N ASP G 117 -56.00 -23.66 -19.75
CA ASP G 117 -55.85 -24.75 -18.80
C ASP G 117 -57.19 -25.26 -18.28
N VAL G 118 -58.00 -24.36 -17.72
CA VAL G 118 -59.13 -24.74 -16.88
C VAL G 118 -60.29 -23.80 -17.13
N TRP G 119 -61.50 -24.36 -17.07
CA TRP G 119 -62.72 -23.69 -17.51
C TRP G 119 -63.72 -23.68 -16.37
N GLY G 120 -64.42 -22.56 -16.22
CA GLY G 120 -65.58 -22.53 -15.35
C GLY G 120 -66.76 -23.26 -15.94
N LYS G 121 -67.75 -23.51 -15.08
CA LYS G 121 -68.95 -24.20 -15.55
C LYS G 121 -69.75 -23.37 -16.54
N GLY G 122 -69.55 -22.05 -16.58
CA GLY G 122 -70.27 -21.21 -17.51
C GLY G 122 -71.74 -21.02 -17.16
N THR G 123 -72.40 -20.08 -17.83
CA THR G 123 -73.79 -19.75 -17.53
C THR G 123 -74.57 -19.57 -18.82
N THR G 124 -75.79 -20.08 -18.83
CA THR G 124 -76.74 -19.81 -19.89
C THR G 124 -77.43 -18.48 -19.65
N VAL G 125 -77.70 -17.73 -20.71
CA VAL G 125 -78.26 -16.39 -20.60
C VAL G 125 -79.55 -16.21 -21.39
N THR G 126 -79.98 -17.19 -22.18
CA THR G 126 -81.35 -17.27 -22.72
C THR G 126 -81.82 -15.98 -23.39
N VAL G 127 -80.92 -15.35 -24.14
CA VAL G 127 -81.16 -14.01 -24.67
C VAL G 127 -82.13 -14.05 -25.84
N SER G 128 -83.42 -14.20 -25.56
CA SER G 128 -84.43 -14.08 -26.60
C SER G 128 -85.79 -13.80 -25.96
N SER G 129 -86.71 -13.30 -26.78
CA SER G 129 -88.03 -12.90 -26.31
C SER G 129 -88.77 -14.02 -25.61
N GLN H 1 -66.90 -14.49 -37.76
CA GLN H 1 -65.42 -14.68 -37.80
C GLN H 1 -65.06 -15.98 -38.50
N SER H 2 -63.79 -16.10 -38.89
CA SER H 2 -63.31 -17.32 -39.53
C SER H 2 -63.34 -18.48 -38.55
N ALA H 3 -63.44 -19.70 -39.09
CA ALA H 3 -63.52 -20.89 -38.27
C ALA H 3 -62.71 -21.99 -38.94
N LEU H 4 -62.15 -22.87 -38.12
CA LEU H 4 -61.23 -23.89 -38.59
C LEU H 4 -61.95 -25.11 -39.13
N THR H 5 -61.56 -25.54 -40.33
CA THR H 5 -62.19 -26.65 -41.01
C THR H 5 -61.90 -27.95 -40.28
N GLN H 6 -62.94 -28.73 -39.97
CA GLN H 6 -62.69 -30.11 -39.58
C GLN H 6 -63.89 -30.98 -39.96
N PRO H 7 -63.68 -32.28 -40.16
CA PRO H 7 -64.81 -33.18 -40.40
C PRO H 7 -65.74 -33.31 -39.22
N ALA H 8 -66.89 -33.93 -39.49
CA ALA H 8 -68.03 -33.99 -38.59
C ALA H 8 -68.00 -35.14 -37.59
N SER H 9 -67.61 -36.35 -37.99
CA SER H 9 -67.60 -37.46 -37.04
C SER H 9 -66.51 -38.47 -37.34
N VAL H 10 -65.99 -39.07 -36.28
CA VAL H 10 -64.83 -39.94 -36.39
C VAL H 10 -65.17 -41.26 -37.05
N SER H 11 -66.40 -41.72 -36.91
CA SER H 11 -66.86 -42.98 -37.52
C SER H 11 -65.97 -44.18 -37.18
N GLY H 12 -65.24 -44.14 -36.07
CA GLY H 12 -64.24 -45.17 -35.76
C GLY H 12 -64.72 -46.19 -34.75
N SER H 13 -64.59 -47.47 -35.13
CA SER H 13 -64.78 -48.57 -34.20
C SER H 13 -63.75 -48.51 -33.08
N PRO H 14 -63.98 -49.24 -31.97
CA PRO H 14 -62.98 -49.28 -30.89
C PRO H 14 -61.59 -49.71 -31.35
N GLY H 15 -60.58 -49.17 -30.68
CA GLY H 15 -59.22 -49.41 -31.08
C GLY H 15 -58.81 -48.70 -32.34
N GLN H 16 -59.66 -47.84 -32.88
CA GLN H 16 -59.32 -47.13 -34.09
C GLN H 16 -58.19 -46.14 -33.85
N SER H 17 -57.62 -45.67 -34.97
CA SER H 17 -56.77 -44.49 -35.02
C SER H 17 -57.58 -43.20 -35.22
N ILE H 18 -58.42 -43.18 -36.25
CA ILE H 18 -59.49 -42.21 -36.43
C ILE H 18 -59.05 -40.77 -36.23
N THR H 19 -57.96 -40.36 -36.87
CA THR H 19 -57.44 -39.01 -36.67
C THR H 19 -58.43 -37.98 -37.18
N ILE H 20 -58.58 -36.89 -36.41
CA ILE H 20 -59.45 -35.78 -36.78
C ILE H 20 -58.58 -34.67 -37.34
N SER H 21 -58.90 -34.22 -38.54
CA SER H 21 -58.22 -33.08 -39.13
C SER H 21 -58.66 -31.80 -38.45
N CYS H 22 -57.80 -30.79 -38.52
CA CYS H 22 -58.13 -29.42 -38.12
C CYS H 22 -57.42 -28.47 -39.08
N THR H 23 -57.52 -28.78 -40.38
CA THR H 23 -56.73 -28.10 -41.39
C THR H 23 -56.97 -26.60 -41.35
N GLY H 24 -55.94 -25.85 -40.95
CA GLY H 24 -56.04 -24.42 -40.71
C GLY H 24 -55.58 -23.62 -41.92
N THR H 25 -55.22 -22.36 -41.66
CA THR H 25 -54.69 -21.47 -42.69
C THR H 25 -53.54 -20.66 -42.12
N SER H 26 -52.77 -20.08 -43.04
CA SER H 26 -51.38 -19.69 -42.77
C SER H 26 -51.25 -18.77 -41.56
N SER H 27 -52.16 -17.82 -41.43
CA SER H 27 -52.14 -16.88 -40.31
C SER H 27 -52.50 -17.51 -38.96
N ASP H 28 -52.72 -18.82 -38.86
CA ASP H 28 -53.06 -19.46 -37.60
C ASP H 28 -52.36 -20.79 -37.34
N VAL H 29 -52.06 -21.56 -38.38
CA VAL H 29 -51.39 -22.85 -38.22
C VAL H 29 -50.06 -22.90 -38.97
N GLY H 30 -49.84 -22.03 -39.95
CA GLY H 30 -48.55 -21.90 -40.60
C GLY H 30 -47.57 -21.20 -39.69
N GLY H 31 -47.85 -19.97 -39.32
CA GLY H 31 -47.13 -19.36 -38.24
C GLY H 31 -47.45 -20.00 -36.90
N TYR H 32 -46.54 -19.77 -35.96
CA TYR H 32 -46.69 -20.11 -34.53
C TYR H 32 -46.74 -21.60 -34.19
N ASN H 33 -47.58 -22.40 -34.86
CA ASN H 33 -47.75 -23.80 -34.47
C ASN H 33 -48.01 -23.98 -32.98
N TYR H 34 -49.11 -23.39 -32.50
CA TYR H 34 -49.58 -23.58 -31.12
C TYR H 34 -50.94 -24.27 -31.04
N VAL H 35 -51.45 -24.81 -32.14
CA VAL H 35 -52.76 -25.44 -32.19
C VAL H 35 -52.92 -26.50 -31.11
N SER H 36 -54.11 -26.54 -30.53
CA SER H 36 -54.42 -27.22 -29.27
C SER H 36 -55.81 -27.83 -29.39
N TRP H 37 -56.08 -28.89 -28.60
CA TRP H 37 -57.31 -29.65 -28.73
C TRP H 37 -58.03 -29.74 -27.39
N TYR H 38 -59.36 -29.71 -27.44
CA TYR H 38 -60.23 -29.59 -26.29
C TYR H 38 -61.36 -30.59 -26.43
N GLN H 39 -61.65 -31.35 -25.39
CA GLN H 39 -62.74 -32.33 -25.40
C GLN H 39 -63.90 -31.80 -24.58
N GLN H 40 -65.09 -31.74 -25.20
CA GLN H 40 -66.29 -31.19 -24.57
C GLN H 40 -67.38 -32.27 -24.51
N HIS H 41 -67.35 -33.05 -23.44
CA HIS H 41 -68.41 -34.00 -23.17
C HIS H 41 -69.76 -33.29 -23.07
N PRO H 42 -70.87 -34.01 -23.28
CA PRO H 42 -72.18 -33.36 -23.23
C PRO H 42 -72.43 -32.68 -21.90
N GLY H 43 -72.86 -31.43 -21.96
CA GLY H 43 -73.29 -30.75 -20.75
C GLY H 43 -72.22 -30.42 -19.75
N LYS H 44 -70.97 -30.27 -20.18
CA LYS H 44 -69.91 -29.91 -19.25
C LYS H 44 -68.88 -29.06 -19.98
N ALA H 45 -68.13 -28.30 -19.21
CA ALA H 45 -67.03 -27.52 -19.77
C ALA H 45 -65.97 -28.42 -20.39
N PRO H 46 -65.29 -27.97 -21.44
CA PRO H 46 -64.34 -28.83 -22.13
C PRO H 46 -63.03 -28.98 -21.37
N LYS H 47 -62.34 -30.09 -21.62
CA LYS H 47 -61.03 -30.36 -21.05
C LYS H 47 -59.94 -30.19 -22.11
N LEU H 48 -58.84 -29.54 -21.72
CA LEU H 48 -57.80 -29.07 -22.64
C LEU H 48 -56.84 -30.20 -23.07
N MET H 49 -57.45 -31.24 -23.64
CA MET H 49 -56.82 -32.54 -23.80
C MET H 49 -55.40 -32.53 -24.37
N ILE H 50 -55.08 -31.63 -25.30
CA ILE H 50 -53.74 -31.63 -25.93
C ILE H 50 -53.23 -30.20 -26.07
N TYR H 51 -52.23 -29.83 -25.26
CA TYR H 51 -51.89 -28.41 -25.10
C TYR H 51 -51.04 -27.88 -26.23
N ASP H 52 -50.37 -28.74 -26.97
CA ASP H 52 -49.54 -28.27 -28.06
C ASP H 52 -49.38 -29.42 -29.04
N VAL H 53 -49.02 -29.10 -30.28
CA VAL H 53 -48.68 -30.14 -31.21
C VAL H 53 -47.51 -30.95 -30.66
N SER H 54 -47.59 -32.26 -30.82
CA SER H 54 -46.62 -33.21 -30.26
C SER H 54 -46.34 -32.92 -28.79
N LYS H 55 -47.40 -32.75 -28.01
CA LYS H 55 -47.23 -32.63 -26.57
C LYS H 55 -48.54 -33.00 -25.88
N ARG H 56 -48.44 -33.37 -24.61
CA ARG H 56 -49.56 -33.86 -23.82
C ARG H 56 -49.56 -33.24 -22.43
N PRO H 57 -50.71 -32.83 -21.89
CA PRO H 57 -50.76 -32.31 -20.53
C PRO H 57 -50.86 -33.45 -19.52
N SER H 58 -50.70 -33.08 -18.24
CA SER H 58 -50.90 -34.02 -17.15
C SER H 58 -52.35 -34.50 -17.10
N GLY H 59 -52.53 -35.80 -16.85
CA GLY H 59 -53.83 -36.43 -16.88
C GLY H 59 -54.35 -36.81 -18.26
N VAL H 60 -53.59 -36.54 -19.33
CA VAL H 60 -53.95 -37.05 -20.64
C VAL H 60 -53.71 -38.56 -20.71
N SER H 61 -54.55 -39.24 -21.48
CA SER H 61 -54.42 -40.67 -21.69
C SER H 61 -53.16 -41.00 -22.47
N ASN H 62 -52.91 -42.30 -22.58
CA ASN H 62 -51.71 -42.79 -23.25
C ASN H 62 -51.71 -42.49 -24.74
N ARG H 63 -52.88 -42.55 -25.38
CA ARG H 63 -52.97 -42.56 -26.84
C ARG H 63 -52.98 -41.19 -27.50
N PHE H 64 -53.75 -40.24 -26.96
CA PHE H 64 -53.98 -38.95 -27.62
C PHE H 64 -52.70 -38.23 -28.01
N SER H 65 -52.47 -38.06 -29.31
CA SER H 65 -51.22 -37.49 -29.81
C SER H 65 -51.51 -36.46 -30.89
N GLY H 66 -50.87 -35.30 -30.81
CA GLY H 66 -51.11 -34.22 -31.75
C GLY H 66 -50.18 -34.17 -32.95
N SER H 67 -50.66 -34.59 -34.11
CA SER H 67 -49.93 -34.46 -35.35
C SER H 67 -50.03 -33.04 -35.89
N LYS H 68 -48.95 -32.57 -36.52
CA LYS H 68 -48.85 -31.19 -36.96
C LYS H 68 -48.25 -31.05 -38.34
N SER H 69 -48.25 -32.11 -39.15
CA SER H 69 -47.60 -32.08 -40.45
C SER H 69 -48.26 -31.09 -41.40
N GLY H 70 -47.43 -30.24 -42.02
CA GLY H 70 -47.88 -29.15 -42.87
C GLY H 70 -48.80 -28.22 -42.11
N ASN H 71 -49.75 -27.61 -42.83
CA ASN H 71 -50.87 -26.96 -42.16
C ASN H 71 -51.93 -27.95 -41.72
N THR H 72 -51.79 -29.22 -42.08
CA THR H 72 -52.81 -30.22 -41.79
C THR H 72 -52.84 -30.65 -40.33
N ALA H 73 -52.76 -29.70 -39.39
CA ALA H 73 -52.80 -30.02 -37.97
C ALA H 73 -53.97 -30.92 -37.61
N SER H 74 -53.69 -31.96 -36.85
CA SER H 74 -54.63 -33.04 -36.65
C SER H 74 -54.36 -33.68 -35.30
N LEU H 75 -55.39 -34.30 -34.72
CA LEU H 75 -55.26 -35.14 -33.54
C LEU H 75 -55.40 -36.59 -33.94
N THR H 76 -54.47 -37.42 -33.51
CA THR H 76 -54.51 -38.86 -33.75
C THR H 76 -54.87 -39.50 -32.42
N ILE H 77 -55.98 -40.23 -32.40
CA ILE H 77 -56.40 -41.00 -31.24
C ILE H 77 -55.80 -42.38 -31.32
N SER H 78 -55.91 -43.14 -30.24
CA SER H 78 -55.58 -44.56 -30.23
C SER H 78 -56.31 -45.21 -29.06
N GLY H 79 -56.45 -46.53 -29.13
CA GLY H 79 -57.14 -47.24 -28.07
C GLY H 79 -58.56 -46.76 -27.86
N LEU H 80 -59.26 -46.45 -28.95
CA LEU H 80 -60.58 -45.87 -28.89
C LEU H 80 -61.52 -46.68 -28.00
N GLN H 81 -62.10 -45.99 -27.01
CA GLN H 81 -62.95 -46.63 -26.01
C GLN H 81 -63.81 -45.54 -25.41
N ALA H 82 -64.83 -45.97 -24.66
CA ALA H 82 -65.96 -45.09 -24.30
C ALA H 82 -65.51 -43.79 -23.64
N GLU H 83 -64.36 -43.78 -22.99
CA GLU H 83 -63.81 -42.54 -22.46
C GLU H 83 -63.52 -41.52 -23.56
N ASP H 84 -63.28 -41.98 -24.77
CA ASP H 84 -63.12 -41.12 -25.94
C ASP H 84 -64.44 -40.65 -26.54
N GLU H 85 -65.57 -40.87 -25.87
CA GLU H 85 -66.84 -40.34 -26.36
C GLU H 85 -66.87 -38.82 -26.36
N GLY H 86 -68.02 -38.25 -26.69
CA GLY H 86 -68.22 -36.81 -26.76
C GLY H 86 -67.70 -36.20 -28.05
N ASP H 87 -67.40 -34.91 -28.00
CA ASP H 87 -66.90 -34.15 -29.15
C ASP H 87 -65.54 -33.52 -28.90
N TYR H 88 -64.75 -33.46 -29.96
CA TYR H 88 -63.41 -32.87 -29.95
C TYR H 88 -63.44 -31.56 -30.73
N TYR H 89 -62.91 -30.51 -30.14
CA TYR H 89 -62.79 -29.18 -30.69
C TYR H 89 -61.33 -28.81 -30.77
N CYS H 90 -61.01 -27.96 -31.74
CA CYS H 90 -59.65 -27.57 -32.06
C CYS H 90 -59.58 -26.07 -31.96
N SER H 91 -58.42 -25.55 -31.52
CA SER H 91 -58.23 -24.12 -31.35
C SER H 91 -56.80 -23.77 -31.72
N SER H 92 -56.63 -22.55 -32.21
CA SER H 92 -55.33 -22.16 -32.72
C SER H 92 -55.12 -20.67 -32.53
N TYR H 93 -53.84 -20.29 -32.43
CA TYR H 93 -53.45 -18.92 -32.11
C TYR H 93 -53.34 -18.10 -33.39
N THR H 94 -54.20 -17.09 -33.53
CA THR H 94 -54.23 -16.32 -34.75
C THR H 94 -53.14 -15.26 -34.76
N SER H 95 -52.79 -14.83 -35.97
CA SER H 95 -51.93 -13.65 -36.17
C SER H 95 -52.38 -12.45 -35.37
N SER H 96 -53.69 -12.26 -35.23
CA SER H 96 -54.28 -11.13 -34.50
C SER H 96 -54.13 -11.21 -32.99
N SER H 97 -53.54 -12.27 -32.45
CA SER H 97 -53.46 -12.55 -31.02
C SER H 97 -54.80 -12.89 -30.38
N THR H 98 -55.87 -13.03 -31.15
CA THR H 98 -56.99 -13.86 -30.74
C THR H 98 -56.72 -15.31 -31.12
N TRP H 99 -57.55 -16.22 -30.59
CA TRP H 99 -57.60 -17.61 -31.03
C TRP H 99 -58.80 -17.85 -31.92
N VAL H 100 -58.59 -18.54 -33.03
CA VAL H 100 -59.69 -19.16 -33.77
C VAL H 100 -60.01 -20.52 -33.16
N PHE H 101 -61.18 -21.06 -33.51
CA PHE H 101 -61.60 -22.40 -33.12
C PHE H 101 -62.24 -23.13 -34.29
N GLY H 102 -62.29 -24.45 -34.17
CA GLY H 102 -62.98 -25.30 -35.13
C GLY H 102 -64.37 -25.73 -34.69
N GLY H 103 -65.21 -26.04 -35.68
CA GLY H 103 -66.58 -26.43 -35.43
C GLY H 103 -66.75 -27.76 -34.73
N GLY H 104 -65.68 -28.51 -34.53
CA GLY H 104 -65.72 -29.74 -33.77
C GLY H 104 -66.26 -30.93 -34.54
N THR H 105 -66.05 -32.11 -33.95
CA THR H 105 -66.53 -33.36 -34.52
C THR H 105 -66.90 -34.31 -33.38
N LYS H 106 -67.74 -35.28 -33.69
CA LYS H 106 -68.24 -36.23 -32.69
C LYS H 106 -67.53 -37.58 -32.80
N LEU H 107 -67.16 -38.14 -31.66
CA LEU H 107 -66.76 -39.53 -31.58
C LEU H 107 -67.95 -40.44 -31.88
N THR H 108 -67.65 -41.69 -32.26
CA THR H 108 -68.68 -42.60 -32.75
C THR H 108 -68.27 -44.05 -32.53
N VAL H 109 -67.72 -44.37 -31.36
CA VAL H 109 -67.46 -45.75 -31.02
C VAL H 109 -68.75 -46.56 -31.04
N LEU H 110 -68.65 -47.82 -31.45
CA LEU H 110 -69.83 -48.65 -31.66
C LEU H 110 -70.56 -48.91 -30.36
N GLN I 1 -12.02 -71.95 22.83
CA GLN I 1 -11.22 -71.10 23.77
C GLN I 1 -11.59 -71.40 25.21
N SER I 2 -10.61 -71.38 26.10
CA SER I 2 -10.83 -71.77 27.49
C SER I 2 -11.77 -70.77 28.16
N ALA I 3 -12.76 -71.28 28.89
CA ALA I 3 -13.60 -70.39 29.67
C ALA I 3 -12.85 -69.85 30.87
N LEU I 4 -13.31 -68.70 31.37
CA LEU I 4 -12.76 -68.10 32.56
C LEU I 4 -13.12 -68.86 33.83
N THR I 5 -12.15 -68.97 34.73
CA THR I 5 -12.35 -69.63 36.02
C THR I 5 -13.44 -68.92 36.80
N GLN I 6 -14.37 -69.69 37.38
CA GLN I 6 -15.45 -69.09 38.17
C GLN I 6 -16.01 -70.11 39.16
N PRO I 7 -15.97 -69.86 40.47
CA PRO I 7 -16.50 -70.84 41.42
C PRO I 7 -18.01 -71.01 41.33
N ALA I 8 -18.47 -72.07 42.01
CA ALA I 8 -19.78 -72.64 41.75
C ALA I 8 -20.93 -71.77 42.24
N SER I 9 -20.98 -71.49 43.54
CA SER I 9 -22.10 -70.70 44.05
C SER I 9 -21.73 -69.93 45.30
N VAL I 10 -22.39 -68.79 45.46
CA VAL I 10 -22.21 -67.97 46.64
C VAL I 10 -22.80 -68.66 47.86
N SER I 11 -22.16 -68.47 48.99
CA SER I 11 -22.64 -69.02 50.26
C SER I 11 -21.90 -68.28 51.37
N GLY I 12 -22.39 -68.42 52.59
CA GLY I 12 -21.92 -67.53 53.62
C GLY I 12 -22.42 -66.11 53.48
N SER I 13 -23.50 -65.91 52.71
CA SER I 13 -24.10 -64.58 52.54
C SER I 13 -25.59 -64.75 52.35
N PRO I 14 -26.33 -65.05 53.43
CA PRO I 14 -27.78 -65.14 53.31
C PRO I 14 -28.46 -63.81 53.03
N GLY I 15 -27.88 -62.70 53.48
CA GLY I 15 -28.09 -61.38 52.90
C GLY I 15 -26.73 -60.77 52.66
N GLN I 16 -26.62 -59.48 52.97
CA GLN I 16 -25.31 -58.83 53.16
C GLN I 16 -24.43 -58.99 51.91
N SER I 17 -23.10 -59.17 52.05
CA SER I 17 -22.14 -59.01 50.95
C SER I 17 -21.10 -60.11 50.81
N ILE I 18 -20.88 -60.57 49.58
CA ILE I 18 -19.97 -61.65 49.25
C ILE I 18 -19.55 -61.44 47.80
N THR I 19 -18.41 -62.02 47.42
CA THR I 19 -17.80 -61.76 46.11
C THR I 19 -17.52 -63.03 45.32
N ILE I 20 -17.70 -62.91 44.00
CA ILE I 20 -17.42 -63.97 43.05
C ILE I 20 -16.15 -63.61 42.31
N SER I 21 -15.23 -64.56 42.25
CA SER I 21 -13.98 -64.41 41.52
C SER I 21 -14.18 -64.74 40.05
N CYS I 22 -13.30 -64.18 39.19
CA CYS I 22 -13.30 -64.44 37.76
C CYS I 22 -11.85 -64.57 37.31
N THR I 23 -11.12 -65.48 37.93
CA THR I 23 -9.67 -65.46 37.80
C THR I 23 -9.22 -65.94 36.41
N GLY I 24 -9.13 -65.01 35.43
CA GLY I 24 -8.65 -65.32 34.09
C GLY I 24 -7.12 -65.22 33.92
N THR I 25 -6.64 -65.67 32.76
CA THR I 25 -5.23 -65.66 32.38
C THR I 25 -4.82 -64.40 31.63
N SER I 26 -3.50 -64.19 31.58
CA SER I 26 -2.92 -62.86 31.34
C SER I 26 -3.39 -62.23 30.05
N SER I 27 -3.57 -63.02 29.01
CA SER I 27 -4.00 -62.50 27.72
C SER I 27 -5.44 -61.99 27.70
N ASP I 28 -6.17 -62.01 28.82
CA ASP I 28 -7.52 -61.46 28.89
C ASP I 28 -7.64 -60.38 29.95
N VAL I 29 -7.60 -60.75 31.23
CA VAL I 29 -7.80 -59.80 32.31
C VAL I 29 -6.56 -58.94 32.52
N GLY I 30 -5.37 -59.56 32.43
CA GLY I 30 -4.13 -58.81 32.61
C GLY I 30 -3.77 -57.94 31.43
N GLY I 31 -4.23 -58.29 30.24
CA GLY I 31 -3.97 -57.49 29.07
C GLY I 31 -4.80 -56.23 29.03
N TYR I 32 -5.90 -56.24 28.29
CA TYR I 32 -6.64 -55.01 28.03
C TYR I 32 -7.48 -54.54 29.20
N ASN I 33 -7.82 -55.39 30.15
CA ASN I 33 -8.44 -54.97 31.40
C ASN I 33 -9.77 -54.24 31.20
N TYR I 34 -10.67 -54.85 30.42
CA TYR I 34 -12.03 -54.36 30.17
C TYR I 34 -13.12 -55.30 30.71
N VAL I 35 -12.79 -56.12 31.69
CA VAL I 35 -13.67 -57.17 32.22
C VAL I 35 -15.03 -56.64 32.63
N SER I 36 -16.05 -57.48 32.53
CA SER I 36 -17.44 -57.09 32.74
C SER I 36 -18.17 -58.25 33.42
N TRP I 37 -19.31 -57.94 34.07
CA TRP I 37 -20.14 -58.97 34.70
C TRP I 37 -21.60 -58.83 34.32
N TYR I 38 -22.23 -59.95 33.99
CA TYR I 38 -23.60 -59.99 33.49
C TYR I 38 -24.40 -61.00 34.29
N GLN I 39 -25.64 -60.69 34.65
CA GLN I 39 -26.46 -61.60 35.45
C GLN I 39 -27.53 -62.19 34.56
N GLN I 40 -27.68 -63.51 34.60
CA GLN I 40 -28.62 -64.24 33.74
C GLN I 40 -29.65 -64.94 34.61
N HIS I 41 -30.73 -64.23 34.90
CA HIS I 41 -31.90 -64.80 35.55
C HIS I 41 -32.49 -65.90 34.69
N PRO I 42 -33.40 -66.74 35.23
CA PRO I 42 -33.96 -67.84 34.44
C PRO I 42 -34.56 -67.42 33.12
N GLY I 43 -34.06 -67.97 32.03
CA GLY I 43 -34.56 -67.69 30.71
C GLY I 43 -34.21 -66.33 30.13
N LYS I 44 -34.51 -65.26 30.85
CA LYS I 44 -34.35 -63.93 30.29
C LYS I 44 -32.89 -63.66 29.93
N ALA I 45 -32.69 -62.87 28.89
CA ALA I 45 -31.35 -62.53 28.47
C ALA I 45 -30.62 -61.72 29.55
N PRO I 46 -29.32 -61.93 29.74
CA PRO I 46 -28.65 -61.32 30.89
C PRO I 46 -28.48 -59.81 30.78
N LYS I 47 -28.47 -59.15 31.93
CA LYS I 47 -28.28 -57.70 32.05
C LYS I 47 -26.83 -57.34 32.31
N LEU I 48 -26.41 -56.18 31.78
CA LEU I 48 -25.01 -55.72 31.68
C LEU I 48 -24.42 -55.20 33.00
N MET I 49 -24.64 -55.92 34.09
CA MET I 49 -24.53 -55.40 35.46
C MET I 49 -23.31 -54.54 35.77
N ILE I 50 -22.14 -54.79 35.17
CA ILE I 50 -20.96 -53.95 35.38
C ILE I 50 -20.22 -53.71 34.07
N TYR I 51 -19.95 -52.44 33.74
CA TYR I 51 -19.52 -52.08 32.38
C TYR I 51 -18.02 -52.22 32.18
N ASP I 52 -17.20 -51.41 32.86
CA ASP I 52 -15.77 -51.64 32.97
C ASP I 52 -15.46 -52.11 34.37
N VAL I 53 -14.20 -52.51 34.56
CA VAL I 53 -13.78 -53.38 35.66
C VAL I 53 -14.32 -52.95 37.02
N SER I 54 -14.49 -51.65 37.27
CA SER I 54 -14.84 -51.16 38.60
C SER I 54 -16.22 -50.54 38.74
N LYS I 55 -17.01 -50.41 37.67
CA LYS I 55 -17.98 -49.32 37.61
C LYS I 55 -19.30 -49.81 37.03
N ARG I 56 -20.35 -49.04 37.29
CA ARG I 56 -21.75 -49.44 37.12
C ARG I 56 -22.34 -48.83 35.86
N PRO I 57 -23.16 -49.52 35.09
CA PRO I 57 -24.01 -48.85 34.12
C PRO I 57 -25.15 -48.14 34.82
N SER I 58 -25.90 -47.36 34.05
CA SER I 58 -27.17 -46.80 34.52
C SER I 58 -28.21 -47.88 34.78
N GLY I 59 -29.01 -47.69 35.82
CA GLY I 59 -30.00 -48.68 36.21
C GLY I 59 -29.46 -49.87 36.96
N VAL I 60 -28.24 -49.79 37.49
CA VAL I 60 -27.65 -50.81 38.36
C VAL I 60 -27.65 -50.33 39.79
N SER I 61 -28.13 -51.17 40.70
CA SER I 61 -28.21 -50.82 42.10
C SER I 61 -26.82 -50.56 42.64
N ASN I 62 -26.71 -49.58 43.52
CA ASN I 62 -25.40 -49.15 44.01
C ASN I 62 -24.74 -50.08 45.02
N ARG I 63 -25.11 -51.35 45.02
CA ARG I 63 -24.53 -52.39 45.86
C ARG I 63 -23.44 -53.19 45.15
N PHE I 64 -23.60 -53.44 43.85
CA PHE I 64 -22.63 -54.19 43.07
C PHE I 64 -21.41 -53.34 42.72
N SER I 65 -20.21 -53.90 42.87
CA SER I 65 -19.00 -53.23 42.43
C SER I 65 -17.96 -54.25 41.95
N GLY I 66 -17.50 -54.09 40.72
CA GLY I 66 -16.39 -54.89 40.23
C GLY I 66 -15.08 -54.47 40.85
N SER I 67 -14.04 -55.28 40.63
CA SER I 67 -12.79 -55.05 41.34
C SER I 67 -11.60 -55.74 40.67
N LYS I 68 -10.43 -55.24 41.06
CA LYS I 68 -9.10 -55.82 40.96
C LYS I 68 -8.49 -56.01 39.59
N SER I 69 -7.16 -56.17 39.65
CA SER I 69 -6.24 -56.53 38.60
C SER I 69 -4.99 -57.01 39.32
N GLY I 70 -4.00 -57.48 38.56
CA GLY I 70 -2.86 -58.12 39.17
C GLY I 70 -3.20 -59.55 39.48
N ASN I 71 -4.09 -59.78 40.43
CA ASN I 71 -4.90 -60.96 40.34
C ASN I 71 -5.95 -60.67 39.27
N THR I 72 -6.53 -61.70 38.71
CA THR I 72 -7.65 -61.42 37.84
C THR I 72 -8.85 -60.97 38.66
N ALA I 73 -9.86 -60.50 37.94
CA ALA I 73 -10.92 -59.65 38.47
C ALA I 73 -11.88 -60.40 39.39
N SER I 74 -12.70 -59.61 40.08
CA SER I 74 -13.75 -60.16 40.92
C SER I 74 -14.91 -59.18 40.98
N LEU I 75 -16.11 -59.67 41.25
CA LEU I 75 -17.27 -58.83 41.53
C LEU I 75 -17.62 -58.96 43.00
N THR I 76 -17.82 -57.83 43.68
CA THR I 76 -18.25 -57.81 45.07
C THR I 76 -19.70 -57.38 45.09
N ILE I 77 -20.57 -58.21 45.68
CA ILE I 77 -21.97 -57.89 45.84
C ILE I 77 -22.18 -57.30 47.22
N SER I 78 -23.33 -56.65 47.40
CA SER I 78 -23.70 -56.07 48.68
C SER I 78 -25.22 -56.13 48.83
N GLY I 79 -25.65 -56.10 50.09
CA GLY I 79 -27.08 -56.05 50.40
C GLY I 79 -27.92 -57.09 49.69
N LEU I 80 -27.38 -58.31 49.51
CA LEU I 80 -28.05 -59.33 48.72
C LEU I 80 -29.46 -59.58 49.24
N GLN I 81 -30.43 -59.63 48.32
CA GLN I 81 -31.84 -59.70 48.67
C GLN I 81 -32.55 -60.61 47.70
N ALA I 82 -33.63 -61.24 48.19
CA ALA I 82 -34.16 -62.46 47.59
C ALA I 82 -34.65 -62.26 46.17
N GLU I 83 -34.83 -61.02 45.72
CA GLU I 83 -35.13 -60.80 44.31
C GLU I 83 -33.86 -60.76 43.47
N ASP I 84 -32.73 -60.36 44.06
CA ASP I 84 -31.53 -60.16 43.27
C ASP I 84 -30.86 -61.46 42.86
N GLU I 85 -31.01 -62.52 43.65
CA GLU I 85 -30.26 -63.74 43.39
C GLU I 85 -30.61 -64.32 42.03
N GLY I 86 -29.59 -64.87 41.35
CA GLY I 86 -29.73 -65.42 40.02
C GLY I 86 -28.48 -66.22 39.67
N ASP I 87 -27.94 -66.07 38.46
CA ASP I 87 -26.59 -66.54 38.14
C ASP I 87 -25.79 -65.45 37.44
N TYR I 88 -24.53 -65.28 37.84
CA TYR I 88 -23.67 -64.22 37.33
C TYR I 88 -22.56 -64.81 36.47
N TYR I 89 -22.42 -64.30 35.26
CA TYR I 89 -21.44 -64.72 34.28
C TYR I 89 -20.44 -63.59 34.07
N CYS I 90 -19.18 -63.87 34.35
CA CYS I 90 -18.11 -62.96 34.01
C CYS I 90 -17.86 -62.97 32.52
N SER I 91 -17.35 -61.87 31.99
CA SER I 91 -16.91 -61.82 30.61
C SER I 91 -15.69 -60.92 30.50
N SER I 92 -14.85 -61.18 29.52
CA SER I 92 -13.57 -60.50 29.40
C SER I 92 -13.24 -60.29 27.94
N TYR I 93 -12.32 -59.35 27.69
CA TYR I 93 -11.81 -59.07 26.35
C TYR I 93 -10.46 -59.75 26.19
N THR I 94 -10.34 -60.59 25.16
CA THR I 94 -9.14 -61.39 24.95
C THR I 94 -8.21 -60.77 23.91
N SER I 95 -6.95 -61.20 23.95
CA SER I 95 -5.92 -60.78 23.02
C SER I 95 -6.37 -60.73 21.57
N SER I 96 -7.03 -61.80 21.12
CA SER I 96 -7.41 -62.01 19.73
C SER I 96 -8.62 -61.19 19.29
N SER I 97 -9.07 -60.23 20.09
CA SER I 97 -10.19 -59.35 19.79
C SER I 97 -11.56 -60.03 19.79
N THR I 98 -11.64 -61.30 20.15
CA THR I 98 -12.88 -61.88 20.65
C THR I 98 -12.95 -61.74 22.17
N TRP I 99 -14.17 -61.74 22.71
CA TRP I 99 -14.34 -61.88 24.15
C TRP I 99 -14.29 -63.35 24.53
N VAL I 100 -14.20 -63.62 25.83
CA VAL I 100 -14.40 -64.95 26.38
C VAL I 100 -15.14 -64.82 27.70
N PHE I 101 -15.98 -65.80 28.01
CA PHE I 101 -16.92 -65.69 29.12
C PHE I 101 -16.61 -66.71 30.20
N GLY I 102 -17.02 -66.40 31.42
CA GLY I 102 -16.92 -67.34 32.51
C GLY I 102 -18.06 -68.34 32.57
N GLY I 103 -17.77 -69.47 33.23
CA GLY I 103 -18.72 -70.55 33.38
C GLY I 103 -19.92 -70.25 34.25
N GLY I 104 -20.01 -69.08 34.84
CA GLY I 104 -21.13 -68.74 35.69
C GLY I 104 -20.99 -69.23 37.12
N THR I 105 -21.77 -68.60 38.00
CA THR I 105 -21.93 -69.05 39.37
C THR I 105 -23.34 -68.72 39.82
N LYS I 106 -23.85 -69.50 40.77
CA LYS I 106 -25.25 -69.39 41.16
C LYS I 106 -25.34 -68.73 42.54
N LEU I 107 -26.20 -67.72 42.65
CA LEU I 107 -26.49 -67.09 43.93
C LEU I 107 -27.35 -68.00 44.81
N THR I 108 -27.31 -67.74 46.12
CA THR I 108 -28.03 -68.60 47.07
C THR I 108 -28.36 -67.90 48.37
N VAL I 109 -29.22 -66.88 48.31
CA VAL I 109 -29.78 -66.30 49.52
C VAL I 109 -30.58 -67.37 50.27
N LEU I 110 -30.71 -67.19 51.58
CA LEU I 110 -31.38 -68.18 52.41
C LEU I 110 -32.84 -68.29 52.06
#